data_7RZ6
#
_entry.id   7RZ6
#
_cell.length_a   1.00
_cell.length_b   1.00
_cell.length_c   1.00
_cell.angle_alpha   90.00
_cell.angle_beta   90.00
_cell.angle_gamma   90.00
#
_symmetry.space_group_name_H-M   'P 1'
#
loop_
_entity.id
_entity.type
_entity.pdbx_description
1 polymer 'Glutamate receptor 2'
2 non-polymer 1,2-DIOLEOYL-SN-GLYCERO-3-PHOSPHOCHOLINE
3 non-polymer 'GLUTAMIC ACID'
#
_entity_poly.entity_id   1
_entity_poly.type   'polypeptide(L)'
_entity_poly.pdbx_seq_one_letter_code
;NSIQIGGLFPRGADQEYSAFRVGMVQFSTSEFRLTPHIDNLEVANSFAVTNAFCSQFSRGVYAIFGFYDKKSVNTITSFC
GTLHVSFITPSFPTDGTHPFVIQMRPDLKGALLSLIEYYQWDKFAYLYDSDRGLSTLQAVLDSAAEKKWQVTAINVGNIN
NDKKDETYRSLFQDLELKKERRVILDCERDKVNDIVDQVITIGKHVKGYHYIIANLGFTDGDLLKIQFGGAEVSGFQIVD
YDDSLVSKFIERWSTLEEKEYPGAHTATIKYTSALTYDAVQVMTEAFRNLRKQRIEISRRGNAGDCLANPAVPWGQGVEI
ERALKQVQVEGLSGNIKFDQNGKRINYTINIMELKTNGPRKIGYWSEVDKMVLTEDDTSGLEQKTVVVTTILESPYVMMK
KNHEMLEGNERYEGYCVDLAAEIAKHCGFKYKLTIVGDGKYGARDADTKIWNGMVGELVYGKADIAIAPLTITLVREEVI
DFSKPFMSLGISIMIKKPQKSKPGVFSFLDPLAYEIWMCIVFAYIGVSVVLFLVSRFSPYEWHTEEFEDGRETQSSESTN
EFGIFNSLWFSLGAFMQQGCDISPRSLSGRIVGGVWWFFTLIIISSYTANLAAFLTVERMVSPIESAEDLSKQTEIAYGT
LDSGSTKEFFRRSKIAVFDKMWTYMRSAEPSVFVRTTAEGVARVRKSKGKYAYLLESTMNEYIEQRKPCDTMKVGGNLDS
KGYGIATPKGSSLGTPVNLAVLKLSEQGVLDKLKNKWWYDKGECGAKDSGSKEKTSALSLSNVAGVFYILVGGLGLAMLV
ALIEFCYKSRAEAKRMKGTGSACGRKALTLLSSVFAVCGLGLLGIAVSTDYWLYLEEGIILPQNQSTEVKMSLHSGLWRV
CFLAGEERGRCFTIEYVMPMNSQMTSESTVNVLKMIRSATPFPLVSLFFMFIGFILSNIGHIRPHRTILAFVSGIFFILS
GLSLVVGLVLYISSINDEMLNRTKDAETYFNYKYGWSFAFAAISFLLTESAGVMSVYLFMKRYTAETGGLVPRGSAAA
;
_entity_poly.pdbx_strand_id   A,B,C,D
#
loop_
_chem_comp.id
_chem_comp.type
_chem_comp.name
_chem_comp.formula
PCW non-polymer 1,2-DIOLEOYL-SN-GLYCERO-3-PHOSPHOCHOLINE 'C44 H85 N O8 P 1'
#
# COMPACT_ATOMS: atom_id res chain seq x y z
N ASN A 1 83.81 -40.62 -19.94
CA ASN A 1 82.82 -41.28 -20.76
C ASN A 1 81.81 -40.32 -21.36
N SER A 2 80.96 -40.83 -22.24
CA SER A 2 79.98 -40.01 -22.96
C SER A 2 78.59 -40.59 -22.73
N ILE A 3 77.63 -39.72 -22.38
CA ILE A 3 76.27 -40.17 -22.12
C ILE A 3 75.35 -39.72 -23.24
N GLN A 4 74.20 -40.39 -23.35
CA GLN A 4 73.36 -40.33 -24.54
C GLN A 4 71.95 -39.88 -24.19
N ILE A 5 71.51 -38.77 -24.79
CA ILE A 5 70.15 -38.28 -24.66
C ILE A 5 69.59 -38.03 -26.06
N GLY A 6 68.30 -37.72 -26.11
CA GLY A 6 67.61 -37.52 -27.37
C GLY A 6 66.82 -36.22 -27.39
N GLY A 7 66.71 -35.63 -28.57
CA GLY A 7 65.99 -34.38 -28.73
C GLY A 7 64.86 -34.45 -29.73
N LEU A 8 63.64 -34.16 -29.27
CA LEU A 8 62.46 -34.14 -30.13
C LEU A 8 62.07 -32.69 -30.33
N PHE A 9 62.42 -32.12 -31.47
CA PHE A 9 62.27 -30.69 -31.63
C PHE A 9 61.27 -30.36 -32.71
N PRO A 10 60.44 -29.35 -32.48
CA PRO A 10 59.49 -28.93 -33.51
C PRO A 10 60.19 -28.16 -34.61
N ARG A 11 59.71 -28.38 -35.83
CA ARG A 11 60.28 -27.71 -36.98
C ARG A 11 59.79 -26.26 -37.01
N GLY A 12 60.74 -25.33 -37.05
CA GLY A 12 60.44 -23.94 -36.83
C GLY A 12 60.81 -23.42 -35.46
N ALA A 13 61.34 -24.28 -34.59
CA ALA A 13 61.83 -23.85 -33.28
C ALA A 13 63.34 -23.63 -33.35
N ASP A 14 63.72 -22.66 -34.17
CA ASP A 14 65.12 -22.50 -34.55
C ASP A 14 65.94 -21.89 -33.43
N GLN A 15 65.37 -20.93 -32.70
CA GLN A 15 66.13 -20.26 -31.64
C GLN A 15 66.44 -21.19 -30.47
N GLU A 16 65.54 -22.12 -30.18
CA GLU A 16 65.75 -23.03 -29.06
C GLU A 16 66.86 -24.02 -29.35
N TYR A 17 66.83 -24.63 -30.53
CA TYR A 17 67.90 -25.52 -30.95
C TYR A 17 69.22 -24.78 -31.11
N SER A 18 69.16 -23.50 -31.49
CA SER A 18 70.34 -22.65 -31.42
C SER A 18 70.79 -22.48 -29.98
N ALA A 19 69.86 -22.13 -29.08
CA ALA A 19 70.21 -21.97 -27.68
C ALA A 19 70.50 -23.30 -27.00
N PHE A 20 70.09 -24.42 -27.60
CA PHE A 20 70.44 -25.71 -27.04
C PHE A 20 71.91 -26.02 -27.24
N ARG A 21 72.46 -25.66 -28.40
CA ARG A 21 73.87 -25.95 -28.67
C ARG A 21 74.79 -25.06 -27.86
N VAL A 22 74.35 -23.84 -27.55
CA VAL A 22 75.15 -22.94 -26.72
C VAL A 22 75.25 -23.49 -25.30
N GLY A 23 74.19 -24.15 -24.83
CA GLY A 23 74.21 -24.76 -23.52
C GLY A 23 75.18 -25.92 -23.42
N MET A 24 75.37 -26.67 -24.50
CA MET A 24 76.33 -27.77 -24.47
C MET A 24 77.76 -27.25 -24.41
N VAL A 25 78.05 -26.18 -25.15
CA VAL A 25 79.39 -25.62 -25.20
C VAL A 25 79.74 -24.96 -23.86
N GLN A 26 78.79 -24.19 -23.30
CA GLN A 26 79.07 -23.47 -22.08
C GLN A 26 79.11 -24.40 -20.88
N PHE A 27 78.19 -25.37 -20.80
CA PHE A 27 78.20 -26.33 -19.71
C PHE A 27 78.99 -27.60 -20.04
N SER A 28 79.97 -27.50 -20.93
CA SER A 28 80.82 -28.64 -21.22
C SER A 28 81.72 -28.96 -20.03
N THR A 29 81.85 -30.25 -19.74
CA THR A 29 82.73 -30.74 -18.69
C THR A 29 83.77 -31.67 -19.29
N SER A 30 84.98 -31.65 -18.72
CA SER A 30 86.06 -32.48 -19.23
C SER A 30 85.88 -33.94 -18.86
N GLU A 31 85.28 -34.20 -17.69
CA GLU A 31 85.09 -35.58 -17.25
C GLU A 31 84.04 -36.29 -18.08
N PHE A 32 82.82 -35.78 -18.08
CA PHE A 32 81.70 -36.41 -18.76
C PHE A 32 81.21 -35.50 -19.87
N ARG A 33 80.75 -36.10 -20.96
CA ARG A 33 80.19 -35.37 -22.08
C ARG A 33 78.82 -35.97 -22.40
N LEU A 34 77.91 -35.14 -22.90
CA LEU A 34 76.61 -35.61 -23.31
C LEU A 34 76.57 -35.69 -24.84
N THR A 35 76.12 -36.83 -25.35
CA THR A 35 75.94 -37.01 -26.78
C THR A 35 74.45 -36.91 -27.08
N PRO A 36 73.98 -35.87 -27.75
CA PRO A 36 72.56 -35.81 -28.09
C PRO A 36 72.26 -36.38 -29.47
N HIS A 37 71.04 -36.84 -29.69
CA HIS A 37 70.54 -37.16 -31.01
C HIS A 37 69.29 -36.33 -31.27
N ILE A 38 69.39 -35.41 -32.21
CA ILE A 38 68.36 -34.42 -32.47
C ILE A 38 67.40 -34.99 -33.50
N ASP A 39 66.11 -34.79 -33.29
CA ASP A 39 65.11 -35.07 -34.31
C ASP A 39 64.25 -33.84 -34.52
N ASN A 40 63.90 -33.59 -35.79
CA ASN A 40 62.98 -32.53 -36.17
C ASN A 40 61.70 -33.18 -36.67
N LEU A 41 60.57 -32.69 -36.19
CA LEU A 41 59.27 -33.28 -36.49
C LEU A 41 58.17 -32.27 -36.17
N GLU A 42 56.97 -32.55 -36.63
CA GLU A 42 55.82 -31.81 -36.15
C GLU A 42 55.32 -32.49 -34.87
N VAL A 43 54.49 -31.78 -34.11
CA VAL A 43 54.16 -32.25 -32.77
C VAL A 43 52.71 -32.74 -32.66
N ALA A 44 51.81 -32.25 -33.52
CA ALA A 44 50.43 -32.71 -33.48
C ALA A 44 50.30 -34.15 -33.96
N ASN A 45 51.21 -34.59 -34.83
CA ASN A 45 51.22 -35.97 -35.28
C ASN A 45 51.83 -36.84 -34.18
N SER A 46 50.97 -37.50 -33.40
CA SER A 46 51.45 -38.36 -32.35
C SER A 46 52.09 -39.63 -32.87
N PHE A 47 51.80 -40.01 -34.11
CA PHE A 47 52.51 -41.13 -34.73
C PHE A 47 53.99 -40.81 -34.92
N ALA A 48 54.28 -39.59 -35.38
CA ALA A 48 55.68 -39.18 -35.51
C ALA A 48 56.33 -39.05 -34.14
N VAL A 49 55.55 -38.64 -33.14
CA VAL A 49 56.02 -38.66 -31.76
C VAL A 49 56.31 -40.09 -31.34
N THR A 50 55.47 -41.03 -31.77
CA THR A 50 55.68 -42.43 -31.43
C THR A 50 56.87 -43.00 -32.17
N ASN A 51 57.14 -42.50 -33.38
CA ASN A 51 58.28 -42.96 -34.15
C ASN A 51 59.58 -42.54 -33.49
N ALA A 52 59.69 -41.25 -33.17
CA ALA A 52 60.91 -40.72 -32.56
C ALA A 52 61.14 -41.26 -31.16
N PHE A 53 60.07 -41.65 -30.47
CA PHE A 53 60.23 -42.18 -29.12
C PHE A 53 60.85 -43.55 -29.13
N CYS A 54 60.29 -44.47 -29.92
CA CYS A 54 60.81 -45.83 -29.95
C CYS A 54 62.16 -45.91 -30.63
N SER A 55 62.42 -45.03 -31.60
CA SER A 55 63.74 -45.00 -32.25
C SER A 55 64.80 -44.54 -31.27
N GLN A 56 64.49 -43.56 -30.44
CA GLN A 56 65.44 -43.18 -29.40
C GLN A 56 65.45 -44.16 -28.25
N PHE A 57 64.36 -44.92 -28.06
CA PHE A 57 64.40 -45.99 -27.08
C PHE A 57 65.24 -47.16 -27.57
N SER A 58 65.31 -47.35 -28.89
CA SER A 58 66.19 -48.37 -29.44
C SER A 58 67.66 -48.02 -29.22
N ARG A 59 67.99 -46.72 -29.22
CA ARG A 59 69.36 -46.28 -28.99
C ARG A 59 69.82 -46.51 -27.55
N GLY A 60 68.89 -46.65 -26.62
CA GLY A 60 69.25 -46.78 -25.21
C GLY A 60 69.74 -45.46 -24.64
N VAL A 61 68.87 -44.46 -24.63
CA VAL A 61 69.22 -43.13 -24.14
C VAL A 61 68.92 -43.06 -22.66
N TYR A 62 69.53 -42.08 -21.99
CA TYR A 62 69.33 -41.94 -20.55
C TYR A 62 68.09 -41.10 -20.25
N ALA A 63 68.02 -39.91 -20.82
CA ALA A 63 66.84 -39.06 -20.69
C ALA A 63 66.47 -38.53 -22.06
N ILE A 64 65.26 -37.99 -22.15
CA ILE A 64 64.75 -37.42 -23.39
C ILE A 64 64.35 -35.99 -23.11
N PHE A 65 64.85 -35.07 -23.94
CA PHE A 65 64.43 -33.69 -23.93
C PHE A 65 63.60 -33.42 -25.17
N GLY A 66 62.54 -32.64 -25.01
CA GLY A 66 61.72 -32.32 -26.17
C GLY A 66 60.56 -31.45 -25.79
N PHE A 67 59.77 -31.11 -26.80
CA PHE A 67 58.57 -30.32 -26.62
C PHE A 67 57.36 -31.21 -26.86
N TYR A 68 56.22 -30.79 -26.34
CA TYR A 68 54.95 -31.43 -26.66
C TYR A 68 53.87 -30.36 -26.74
N ASP A 69 52.79 -30.70 -27.42
CA ASP A 69 51.60 -29.87 -27.51
C ASP A 69 50.48 -30.60 -26.81
N LYS A 70 49.26 -30.02 -26.87
CA LYS A 70 48.10 -30.66 -26.28
C LYS A 70 47.68 -31.94 -27.01
N LYS A 71 48.21 -32.18 -28.20
CA LYS A 71 47.84 -33.40 -28.91
C LYS A 71 48.67 -34.58 -28.45
N SER A 72 49.95 -34.35 -28.15
CA SER A 72 50.88 -35.42 -27.81
C SER A 72 51.14 -35.53 -26.33
N VAL A 73 50.46 -34.72 -25.51
CA VAL A 73 50.74 -34.66 -24.09
C VAL A 73 50.38 -35.97 -23.41
N ASN A 74 49.35 -36.65 -23.89
CA ASN A 74 48.99 -37.93 -23.31
C ASN A 74 49.93 -39.03 -23.76
N THR A 75 50.59 -38.83 -24.90
CA THR A 75 51.46 -39.86 -25.46
C THR A 75 52.73 -40.01 -24.65
N ILE A 76 53.34 -38.89 -24.28
CA ILE A 76 54.59 -38.95 -23.52
C ILE A 76 54.34 -39.43 -22.11
N THR A 77 53.25 -38.94 -21.51
CA THR A 77 52.93 -39.31 -20.14
C THR A 77 52.51 -40.76 -20.01
N SER A 78 51.94 -41.34 -21.07
CA SER A 78 51.63 -42.75 -21.04
C SER A 78 52.87 -43.62 -21.16
N PHE A 79 53.89 -43.14 -21.86
CA PHE A 79 55.06 -43.97 -22.13
C PHE A 79 56.08 -43.88 -21.02
N CYS A 80 56.38 -42.65 -20.57
CA CYS A 80 57.40 -42.45 -19.55
C CYS A 80 56.98 -43.01 -18.20
N GLY A 81 55.68 -43.06 -17.93
CA GLY A 81 55.23 -43.80 -16.77
C GLY A 81 55.36 -45.30 -16.97
N THR A 82 55.11 -45.76 -18.20
CA THR A 82 55.21 -47.18 -18.50
C THR A 82 56.67 -47.64 -18.57
N LEU A 83 57.44 -47.05 -19.47
CA LEU A 83 58.79 -47.54 -19.73
C LEU A 83 59.81 -47.00 -18.74
N HIS A 84 59.38 -46.15 -17.81
CA HIS A 84 60.17 -45.74 -16.64
C HIS A 84 61.45 -45.01 -17.05
N VAL A 85 61.33 -44.14 -18.04
CA VAL A 85 62.43 -43.27 -18.45
C VAL A 85 61.99 -41.83 -18.22
N SER A 86 62.95 -40.95 -18.00
CA SER A 86 62.63 -39.58 -17.61
C SER A 86 62.49 -38.68 -18.83
N PHE A 87 61.73 -37.61 -18.66
CA PHE A 87 61.46 -36.67 -19.73
C PHE A 87 61.45 -35.27 -19.13
N ILE A 88 62.11 -34.33 -19.79
CA ILE A 88 62.27 -32.98 -19.30
C ILE A 88 61.80 -32.02 -20.39
N THR A 89 60.96 -31.06 -20.02
CA THR A 89 60.28 -30.27 -21.01
C THR A 89 60.04 -28.82 -20.60
N PRO A 90 60.14 -27.90 -21.55
CA PRO A 90 59.75 -26.50 -21.30
C PRO A 90 58.31 -26.17 -21.68
N SER A 91 57.51 -27.15 -22.05
CA SER A 91 56.15 -26.88 -22.49
C SER A 91 55.26 -26.61 -21.27
N PHE A 92 53.96 -26.46 -21.51
CA PHE A 92 53.04 -26.21 -20.42
C PHE A 92 52.86 -27.47 -19.58
N PRO A 93 52.75 -27.32 -18.27
CA PRO A 93 52.68 -28.50 -17.40
C PRO A 93 51.30 -29.13 -17.45
N THR A 94 51.28 -30.42 -17.17
CA THR A 94 50.04 -31.17 -17.17
C THR A 94 49.25 -30.90 -15.90
N ASP A 95 47.93 -30.85 -16.03
CA ASP A 95 47.06 -30.93 -14.86
C ASP A 95 47.19 -32.31 -14.25
N GLY A 96 47.16 -32.37 -12.92
CA GLY A 96 47.40 -33.61 -12.24
C GLY A 96 48.86 -34.00 -12.23
N THR A 97 49.14 -35.11 -11.57
CA THR A 97 50.50 -35.56 -11.37
C THR A 97 50.82 -36.68 -12.35
N HIS A 98 52.08 -36.75 -12.76
CA HIS A 98 52.58 -37.80 -13.63
C HIS A 98 54.02 -38.08 -13.22
N PRO A 99 54.38 -39.34 -12.98
CA PRO A 99 55.79 -39.65 -12.74
C PRO A 99 56.61 -39.51 -14.01
N PHE A 100 57.93 -39.44 -13.82
CA PHE A 100 58.94 -39.47 -14.87
C PHE A 100 58.87 -38.27 -15.81
N VAL A 101 58.18 -37.21 -15.44
CA VAL A 101 58.07 -36.01 -16.25
C VAL A 101 58.52 -34.82 -15.42
N ILE A 102 59.53 -34.11 -15.91
CA ILE A 102 60.05 -32.93 -15.23
C ILE A 102 59.65 -31.72 -16.05
N GLN A 103 58.82 -30.86 -15.45
CA GLN A 103 58.38 -29.65 -16.09
C GLN A 103 59.37 -28.54 -15.78
N MET A 104 59.70 -27.74 -16.79
CA MET A 104 60.58 -26.60 -16.58
C MET A 104 59.83 -25.30 -16.47
N ARG A 105 58.78 -25.11 -17.24
CA ARG A 105 57.91 -23.96 -17.20
C ARG A 105 57.10 -23.96 -15.92
N PRO A 106 57.14 -22.89 -15.13
CA PRO A 106 56.33 -22.85 -13.91
C PRO A 106 54.87 -22.58 -14.21
N ASP A 107 54.07 -22.58 -13.15
CA ASP A 107 52.64 -22.34 -13.28
C ASP A 107 52.39 -20.84 -13.44
N LEU A 108 51.16 -20.51 -13.81
CA LEU A 108 50.75 -19.13 -13.98
C LEU A 108 49.45 -18.81 -13.27
N LYS A 109 48.83 -19.79 -12.60
CA LYS A 109 47.47 -19.64 -12.08
C LYS A 109 47.42 -18.64 -10.93
N GLY A 110 48.26 -18.85 -9.91
CA GLY A 110 48.21 -18.02 -8.72
C GLY A 110 48.63 -16.58 -8.96
N ALA A 111 49.56 -16.38 -9.89
CA ALA A 111 49.92 -15.01 -10.27
C ALA A 111 48.76 -14.33 -11.00
N LEU A 112 48.01 -15.09 -11.80
CA LEU A 112 46.81 -14.52 -12.42
C LEU A 112 45.76 -14.21 -11.37
N LEU A 113 45.55 -15.12 -10.43
CA LEU A 113 44.57 -14.87 -9.40
C LEU A 113 45.02 -13.81 -8.42
N SER A 114 46.33 -13.60 -8.28
CA SER A 114 46.79 -12.47 -7.49
C SER A 114 46.56 -11.17 -8.24
N LEU A 115 46.86 -11.15 -9.54
CA LEU A 115 46.83 -9.90 -10.29
C LEU A 115 45.41 -9.37 -10.47
N ILE A 116 44.45 -10.27 -10.67
CA ILE A 116 43.05 -9.86 -10.72
C ILE A 116 42.59 -9.37 -9.35
N GLU A 117 43.05 -10.04 -8.29
CA GLU A 117 42.71 -9.60 -6.94
C GLU A 117 43.43 -8.32 -6.57
N TYR A 118 44.67 -8.15 -7.01
CA TYR A 118 45.40 -6.91 -6.73
C TYR A 118 44.81 -5.74 -7.50
N TYR A 119 44.31 -5.99 -8.71
CA TYR A 119 43.67 -4.91 -9.45
C TYR A 119 42.21 -4.74 -9.08
N GLN A 120 41.67 -5.63 -8.24
CA GLN A 120 40.32 -5.56 -7.68
C GLN A 120 39.25 -5.53 -8.79
N TRP A 121 39.18 -6.63 -9.52
CA TRP A 121 38.28 -6.73 -10.65
C TRP A 121 37.09 -7.63 -10.33
N ASP A 122 35.96 -7.32 -10.95
CA ASP A 122 34.76 -8.13 -10.83
C ASP A 122 34.09 -8.41 -12.16
N LYS A 123 34.33 -7.59 -13.17
CA LYS A 123 33.79 -7.82 -14.49
C LYS A 123 34.92 -7.64 -15.49
N PHE A 124 35.08 -8.61 -16.37
CA PHE A 124 36.03 -8.51 -17.46
C PHE A 124 35.65 -9.51 -18.54
N ALA A 125 36.51 -9.60 -19.54
CA ALA A 125 36.37 -10.57 -20.62
C ALA A 125 37.64 -11.38 -20.69
N TYR A 126 37.57 -12.52 -21.35
CA TYR A 126 38.67 -13.47 -21.37
C TYR A 126 38.76 -14.08 -22.76
N LEU A 127 39.93 -13.99 -23.37
CA LEU A 127 40.15 -14.53 -24.70
C LEU A 127 41.21 -15.61 -24.61
N TYR A 128 40.94 -16.77 -25.18
CA TYR A 128 41.80 -17.92 -25.00
C TYR A 128 42.04 -18.63 -26.32
N ASP A 129 43.19 -19.26 -26.41
CA ASP A 129 43.51 -20.19 -27.48
C ASP A 129 43.44 -21.60 -26.91
N SER A 130 42.99 -22.52 -27.74
CA SER A 130 42.81 -23.90 -27.32
C SER A 130 44.11 -24.67 -27.21
N ASP A 131 45.18 -24.19 -27.84
CA ASP A 131 46.35 -25.01 -28.12
C ASP A 131 47.13 -25.41 -26.87
N ARG A 132 47.06 -24.62 -25.81
CA ARG A 132 47.78 -24.93 -24.58
C ARG A 132 46.86 -25.52 -23.52
N GLY A 133 45.85 -26.26 -23.94
CA GLY A 133 44.88 -26.79 -23.02
C GLY A 133 43.92 -25.72 -22.55
N LEU A 134 43.10 -26.10 -21.56
CA LEU A 134 42.08 -25.21 -21.03
C LEU A 134 42.20 -25.06 -19.52
N SER A 135 43.33 -25.47 -18.95
CA SER A 135 43.47 -25.53 -17.50
C SER A 135 43.48 -24.16 -16.86
N THR A 136 43.95 -23.15 -17.58
CA THR A 136 43.85 -21.79 -17.06
C THR A 136 42.41 -21.31 -17.05
N LEU A 137 41.65 -21.68 -18.08
CA LEU A 137 40.24 -21.31 -18.14
C LEU A 137 39.44 -21.96 -17.03
N GLN A 138 39.73 -23.23 -16.75
CA GLN A 138 39.01 -23.92 -15.68
C GLN A 138 39.35 -23.36 -14.32
N ALA A 139 40.56 -22.83 -14.14
CA ALA A 139 40.91 -22.25 -12.85
C ALA A 139 40.19 -20.94 -12.61
N VAL A 140 40.15 -20.07 -13.63
CA VAL A 140 39.56 -18.76 -13.44
C VAL A 140 38.04 -18.80 -13.44
N LEU A 141 37.43 -19.85 -13.97
CA LEU A 141 35.99 -19.96 -13.86
C LEU A 141 35.56 -20.50 -12.51
N ASP A 142 36.43 -21.26 -11.85
CA ASP A 142 36.14 -21.68 -10.48
C ASP A 142 36.23 -20.50 -9.52
N SER A 143 37.28 -19.68 -9.67
CA SER A 143 37.40 -18.49 -8.84
C SER A 143 36.42 -17.40 -9.27
N ALA A 144 35.80 -17.53 -10.43
CA ALA A 144 34.71 -16.63 -10.78
C ALA A 144 33.50 -16.84 -9.87
N ALA A 145 33.23 -18.09 -9.51
CA ALA A 145 32.07 -18.39 -8.69
C ALA A 145 32.26 -17.93 -7.25
N GLU A 146 33.45 -18.14 -6.70
CA GLU A 146 33.66 -17.93 -5.28
C GLU A 146 33.73 -16.45 -4.93
N LYS A 147 34.19 -15.63 -5.86
CA LYS A 147 34.50 -14.24 -5.55
C LYS A 147 33.66 -13.25 -6.35
N LYS A 148 32.51 -13.69 -6.86
CA LYS A 148 31.49 -12.86 -7.51
C LYS A 148 32.07 -12.11 -8.72
N TRP A 149 32.40 -12.90 -9.73
CA TRP A 149 32.95 -12.36 -10.96
C TRP A 149 31.98 -12.58 -12.12
N GLN A 150 32.06 -11.70 -13.11
CA GLN A 150 31.21 -11.78 -14.29
C GLN A 150 32.15 -11.93 -15.49
N VAL A 151 32.49 -13.17 -15.81
CA VAL A 151 33.58 -13.47 -16.72
C VAL A 151 32.99 -13.97 -18.04
N THR A 152 33.41 -13.36 -19.13
CA THR A 152 33.01 -13.78 -20.47
C THR A 152 34.20 -14.42 -21.17
N ALA A 153 34.14 -15.72 -21.38
CA ALA A 153 35.20 -16.45 -22.08
C ALA A 153 34.79 -16.61 -23.54
N ILE A 154 35.69 -16.24 -24.44
CA ILE A 154 35.44 -16.31 -25.88
C ILE A 154 36.66 -16.95 -26.53
N ASN A 155 36.43 -18.02 -27.29
CA ASN A 155 37.51 -18.70 -27.99
C ASN A 155 37.94 -17.83 -29.16
N VAL A 156 39.24 -17.84 -29.45
CA VAL A 156 39.80 -17.13 -30.58
C VAL A 156 40.63 -18.05 -31.47
N GLY A 157 40.96 -19.25 -30.99
CA GLY A 157 41.95 -20.06 -31.65
C GLY A 157 41.49 -20.75 -32.91
N ASN A 158 40.20 -20.70 -33.21
CA ASN A 158 39.67 -21.37 -34.39
C ASN A 158 39.34 -20.42 -35.52
N ILE A 159 39.79 -19.17 -35.44
CA ILE A 159 39.56 -18.23 -36.52
C ILE A 159 40.50 -18.54 -37.67
N ASN A 160 39.95 -18.64 -38.87
CA ASN A 160 40.72 -18.97 -40.07
C ASN A 160 41.52 -17.77 -40.57
N ASN A 161 42.57 -18.08 -41.33
CA ASN A 161 43.56 -17.09 -41.71
C ASN A 161 43.11 -16.18 -42.84
N ASP A 162 42.01 -16.54 -43.53
CA ASP A 162 41.56 -15.72 -44.65
C ASP A 162 40.48 -14.73 -44.25
N LYS A 163 39.63 -15.07 -43.29
CA LYS A 163 38.55 -14.18 -42.88
C LYS A 163 38.85 -13.61 -41.50
N LYS A 164 40.12 -13.25 -41.28
CA LYS A 164 40.59 -12.70 -40.02
C LYS A 164 39.87 -11.41 -39.66
N ASP A 165 40.04 -10.37 -40.48
CA ASP A 165 39.63 -9.02 -40.11
C ASP A 165 38.11 -8.88 -40.05
N GLU A 166 37.37 -9.78 -40.69
CA GLU A 166 35.93 -9.83 -40.47
C GLU A 166 35.61 -10.47 -39.13
N THR A 167 36.26 -11.58 -38.80
CA THR A 167 35.89 -12.35 -37.63
C THR A 167 36.37 -11.68 -36.34
N TYR A 168 37.55 -11.06 -36.38
CA TYR A 168 37.99 -10.25 -35.24
C TYR A 168 37.08 -9.06 -35.02
N ARG A 169 36.57 -8.46 -36.10
CA ARG A 169 35.66 -7.34 -35.97
C ARG A 169 34.34 -7.75 -35.35
N SER A 170 33.95 -9.02 -35.52
CA SER A 170 32.65 -9.49 -35.05
C SER A 170 32.56 -9.47 -33.53
N LEU A 171 33.55 -10.03 -32.84
CA LEU A 171 33.47 -10.06 -31.39
C LEU A 171 33.90 -8.75 -30.75
N PHE A 172 34.71 -7.96 -31.45
CA PHE A 172 35.23 -6.74 -30.84
C PHE A 172 34.17 -5.66 -30.72
N GLN A 173 33.26 -5.58 -31.68
CA GLN A 173 32.12 -4.69 -31.51
C GLN A 173 31.19 -5.21 -30.44
N ASP A 174 31.09 -6.54 -30.30
CA ASP A 174 30.18 -7.14 -29.34
C ASP A 174 30.61 -6.85 -27.90
N LEU A 175 31.91 -6.64 -27.68
CA LEU A 175 32.37 -6.25 -26.35
C LEU A 175 31.95 -4.84 -26.02
N GLU A 176 31.80 -3.98 -27.03
CA GLU A 176 31.46 -2.59 -26.79
C GLU A 176 29.97 -2.40 -26.53
N LEU A 177 29.13 -3.33 -26.99
CA LEU A 177 27.70 -3.25 -26.71
C LEU A 177 27.42 -3.42 -25.22
N LYS A 178 28.19 -4.24 -24.52
CA LYS A 178 28.07 -4.35 -23.08
C LYS A 178 29.20 -3.65 -22.33
N LYS A 179 30.04 -2.89 -23.06
CA LYS A 179 31.11 -2.05 -22.51
C LYS A 179 32.11 -2.85 -21.70
N GLU A 180 32.80 -3.76 -22.38
CA GLU A 180 33.93 -4.46 -21.80
C GLU A 180 35.12 -3.50 -21.71
N ARG A 181 35.87 -3.59 -20.62
CA ARG A 181 36.98 -2.68 -20.38
C ARG A 181 38.29 -3.39 -20.06
N ARG A 182 38.26 -4.68 -19.73
CA ARG A 182 39.40 -5.37 -19.19
C ARG A 182 39.52 -6.71 -19.91
N VAL A 183 40.62 -6.92 -20.62
CA VAL A 183 40.78 -8.11 -21.44
C VAL A 183 42.03 -8.84 -21.00
N ILE A 184 41.87 -10.10 -20.63
CA ILE A 184 42.99 -11.01 -20.42
C ILE A 184 43.20 -11.80 -21.69
N LEU A 185 44.37 -11.66 -22.28
CA LEU A 185 44.76 -12.45 -23.44
C LEU A 185 45.56 -13.63 -22.95
N ASP A 186 45.29 -14.80 -23.50
CA ASP A 186 45.99 -16.03 -23.14
C ASP A 186 46.34 -16.73 -24.45
N CYS A 187 47.48 -16.38 -25.03
CA CYS A 187 47.91 -16.97 -26.28
C CYS A 187 49.44 -17.07 -26.26
N GLU A 188 49.98 -17.59 -27.36
CA GLU A 188 51.40 -17.49 -27.59
C GLU A 188 51.70 -16.19 -28.33
N ARG A 189 52.99 -15.99 -28.64
CA ARG A 189 53.45 -14.73 -29.24
C ARG A 189 52.86 -14.50 -30.62
N ASP A 190 52.46 -15.57 -31.29
CA ASP A 190 51.93 -15.45 -32.65
C ASP A 190 50.57 -14.79 -32.67
N LYS A 191 49.67 -15.22 -31.80
CA LYS A 191 48.32 -14.69 -31.82
C LYS A 191 48.24 -13.34 -31.13
N VAL A 192 49.12 -13.09 -30.16
CA VAL A 192 49.13 -11.81 -29.46
C VAL A 192 49.49 -10.68 -30.41
N ASN A 193 50.54 -10.88 -31.19
CA ASN A 193 50.89 -9.94 -32.26
C ASN A 193 49.78 -9.81 -33.29
N ASP A 194 49.02 -10.88 -33.51
CA ASP A 194 47.86 -10.78 -34.39
C ASP A 194 46.74 -9.98 -33.73
N ILE A 195 46.52 -10.16 -32.43
CA ILE A 195 45.43 -9.47 -31.76
C ILE A 195 45.75 -7.99 -31.61
N VAL A 196 46.97 -7.65 -31.17
CA VAL A 196 47.38 -6.26 -30.97
C VAL A 196 47.34 -5.48 -32.29
N ASP A 197 47.60 -6.16 -33.41
CA ASP A 197 47.38 -5.54 -34.72
C ASP A 197 45.91 -5.22 -34.96
N GLN A 198 45.00 -6.04 -34.45
CA GLN A 198 43.58 -5.74 -34.61
C GLN A 198 43.07 -4.74 -33.60
N VAL A 199 43.81 -4.50 -32.51
CA VAL A 199 43.36 -3.56 -31.49
C VAL A 199 43.44 -2.13 -32.01
N ILE A 200 44.63 -1.72 -32.45
CA ILE A 200 44.88 -0.34 -32.83
C ILE A 200 44.21 -0.03 -34.16
N THR A 201 44.02 -1.06 -35.01
CA THR A 201 43.45 -0.86 -36.33
C THR A 201 41.98 -0.43 -36.25
N ILE A 202 41.23 -0.97 -35.28
CA ILE A 202 39.88 -0.48 -35.06
C ILE A 202 39.89 0.47 -33.87
N GLY A 203 41.07 0.70 -33.30
CA GLY A 203 41.24 1.72 -32.29
C GLY A 203 40.65 1.42 -30.93
N LYS A 204 40.95 0.26 -30.37
CA LYS A 204 40.55 -0.08 -29.02
C LYS A 204 41.76 0.02 -28.07
N HIS A 205 42.60 1.04 -28.29
CA HIS A 205 43.84 1.20 -27.56
C HIS A 205 43.90 2.53 -26.81
N VAL A 206 42.76 3.20 -26.65
CA VAL A 206 42.71 4.52 -26.03
C VAL A 206 42.85 4.40 -24.52
N LYS A 207 42.98 5.54 -23.85
CA LYS A 207 43.04 5.58 -22.40
C LYS A 207 41.75 5.02 -21.79
N GLY A 208 41.91 4.12 -20.82
CA GLY A 208 40.81 3.51 -20.13
C GLY A 208 40.65 2.01 -20.36
N TYR A 209 41.21 1.48 -21.43
CA TYR A 209 41.17 0.06 -21.74
C TYR A 209 42.42 -0.59 -21.17
N HIS A 210 42.22 -1.60 -20.31
CA HIS A 210 43.33 -2.27 -19.69
C HIS A 210 43.49 -3.64 -20.34
N TYR A 211 44.73 -4.13 -20.41
CA TYR A 211 45.03 -5.39 -21.08
C TYR A 211 46.05 -6.16 -20.27
N ILE A 212 45.96 -7.48 -20.32
CA ILE A 212 46.93 -8.37 -19.69
C ILE A 212 47.28 -9.46 -20.69
N ILE A 213 48.57 -9.62 -20.95
CA ILE A 213 49.07 -10.72 -21.77
C ILE A 213 49.56 -11.79 -20.82
N ALA A 214 48.80 -12.88 -20.70
CA ALA A 214 49.03 -13.86 -19.64
C ALA A 214 49.90 -15.01 -20.17
N ASN A 215 51.18 -14.70 -20.35
CA ASN A 215 52.19 -15.72 -20.57
C ASN A 215 53.52 -15.16 -20.11
N LEU A 216 54.54 -16.01 -20.09
CA LEU A 216 55.83 -15.67 -19.51
C LEU A 216 56.73 -14.89 -20.46
N GLY A 217 56.20 -14.39 -21.57
CA GLY A 217 57.01 -13.75 -22.59
C GLY A 217 56.57 -12.35 -22.95
N PHE A 218 56.27 -11.53 -21.94
CA PHE A 218 55.69 -10.21 -22.18
C PHE A 218 56.62 -9.31 -22.99
N THR A 219 57.92 -9.39 -22.75
CA THR A 219 58.84 -8.54 -23.49
C THR A 219 59.13 -9.06 -24.90
N ASP A 220 58.71 -10.28 -25.23
CA ASP A 220 59.06 -10.86 -26.52
C ASP A 220 58.20 -10.29 -27.64
N GLY A 221 57.03 -9.74 -27.32
CA GLY A 221 56.14 -9.24 -28.34
C GLY A 221 56.39 -7.79 -28.69
N ASP A 222 55.77 -7.37 -29.80
CA ASP A 222 55.82 -5.98 -30.24
C ASP A 222 54.95 -5.16 -29.29
N LEU A 223 55.59 -4.49 -28.35
CA LEU A 223 54.90 -3.65 -27.39
C LEU A 223 55.09 -2.17 -27.67
N LEU A 224 55.83 -1.82 -28.71
CA LEU A 224 56.02 -0.42 -29.07
C LEU A 224 54.75 0.22 -29.58
N LYS A 225 53.87 -0.57 -30.18
CA LYS A 225 52.73 -0.01 -30.91
C LYS A 225 51.67 0.52 -29.96
N ILE A 226 51.36 -0.25 -28.91
CA ILE A 226 50.32 0.17 -27.98
C ILE A 226 50.87 1.12 -26.93
N GLN A 227 52.19 1.32 -26.90
CA GLN A 227 52.83 2.20 -25.93
C GLN A 227 52.39 3.64 -26.08
N PHE A 228 52.09 4.06 -27.30
CA PHE A 228 51.77 5.46 -27.61
C PHE A 228 50.28 5.66 -27.86
N GLY A 229 49.42 4.92 -27.16
CA GLY A 229 48.00 5.02 -27.40
C GLY A 229 47.16 5.46 -26.23
N GLY A 230 47.61 5.18 -25.01
CA GLY A 230 46.87 5.52 -23.81
C GLY A 230 46.38 4.34 -23.02
N ALA A 231 46.29 3.16 -23.62
CA ALA A 231 45.90 1.96 -22.90
C ALA A 231 47.00 1.53 -21.94
N GLU A 232 46.61 0.74 -20.94
CA GLU A 232 47.55 0.23 -19.95
C GLU A 232 47.68 -1.28 -20.11
N VAL A 233 48.90 -1.74 -20.33
CA VAL A 233 49.16 -3.16 -20.58
C VAL A 233 50.13 -3.65 -19.52
N SER A 234 49.73 -4.69 -18.79
CA SER A 234 50.60 -5.38 -17.85
C SER A 234 51.16 -6.61 -18.55
N GLY A 235 51.91 -7.41 -17.80
CA GLY A 235 52.46 -8.62 -18.37
C GLY A 235 53.30 -9.37 -17.37
N PHE A 236 53.80 -10.52 -17.80
CA PHE A 236 54.50 -11.46 -16.94
C PHE A 236 55.86 -11.80 -17.51
N GLN A 237 56.84 -11.93 -16.62
CA GLN A 237 58.24 -12.09 -17.03
C GLN A 237 58.97 -12.93 -15.99
N ILE A 238 59.83 -13.83 -16.47
CA ILE A 238 60.58 -14.68 -15.59
C ILE A 238 62.09 -14.49 -15.72
N VAL A 239 62.58 -14.04 -16.88
CA VAL A 239 63.99 -13.78 -17.05
C VAL A 239 64.24 -12.28 -17.07
N ASP A 240 64.69 -11.75 -15.93
CA ASP A 240 64.92 -10.32 -15.77
C ASP A 240 66.29 -10.01 -16.34
N TYR A 241 66.37 -8.96 -17.15
CA TYR A 241 67.62 -8.58 -17.79
C TYR A 241 68.54 -7.82 -16.85
N ASP A 242 68.07 -7.49 -15.65
CA ASP A 242 68.85 -6.68 -14.72
C ASP A 242 70.02 -7.42 -14.11
N ASP A 243 69.90 -8.74 -13.94
CA ASP A 243 70.88 -9.48 -13.16
C ASP A 243 72.17 -9.68 -13.93
N SER A 244 73.20 -10.09 -13.18
CA SER A 244 74.54 -10.24 -13.74
C SER A 244 74.65 -11.47 -14.64
N LEU A 245 74.31 -12.65 -14.10
CA LEU A 245 74.41 -13.90 -14.85
C LEU A 245 73.50 -13.91 -16.07
N VAL A 246 72.38 -13.19 -16.01
CA VAL A 246 71.61 -12.93 -17.20
C VAL A 246 72.40 -12.07 -18.18
N SER A 247 72.90 -10.92 -17.72
CA SER A 247 73.65 -10.03 -18.59
C SER A 247 75.01 -10.62 -18.99
N LYS A 248 75.55 -11.57 -18.23
CA LYS A 248 76.68 -12.34 -18.71
C LYS A 248 76.29 -13.19 -19.91
N PHE A 249 75.07 -13.73 -19.90
CA PHE A 249 74.61 -14.52 -21.03
C PHE A 249 74.27 -13.63 -22.21
N ILE A 250 73.65 -12.48 -21.95
CA ILE A 250 73.20 -11.57 -23.01
C ILE A 250 74.37 -11.00 -23.79
N GLU A 251 75.46 -10.66 -23.10
CA GLU A 251 76.66 -10.23 -23.79
C GLU A 251 77.25 -11.35 -24.63
N ARG A 252 77.19 -12.59 -24.13
CA ARG A 252 77.60 -13.73 -24.93
C ARG A 252 76.59 -13.99 -26.04
N TRP A 253 75.32 -13.67 -25.79
CA TRP A 253 74.29 -13.86 -26.80
C TRP A 253 74.47 -12.92 -27.98
N SER A 254 74.89 -11.68 -27.73
CA SER A 254 75.11 -10.74 -28.82
C SER A 254 76.37 -11.05 -29.60
N THR A 255 77.30 -11.80 -29.03
CA THR A 255 78.52 -12.17 -29.75
C THR A 255 78.30 -13.24 -30.81
N LEU A 256 77.12 -13.83 -30.87
CA LEU A 256 76.87 -14.90 -31.83
C LEU A 256 76.30 -14.31 -33.11
N GLU A 257 76.22 -15.15 -34.14
CA GLU A 257 75.95 -14.70 -35.50
C GLU A 257 74.76 -15.46 -36.08
N GLU A 258 74.04 -14.77 -36.97
CA GLU A 258 72.79 -15.30 -37.51
C GLU A 258 73.03 -16.46 -38.45
N LYS A 259 74.21 -16.53 -39.07
CA LYS A 259 74.47 -17.58 -40.05
C LYS A 259 74.73 -18.91 -39.37
N GLU A 260 75.61 -18.92 -38.37
CA GLU A 260 75.95 -20.16 -37.71
C GLU A 260 74.88 -20.60 -36.74
N TYR A 261 74.46 -19.70 -35.85
CA TYR A 261 73.42 -20.00 -34.87
C TYR A 261 72.21 -19.13 -35.20
N PRO A 262 71.22 -19.67 -35.92
CA PRO A 262 70.14 -18.82 -36.44
C PRO A 262 69.23 -18.29 -35.35
N GLY A 263 68.86 -17.02 -35.49
CA GLY A 263 68.04 -16.33 -34.52
C GLY A 263 68.68 -16.15 -33.17
N ALA A 264 69.94 -15.72 -33.13
CA ALA A 264 70.65 -15.60 -31.86
C ALA A 264 71.29 -14.24 -31.62
N HIS A 265 71.36 -13.36 -32.62
CA HIS A 265 72.06 -12.09 -32.46
C HIS A 265 71.06 -10.99 -32.13
N THR A 266 70.50 -11.09 -30.93
CA THR A 266 69.57 -10.09 -30.41
C THR A 266 70.03 -9.66 -29.03
N ALA A 267 69.21 -8.84 -28.39
CA ALA A 267 69.35 -8.50 -26.98
C ALA A 267 68.26 -9.11 -26.13
N THR A 268 67.18 -9.58 -26.77
CA THR A 268 66.10 -10.27 -26.07
C THR A 268 66.09 -11.72 -26.51
N ILE A 269 65.32 -12.52 -25.78
CA ILE A 269 65.35 -13.97 -25.92
C ILE A 269 64.02 -14.51 -25.41
N LYS A 270 63.53 -15.57 -26.04
CA LYS A 270 62.27 -16.17 -25.63
C LYS A 270 62.45 -16.98 -24.36
N TYR A 271 61.38 -17.03 -23.55
CA TYR A 271 61.41 -17.85 -22.35
C TYR A 271 61.44 -19.32 -22.68
N THR A 272 60.83 -19.71 -23.81
CA THR A 272 61.00 -21.05 -24.32
C THR A 272 62.45 -21.30 -24.71
N SER A 273 63.09 -20.30 -25.30
CA SER A 273 64.51 -20.41 -25.61
C SER A 273 65.35 -20.39 -24.33
N ALA A 274 64.96 -19.59 -23.35
CA ALA A 274 65.79 -19.39 -22.18
C ALA A 274 65.79 -20.60 -21.26
N LEU A 275 64.64 -21.27 -21.13
CA LEU A 275 64.58 -22.45 -20.27
C LEU A 275 65.35 -23.61 -20.87
N THR A 276 65.53 -23.60 -22.19
CA THR A 276 66.32 -24.63 -22.86
C THR A 276 67.77 -24.58 -22.41
N TYR A 277 68.34 -23.38 -22.35
CA TYR A 277 69.67 -23.19 -21.76
C TYR A 277 69.66 -23.56 -20.28
N ASP A 278 68.54 -23.35 -19.60
CA ASP A 278 68.43 -23.75 -18.21
C ASP A 278 68.18 -25.25 -18.09
N ALA A 279 67.65 -25.87 -19.15
CA ALA A 279 67.37 -27.30 -19.08
C ALA A 279 68.64 -28.14 -19.10
N VAL A 280 69.65 -27.69 -19.84
CA VAL A 280 70.89 -28.45 -19.94
C VAL A 280 71.65 -28.42 -18.63
N GLN A 281 71.59 -27.27 -17.94
CA GLN A 281 72.20 -27.11 -16.62
C GLN A 281 71.57 -28.06 -15.60
N VAL A 282 70.28 -28.37 -15.75
CA VAL A 282 69.66 -29.37 -14.90
C VAL A 282 70.22 -30.75 -15.20
N MET A 283 70.35 -31.10 -16.48
CA MET A 283 70.85 -32.42 -16.86
C MET A 283 72.32 -32.56 -16.53
N THR A 284 73.08 -31.47 -16.64
CA THR A 284 74.51 -31.51 -16.36
C THR A 284 74.76 -31.75 -14.88
N GLU A 285 74.00 -31.08 -14.01
CA GLU A 285 74.18 -31.23 -12.57
C GLU A 285 73.75 -32.60 -12.09
N ALA A 286 72.81 -33.24 -12.80
CA ALA A 286 72.30 -34.53 -12.37
C ALA A 286 73.34 -35.63 -12.53
N PHE A 287 73.91 -35.76 -13.72
CA PHE A 287 74.87 -36.84 -13.95
C PHE A 287 76.23 -36.51 -13.36
N ARG A 288 76.48 -35.24 -13.04
CA ARG A 288 77.64 -34.91 -12.21
C ARG A 288 77.47 -35.48 -10.81
N ASN A 289 76.29 -35.30 -10.23
CA ASN A 289 76.04 -35.81 -8.88
C ASN A 289 75.81 -37.31 -8.88
N LEU A 290 75.35 -37.87 -9.99
CA LEU A 290 75.03 -39.29 -10.02
C LEU A 290 76.27 -40.16 -10.00
N ARG A 291 77.30 -39.76 -10.75
CA ARG A 291 78.56 -40.49 -10.72
C ARG A 291 79.32 -40.22 -9.43
N LYS A 292 79.06 -39.08 -8.80
CA LYS A 292 79.79 -38.67 -7.60
C LYS A 292 79.43 -39.50 -6.37
N GLN A 293 78.17 -39.91 -6.22
CA GLN A 293 77.83 -40.85 -5.17
C GLN A 293 78.20 -42.29 -5.50
N ARG A 294 78.63 -42.55 -6.74
CA ARG A 294 78.92 -43.86 -7.31
C ARG A 294 77.74 -44.81 -7.23
N ILE A 295 76.51 -44.28 -7.26
CA ILE A 295 75.29 -45.05 -7.47
C ILE A 295 74.95 -44.93 -8.95
N GLU A 296 75.94 -44.55 -9.75
CA GLU A 296 75.83 -44.26 -11.17
C GLU A 296 75.26 -45.44 -11.95
N ILE A 297 74.47 -45.12 -12.97
CA ILE A 297 73.86 -46.17 -13.78
C ILE A 297 74.91 -46.79 -14.69
N SER A 298 74.93 -48.11 -14.72
CA SER A 298 75.68 -48.83 -15.74
C SER A 298 74.74 -49.07 -16.92
N ARG A 299 75.23 -48.79 -18.12
CA ARG A 299 74.42 -48.99 -19.30
C ARG A 299 74.15 -50.46 -19.53
N ARG A 300 72.87 -50.81 -19.69
CA ARG A 300 72.47 -52.21 -19.78
C ARG A 300 72.92 -52.84 -21.09
N GLY A 301 73.09 -52.03 -22.13
CA GLY A 301 73.45 -52.58 -23.43
C GLY A 301 72.26 -52.62 -24.35
N ASN A 302 71.66 -53.80 -24.50
CA ASN A 302 70.45 -53.92 -25.29
C ASN A 302 69.27 -53.29 -24.56
N ALA A 303 68.37 -52.70 -25.34
CA ALA A 303 67.15 -52.12 -24.81
C ALA A 303 65.90 -52.83 -25.28
N GLY A 304 65.94 -53.49 -26.43
CA GLY A 304 64.78 -54.20 -26.93
C GLY A 304 63.92 -53.32 -27.82
N ASP A 305 62.66 -53.71 -27.94
CA ASP A 305 61.66 -52.94 -28.67
C ASP A 305 60.67 -52.34 -27.67
N CYS A 306 60.13 -51.18 -28.03
CA CYS A 306 59.18 -50.48 -27.17
C CYS A 306 57.83 -51.18 -27.10
N LEU A 307 57.43 -51.87 -28.16
CA LEU A 307 56.15 -52.55 -28.21
C LEU A 307 56.24 -54.01 -27.80
N ALA A 308 57.18 -54.37 -26.94
CA ALA A 308 57.23 -55.71 -26.39
C ALA A 308 56.02 -55.96 -25.51
N ASN A 309 55.42 -57.13 -25.67
CA ASN A 309 54.13 -57.42 -25.06
C ASN A 309 54.25 -58.61 -24.11
N PRO A 310 54.30 -58.40 -22.78
CA PRO A 310 54.46 -57.10 -22.14
C PRO A 310 55.93 -56.73 -22.02
N ALA A 311 56.25 -55.44 -22.21
CA ALA A 311 57.62 -55.01 -22.00
C ALA A 311 57.91 -54.91 -20.52
N VAL A 312 59.20 -54.88 -20.18
CA VAL A 312 59.66 -54.83 -18.80
C VAL A 312 60.49 -53.56 -18.62
N PRO A 313 60.23 -52.78 -17.58
CA PRO A 313 61.09 -51.62 -17.31
C PRO A 313 62.43 -52.06 -16.75
N TRP A 314 63.45 -51.25 -17.01
CA TRP A 314 64.77 -51.47 -16.43
C TRP A 314 64.93 -50.53 -15.25
N GLY A 315 65.05 -51.11 -14.05
CA GLY A 315 64.88 -50.37 -12.82
C GLY A 315 66.04 -49.53 -12.36
N GLN A 316 66.72 -48.87 -13.28
CA GLN A 316 67.69 -47.85 -12.93
C GLN A 316 67.17 -46.45 -13.19
N GLY A 317 66.04 -46.31 -13.89
CA GLY A 317 65.47 -45.00 -14.13
C GLY A 317 64.88 -44.36 -12.90
N VAL A 318 64.59 -45.17 -11.87
CA VAL A 318 64.15 -44.63 -10.59
C VAL A 318 65.26 -43.81 -9.95
N GLU A 319 66.50 -44.28 -10.07
CA GLU A 319 67.63 -43.53 -9.54
C GLU A 319 67.98 -42.34 -10.43
N ILE A 320 67.58 -42.38 -11.71
CA ILE A 320 67.85 -41.27 -12.61
C ILE A 320 66.99 -40.07 -12.25
N GLU A 321 65.68 -40.27 -12.16
CA GLU A 321 64.76 -39.17 -11.89
C GLU A 321 64.88 -38.65 -10.46
N ARG A 322 65.34 -39.49 -9.54
CA ARG A 322 65.39 -39.07 -8.14
C ARG A 322 66.48 -38.03 -7.93
N ALA A 323 67.61 -38.19 -8.62
CA ALA A 323 68.62 -37.14 -8.62
C ALA A 323 68.14 -35.93 -9.40
N LEU A 324 67.32 -36.16 -10.43
CA LEU A 324 66.74 -35.07 -11.20
C LEU A 324 65.77 -34.24 -10.36
N LYS A 325 65.00 -34.90 -9.49
CA LYS A 325 64.06 -34.19 -8.63
C LYS A 325 64.77 -33.39 -7.53
N GLN A 326 66.03 -33.70 -7.24
CA GLN A 326 66.76 -33.07 -6.16
C GLN A 326 67.76 -32.04 -6.63
N VAL A 327 67.62 -31.54 -7.86
CA VAL A 327 68.53 -30.52 -8.37
C VAL A 327 68.18 -29.17 -7.73
N GLN A 328 69.19 -28.49 -7.21
CA GLN A 328 69.03 -27.16 -6.60
C GLN A 328 70.14 -26.27 -7.16
N VAL A 329 69.87 -25.62 -8.29
CA VAL A 329 70.83 -24.77 -8.97
C VAL A 329 70.15 -23.44 -9.31
N GLU A 330 70.89 -22.60 -10.01
CA GLU A 330 70.39 -21.31 -10.46
C GLU A 330 70.53 -21.20 -11.97
N GLY A 331 69.51 -20.63 -12.60
CA GLY A 331 69.52 -20.47 -14.04
C GLY A 331 69.12 -19.06 -14.44
N LEU A 332 68.68 -18.91 -15.68
CA LEU A 332 68.28 -17.58 -16.16
C LEU A 332 66.96 -17.16 -15.56
N SER A 333 66.07 -18.12 -15.30
CA SER A 333 64.76 -17.80 -14.75
C SER A 333 64.84 -17.45 -13.27
N GLY A 334 65.74 -18.07 -12.53
CA GLY A 334 65.85 -17.84 -11.11
C GLY A 334 66.22 -19.09 -10.34
N ASN A 335 65.65 -19.27 -9.16
CA ASN A 335 65.94 -20.47 -8.39
C ASN A 335 65.14 -21.64 -8.96
N ILE A 336 65.76 -22.81 -8.99
CA ILE A 336 65.17 -24.01 -9.55
C ILE A 336 65.06 -25.04 -8.45
N LYS A 337 63.83 -25.28 -7.99
CA LYS A 337 63.58 -26.28 -6.96
C LYS A 337 62.41 -27.14 -7.41
N PHE A 338 62.53 -28.44 -7.20
CA PHE A 338 61.57 -29.39 -7.75
C PHE A 338 60.84 -30.14 -6.66
N ASP A 339 59.55 -30.37 -6.89
CA ASP A 339 58.74 -31.25 -6.07
C ASP A 339 59.02 -32.70 -6.46
N GLN A 340 58.62 -33.64 -5.59
CA GLN A 340 58.69 -35.05 -5.94
C GLN A 340 57.70 -35.43 -7.03
N ASN A 341 56.66 -34.63 -7.27
CA ASN A 341 55.89 -34.78 -8.49
C ASN A 341 56.68 -34.37 -9.72
N GLY A 342 57.57 -33.40 -9.58
CA GLY A 342 58.31 -32.86 -10.71
C GLY A 342 57.91 -31.45 -11.09
N LYS A 343 56.90 -30.88 -10.44
CA LYS A 343 56.55 -29.50 -10.70
C LYS A 343 57.56 -28.55 -10.06
N ARG A 344 57.87 -27.47 -10.77
CA ARG A 344 58.87 -26.53 -10.30
C ARG A 344 58.31 -25.69 -9.16
N ILE A 345 58.98 -25.76 -8.00
CA ILE A 345 58.52 -25.07 -6.81
C ILE A 345 59.56 -24.02 -6.42
N ASN A 346 59.13 -23.10 -5.55
CA ASN A 346 59.95 -22.03 -4.97
C ASN A 346 60.58 -21.17 -6.05
N TYR A 347 59.73 -20.48 -6.78
CA TYR A 347 60.13 -19.66 -7.91
C TYR A 347 59.59 -18.26 -7.74
N THR A 348 59.98 -17.38 -8.67
CA THR A 348 59.67 -15.97 -8.56
C THR A 348 59.35 -15.42 -9.94
N ILE A 349 58.23 -14.72 -10.08
CA ILE A 349 57.81 -14.13 -11.34
C ILE A 349 57.87 -12.61 -11.19
N ASN A 350 58.36 -11.94 -12.22
CA ASN A 350 58.48 -10.49 -12.21
C ASN A 350 57.30 -9.90 -12.95
N ILE A 351 56.34 -9.38 -12.20
CA ILE A 351 55.19 -8.71 -12.78
C ILE A 351 55.64 -7.43 -13.46
N MET A 352 55.29 -7.26 -14.72
CA MET A 352 55.73 -6.08 -15.44
C MET A 352 54.55 -5.24 -15.87
N GLU A 353 54.89 -4.10 -16.47
CA GLU A 353 53.92 -3.09 -16.86
C GLU A 353 54.59 -2.17 -17.87
N LEU A 354 53.83 -1.80 -18.90
CA LEU A 354 54.34 -0.92 -19.95
C LEU A 354 53.98 0.52 -19.63
N LYS A 355 54.97 1.39 -19.67
CA LYS A 355 54.79 2.84 -19.62
C LYS A 355 55.34 3.47 -20.88
N THR A 356 55.28 4.81 -20.93
CA THR A 356 55.74 5.53 -22.12
C THR A 356 57.25 5.46 -22.28
N ASN A 357 57.99 5.20 -21.20
CA ASN A 357 59.42 4.94 -21.36
C ASN A 357 59.68 3.53 -21.86
N GLY A 358 58.83 2.57 -21.47
CA GLY A 358 59.00 1.20 -21.87
C GLY A 358 58.60 0.24 -20.77
N PRO A 359 59.00 -1.02 -20.90
CA PRO A 359 58.64 -2.00 -19.88
C PRO A 359 59.46 -1.84 -18.61
N ARG A 360 58.83 -2.15 -17.48
CA ARG A 360 59.43 -1.94 -16.17
C ARG A 360 58.87 -2.96 -15.20
N LYS A 361 59.61 -3.18 -14.11
CA LYS A 361 59.20 -4.09 -13.05
C LYS A 361 58.36 -3.32 -12.03
N ILE A 362 57.29 -3.94 -11.54
CA ILE A 362 56.42 -3.29 -10.55
C ILE A 362 56.19 -4.21 -9.36
N GLY A 363 57.02 -5.21 -9.18
CA GLY A 363 56.85 -6.11 -8.05
C GLY A 363 57.29 -7.51 -8.42
N TYR A 364 56.96 -8.45 -7.53
CA TYR A 364 57.43 -9.83 -7.67
C TYR A 364 56.43 -10.79 -7.03
N TRP A 365 56.24 -11.94 -7.67
CA TRP A 365 55.29 -12.93 -7.19
C TRP A 365 56.04 -14.10 -6.59
N SER A 366 55.42 -14.77 -5.62
CA SER A 366 55.97 -16.00 -5.10
C SER A 366 54.81 -16.86 -4.62
N GLU A 367 55.15 -18.10 -4.22
CA GLU A 367 54.12 -19.03 -3.78
C GLU A 367 53.70 -18.76 -2.34
N VAL A 368 54.64 -18.90 -1.40
CA VAL A 368 54.30 -18.72 0.01
C VAL A 368 54.20 -17.25 0.36
N ASP A 369 54.67 -16.39 -0.52
CA ASP A 369 54.83 -14.97 -0.28
C ASP A 369 53.85 -14.12 -1.08
N LYS A 370 52.56 -14.48 -1.07
CA LYS A 370 51.58 -14.48 -2.17
C LYS A 370 51.80 -13.35 -3.17
N MET A 371 51.72 -12.08 -2.76
CA MET A 371 51.83 -10.98 -3.71
C MET A 371 52.41 -9.76 -3.02
N VAL A 372 53.65 -9.40 -3.39
CA VAL A 372 54.38 -8.29 -2.81
C VAL A 372 54.89 -7.42 -3.95
N LEU A 373 54.87 -6.11 -3.76
CA LEU A 373 55.45 -5.18 -4.72
C LEU A 373 56.88 -4.85 -4.30
N THR A 374 57.58 -4.17 -5.21
CA THR A 374 58.78 -3.43 -4.86
C THR A 374 58.37 -2.03 -4.41
N GLU A 375 59.36 -1.20 -4.08
CA GLU A 375 59.04 0.15 -3.63
C GLU A 375 58.43 1.00 -4.74
N ASP A 376 59.25 1.43 -5.71
CA ASP A 376 59.01 1.64 -7.15
C ASP A 376 60.25 2.26 -7.79
N ASP A 377 60.22 2.40 -9.11
CA ASP A 377 61.07 3.37 -9.76
C ASP A 377 60.60 4.78 -9.38
N THR A 378 61.53 5.72 -9.34
CA THR A 378 61.22 7.07 -8.89
C THR A 378 61.31 8.12 -10.00
N SER A 379 62.42 8.15 -10.73
CA SER A 379 62.58 9.15 -11.78
C SER A 379 61.70 8.85 -12.98
N GLY A 380 61.47 7.57 -13.26
CA GLY A 380 60.51 7.21 -14.28
C GLY A 380 59.08 7.53 -13.89
N LEU A 381 58.82 7.57 -12.59
CA LEU A 381 57.51 7.97 -12.08
C LEU A 381 57.42 9.49 -12.14
N GLU A 382 56.81 10.00 -13.20
CA GLU A 382 56.51 11.42 -13.33
C GLU A 382 55.01 11.59 -13.19
N GLN A 383 54.60 12.65 -12.48
CA GLN A 383 53.19 12.86 -12.22
C GLN A 383 52.46 13.25 -13.49
N LYS A 384 51.68 12.32 -14.03
CA LYS A 384 50.95 12.55 -15.27
C LYS A 384 49.76 13.47 -15.00
N THR A 385 49.43 14.26 -16.02
CA THR A 385 48.28 15.17 -15.97
C THR A 385 47.00 14.36 -15.86
N VAL A 386 46.35 14.41 -14.70
CA VAL A 386 45.12 13.68 -14.50
C VAL A 386 43.99 14.33 -15.29
N VAL A 387 43.06 13.51 -15.76
CA VAL A 387 41.95 13.99 -16.57
C VAL A 387 40.78 14.28 -15.63
N VAL A 388 40.35 15.53 -15.62
CA VAL A 388 39.21 15.95 -14.81
C VAL A 388 38.08 16.33 -15.75
N THR A 389 36.94 15.67 -15.59
CA THR A 389 35.77 15.97 -16.41
C THR A 389 34.90 17.00 -15.71
N THR A 390 34.29 17.88 -16.51
CA THR A 390 33.44 18.95 -16.02
C THR A 390 32.26 19.13 -16.97
N ILE A 391 31.24 19.83 -16.49
CA ILE A 391 30.10 20.21 -17.30
C ILE A 391 29.92 21.71 -17.18
N LEU A 392 29.51 22.35 -18.28
CA LEU A 392 29.30 23.79 -18.32
C LEU A 392 28.12 24.15 -17.43
N GLU A 393 28.41 24.72 -16.27
CA GLU A 393 27.35 25.02 -15.32
C GLU A 393 27.75 26.19 -14.45
N SER A 394 26.99 27.26 -14.55
CA SER A 394 27.19 28.44 -13.74
C SER A 394 26.83 28.14 -12.28
N PRO A 395 27.60 28.65 -11.32
CA PRO A 395 28.87 29.37 -11.50
C PRO A 395 30.06 28.46 -11.30
N TYR A 396 29.83 27.15 -11.35
CA TYR A 396 30.91 26.20 -11.10
C TYR A 396 31.86 26.14 -12.27
N VAL A 397 31.32 26.12 -13.50
CA VAL A 397 32.11 26.22 -14.72
C VAL A 397 31.50 27.33 -15.57
N MET A 398 32.31 28.32 -15.91
CA MET A 398 31.84 29.49 -16.64
C MET A 398 32.52 29.55 -18.00
N MET A 399 32.03 30.44 -18.84
CA MET A 399 32.69 30.77 -20.09
C MET A 399 33.80 31.78 -19.84
N LYS A 400 34.29 32.40 -20.91
CA LYS A 400 35.41 33.32 -20.80
C LYS A 400 35.30 34.36 -21.90
N LYS A 401 35.73 35.58 -21.57
CA LYS A 401 35.82 36.66 -22.56
C LYS A 401 36.82 36.32 -23.67
N ASN A 402 37.90 35.62 -23.34
CA ASN A 402 38.81 35.05 -24.34
C ASN A 402 38.44 33.58 -24.54
N HIS A 403 37.33 33.37 -25.23
CA HIS A 403 36.85 32.01 -25.45
C HIS A 403 37.69 31.28 -26.50
N GLU A 404 38.23 32.01 -27.47
CA GLU A 404 39.04 31.40 -28.52
C GLU A 404 40.51 31.75 -28.43
N MET A 405 40.86 32.97 -28.01
CA MET A 405 42.24 33.40 -28.03
C MET A 405 43.06 32.78 -26.91
N LEU A 406 42.42 32.31 -25.86
CA LEU A 406 43.09 31.76 -24.69
C LEU A 406 43.17 30.25 -24.80
N GLU A 407 44.21 29.67 -24.19
CA GLU A 407 44.49 28.25 -24.30
C GLU A 407 44.72 27.63 -22.94
N GLY A 408 44.44 26.32 -22.84
CA GLY A 408 44.78 25.52 -21.68
C GLY A 408 43.66 25.38 -20.66
N ASN A 409 44.04 25.20 -19.39
CA ASN A 409 43.05 25.16 -18.32
C ASN A 409 42.44 26.52 -18.03
N GLU A 410 43.07 27.59 -18.51
CA GLU A 410 42.60 28.96 -18.27
C GLU A 410 41.42 29.31 -19.17
N ARG A 411 41.07 28.45 -20.12
CA ARG A 411 40.01 28.72 -21.09
C ARG A 411 38.63 28.89 -20.47
N TYR A 412 38.44 28.45 -19.23
CA TYR A 412 37.17 28.61 -18.55
C TYR A 412 37.40 29.16 -17.14
N GLU A 413 36.31 29.22 -16.39
CA GLU A 413 36.26 30.00 -15.16
C GLU A 413 35.24 29.34 -14.24
N GLY A 414 35.38 29.56 -12.95
CA GLY A 414 34.29 29.22 -12.05
C GLY A 414 34.78 28.79 -10.70
N TYR A 415 33.81 28.32 -9.90
CA TYR A 415 34.09 27.83 -8.56
C TYR A 415 34.98 26.61 -8.59
N CYS A 416 34.54 25.56 -9.30
CA CYS A 416 35.29 24.31 -9.35
C CYS A 416 36.60 24.44 -10.11
N VAL A 417 36.67 25.38 -11.07
CA VAL A 417 37.92 25.63 -11.80
C VAL A 417 39.00 26.11 -10.85
N ASP A 418 38.66 27.07 -9.99
CA ASP A 418 39.62 27.54 -9.00
C ASP A 418 39.79 26.52 -7.88
N LEU A 419 38.73 25.77 -7.58
CA LEU A 419 38.83 24.73 -6.56
C LEU A 419 39.71 23.57 -7.03
N ALA A 420 39.78 23.36 -8.34
CA ALA A 420 40.71 22.37 -8.89
C ALA A 420 42.15 22.77 -8.61
N ALA A 421 42.46 24.07 -8.70
CA ALA A 421 43.79 24.54 -8.34
C ALA A 421 44.02 24.44 -6.84
N GLU A 422 42.96 24.58 -6.03
CA GLU A 422 43.08 24.43 -4.59
C GLU A 422 43.42 23.00 -4.22
N ILE A 423 42.91 22.03 -4.96
CA ILE A 423 43.31 20.65 -4.74
C ILE A 423 44.70 20.40 -5.33
N ALA A 424 44.98 21.00 -6.49
CA ALA A 424 46.27 20.80 -7.15
C ALA A 424 47.41 21.43 -6.37
N LYS A 425 47.13 22.50 -5.63
CA LYS A 425 48.16 23.06 -4.76
C LYS A 425 48.41 22.16 -3.56
N HIS A 426 47.33 21.69 -2.92
CA HIS A 426 47.48 20.92 -1.69
C HIS A 426 47.97 19.50 -1.97
N CYS A 427 47.39 18.85 -2.97
CA CYS A 427 47.76 17.47 -3.25
C CYS A 427 49.00 17.36 -4.13
N GLY A 428 49.35 18.40 -4.86
CA GLY A 428 50.60 18.47 -5.57
C GLY A 428 50.66 17.74 -6.89
N PHE A 429 49.66 17.87 -7.73
CA PHE A 429 49.60 17.16 -9.00
C PHE A 429 49.39 18.14 -10.15
N LYS A 430 49.35 17.59 -11.36
CA LYS A 430 49.03 18.33 -12.56
C LYS A 430 47.73 17.78 -13.12
N TYR A 431 46.89 18.67 -13.65
CA TYR A 431 45.58 18.29 -14.13
C TYR A 431 45.31 18.88 -15.50
N LYS A 432 44.56 18.12 -16.30
CA LYS A 432 44.03 18.59 -17.57
C LYS A 432 42.51 18.56 -17.49
N LEU A 433 41.87 19.68 -17.79
CA LEU A 433 40.43 19.78 -17.68
C LEU A 433 39.75 19.37 -18.98
N THR A 434 38.70 18.59 -18.85
CA THR A 434 37.92 18.13 -19.99
C THR A 434 36.45 18.43 -19.76
N ILE A 435 35.69 18.38 -20.85
CA ILE A 435 34.25 18.58 -20.83
C ILE A 435 33.60 17.23 -21.08
N VAL A 436 32.48 16.98 -20.39
CA VAL A 436 31.69 15.79 -20.67
C VAL A 436 31.16 15.85 -22.10
N GLY A 437 31.33 14.74 -22.83
CA GLY A 437 30.90 14.70 -24.22
C GLY A 437 29.41 14.65 -24.39
N ASP A 438 28.67 14.24 -23.36
CA ASP A 438 27.22 14.14 -23.46
C ASP A 438 26.55 15.49 -23.26
N GLY A 439 26.85 16.15 -22.15
CA GLY A 439 26.10 17.30 -21.72
C GLY A 439 25.10 17.01 -20.63
N LYS A 440 25.29 15.94 -19.86
CA LYS A 440 24.37 15.53 -18.81
C LYS A 440 25.15 14.89 -17.68
N TYR A 441 24.53 14.87 -16.50
CA TYR A 441 25.23 14.38 -15.31
C TYR A 441 25.32 12.87 -15.28
N GLY A 442 24.18 12.18 -15.20
CA GLY A 442 24.21 10.74 -15.18
C GLY A 442 22.85 10.08 -15.18
N ALA A 443 22.65 9.14 -16.11
CA ALA A 443 21.43 8.35 -16.18
C ALA A 443 21.76 6.91 -15.85
N ARG A 444 20.73 6.09 -15.62
CA ARG A 444 20.92 4.66 -15.41
C ARG A 444 19.62 3.97 -15.77
N ASP A 445 19.57 3.39 -16.97
CA ASP A 445 18.32 2.95 -17.57
C ASP A 445 17.96 1.54 -17.13
N ALA A 446 16.71 1.16 -17.40
CA ALA A 446 16.26 -0.22 -17.26
C ALA A 446 16.78 -1.03 -18.44
N ASP A 447 18.07 -1.33 -18.41
CA ASP A 447 18.87 -1.62 -19.58
C ASP A 447 20.19 -2.16 -19.03
N THR A 448 21.23 -2.15 -19.85
CA THR A 448 22.61 -2.44 -19.50
C THR A 448 23.25 -1.44 -18.47
N LYS A 449 22.48 -0.50 -17.91
CA LYS A 449 22.84 0.49 -16.88
C LYS A 449 24.16 1.21 -17.15
N ILE A 450 24.44 1.47 -18.43
CA ILE A 450 25.55 2.33 -18.81
C ILE A 450 25.19 3.75 -18.43
N TRP A 451 26.07 4.42 -17.69
CA TRP A 451 25.74 5.74 -17.18
C TRP A 451 25.96 6.80 -18.25
N ASN A 452 24.89 7.14 -18.96
CA ASN A 452 24.93 8.18 -19.97
C ASN A 452 25.08 9.52 -19.25
N GLY A 453 26.29 10.03 -19.24
CA GLY A 453 26.59 11.25 -18.52
C GLY A 453 28.00 11.20 -17.96
N MET A 454 28.24 12.06 -16.97
CA MET A 454 29.57 12.21 -16.41
C MET A 454 30.02 11.00 -15.60
N VAL A 455 29.07 10.21 -15.11
CA VAL A 455 29.42 9.05 -14.29
C VAL A 455 30.08 7.98 -15.16
N GLY A 456 29.48 7.66 -16.30
CA GLY A 456 30.06 6.70 -17.21
C GLY A 456 31.37 7.15 -17.82
N GLU A 457 31.58 8.46 -17.93
CA GLU A 457 32.90 8.98 -18.26
C GLU A 457 33.91 8.65 -17.16
N LEU A 458 33.44 8.64 -15.90
CA LEU A 458 34.30 8.37 -14.76
C LEU A 458 34.34 6.90 -14.40
N VAL A 459 33.28 6.14 -14.73
CA VAL A 459 33.30 4.70 -14.49
C VAL A 459 34.23 4.02 -15.48
N TYR A 460 34.11 4.37 -16.76
CA TYR A 460 34.81 3.65 -17.82
C TYR A 460 36.24 4.13 -18.05
N GLY A 461 36.83 4.83 -17.10
CA GLY A 461 38.24 5.15 -17.13
C GLY A 461 38.63 6.28 -18.06
N LYS A 462 37.68 6.99 -18.66
CA LYS A 462 38.05 8.12 -19.49
C LYS A 462 38.51 9.30 -18.65
N ALA A 463 37.83 9.57 -17.55
CA ALA A 463 38.27 10.55 -16.58
C ALA A 463 39.04 9.85 -15.46
N ASP A 464 39.63 10.66 -14.59
CA ASP A 464 40.35 10.13 -13.42
C ASP A 464 39.76 10.63 -12.11
N ILE A 465 39.51 11.93 -11.99
CA ILE A 465 38.82 12.51 -10.84
C ILE A 465 37.80 13.50 -11.37
N ALA A 466 36.53 13.29 -11.02
CA ALA A 466 35.44 14.13 -11.51
C ALA A 466 35.18 15.23 -10.49
N ILE A 467 35.14 16.47 -10.96
CA ILE A 467 34.81 17.63 -10.14
C ILE A 467 33.56 18.23 -10.75
N ALA A 468 32.45 18.18 -10.03
CA ALA A 468 31.17 18.61 -10.57
C ALA A 468 30.20 18.86 -9.41
N PRO A 469 29.20 19.71 -9.60
CA PRO A 469 28.08 19.74 -8.64
C PRO A 469 27.23 18.50 -8.77
N LEU A 470 27.70 17.39 -8.19
CA LEU A 470 27.10 16.08 -8.40
C LEU A 470 26.50 15.56 -7.11
N THR A 471 25.28 15.03 -7.20
CA THR A 471 24.52 14.64 -6.03
C THR A 471 25.04 13.34 -5.45
N ILE A 472 25.33 13.34 -4.16
CA ILE A 472 25.73 12.14 -3.43
C ILE A 472 24.47 11.33 -3.13
N THR A 473 24.30 10.22 -3.84
CA THR A 473 23.18 9.32 -3.62
C THR A 473 23.70 7.90 -3.49
N LEU A 474 22.81 7.02 -3.02
CA LEU A 474 23.19 5.63 -2.77
C LEU A 474 23.43 4.86 -4.06
N VAL A 475 22.70 5.21 -5.13
CA VAL A 475 22.87 4.54 -6.40
C VAL A 475 24.23 4.88 -7.01
N ARG A 476 24.66 6.13 -6.87
CA ARG A 476 26.02 6.47 -7.25
C ARG A 476 27.04 5.95 -6.26
N GLU A 477 26.65 5.72 -5.00
CA GLU A 477 27.61 5.32 -3.96
C GLU A 477 28.15 3.92 -4.21
N GLU A 478 27.32 3.02 -4.70
CA GLU A 478 27.75 1.65 -4.92
C GLU A 478 28.66 1.49 -6.12
N VAL A 479 28.74 2.49 -7.00
CA VAL A 479 29.46 2.33 -8.25
C VAL A 479 30.69 3.23 -8.36
N ILE A 480 30.73 4.36 -7.67
CA ILE A 480 31.92 5.20 -7.58
C ILE A 480 32.12 5.61 -6.13
N ASP A 481 33.17 6.37 -5.86
CA ASP A 481 33.51 6.79 -4.51
C ASP A 481 33.36 8.29 -4.38
N PHE A 482 32.99 8.73 -3.17
CA PHE A 482 32.74 10.13 -2.88
C PHE A 482 33.62 10.61 -1.74
N SER A 483 33.88 11.91 -1.74
CA SER A 483 34.56 12.56 -0.63
C SER A 483 33.50 13.05 0.37
N LYS A 484 33.91 13.85 1.34
CA LYS A 484 32.96 14.45 2.26
C LYS A 484 32.19 15.56 1.54
N PRO A 485 30.93 15.78 1.92
CA PRO A 485 30.14 16.86 1.31
C PRO A 485 30.70 18.23 1.69
N PHE A 486 31.01 19.03 0.67
CA PHE A 486 31.58 20.36 0.87
C PHE A 486 30.53 21.46 0.79
N MET A 487 29.30 21.13 0.44
CA MET A 487 28.27 22.16 0.27
C MET A 487 26.91 21.56 0.58
N SER A 488 26.11 22.31 1.32
CA SER A 488 24.76 21.92 1.69
C SER A 488 23.76 22.47 0.67
N LEU A 489 22.70 21.71 0.45
CA LEU A 489 21.82 21.94 -0.69
C LEU A 489 20.52 21.19 -0.51
N GLY A 490 19.56 21.50 -1.38
CA GLY A 490 18.29 20.80 -1.38
C GLY A 490 17.54 21.08 -2.66
N ILE A 491 16.48 20.29 -2.87
CA ILE A 491 15.60 20.53 -4.01
C ILE A 491 14.78 21.79 -3.75
N SER A 492 14.74 22.67 -4.74
CA SER A 492 14.03 23.94 -4.62
C SER A 492 13.26 24.23 -5.89
N ILE A 493 12.36 25.21 -5.82
CA ILE A 493 11.43 25.50 -6.91
C ILE A 493 11.80 26.83 -7.54
N MET A 494 11.87 26.85 -8.87
CA MET A 494 11.99 28.10 -9.61
C MET A 494 10.74 28.31 -10.43
N ILE A 495 10.13 29.49 -10.30
CA ILE A 495 8.94 29.86 -11.04
C ILE A 495 9.17 31.21 -11.69
N LYS A 496 8.24 31.59 -12.56
CA LYS A 496 8.13 32.97 -12.99
C LYS A 496 7.76 33.83 -11.79
N LYS A 497 8.52 34.89 -11.55
CA LYS A 497 8.23 35.76 -10.43
C LYS A 497 6.96 36.55 -10.71
N PRO A 498 5.96 36.50 -9.83
CA PRO A 498 4.75 37.28 -10.07
C PRO A 498 5.02 38.77 -9.90
N GLN A 499 5.11 39.46 -11.03
CA GLN A 499 5.50 40.86 -11.04
C GLN A 499 4.28 41.75 -10.92
N LYS A 500 4.54 43.06 -10.89
CA LYS A 500 3.48 44.06 -10.97
C LYS A 500 2.79 43.94 -12.31
N SER A 501 1.54 43.47 -12.31
CA SER A 501 0.76 43.37 -13.52
C SER A 501 0.36 44.78 -13.97
N LYS A 502 0.13 44.92 -15.26
CA LYS A 502 -0.16 46.24 -15.83
C LYS A 502 -1.58 46.66 -15.48
N PRO A 503 -1.77 47.78 -14.79
CA PRO A 503 -3.14 48.27 -14.58
C PRO A 503 -3.62 49.04 -15.79
N GLY A 504 -4.86 49.53 -15.74
CA GLY A 504 -5.41 50.34 -16.82
C GLY A 504 -5.47 51.80 -16.42
N VAL A 505 -5.33 52.68 -17.42
CA VAL A 505 -5.50 54.10 -17.17
C VAL A 505 -6.98 54.46 -16.98
N PHE A 506 -7.89 53.56 -17.33
CA PHE A 506 -9.29 53.71 -16.96
C PHE A 506 -9.76 52.42 -16.32
N SER A 507 -8.96 51.89 -15.39
CA SER A 507 -9.28 50.63 -14.75
C SER A 507 -10.31 50.78 -13.64
N PHE A 508 -10.65 52.01 -13.25
CA PHE A 508 -11.59 52.22 -12.17
C PHE A 508 -13.00 51.80 -12.54
N LEU A 509 -13.38 51.95 -13.80
CA LEU A 509 -14.72 51.60 -14.24
C LEU A 509 -14.83 50.15 -14.72
N ASP A 510 -13.80 49.34 -14.50
CA ASP A 510 -13.86 47.94 -14.90
C ASP A 510 -14.96 47.08 -14.26
N PRO A 511 -15.40 47.27 -13.01
CA PRO A 511 -16.53 46.44 -12.54
C PRO A 511 -17.85 46.74 -13.24
N LEU A 512 -17.95 47.86 -13.94
CA LEU A 512 -19.06 48.05 -14.86
C LEU A 512 -18.61 47.77 -16.28
N ALA A 513 -19.57 47.55 -17.16
CA ALA A 513 -19.27 47.36 -18.57
C ALA A 513 -19.43 48.67 -19.31
N TYR A 514 -18.74 48.77 -20.45
CA TYR A 514 -18.85 49.98 -21.26
C TYR A 514 -20.22 50.08 -21.93
N GLU A 515 -20.94 48.97 -22.04
CA GLU A 515 -22.34 49.03 -22.44
C GLU A 515 -23.19 49.74 -21.41
N ILE A 516 -22.85 49.57 -20.12
CA ILE A 516 -23.63 50.20 -19.06
C ILE A 516 -23.39 51.71 -19.06
N TRP A 517 -22.11 52.12 -19.10
CA TRP A 517 -21.76 53.54 -19.14
C TRP A 517 -22.32 54.23 -20.37
N MET A 518 -22.43 53.50 -21.49
CA MET A 518 -23.08 54.04 -22.68
C MET A 518 -24.55 54.29 -22.42
N CYS A 519 -25.20 53.42 -21.64
CA CYS A 519 -26.60 53.63 -21.33
C CYS A 519 -26.80 54.69 -20.26
N ILE A 520 -25.85 54.82 -19.34
CA ILE A 520 -25.93 55.86 -18.31
C ILE A 520 -25.87 57.24 -18.93
N VAL A 521 -24.98 57.42 -19.90
CA VAL A 521 -24.89 58.66 -20.65
C VAL A 521 -26.19 58.95 -21.39
N PHE A 522 -26.74 57.94 -22.05
CA PHE A 522 -27.93 58.15 -22.86
C PHE A 522 -29.16 58.37 -21.99
N ALA A 523 -29.21 57.74 -20.81
CA ALA A 523 -30.28 58.03 -19.87
C ALA A 523 -30.14 59.42 -19.29
N TYR A 524 -28.90 59.89 -19.12
CA TYR A 524 -28.67 61.24 -18.63
C TYR A 524 -29.14 62.29 -19.63
N ILE A 525 -29.15 61.96 -20.91
CA ILE A 525 -29.62 62.90 -21.92
C ILE A 525 -31.12 63.10 -21.80
N GLY A 526 -31.88 62.01 -21.97
CA GLY A 526 -33.31 62.12 -22.17
C GLY A 526 -34.08 62.60 -20.95
N VAL A 527 -33.60 62.25 -19.74
CA VAL A 527 -34.28 62.64 -18.52
C VAL A 527 -34.28 64.16 -18.36
N SER A 528 -33.16 64.79 -18.70
CA SER A 528 -33.13 66.25 -18.73
C SER A 528 -34.03 66.81 -19.81
N VAL A 529 -34.14 66.11 -20.95
CA VAL A 529 -34.99 66.56 -22.04
C VAL A 529 -36.46 66.41 -21.67
N VAL A 530 -36.81 65.28 -21.04
CA VAL A 530 -38.20 65.04 -20.64
C VAL A 530 -38.63 66.04 -19.58
N LEU A 531 -37.76 66.30 -18.60
CA LEU A 531 -38.08 67.24 -17.54
C LEU A 531 -38.27 68.66 -18.07
N PHE A 532 -37.45 69.04 -19.05
CA PHE A 532 -37.57 70.37 -19.67
C PHE A 532 -38.88 70.53 -20.40
N LEU A 533 -39.30 69.48 -21.13
CA LEU A 533 -40.61 69.47 -21.75
C LEU A 533 -41.72 69.54 -20.71
N VAL A 534 -41.53 68.85 -19.59
CA VAL A 534 -42.48 68.95 -18.48
C VAL A 534 -42.42 70.34 -17.86
N SER A 535 -41.22 70.91 -17.77
CA SER A 535 -41.05 72.20 -17.10
C SER A 535 -41.66 73.33 -17.93
N ARG A 536 -41.17 73.51 -19.16
CA ARG A 536 -41.62 74.64 -19.97
C ARG A 536 -42.89 74.25 -20.72
N PHE A 537 -44.00 74.25 -19.98
CA PHE A 537 -45.34 74.27 -20.55
C PHE A 537 -46.03 75.47 -19.91
N SER A 538 -45.83 76.64 -20.51
CA SER A 538 -46.29 77.88 -19.89
C SER A 538 -47.81 78.09 -19.85
N PRO A 539 -48.64 77.55 -20.78
CA PRO A 539 -50.06 77.65 -20.42
C PRO A 539 -50.46 76.70 -19.30
N ASN A 560 -41.55 78.65 -12.34
CA ASN A 560 -40.78 77.78 -13.22
C ASN A 560 -39.42 78.40 -13.51
N GLU A 561 -38.37 77.72 -13.07
CA GLU A 561 -37.00 78.12 -13.37
C GLU A 561 -36.16 76.97 -13.92
N PHE A 562 -36.78 75.85 -14.27
CA PHE A 562 -36.06 74.71 -14.84
C PHE A 562 -35.91 74.91 -16.35
N GLY A 563 -34.89 75.68 -16.71
CA GLY A 563 -34.50 75.78 -18.09
C GLY A 563 -33.63 74.61 -18.50
N ILE A 564 -33.14 74.68 -19.75
CA ILE A 564 -32.30 73.60 -20.27
C ILE A 564 -30.96 73.56 -19.56
N PHE A 565 -30.47 74.70 -19.09
CA PHE A 565 -29.22 74.69 -18.34
C PHE A 565 -29.47 74.25 -16.91
N ASN A 566 -30.67 74.49 -16.39
CA ASN A 566 -31.00 74.04 -15.05
C ASN A 566 -31.32 72.55 -15.03
N SER A 567 -32.02 72.06 -16.05
CA SER A 567 -32.45 70.66 -16.05
C SER A 567 -31.28 69.72 -16.26
N LEU A 568 -30.24 70.16 -16.96
CA LEU A 568 -29.00 69.38 -17.00
C LEU A 568 -28.30 69.44 -15.65
N TRP A 569 -28.26 70.63 -15.03
CA TRP A 569 -27.52 70.80 -13.79
C TRP A 569 -28.23 70.13 -12.62
N PHE A 570 -29.57 70.16 -12.59
CA PHE A 570 -30.28 69.45 -11.55
C PHE A 570 -30.11 67.94 -11.68
N SER A 571 -30.13 67.44 -12.91
CA SER A 571 -29.94 66.01 -13.13
C SER A 571 -28.50 65.60 -12.85
N LEU A 572 -27.55 66.51 -13.07
CA LEU A 572 -26.16 66.20 -12.76
C LEU A 572 -25.94 66.11 -11.27
N GLY A 573 -26.51 67.05 -10.52
CA GLY A 573 -26.39 67.00 -9.07
C GLY A 573 -27.19 65.87 -8.46
N ALA A 574 -28.26 65.45 -9.13
CA ALA A 574 -29.04 64.30 -8.65
C ALA A 574 -28.24 63.01 -8.78
N PHE A 575 -27.55 62.83 -9.90
CA PHE A 575 -26.85 61.58 -10.14
C PHE A 575 -25.61 61.45 -9.28
N MET A 576 -24.96 62.57 -8.96
CA MET A 576 -23.75 62.50 -8.15
C MET A 576 -24.03 62.41 -6.66
N GLN A 577 -25.31 62.43 -6.26
CA GLN A 577 -25.76 62.42 -4.86
C GLN A 577 -25.19 63.56 -4.03
N GLN A 578 -24.86 64.68 -4.66
CA GLN A 578 -24.28 65.81 -3.93
C GLN A 578 -25.30 66.90 -3.69
N GLY A 579 -26.54 66.51 -3.41
CA GLY A 579 -27.57 67.48 -3.16
C GLY A 579 -28.09 68.09 -4.46
N CYS A 580 -28.91 69.13 -4.28
CA CYS A 580 -29.51 69.82 -5.40
C CYS A 580 -29.55 71.30 -5.07
N ASP A 581 -29.88 72.11 -6.09
CA ASP A 581 -30.03 73.54 -5.85
C ASP A 581 -31.47 73.87 -5.48
N ILE A 582 -32.43 73.46 -6.32
CA ILE A 582 -33.84 73.60 -6.02
C ILE A 582 -34.54 72.28 -6.34
N SER A 583 -35.85 72.27 -6.15
CA SER A 583 -36.67 71.10 -6.37
C SER A 583 -37.79 71.41 -7.36
N PRO A 584 -38.27 70.41 -8.10
CA PRO A 584 -39.46 70.61 -8.94
C PRO A 584 -40.70 70.71 -8.08
N ARG A 585 -41.66 71.51 -8.53
CA ARG A 585 -42.87 71.79 -7.77
C ARG A 585 -44.14 71.29 -8.44
N SER A 586 -44.16 71.15 -9.77
CA SER A 586 -45.28 70.54 -10.46
C SER A 586 -45.25 69.04 -10.23
N LEU A 587 -46.41 68.41 -10.37
CA LEU A 587 -46.51 66.97 -10.08
C LEU A 587 -45.70 66.16 -11.08
N SER A 588 -45.86 66.44 -12.37
CA SER A 588 -45.13 65.70 -13.39
C SER A 588 -43.64 65.98 -13.33
N GLY A 589 -43.24 67.16 -12.86
CA GLY A 589 -41.82 67.41 -12.63
C GLY A 589 -41.26 66.60 -11.48
N ARG A 590 -42.06 66.36 -10.44
CA ARG A 590 -41.58 65.57 -9.32
C ARG A 590 -41.52 64.09 -9.67
N ILE A 591 -42.32 63.65 -10.64
CA ILE A 591 -42.34 62.24 -11.04
C ILE A 591 -41.01 61.84 -11.66
N VAL A 592 -40.53 62.63 -12.62
CA VAL A 592 -39.25 62.33 -13.25
C VAL A 592 -38.10 62.57 -12.28
N GLY A 593 -38.29 63.47 -11.31
CA GLY A 593 -37.33 63.59 -10.24
C GLY A 593 -37.35 62.39 -9.31
N GLY A 594 -38.50 61.72 -9.22
CA GLY A 594 -38.57 60.53 -8.40
C GLY A 594 -37.82 59.36 -9.01
N VAL A 595 -38.15 59.01 -10.26
CA VAL A 595 -37.62 57.80 -10.86
C VAL A 595 -36.13 57.93 -11.19
N TRP A 596 -35.63 59.14 -11.36
CA TRP A 596 -34.20 59.32 -11.58
C TRP A 596 -33.44 59.04 -10.29
N TRP A 597 -34.04 59.33 -9.15
CA TRP A 597 -33.42 59.01 -7.87
C TRP A 597 -33.36 57.51 -7.65
N PHE A 598 -34.45 56.81 -7.94
CA PHE A 598 -34.45 55.35 -7.77
C PHE A 598 -33.60 54.68 -8.83
N PHE A 599 -33.38 55.36 -9.95
CA PHE A 599 -32.39 54.91 -10.93
C PHE A 599 -30.99 54.92 -10.32
N THR A 600 -30.52 56.10 -9.92
CA THR A 600 -29.13 56.25 -9.52
C THR A 600 -28.82 55.59 -8.19
N LEU A 601 -29.84 55.29 -7.39
CA LEU A 601 -29.62 54.63 -6.11
C LEU A 601 -29.13 53.21 -6.31
N ILE A 602 -29.63 52.54 -7.34
CA ILE A 602 -29.17 51.19 -7.65
C ILE A 602 -27.76 51.24 -8.24
N ILE A 603 -27.53 52.15 -9.18
CA ILE A 603 -26.35 52.09 -10.05
C ILE A 603 -25.09 52.37 -9.26
N ILE A 604 -25.15 53.35 -8.35
CA ILE A 604 -24.01 53.66 -7.50
C ILE A 604 -23.71 52.52 -6.56
N SER A 605 -24.75 51.96 -5.94
CA SER A 605 -24.57 50.84 -5.03
C SER A 605 -24.15 49.59 -5.77
N SER A 606 -24.59 49.43 -7.02
CA SER A 606 -24.12 48.31 -7.82
C SER A 606 -22.65 48.48 -8.17
N TYR A 607 -22.22 49.72 -8.40
CA TYR A 607 -20.82 49.98 -8.72
C TYR A 607 -19.94 49.73 -7.52
N THR A 608 -20.43 50.06 -6.32
CA THR A 608 -19.62 49.90 -5.13
C THR A 608 -19.43 48.43 -4.78
N ALA A 609 -20.48 47.63 -4.96
CA ALA A 609 -20.39 46.22 -4.59
C ALA A 609 -19.51 45.44 -5.55
N ASN A 610 -19.65 45.70 -6.85
CA ASN A 610 -18.81 45.01 -7.83
C ASN A 610 -17.37 45.50 -7.77
N LEU A 611 -17.14 46.71 -7.28
CA LEU A 611 -15.77 47.15 -7.01
C LEU A 611 -15.19 46.38 -5.84
N ALA A 612 -16.02 46.06 -4.86
CA ALA A 612 -15.58 45.20 -3.77
C ALA A 612 -15.39 43.77 -4.24
N ALA A 613 -16.05 43.40 -5.33
CA ALA A 613 -15.94 42.02 -5.81
C ALA A 613 -14.55 41.75 -6.37
N PHE A 614 -13.97 42.70 -7.11
CA PHE A 614 -12.60 42.51 -7.62
C PHE A 614 -11.60 42.44 -6.50
N LEU A 615 -11.75 43.27 -5.48
CA LEU A 615 -10.73 43.35 -4.44
C LEU A 615 -10.79 42.16 -3.52
N THR A 616 -11.97 41.57 -3.32
CA THR A 616 -12.06 40.38 -2.49
C THR A 616 -11.64 39.13 -3.25
N VAL A 617 -11.85 39.10 -4.56
CA VAL A 617 -11.33 37.99 -5.37
C VAL A 617 -9.81 38.05 -5.42
N GLU A 618 -9.26 39.27 -5.53
CA GLU A 618 -7.82 39.44 -5.67
C GLU A 618 -7.07 38.99 -4.42
N ARG A 619 -7.62 39.27 -3.24
CA ARG A 619 -6.99 38.81 -2.03
C ARG A 619 -7.25 37.33 -1.77
N MET A 620 -8.27 36.77 -2.41
CA MET A 620 -8.54 35.34 -2.25
C MET A 620 -7.50 34.50 -2.98
N VAL A 621 -6.87 35.08 -4.00
CA VAL A 621 -5.84 34.43 -4.81
C VAL A 621 -4.64 34.04 -3.95
N SER A 622 -4.31 32.76 -3.95
CA SER A 622 -3.22 32.22 -3.15
C SER A 622 -2.04 31.90 -4.05
N PRO A 623 -0.91 32.60 -3.91
CA PRO A 623 0.31 32.19 -4.61
C PRO A 623 0.82 30.87 -4.05
N ILE A 624 0.83 29.84 -4.90
CA ILE A 624 1.15 28.49 -4.44
C ILE A 624 2.64 28.39 -4.13
N GLU A 625 2.96 27.91 -2.94
CA GLU A 625 4.36 27.77 -2.53
C GLU A 625 4.69 26.48 -1.83
N SER A 626 3.73 25.79 -1.19
CA SER A 626 4.03 24.65 -0.34
C SER A 626 4.39 23.40 -1.13
N ALA A 627 4.19 23.42 -2.45
CA ALA A 627 4.45 22.38 -3.45
C ALA A 627 3.48 21.21 -3.35
N GLU A 628 2.66 21.17 -2.31
CA GLU A 628 1.53 20.26 -2.29
C GLU A 628 0.36 20.86 -3.04
N ASP A 629 0.18 22.18 -2.89
CA ASP A 629 -0.78 22.90 -3.71
C ASP A 629 -0.37 22.88 -5.17
N LEU A 630 0.94 22.96 -5.42
CA LEU A 630 1.48 22.76 -6.76
C LEU A 630 1.16 21.37 -7.29
N SER A 631 1.17 20.37 -6.42
CA SER A 631 0.76 19.04 -6.84
C SER A 631 -0.74 18.98 -7.07
N LYS A 632 -1.50 19.84 -6.40
CA LYS A 632 -2.94 19.87 -6.60
C LYS A 632 -3.37 20.83 -7.71
N GLN A 633 -2.44 21.60 -8.27
CA GLN A 633 -2.77 22.54 -9.33
C GLN A 633 -2.30 21.98 -10.66
N THR A 634 -3.24 21.85 -11.60
CA THR A 634 -2.94 21.28 -12.91
C THR A 634 -2.62 22.33 -13.97
N GLU A 635 -2.95 23.61 -13.73
CA GLU A 635 -2.68 24.61 -14.74
C GLU A 635 -1.19 24.92 -14.81
N ILE A 636 -0.54 25.07 -13.67
CA ILE A 636 0.90 25.29 -13.62
C ILE A 636 1.58 23.93 -13.82
N ALA A 637 2.25 23.77 -14.95
CA ALA A 637 3.04 22.57 -15.20
C ALA A 637 4.37 22.68 -14.48
N TYR A 638 5.05 21.54 -14.31
CA TYR A 638 6.31 21.50 -13.59
C TYR A 638 7.15 20.35 -14.11
N GLY A 639 8.43 20.64 -14.36
CA GLY A 639 9.34 19.63 -14.88
C GLY A 639 10.69 19.73 -14.21
N THR A 640 11.53 18.73 -14.48
CA THR A 640 12.86 18.62 -13.90
C THR A 640 13.90 18.42 -14.99
N LEU A 641 15.16 18.57 -14.60
CA LEU A 641 16.27 18.22 -15.48
C LEU A 641 16.36 16.70 -15.60
N ASP A 642 16.50 16.22 -16.83
CA ASP A 642 16.64 14.78 -17.02
C ASP A 642 18.07 14.32 -16.75
N SER A 643 18.21 13.01 -16.56
CA SER A 643 19.50 12.31 -16.44
C SER A 643 20.34 12.85 -15.29
N GLY A 644 19.71 12.99 -14.14
CA GLY A 644 20.39 13.43 -12.94
C GLY A 644 19.87 12.69 -11.73
N SER A 645 19.74 13.42 -10.63
CA SER A 645 19.20 12.87 -9.40
C SER A 645 17.77 13.32 -9.11
N THR A 646 17.40 14.53 -9.51
CA THR A 646 16.05 15.03 -9.26
C THR A 646 15.02 14.22 -10.05
N LYS A 647 15.38 13.81 -11.26
CA LYS A 647 14.55 12.86 -12.02
C LYS A 647 14.47 11.52 -11.29
N GLU A 648 15.53 11.15 -10.57
CA GLU A 648 15.55 9.87 -9.88
C GLU A 648 15.06 9.97 -8.44
N PHE A 649 15.14 11.15 -7.83
CA PHE A 649 14.65 11.32 -6.46
C PHE A 649 13.13 11.19 -6.41
N PHE A 650 12.44 11.54 -7.48
CA PHE A 650 11.01 11.31 -7.54
C PHE A 650 10.66 9.97 -8.16
N ARG A 651 11.62 9.27 -8.76
CA ARG A 651 11.36 7.93 -9.24
C ARG A 651 11.10 6.98 -8.08
N ARG A 652 12.08 6.80 -7.21
CA ARG A 652 11.89 6.08 -5.96
C ARG A 652 11.55 7.09 -4.88
N SER A 653 10.37 6.92 -4.30
CA SER A 653 9.90 7.82 -3.26
C SER A 653 8.98 7.08 -2.30
N LYS A 654 8.48 7.80 -1.32
CA LYS A 654 7.54 7.26 -0.35
C LYS A 654 6.33 8.15 -0.10
N ILE A 655 6.43 9.46 -0.28
CA ILE A 655 5.37 10.36 0.10
C ILE A 655 4.33 10.37 -1.01
N ALA A 656 3.05 10.41 -0.63
CA ALA A 656 1.96 10.40 -1.61
C ALA A 656 1.96 11.67 -2.45
N VAL A 657 2.43 12.80 -1.91
CA VAL A 657 2.56 13.98 -2.74
C VAL A 657 3.73 13.81 -3.70
N PHE A 658 4.78 13.08 -3.30
CA PHE A 658 5.89 12.83 -4.22
C PHE A 658 5.48 11.85 -5.30
N ASP A 659 4.73 10.82 -4.92
CA ASP A 659 4.28 9.81 -5.89
C ASP A 659 3.29 10.41 -6.88
N LYS A 660 2.44 11.33 -6.42
CA LYS A 660 1.50 11.98 -7.31
C LYS A 660 2.21 12.90 -8.28
N MET A 661 3.27 13.57 -7.83
CA MET A 661 4.16 14.28 -8.76
C MET A 661 4.73 13.31 -9.79
N TRP A 662 5.25 12.18 -9.32
CA TRP A 662 5.82 11.19 -10.22
C TRP A 662 4.76 10.54 -11.09
N THR A 663 3.54 10.41 -10.58
CA THR A 663 2.45 9.90 -11.41
C THR A 663 2.04 10.95 -12.44
N TYR A 664 2.12 12.23 -12.05
CA TYR A 664 1.86 13.29 -13.01
C TYR A 664 2.98 13.40 -14.04
N MET A 665 4.24 13.36 -13.58
CA MET A 665 5.37 13.57 -14.48
C MET A 665 5.63 12.37 -15.38
N ARG A 666 5.33 11.15 -14.95
CA ARG A 666 5.40 10.01 -15.85
C ARG A 666 4.33 10.12 -16.93
N SER A 667 3.09 10.40 -16.52
CA SER A 667 1.98 10.57 -17.43
C SER A 667 1.93 11.98 -18.06
N ALA A 668 2.99 12.76 -17.93
CA ALA A 668 3.00 14.10 -18.49
C ALA A 668 3.18 14.05 -20.00
N GLU A 669 2.48 14.96 -20.68
CA GLU A 669 2.65 15.17 -22.10
C GLU A 669 2.42 16.66 -22.39
N PRO A 670 3.32 17.33 -23.12
CA PRO A 670 4.59 16.82 -23.68
C PRO A 670 5.72 16.69 -22.65
N SER A 671 6.95 16.54 -23.15
CA SER A 671 8.11 16.21 -22.32
C SER A 671 8.46 17.31 -21.33
N VAL A 672 8.17 17.09 -20.06
CA VAL A 672 8.55 18.03 -19.00
C VAL A 672 10.02 17.91 -18.63
N PHE A 673 10.71 16.89 -19.13
CA PHE A 673 12.13 16.73 -18.85
C PHE A 673 12.94 17.49 -19.89
N VAL A 674 13.78 18.41 -19.44
CA VAL A 674 14.54 19.29 -20.32
C VAL A 674 15.99 18.85 -20.27
N ARG A 675 16.65 18.86 -21.43
CA ARG A 675 17.99 18.29 -21.56
C ARG A 675 19.04 19.12 -20.82
N THR A 676 18.92 20.44 -20.83
CA THR A 676 19.86 21.30 -20.13
C THR A 676 19.12 22.20 -19.15
N THR A 677 19.89 22.86 -18.29
CA THR A 677 19.28 23.73 -17.28
C THR A 677 18.80 25.03 -17.91
N ALA A 678 19.54 25.54 -18.90
CA ALA A 678 19.24 26.85 -19.47
C ALA A 678 17.96 26.86 -20.26
N GLU A 679 17.69 25.80 -21.04
CA GLU A 679 16.40 25.68 -21.69
C GLU A 679 15.29 25.44 -20.68
N GLY A 680 15.61 24.80 -19.55
CA GLY A 680 14.65 24.70 -18.47
C GLY A 680 14.33 26.05 -17.84
N VAL A 681 15.30 26.95 -17.80
CA VAL A 681 15.02 28.33 -17.43
C VAL A 681 14.20 29.01 -18.52
N ALA A 682 14.50 28.68 -19.79
CA ALA A 682 13.89 29.38 -20.92
C ALA A 682 12.40 29.07 -21.05
N ARG A 683 12.00 27.84 -20.73
CA ARG A 683 10.59 27.49 -20.75
C ARG A 683 9.80 28.26 -19.71
N VAL A 684 10.42 28.57 -18.57
CA VAL A 684 9.72 29.28 -17.50
C VAL A 684 9.45 30.74 -17.89
N ARG A 685 10.45 31.39 -18.51
CA ARG A 685 10.29 32.78 -18.92
C ARG A 685 9.25 32.96 -20.01
N LYS A 686 9.15 31.99 -20.93
CA LYS A 686 8.15 32.09 -21.99
C LYS A 686 6.76 31.77 -21.47
N SER A 687 6.67 31.02 -20.38
CA SER A 687 5.38 30.51 -19.92
C SER A 687 4.57 31.51 -19.13
N LYS A 688 5.22 32.54 -18.56
CA LYS A 688 4.59 33.55 -17.70
C LYS A 688 3.91 32.92 -16.49
N GLY A 689 4.51 31.85 -15.99
CA GLY A 689 3.97 31.13 -14.85
C GLY A 689 3.26 29.84 -15.18
N LYS A 690 3.13 29.46 -16.45
CA LYS A 690 2.49 28.20 -16.80
C LYS A 690 3.37 27.01 -16.48
N TYR A 691 4.68 27.17 -16.49
CA TYR A 691 5.61 26.07 -16.33
C TYR A 691 6.56 26.34 -15.17
N ALA A 692 6.44 25.54 -14.12
CA ALA A 692 7.33 25.61 -12.98
C ALA A 692 8.51 24.68 -13.23
N TYR A 693 9.52 24.80 -12.36
CA TYR A 693 10.75 24.04 -12.56
C TYR A 693 11.35 23.69 -11.20
N LEU A 694 11.95 22.50 -11.13
CA LEU A 694 12.54 21.97 -9.92
C LEU A 694 14.04 21.84 -10.13
N LEU A 695 14.82 22.32 -9.17
CA LEU A 695 16.28 22.24 -9.27
C LEU A 695 16.87 22.36 -7.87
N GLU A 696 18.20 22.36 -7.82
CA GLU A 696 18.92 22.37 -6.57
C GLU A 696 18.85 23.74 -5.92
N SER A 697 19.26 23.79 -4.65
CA SER A 697 19.18 25.02 -3.87
C SER A 697 20.18 26.06 -4.37
N THR A 698 21.40 25.64 -4.66
CA THR A 698 22.45 26.60 -5.04
C THR A 698 22.24 27.09 -6.46
N MET A 699 21.83 26.20 -7.36
CA MET A 699 21.63 26.57 -8.76
C MET A 699 20.44 27.49 -8.93
N ASN A 700 19.39 27.30 -8.14
CA ASN A 700 18.26 28.21 -8.16
C ASN A 700 18.65 29.59 -7.60
N GLU A 701 19.56 29.62 -6.62
CA GLU A 701 19.91 30.89 -6.01
C GLU A 701 20.73 31.76 -6.95
N TYR A 702 21.58 31.14 -7.78
CA TYR A 702 22.47 31.93 -8.63
C TYR A 702 21.71 32.60 -9.77
N ILE A 703 20.61 31.99 -10.22
CA ILE A 703 19.81 32.61 -11.28
C ILE A 703 19.05 33.80 -10.74
N GLU A 704 18.75 33.79 -9.43
CA GLU A 704 18.06 34.91 -8.80
C GLU A 704 18.92 36.17 -8.78
N GLN A 705 20.24 36.02 -8.57
CA GLN A 705 21.11 37.19 -8.49
C GLN A 705 21.51 37.73 -9.85
N ARG A 706 21.22 36.99 -10.92
CA ARG A 706 21.45 37.53 -12.25
C ARG A 706 20.32 38.49 -12.64
N LYS A 707 20.47 39.13 -13.79
CA LYS A 707 19.61 40.28 -14.04
C LYS A 707 18.62 40.16 -15.20
N PRO A 708 17.79 39.11 -15.26
CA PRO A 708 16.40 39.35 -15.67
C PRO A 708 15.53 39.54 -14.43
N CYS A 709 16.00 38.98 -13.32
CA CYS A 709 15.41 39.12 -11.97
C CYS A 709 13.94 38.71 -11.92
N ASP A 710 13.55 37.75 -12.75
CA ASP A 710 12.16 37.30 -12.84
C ASP A 710 11.99 35.87 -12.35
N THR A 711 12.95 35.35 -11.58
CA THR A 711 12.89 34.02 -11.00
C THR A 711 13.04 34.14 -9.49
N MET A 712 12.21 33.41 -8.75
CA MET A 712 12.25 33.45 -7.30
C MET A 712 12.03 32.05 -6.75
N LYS A 713 12.44 31.87 -5.50
CA LYS A 713 12.33 30.59 -4.82
C LYS A 713 11.12 30.58 -3.90
N VAL A 714 10.23 29.62 -4.12
CA VAL A 714 9.07 29.45 -3.26
C VAL A 714 9.26 28.18 -2.43
N GLY A 715 8.62 28.18 -1.27
CA GLY A 715 8.63 27.03 -0.39
C GLY A 715 9.97 26.80 0.29
N GLY A 716 10.01 25.70 1.06
CA GLY A 716 11.21 25.27 1.73
C GLY A 716 11.89 24.17 0.93
N ASN A 717 13.13 23.88 1.32
CA ASN A 717 13.92 22.87 0.65
C ASN A 717 13.39 21.48 0.98
N LEU A 718 13.48 20.57 0.03
CA LEU A 718 12.86 19.26 0.20
C LEU A 718 13.70 18.38 1.12
N ASP A 719 14.93 18.07 0.72
CA ASP A 719 15.81 17.23 1.52
C ASP A 719 17.16 17.93 1.64
N SER A 720 18.15 17.22 2.18
CA SER A 720 19.49 17.77 2.34
C SER A 720 20.49 16.74 1.78
N LYS A 721 20.71 16.82 0.47
CA LYS A 721 21.71 15.99 -0.19
C LYS A 721 23.04 16.73 -0.16
N GLY A 722 24.03 16.25 -0.91
CA GLY A 722 25.34 16.87 -0.90
C GLY A 722 26.08 16.72 -2.20
N TYR A 723 27.05 17.60 -2.39
CA TYR A 723 27.99 17.53 -3.50
C TYR A 723 29.30 16.93 -2.99
N GLY A 724 29.85 15.98 -3.73
CA GLY A 724 31.09 15.35 -3.34
C GLY A 724 32.01 15.17 -4.53
N ILE A 725 33.30 15.12 -4.24
CA ILE A 725 34.30 14.86 -5.27
C ILE A 725 34.29 13.39 -5.61
N ALA A 726 34.12 13.08 -6.90
CA ALA A 726 33.92 11.72 -7.36
C ALA A 726 35.22 11.12 -7.86
N THR A 727 35.53 9.91 -7.38
CA THR A 727 36.64 9.09 -7.82
C THR A 727 36.11 7.71 -8.12
N PRO A 728 36.70 6.98 -9.08
CA PRO A 728 36.22 5.63 -9.37
C PRO A 728 36.68 4.65 -8.30
N LYS A 729 36.12 3.44 -8.37
CA LYS A 729 36.42 2.39 -7.42
C LYS A 729 37.85 1.91 -7.58
N GLY A 730 38.71 2.27 -6.63
CA GLY A 730 40.10 1.89 -6.65
C GLY A 730 41.07 3.00 -6.97
N SER A 731 40.60 4.23 -7.17
CA SER A 731 41.49 5.36 -7.42
C SER A 731 42.22 5.72 -6.13
N SER A 732 43.55 5.65 -6.17
CA SER A 732 44.36 5.94 -4.99
C SER A 732 44.31 7.41 -4.62
N LEU A 733 44.04 8.28 -5.60
CA LEU A 733 44.06 9.72 -5.38
C LEU A 733 42.85 10.22 -4.58
N GLY A 734 41.84 9.38 -4.34
CA GLY A 734 40.67 9.82 -3.60
C GLY A 734 40.92 10.04 -2.13
N THR A 735 41.87 9.33 -1.54
CA THR A 735 42.19 9.57 -0.14
C THR A 735 43.00 10.85 0.12
N PRO A 736 43.97 11.30 -0.72
CA PRO A 736 44.48 12.66 -0.53
C PRO A 736 43.46 13.75 -0.73
N VAL A 737 42.42 13.52 -1.53
CA VAL A 737 41.30 14.44 -1.59
C VAL A 737 40.60 14.50 -0.24
N ASN A 738 40.48 13.35 0.43
CA ASN A 738 39.84 13.30 1.73
C ASN A 738 40.66 14.03 2.80
N LEU A 739 41.98 14.18 2.57
CA LEU A 739 42.76 15.10 3.38
C LEU A 739 42.35 16.55 3.12
N ALA A 740 42.44 16.99 1.87
CA ALA A 740 42.30 18.39 1.52
C ALA A 740 40.87 18.91 1.69
N VAL A 741 39.86 18.06 1.48
CA VAL A 741 38.47 18.48 1.70
C VAL A 741 38.24 18.80 3.17
N LEU A 742 38.87 18.03 4.06
CA LEU A 742 38.78 18.33 5.48
C LEU A 742 39.58 19.59 5.82
N LYS A 743 40.76 19.75 5.24
CA LYS A 743 41.64 20.85 5.62
C LYS A 743 41.12 22.19 5.14
N LEU A 744 40.62 22.26 3.91
CA LEU A 744 40.10 23.51 3.40
C LEU A 744 38.76 23.87 4.02
N SER A 745 38.09 22.89 4.65
CA SER A 745 36.92 23.19 5.47
C SER A 745 37.33 23.74 6.83
N GLU A 746 38.48 23.28 7.35
CA GLU A 746 38.97 23.79 8.64
C GLU A 746 39.37 25.26 8.53
N GLN A 747 40.20 25.59 7.54
CA GLN A 747 40.56 26.97 7.29
C GLN A 747 39.38 27.76 6.71
N GLY A 748 38.39 27.08 6.14
CA GLY A 748 37.28 27.77 5.51
C GLY A 748 37.55 28.18 4.09
N VAL A 749 38.51 27.53 3.42
CA VAL A 749 38.84 27.87 2.04
C VAL A 749 37.69 27.47 1.10
N LEU A 750 36.92 26.46 1.49
CA LEU A 750 35.62 26.23 0.88
C LEU A 750 34.74 27.46 1.02
N ASP A 751 34.48 27.86 2.26
CA ASP A 751 33.68 29.04 2.59
C ASP A 751 34.31 30.33 2.05
N LYS A 752 35.63 30.38 1.93
CA LYS A 752 36.28 31.54 1.32
C LYS A 752 35.89 31.66 -0.15
N LEU A 753 35.72 30.53 -0.82
CA LEU A 753 35.22 30.53 -2.19
C LEU A 753 33.71 30.46 -2.25
N LYS A 754 33.07 29.71 -1.34
CA LYS A 754 31.62 29.59 -1.31
C LYS A 754 30.97 30.92 -0.94
N ASN A 755 31.67 31.81 -0.24
CA ASN A 755 31.15 33.16 -0.13
C ASN A 755 31.36 33.91 -1.44
N LYS A 756 32.54 33.73 -2.06
CA LYS A 756 33.11 34.74 -2.95
C LYS A 756 32.28 34.92 -4.23
N TRP A 757 31.83 33.83 -4.84
CA TRP A 757 31.13 33.96 -6.10
C TRP A 757 29.66 34.31 -5.92
N TRP A 758 29.16 34.34 -4.69
CA TRP A 758 27.73 34.50 -4.45
C TRP A 758 27.36 35.85 -3.85
N TYR A 759 28.29 36.56 -3.19
CA TYR A 759 28.01 37.97 -2.95
C TYR A 759 28.60 38.86 -4.03
N ASP A 760 29.37 38.27 -4.97
CA ASP A 760 29.82 39.01 -6.14
C ASP A 760 28.64 39.41 -7.00
N LYS A 761 27.71 38.49 -7.22
CA LYS A 761 26.49 38.78 -7.97
C LYS A 761 25.53 39.54 -7.08
N GLY A 762 25.75 40.85 -6.99
CA GLY A 762 24.78 41.74 -6.41
C GLY A 762 24.09 42.52 -7.51
N GLU A 763 24.26 42.05 -8.75
CA GLU A 763 23.87 42.80 -9.93
C GLU A 763 22.39 42.72 -10.24
N CYS A 764 21.62 41.91 -9.52
CA CYS A 764 20.16 41.97 -9.65
C CYS A 764 19.60 43.24 -9.00
N GLY A 765 20.37 43.85 -8.10
CA GLY A 765 19.93 45.07 -7.45
C GLY A 765 19.21 44.84 -6.15
N ALA A 766 19.05 43.57 -5.73
CA ALA A 766 18.27 43.13 -4.58
C ALA A 766 16.85 43.70 -4.62
N LYS A 767 16.16 43.37 -5.73
CA LYS A 767 14.83 43.91 -5.95
C LYS A 767 13.79 43.29 -5.01
N ASP A 768 14.06 42.09 -4.51
CA ASP A 768 13.15 41.47 -3.55
C ASP A 768 13.22 42.15 -2.19
N SER A 769 14.34 42.78 -1.86
CA SER A 769 14.46 43.45 -0.57
C SER A 769 13.67 44.74 -0.52
N GLY A 770 13.52 45.43 -1.64
CA GLY A 770 12.79 46.69 -1.69
C GLY A 770 11.46 46.66 -2.39
N SER A 771 10.86 45.49 -2.58
CA SER A 771 9.54 45.39 -3.21
C SER A 771 8.69 44.37 -2.49
N LYS A 772 8.84 44.27 -1.16
CA LYS A 772 7.98 43.43 -0.34
C LYS A 772 6.90 44.24 0.35
N GLU A 773 6.73 45.50 -0.04
CA GLU A 773 5.73 46.40 0.52
C GLU A 773 4.37 46.26 -0.17
N LYS A 774 4.11 45.11 -0.80
CA LYS A 774 2.84 44.91 -1.49
C LYS A 774 1.71 44.75 -0.50
N THR A 775 0.57 45.35 -0.83
CA THR A 775 -0.62 45.30 -0.01
C THR A 775 -1.81 45.62 -0.90
N SER A 776 -3.02 45.34 -0.39
CA SER A 776 -4.21 45.55 -1.20
C SER A 776 -4.60 47.02 -1.25
N ALA A 777 -3.99 47.84 -0.39
CA ALA A 777 -4.12 49.30 -0.48
C ALA A 777 -3.63 49.76 -1.84
N LEU A 778 -4.46 50.53 -2.55
CA LEU A 778 -4.27 50.80 -3.97
C LEU A 778 -3.01 51.58 -4.29
N SER A 779 -2.45 51.34 -5.46
CA SER A 779 -1.49 52.24 -6.07
C SER A 779 -2.23 53.40 -6.70
N LEU A 780 -1.48 54.45 -7.04
CA LEU A 780 -2.10 55.60 -7.68
C LEU A 780 -2.54 55.26 -9.09
N SER A 781 -1.87 54.30 -9.73
CA SER A 781 -2.23 53.86 -11.07
C SER A 781 -3.59 53.18 -11.12
N ASN A 782 -4.08 52.67 -9.99
CA ASN A 782 -5.43 52.14 -9.93
C ASN A 782 -6.46 53.24 -10.18
N VAL A 783 -6.20 54.45 -9.70
CA VAL A 783 -7.14 55.55 -9.77
C VAL A 783 -6.51 56.74 -10.48
N ALA A 784 -5.57 56.47 -11.39
CA ALA A 784 -4.82 57.53 -12.04
C ALA A 784 -5.70 58.36 -12.97
N GLY A 785 -6.45 57.69 -13.86
CA GLY A 785 -7.22 58.38 -14.88
C GLY A 785 -8.37 59.20 -14.35
N VAL A 786 -8.76 58.99 -13.09
CA VAL A 786 -9.71 59.87 -12.44
C VAL A 786 -9.14 61.28 -12.33
N PHE A 787 -7.85 61.37 -12.00
CA PHE A 787 -7.18 62.67 -11.99
C PHE A 787 -7.04 63.23 -13.39
N TYR A 788 -6.87 62.35 -14.38
CA TYR A 788 -6.79 62.80 -15.77
C TYR A 788 -8.09 63.42 -16.24
N ILE A 789 -9.22 62.83 -15.87
CA ILE A 789 -10.51 63.44 -16.16
C ILE A 789 -10.71 64.69 -15.32
N LEU A 790 -10.16 64.71 -14.10
CA LEU A 790 -10.26 65.87 -13.25
C LEU A 790 -9.46 67.04 -13.79
N VAL A 791 -8.17 66.81 -14.07
CA VAL A 791 -7.33 67.86 -14.65
C VAL A 791 -7.78 68.16 -16.08
N GLY A 792 -8.26 67.14 -16.80
CA GLY A 792 -8.88 67.40 -18.09
C GLY A 792 -10.19 68.14 -17.97
N GLY A 793 -10.88 67.99 -16.83
CA GLY A 793 -12.05 68.80 -16.58
C GLY A 793 -11.71 70.25 -16.30
N LEU A 794 -10.48 70.50 -15.83
CA LEU A 794 -10.06 71.88 -15.56
C LEU A 794 -9.83 72.64 -16.86
N GLY A 795 -9.19 72.00 -17.83
CA GLY A 795 -8.79 72.70 -19.05
C GLY A 795 -9.95 73.09 -19.92
N LEU A 796 -11.07 72.36 -19.83
CA LEU A 796 -12.26 72.75 -20.59
C LEU A 796 -12.86 74.03 -20.04
N ALA A 797 -13.07 74.09 -18.72
CA ALA A 797 -13.68 75.27 -18.10
C ALA A 797 -12.78 76.49 -18.20
N MET A 798 -11.46 76.29 -18.20
CA MET A 798 -10.55 77.38 -18.51
C MET A 798 -10.77 77.90 -19.93
N LEU A 799 -10.99 76.99 -20.87
CA LEU A 799 -11.27 77.42 -22.24
C LEU A 799 -12.66 78.02 -22.35
N VAL A 800 -13.61 77.54 -21.54
CA VAL A 800 -14.95 78.14 -21.51
C VAL A 800 -14.88 79.54 -20.89
N ALA A 801 -13.97 79.74 -19.93
CA ALA A 801 -13.82 81.04 -19.28
C ALA A 801 -13.32 82.12 -20.23
N LEU A 802 -12.55 81.73 -21.26
CA LEU A 802 -12.06 82.72 -22.21
C LEU A 802 -13.07 82.99 -23.31
N ILE A 803 -13.78 81.96 -23.77
CA ILE A 803 -14.70 82.18 -24.89
C ILE A 803 -15.98 82.88 -24.44
N GLU A 804 -16.33 82.79 -23.15
CA GLU A 804 -17.35 83.69 -22.63
C GLU A 804 -16.83 85.11 -22.58
N PHE A 805 -15.56 85.28 -22.17
CA PHE A 805 -14.97 86.60 -22.04
C PHE A 805 -14.80 87.28 -23.39
N CYS A 806 -14.61 86.50 -24.44
CA CYS A 806 -14.59 87.06 -25.79
C CYS A 806 -16.00 87.39 -26.28
N TYR A 807 -16.95 86.46 -26.12
CA TYR A 807 -18.26 86.63 -26.72
C TYR A 807 -19.12 87.64 -25.97
N LYS A 808 -18.90 87.79 -24.65
CA LYS A 808 -19.65 88.80 -23.92
C LYS A 808 -19.14 90.19 -24.24
N SER A 809 -17.82 90.33 -24.45
CA SER A 809 -17.27 91.61 -24.85
C SER A 809 -17.65 91.97 -26.29
N ARG A 810 -17.71 90.97 -27.16
CA ARG A 810 -18.10 91.18 -28.55
C ARG A 810 -19.61 91.00 -28.72
N ALA A 822 -33.33 88.69 -32.95
CA ALA A 822 -33.44 89.25 -34.29
C ALA A 822 -32.51 88.54 -35.25
N CYS A 823 -31.21 88.83 -35.14
CA CYS A 823 -30.22 88.21 -36.03
C CYS A 823 -30.01 86.74 -35.70
N GLY A 824 -30.07 86.38 -34.41
CA GLY A 824 -29.84 85.00 -34.03
C GLY A 824 -30.99 84.07 -34.35
N ARG A 825 -32.20 84.63 -34.49
CA ARG A 825 -33.41 83.82 -34.62
C ARG A 825 -33.45 83.09 -35.96
N LYS A 826 -33.22 83.83 -37.05
CA LYS A 826 -33.34 83.26 -38.39
C LYS A 826 -32.25 82.25 -38.67
N ALA A 827 -31.10 82.37 -38.01
CA ALA A 827 -30.08 81.32 -38.09
C ALA A 827 -30.57 80.05 -37.39
N LEU A 828 -30.99 80.16 -36.13
CA LEU A 828 -31.30 78.98 -35.31
C LEU A 828 -32.50 78.21 -35.83
N THR A 829 -33.45 78.89 -36.49
CA THR A 829 -34.55 78.18 -37.11
C THR A 829 -34.07 77.37 -38.30
N LEU A 830 -33.10 77.89 -39.04
CA LEU A 830 -32.50 77.11 -40.12
C LEU A 830 -31.48 76.12 -39.58
N LEU A 831 -30.89 76.42 -38.41
CA LEU A 831 -30.10 75.40 -37.72
C LEU A 831 -30.97 74.25 -37.23
N SER A 832 -32.24 74.53 -36.93
CA SER A 832 -33.10 73.53 -36.30
C SER A 832 -33.47 72.40 -37.25
N SER A 833 -34.01 72.72 -38.43
CA SER A 833 -34.52 71.68 -39.31
C SER A 833 -33.42 70.91 -40.02
N VAL A 834 -32.26 71.54 -40.22
CA VAL A 834 -31.11 70.85 -40.81
C VAL A 834 -30.53 69.83 -39.83
N PHE A 835 -30.68 70.06 -38.52
CA PHE A 835 -30.30 69.04 -37.55
C PHE A 835 -31.19 67.81 -37.64
N ALA A 836 -32.47 68.01 -37.97
CA ALA A 836 -33.37 66.88 -38.18
C ALA A 836 -33.05 66.12 -39.45
N VAL A 837 -32.42 66.79 -40.42
CA VAL A 837 -31.95 66.10 -41.62
C VAL A 837 -30.86 65.09 -41.25
N CYS A 838 -29.93 65.50 -40.39
CA CYS A 838 -28.83 64.63 -39.99
C CYS A 838 -29.32 63.49 -39.10
N GLY A 839 -30.37 63.71 -38.32
CA GLY A 839 -30.92 62.64 -37.53
C GLY A 839 -31.69 61.64 -38.37
N LEU A 840 -32.59 62.12 -39.22
CA LEU A 840 -33.36 61.23 -40.10
C LEU A 840 -32.48 60.58 -41.15
N GLY A 841 -31.42 61.28 -41.60
CA GLY A 841 -30.60 60.76 -42.68
C GLY A 841 -29.70 59.62 -42.24
N LEU A 842 -29.17 59.70 -41.02
CA LEU A 842 -28.31 58.62 -40.52
C LEU A 842 -29.09 57.36 -40.19
N LEU A 843 -30.36 57.49 -39.79
CA LEU A 843 -31.12 56.32 -39.35
C LEU A 843 -31.50 55.43 -40.52
N GLY A 844 -31.78 56.01 -41.69
CA GLY A 844 -32.00 55.20 -42.88
C GLY A 844 -30.77 54.42 -43.31
N ILE A 845 -29.59 55.02 -43.11
CA ILE A 845 -28.35 54.29 -43.33
C ILE A 845 -28.13 53.26 -42.23
N ALA A 846 -28.52 53.61 -41.00
CA ALA A 846 -28.32 52.71 -39.86
C ALA A 846 -29.18 51.45 -39.96
N VAL A 847 -30.38 51.55 -40.52
CA VAL A 847 -31.24 50.38 -40.65
C VAL A 847 -30.80 49.52 -41.83
N SER A 848 -30.48 50.15 -42.96
CA SER A 848 -30.37 49.43 -44.22
C SER A 848 -29.10 48.58 -44.34
N THR A 849 -28.08 48.84 -43.53
CA THR A 849 -26.85 48.11 -43.71
C THR A 849 -26.85 46.80 -42.92
N ASP A 850 -25.87 45.96 -43.23
CA ASP A 850 -25.64 44.68 -42.54
C ASP A 850 -24.38 44.76 -41.69
N TYR A 851 -24.18 45.90 -41.04
CA TYR A 851 -22.98 46.17 -40.26
C TYR A 851 -23.36 46.76 -38.90
N TRP A 852 -24.37 46.17 -38.24
CA TRP A 852 -24.73 46.67 -36.93
C TRP A 852 -23.83 46.13 -35.83
N LEU A 853 -23.13 45.03 -36.09
CA LEU A 853 -22.37 44.35 -35.06
C LEU A 853 -21.25 43.56 -35.71
N TYR A 854 -20.55 42.79 -34.89
CA TYR A 854 -19.42 41.97 -35.32
C TYR A 854 -19.47 40.65 -34.57
N LEU A 855 -18.92 39.61 -35.18
CA LEU A 855 -18.95 38.27 -34.59
C LEU A 855 -17.69 37.54 -35.01
N GLU A 856 -17.08 36.83 -34.07
CA GLU A 856 -15.92 36.02 -34.40
C GLU A 856 -15.86 34.84 -33.44
N GLU A 857 -16.21 33.65 -33.93
CA GLU A 857 -16.13 32.42 -33.17
C GLU A 857 -15.05 31.53 -33.76
N GLY A 858 -14.03 31.24 -32.96
CA GLY A 858 -12.94 30.40 -33.41
C GLY A 858 -12.39 29.60 -32.24
N ILE A 859 -11.37 28.80 -32.53
CA ILE A 859 -10.66 28.03 -31.52
C ILE A 859 -9.20 28.47 -31.51
N ILE A 860 -8.62 28.49 -30.31
CA ILE A 860 -7.30 29.07 -30.11
C ILE A 860 -6.27 27.94 -30.09
N LEU A 861 -5.02 28.29 -30.33
CA LEU A 861 -3.95 27.33 -30.20
C LEU A 861 -2.98 27.81 -29.13
N PRO A 862 -2.72 26.98 -28.10
CA PRO A 862 -2.00 27.46 -26.91
C PRO A 862 -0.55 27.86 -27.11
N GLN A 863 0.29 26.97 -27.64
CA GLN A 863 1.74 27.08 -27.51
C GLN A 863 2.29 27.98 -28.61
N ASN A 864 2.29 29.29 -28.35
CA ASN A 864 2.93 30.32 -29.17
C ASN A 864 2.43 30.32 -30.62
N GLN A 865 1.13 30.09 -30.79
CA GLN A 865 0.54 30.01 -32.11
C GLN A 865 -0.66 30.96 -32.18
N SER A 866 -0.82 31.62 -33.33
CA SER A 866 -1.92 32.53 -33.53
C SER A 866 -3.24 31.77 -33.63
N THR A 867 -4.34 32.52 -33.53
CA THR A 867 -5.65 31.92 -33.44
C THR A 867 -6.12 31.36 -34.77
N GLU A 868 -7.03 30.38 -34.69
CA GLU A 868 -7.67 29.79 -35.86
C GLU A 868 -9.14 30.17 -35.81
N VAL A 869 -9.55 31.08 -36.68
CA VAL A 869 -10.94 31.52 -36.72
C VAL A 869 -11.78 30.43 -37.39
N LYS A 870 -12.90 30.08 -36.76
CA LYS A 870 -13.80 29.09 -37.34
C LYS A 870 -14.96 29.77 -38.05
N MET A 871 -15.51 30.81 -37.44
CA MET A 871 -16.65 31.52 -38.00
C MET A 871 -16.51 33.00 -37.69
N SER A 872 -16.84 33.83 -38.67
CA SER A 872 -16.80 35.28 -38.53
C SER A 872 -17.72 35.89 -39.55
N LEU A 873 -18.51 36.88 -39.12
CA LEU A 873 -19.50 37.50 -39.97
C LEU A 873 -19.92 38.84 -39.38
N HIS A 874 -20.23 39.78 -40.26
CA HIS A 874 -20.96 41.00 -39.93
C HIS A 874 -22.42 40.83 -40.32
N SER A 875 -23.30 41.49 -39.58
CA SER A 875 -24.72 41.26 -39.81
C SER A 875 -25.53 42.48 -39.37
N GLY A 876 -26.81 42.47 -39.75
CA GLY A 876 -27.76 43.48 -39.36
C GLY A 876 -29.01 42.83 -38.80
N LEU A 877 -30.18 43.32 -39.18
CA LEU A 877 -31.44 42.70 -38.78
C LEU A 877 -32.18 42.08 -39.96
N TRP A 878 -32.08 42.68 -41.14
CA TRP A 878 -32.80 42.14 -42.28
C TRP A 878 -32.00 41.02 -42.96
N ARG A 879 -30.81 41.33 -43.45
CA ARG A 879 -29.95 40.36 -44.09
C ARG A 879 -28.69 40.15 -43.26
N VAL A 880 -28.02 39.02 -43.52
CA VAL A 880 -26.78 38.66 -42.86
C VAL A 880 -25.80 38.22 -43.94
N CYS A 881 -24.69 38.95 -44.08
CA CYS A 881 -23.69 38.65 -45.09
C CYS A 881 -22.46 38.08 -44.38
N PHE A 882 -22.20 36.79 -44.59
CA PHE A 882 -21.11 36.10 -43.92
C PHE A 882 -19.76 36.61 -44.39
N LEU A 883 -18.74 36.41 -43.54
CA LEU A 883 -17.39 36.85 -43.86
C LEU A 883 -16.42 35.67 -43.93
N ALA A 884 -16.38 34.81 -42.91
CA ALA A 884 -15.38 33.74 -42.87
C ALA A 884 -15.98 32.36 -42.57
N GLY A 885 -17.28 32.20 -42.72
CA GLY A 885 -17.86 30.87 -42.58
C GLY A 885 -17.76 30.12 -43.89
N GLU A 886 -16.76 29.23 -43.98
CA GLU A 886 -16.37 28.47 -45.17
C GLU A 886 -16.06 29.34 -46.39
N GLU A 887 -15.78 30.63 -46.20
CA GLU A 887 -15.68 31.65 -47.25
C GLU A 887 -16.92 31.62 -48.15
N ARG A 888 -18.07 31.94 -47.56
CA ARG A 888 -19.35 31.90 -48.24
C ARG A 888 -19.93 33.30 -48.28
N GLY A 889 -20.34 33.75 -49.47
CA GLY A 889 -20.83 35.10 -49.65
C GLY A 889 -22.33 35.23 -49.62
N ARG A 890 -23.00 34.43 -48.79
CA ARG A 890 -24.46 34.52 -48.67
C ARG A 890 -24.83 35.76 -47.88
N CYS A 891 -25.40 36.76 -48.55
CA CYS A 891 -26.18 37.79 -47.88
C CYS A 891 -27.54 37.18 -47.58
N PHE A 892 -27.63 36.61 -46.39
CA PHE A 892 -28.53 35.53 -46.07
C PHE A 892 -29.56 36.01 -45.06
N THR A 893 -30.84 35.75 -45.32
CA THR A 893 -31.87 36.17 -44.39
C THR A 893 -31.95 35.23 -43.20
N ILE A 894 -32.59 35.71 -42.14
CA ILE A 894 -32.58 35.01 -40.86
C ILE A 894 -33.74 34.00 -40.80
N GLU A 895 -34.82 34.26 -41.55
CA GLU A 895 -35.97 33.36 -41.61
C GLU A 895 -35.60 31.99 -42.17
N TYR A 896 -34.61 31.94 -43.07
CA TYR A 896 -33.99 30.68 -43.45
C TYR A 896 -32.88 30.36 -42.45
N VAL A 897 -32.78 29.10 -42.04
CA VAL A 897 -31.81 28.70 -41.03
C VAL A 897 -30.51 28.33 -41.72
N MET A 898 -29.37 28.65 -41.08
CA MET A 898 -28.01 28.27 -41.48
C MET A 898 -27.60 28.79 -42.85
N GLU A 907 -24.41 27.26 -35.05
CA GLU A 907 -25.47 26.58 -34.32
C GLU A 907 -25.92 27.41 -33.13
N SER A 908 -25.01 28.21 -32.57
CA SER A 908 -25.35 29.13 -31.50
C SER A 908 -25.65 30.53 -32.02
N THR A 909 -24.91 30.96 -33.06
CA THR A 909 -25.14 32.27 -33.66
C THR A 909 -26.48 32.33 -34.39
N VAL A 910 -27.01 31.16 -34.78
CA VAL A 910 -28.37 31.07 -35.29
C VAL A 910 -29.36 31.55 -34.23
N ASN A 911 -29.25 31.00 -33.02
CA ASN A 911 -30.11 31.41 -31.92
C ASN A 911 -29.82 32.84 -31.46
N VAL A 912 -28.59 33.33 -31.67
CA VAL A 912 -28.32 34.75 -31.51
C VAL A 912 -29.14 35.55 -32.52
N LEU A 913 -29.18 35.08 -33.76
CA LEU A 913 -29.90 35.78 -34.82
C LEU A 913 -31.41 35.69 -34.63
N LYS A 914 -31.89 34.67 -33.92
CA LYS A 914 -33.31 34.59 -33.61
C LYS A 914 -33.72 35.63 -32.58
N MET A 915 -32.80 36.04 -31.72
CA MET A 915 -33.12 37.03 -30.70
C MET A 915 -33.06 38.46 -31.25
N ILE A 916 -32.41 38.67 -32.39
CA ILE A 916 -32.38 39.98 -33.02
C ILE A 916 -33.74 40.30 -33.64
N ARG A 917 -34.52 39.25 -33.95
CA ARG A 917 -35.90 39.44 -34.36
C ARG A 917 -36.75 40.05 -33.24
N SER A 918 -36.37 39.83 -31.98
CA SER A 918 -37.06 40.50 -30.88
C SER A 918 -36.73 41.98 -30.81
N ALA A 919 -35.59 42.39 -31.37
CA ALA A 919 -35.18 43.78 -31.41
C ALA A 919 -35.72 44.53 -32.63
N THR A 920 -36.68 43.94 -33.33
CA THR A 920 -37.19 44.54 -34.56
C THR A 920 -38.01 45.81 -34.38
N PRO A 921 -39.08 45.87 -33.55
CA PRO A 921 -40.11 46.91 -33.79
C PRO A 921 -39.68 48.33 -33.47
N PHE A 922 -38.93 48.55 -32.40
CA PHE A 922 -38.62 49.91 -31.94
C PHE A 922 -37.73 50.75 -32.86
N PRO A 923 -36.77 50.20 -33.62
CA PRO A 923 -36.20 51.01 -34.71
C PRO A 923 -37.17 51.32 -35.83
N LEU A 924 -38.17 50.46 -36.07
CA LEU A 924 -39.14 50.75 -37.12
C LEU A 924 -40.11 51.85 -36.71
N VAL A 925 -40.50 51.85 -35.43
CA VAL A 925 -41.33 52.93 -34.89
C VAL A 925 -40.54 54.23 -34.85
N SER A 926 -39.22 54.12 -34.70
CA SER A 926 -38.35 55.30 -34.62
C SER A 926 -38.35 56.09 -35.92
N LEU A 927 -38.46 55.40 -37.06
CA LEU A 927 -38.48 56.08 -38.35
C LEU A 927 -39.74 56.92 -38.53
N PHE A 928 -40.90 56.41 -38.09
CA PHE A 928 -42.17 57.05 -38.41
C PHE A 928 -42.37 58.34 -37.62
N PHE A 929 -41.86 58.39 -36.38
CA PHE A 929 -42.07 59.57 -35.56
C PHE A 929 -41.14 60.71 -35.96
N MET A 930 -39.95 60.38 -36.48
CA MET A 930 -39.08 61.41 -37.01
C MET A 930 -39.64 61.99 -38.31
N PHE A 931 -40.15 61.11 -39.18
CA PHE A 931 -40.60 61.51 -40.51
C PHE A 931 -41.86 62.36 -40.44
N ILE A 932 -42.76 62.05 -39.50
CA ILE A 932 -43.89 62.93 -39.22
C ILE A 932 -43.39 64.24 -38.63
N GLY A 933 -42.44 64.16 -37.69
CA GLY A 933 -41.90 65.35 -37.08
C GLY A 933 -41.07 66.19 -38.02
N PHE A 934 -40.45 65.55 -39.01
CA PHE A 934 -39.65 66.30 -39.97
C PHE A 934 -40.53 67.10 -40.93
N ILE A 935 -41.62 66.50 -41.41
CA ILE A 935 -42.45 67.21 -42.37
C ILE A 935 -43.33 68.27 -41.68
N LEU A 936 -43.72 68.04 -40.43
CA LEU A 936 -44.50 69.04 -39.71
C LEU A 936 -43.68 70.26 -39.31
N SER A 937 -42.35 70.10 -39.23
CA SER A 937 -41.48 71.27 -39.08
C SER A 937 -41.48 72.12 -40.34
N ASN A 938 -41.72 71.49 -41.50
CA ASN A 938 -41.80 72.24 -42.75
C ASN A 938 -43.16 72.87 -42.95
N ILE A 939 -44.22 72.21 -42.48
CA ILE A 939 -45.57 72.77 -42.61
C ILE A 939 -45.74 73.93 -41.63
N GLY A 940 -45.06 73.88 -40.48
CA GLY A 940 -45.06 75.02 -39.58
C GLY A 940 -44.33 76.23 -40.14
N HIS A 941 -43.38 75.99 -41.03
CA HIS A 941 -42.75 77.08 -41.76
C HIS A 941 -43.64 77.59 -42.89
N ILE A 942 -44.55 76.74 -43.37
CA ILE A 942 -45.48 77.12 -44.42
C ILE A 942 -46.86 77.40 -43.84
N THR A 947 -44.82 76.83 -34.33
CA THR A 947 -46.20 76.83 -33.86
C THR A 947 -46.60 75.46 -33.31
N ILE A 948 -47.92 75.23 -33.24
CA ILE A 948 -48.46 73.93 -32.88
C ILE A 948 -48.04 72.87 -33.89
N LEU A 949 -47.90 73.26 -35.16
CA LEU A 949 -47.36 72.38 -36.18
C LEU A 949 -45.90 72.01 -35.89
N ALA A 950 -45.18 72.92 -35.22
CA ALA A 950 -43.79 72.66 -34.89
C ALA A 950 -43.60 72.12 -33.48
N PHE A 951 -44.49 72.48 -32.55
CA PHE A 951 -44.31 72.08 -31.15
C PHE A 951 -44.53 70.58 -30.97
N VAL A 952 -45.64 70.07 -31.50
CA VAL A 952 -45.95 68.65 -31.35
C VAL A 952 -44.97 67.80 -32.16
N SER A 953 -44.46 68.32 -33.28
CA SER A 953 -43.43 67.62 -34.05
C SER A 953 -42.14 67.47 -33.26
N GLY A 954 -41.84 68.43 -32.38
CA GLY A 954 -40.72 68.25 -31.47
C GLY A 954 -40.94 67.15 -30.46
N ILE A 955 -42.19 66.94 -30.07
CA ILE A 955 -42.51 65.83 -29.17
C ILE A 955 -42.34 64.50 -29.88
N PHE A 956 -42.66 64.46 -31.18
CA PHE A 956 -42.41 63.25 -31.96
C PHE A 956 -40.91 63.03 -32.18
N PHE A 957 -40.09 64.07 -32.05
CA PHE A 957 -38.66 63.86 -31.96
C PHE A 957 -38.26 63.36 -30.57
N ILE A 958 -39.01 63.76 -29.55
CA ILE A 958 -38.75 63.30 -28.19
C ILE A 958 -39.25 61.88 -27.99
N LEU A 959 -40.46 61.58 -28.48
CA LEU A 959 -41.00 60.23 -28.39
C LEU A 959 -40.23 59.25 -29.28
N SER A 960 -39.50 59.77 -30.27
CA SER A 960 -38.63 58.92 -31.07
C SER A 960 -37.49 58.35 -30.23
N GLY A 961 -36.68 59.24 -29.63
CA GLY A 961 -35.49 58.81 -28.93
C GLY A 961 -35.73 58.01 -27.67
N LEU A 962 -36.94 58.13 -27.09
CA LEU A 962 -37.32 57.21 -26.03
C LEU A 962 -37.41 55.79 -26.56
N SER A 963 -37.90 55.62 -27.79
CA SER A 963 -37.88 54.32 -28.44
C SER A 963 -36.49 53.96 -28.97
N LEU A 964 -35.62 54.94 -29.18
CA LEU A 964 -34.23 54.62 -29.54
C LEU A 964 -33.51 53.94 -28.38
N VAL A 965 -33.75 54.44 -27.15
CA VAL A 965 -33.11 53.86 -25.97
C VAL A 965 -33.63 52.44 -25.73
N VAL A 966 -34.96 52.29 -25.71
CA VAL A 966 -35.59 50.98 -25.55
C VAL A 966 -35.18 50.06 -26.69
N GLY A 967 -35.02 50.61 -27.89
CA GLY A 967 -34.44 49.85 -28.99
C GLY A 967 -33.01 49.44 -28.71
N LEU A 968 -32.21 50.34 -28.14
CA LEU A 968 -30.86 49.94 -27.76
C LEU A 968 -30.84 49.13 -26.47
N VAL A 969 -31.87 49.26 -25.64
CA VAL A 969 -31.97 48.39 -24.47
C VAL A 969 -32.22 46.96 -24.88
N LEU A 970 -33.22 46.73 -25.75
CA LEU A 970 -33.53 45.38 -26.20
C LEU A 970 -32.40 44.79 -27.04
N TYR A 971 -31.69 45.63 -27.79
CA TYR A 971 -30.63 45.14 -28.67
C TYR A 971 -29.43 44.66 -27.88
N ILE A 972 -28.93 45.49 -26.96
CA ILE A 972 -27.67 45.21 -26.30
C ILE A 972 -27.85 44.11 -25.25
N SER A 973 -28.97 44.14 -24.53
CA SER A 973 -29.21 43.16 -23.47
C SER A 973 -29.44 41.76 -24.01
N SER A 974 -30.10 41.64 -25.17
CA SER A 974 -30.33 40.32 -25.74
C SER A 974 -29.05 39.73 -26.32
N ILE A 975 -28.16 40.58 -26.82
CA ILE A 975 -26.83 40.11 -27.22
C ILE A 975 -26.07 39.64 -25.99
N ASN A 976 -26.19 40.36 -24.87
CA ASN A 976 -25.52 39.98 -23.64
C ASN A 976 -26.11 38.72 -23.03
N ASP A 977 -27.36 38.39 -23.37
CA ASP A 977 -27.95 37.12 -22.98
C ASP A 977 -27.20 35.96 -23.61
N GLU A 978 -27.16 35.92 -24.93
CA GLU A 978 -26.47 34.84 -25.64
C GLU A 978 -24.95 34.99 -25.62
N MET A 979 -24.44 36.14 -25.19
CA MET A 979 -23.01 36.27 -24.90
C MET A 979 -22.60 35.31 -23.80
N LEU A 980 -23.39 35.25 -22.73
CA LEU A 980 -23.07 34.33 -21.65
C LEU A 980 -23.66 32.94 -21.92
N ASN A 981 -24.76 32.87 -22.69
CA ASN A 981 -25.39 31.59 -22.96
C ASN A 981 -24.60 30.74 -23.95
N ARG A 982 -23.53 31.29 -24.54
CA ARG A 982 -22.53 30.46 -25.18
C ARG A 982 -21.92 29.51 -24.15
N THR A 983 -21.82 28.24 -24.53
CA THR A 983 -21.16 27.26 -23.67
C THR A 983 -19.66 27.56 -23.65
N LYS A 984 -19.15 27.86 -22.45
CA LYS A 984 -17.81 28.42 -22.31
C LYS A 984 -16.78 27.30 -22.27
N ASP A 985 -15.90 27.26 -23.26
CA ASP A 985 -14.81 26.31 -23.34
C ASP A 985 -13.49 27.06 -23.30
N ALA A 986 -12.41 26.34 -22.94
CA ALA A 986 -11.10 26.99 -22.86
C ALA A 986 -10.52 27.27 -24.23
N GLU A 987 -10.68 26.36 -25.18
CA GLU A 987 -10.09 26.54 -26.50
C GLU A 987 -10.88 27.53 -27.35
N THR A 988 -12.21 27.51 -27.26
CA THR A 988 -13.05 28.37 -28.09
C THR A 988 -12.97 29.80 -27.57
N TYR A 989 -12.13 30.62 -28.19
CA TYR A 989 -12.09 32.03 -27.86
C TYR A 989 -13.25 32.74 -28.54
N PHE A 990 -13.62 33.90 -27.98
CA PHE A 990 -14.71 34.66 -28.54
C PHE A 990 -14.32 36.13 -28.64
N ASN A 991 -14.80 36.79 -29.69
CA ASN A 991 -14.68 38.23 -29.86
C ASN A 991 -15.94 38.73 -30.54
N TYR A 992 -16.47 39.86 -30.04
CA TYR A 992 -17.56 40.54 -30.72
C TYR A 992 -17.31 42.04 -30.64
N LYS A 993 -18.07 42.79 -31.41
CA LYS A 993 -17.98 44.24 -31.44
C LYS A 993 -19.30 44.74 -32.04
N TYR A 994 -19.58 46.02 -31.88
CA TYR A 994 -20.65 46.68 -32.60
C TYR A 994 -20.09 47.42 -33.80
N GLY A 995 -20.87 47.44 -34.88
CA GLY A 995 -20.45 48.00 -36.13
C GLY A 995 -20.65 49.50 -36.22
N TRP A 996 -20.41 50.03 -37.43
CA TRP A 996 -20.54 51.47 -37.63
C TRP A 996 -21.99 51.92 -37.62
N SER A 997 -22.91 51.06 -38.06
CA SER A 997 -24.31 51.44 -38.06
C SER A 997 -24.89 51.45 -36.65
N PHE A 998 -24.27 50.73 -35.73
CA PHE A 998 -24.58 50.91 -34.31
C PHE A 998 -24.27 52.32 -33.86
N ALA A 999 -23.07 52.81 -34.19
CA ALA A 999 -22.71 54.18 -33.88
C ALA A 999 -23.50 55.18 -34.72
N PHE A 1000 -23.92 54.78 -35.92
CA PHE A 1000 -24.80 55.64 -36.70
C PHE A 1000 -26.17 55.77 -36.06
N ALA A 1001 -26.62 54.74 -35.35
CA ALA A 1001 -27.83 54.87 -34.56
C ALA A 1001 -27.57 55.68 -33.31
N ALA A 1002 -26.34 55.64 -32.80
CA ALA A 1002 -26.01 56.37 -31.58
C ALA A 1002 -25.95 57.87 -31.82
N ILE A 1003 -25.29 58.29 -32.91
CA ILE A 1003 -25.15 59.71 -33.21
C ILE A 1003 -26.49 60.30 -33.63
N SER A 1004 -27.28 59.53 -34.38
CA SER A 1004 -28.60 59.99 -34.81
C SER A 1004 -29.59 60.10 -33.66
N PHE A 1005 -29.32 59.43 -32.54
CA PHE A 1005 -30.12 59.62 -31.34
C PHE A 1005 -29.99 61.05 -30.81
N LEU A 1006 -28.81 61.65 -30.96
CA LEU A 1006 -28.56 62.94 -30.34
C LEU A 1006 -29.28 64.07 -31.07
N LEU A 1007 -29.32 64.03 -32.40
CA LEU A 1007 -29.83 65.15 -33.17
C LEU A 1007 -31.34 65.27 -33.05
N THR A 1008 -32.03 64.14 -32.84
CA THR A 1008 -33.47 64.17 -32.66
C THR A 1008 -33.87 64.84 -31.36
N GLU A 1009 -33.12 64.59 -30.29
CA GLU A 1009 -33.47 65.16 -29.00
C GLU A 1009 -33.01 66.62 -28.90
N SER A 1010 -31.97 66.99 -29.65
CA SER A 1010 -31.51 68.37 -29.65
C SER A 1010 -32.52 69.29 -30.33
N ALA A 1011 -32.98 68.90 -31.53
CA ALA A 1011 -33.91 69.75 -32.28
C ALA A 1011 -35.29 69.81 -31.65
N GLY A 1012 -35.67 68.80 -30.87
CA GLY A 1012 -36.95 68.85 -30.19
C GLY A 1012 -36.97 69.91 -29.09
N VAL A 1013 -35.82 70.11 -28.42
CA VAL A 1013 -35.66 71.25 -27.54
C VAL A 1013 -35.68 72.54 -28.35
N MET A 1014 -35.08 72.52 -29.54
CA MET A 1014 -35.10 73.67 -30.42
C MET A 1014 -36.48 73.95 -30.98
N SER A 1015 -37.35 72.94 -31.04
CA SER A 1015 -38.75 73.16 -31.35
C SER A 1015 -39.41 73.99 -30.26
N VAL A 1016 -39.16 73.65 -29.00
CA VAL A 1016 -39.75 74.38 -27.88
C VAL A 1016 -39.04 75.72 -27.69
N TYR A 1017 -37.78 75.81 -28.10
CA TYR A 1017 -37.15 77.12 -28.29
C TYR A 1017 -37.95 77.96 -29.28
N LEU A 1018 -38.22 77.39 -30.46
CA LEU A 1018 -38.93 78.12 -31.50
C LEU A 1018 -40.38 78.35 -31.16
N PHE A 1019 -41.02 77.40 -30.47
CA PHE A 1019 -42.43 77.54 -30.13
C PHE A 1019 -42.64 78.62 -29.09
N MET A 1020 -41.80 78.66 -28.06
CA MET A 1020 -41.85 79.75 -27.08
C MET A 1020 -41.50 81.08 -27.72
N LYS A 1021 -40.61 81.06 -28.72
CA LYS A 1021 -40.24 82.29 -29.43
C LYS A 1021 -41.39 82.75 -30.32
N ARG A 1022 -42.03 81.83 -31.03
CA ARG A 1022 -43.13 82.22 -31.89
C ARG A 1022 -44.43 82.43 -31.13
N TYR A 1023 -44.53 81.95 -29.89
CA TYR A 1023 -45.70 82.28 -29.06
C TYR A 1023 -45.62 83.71 -28.55
N THR A 1024 -44.41 84.29 -28.50
CA THR A 1024 -44.26 85.68 -28.14
C THR A 1024 -44.88 86.59 -29.20
N ALA A 1025 -44.78 86.20 -30.47
CA ALA A 1025 -45.36 87.00 -31.54
C ALA A 1025 -46.86 86.81 -31.67
N GLU A 1026 -47.39 85.68 -31.20
CA GLU A 1026 -48.83 85.41 -31.29
C GLU A 1026 -49.62 86.30 -30.34
N ASN B 1 33.65 -66.37 -46.60
CA ASN B 1 34.25 -65.04 -46.56
C ASN B 1 34.24 -64.52 -45.12
N SER B 2 35.23 -64.94 -44.34
CA SER B 2 35.34 -64.53 -42.94
C SER B 2 36.25 -63.31 -42.83
N ILE B 3 35.64 -62.13 -42.92
CA ILE B 3 36.33 -60.86 -42.78
C ILE B 3 36.85 -60.71 -41.35
N GLN B 4 38.14 -60.48 -41.20
CA GLN B 4 38.74 -60.36 -39.89
C GLN B 4 38.82 -58.90 -39.48
N ILE B 5 38.29 -58.59 -38.30
CA ILE B 5 38.30 -57.23 -37.76
C ILE B 5 38.91 -57.28 -36.36
N GLY B 6 38.89 -56.16 -35.65
CA GLY B 6 39.47 -56.12 -34.32
C GLY B 6 38.66 -55.37 -33.28
N GLY B 7 38.72 -55.85 -32.03
CA GLY B 7 37.98 -55.24 -30.95
C GLY B 7 38.85 -54.76 -29.80
N LEU B 8 38.65 -53.52 -29.38
CA LEU B 8 39.39 -52.91 -28.28
C LEU B 8 38.38 -52.51 -27.22
N PHE B 9 38.18 -53.37 -26.23
CA PHE B 9 37.08 -53.11 -25.32
C PHE B 9 37.58 -52.83 -23.90
N PRO B 10 36.97 -51.88 -23.22
CA PRO B 10 37.37 -51.57 -21.85
C PRO B 10 36.88 -52.63 -20.87
N ARG B 11 37.55 -52.69 -19.73
CA ARG B 11 37.07 -53.51 -18.63
C ARG B 11 35.79 -52.90 -18.07
N GLY B 12 34.92 -53.73 -17.51
CA GLY B 12 33.67 -53.26 -16.98
C GLY B 12 32.63 -52.85 -17.99
N ALA B 13 32.86 -53.12 -19.27
CA ALA B 13 31.87 -52.85 -20.32
C ALA B 13 31.09 -54.13 -20.63
N ASP B 14 30.36 -54.61 -19.62
CA ASP B 14 29.71 -55.91 -19.73
C ASP B 14 28.47 -55.85 -20.59
N GLN B 15 27.65 -54.80 -20.43
CA GLN B 15 26.41 -54.71 -21.17
C GLN B 15 26.65 -54.44 -22.65
N GLU B 16 27.73 -53.73 -22.97
CA GLU B 16 28.03 -53.44 -24.37
C GLU B 16 28.58 -54.66 -25.08
N TYR B 17 29.35 -55.50 -24.38
CA TYR B 17 29.97 -56.66 -25.02
C TYR B 17 28.93 -57.71 -25.37
N SER B 18 27.88 -57.82 -24.57
CA SER B 18 26.76 -58.67 -24.94
C SER B 18 25.94 -58.05 -26.05
N ALA B 19 25.77 -56.72 -26.02
CA ALA B 19 25.09 -56.02 -27.09
C ALA B 19 25.90 -56.03 -28.38
N PHE B 20 27.21 -56.28 -28.29
CA PHE B 20 27.97 -56.58 -29.49
C PHE B 20 27.65 -57.97 -30.01
N ARG B 21 27.38 -58.92 -29.11
CA ARG B 21 27.14 -60.30 -29.52
C ARG B 21 25.81 -60.45 -30.25
N VAL B 22 24.80 -59.68 -29.83
CA VAL B 22 23.46 -59.81 -30.38
C VAL B 22 23.43 -59.39 -31.84
N GLY B 23 24.16 -58.33 -32.19
CA GLY B 23 24.33 -57.99 -33.58
C GLY B 23 25.16 -58.99 -34.36
N MET B 24 26.14 -59.62 -33.72
CA MET B 24 26.96 -60.63 -34.39
C MET B 24 26.15 -61.90 -34.66
N VAL B 25 25.18 -62.20 -33.80
CA VAL B 25 24.34 -63.37 -34.04
C VAL B 25 23.24 -63.04 -35.04
N GLN B 26 22.52 -61.93 -34.83
CA GLN B 26 21.36 -61.64 -35.67
C GLN B 26 21.74 -61.22 -37.08
N PHE B 27 22.69 -60.29 -37.21
CA PHE B 27 23.04 -59.79 -38.52
C PHE B 27 24.07 -60.66 -39.25
N SER B 28 24.35 -61.86 -38.73
CA SER B 28 25.24 -62.77 -39.44
C SER B 28 24.55 -63.32 -40.68
N THR B 29 25.02 -62.91 -41.85
CA THR B 29 24.48 -63.37 -43.11
C THR B 29 25.27 -64.58 -43.58
N SER B 30 24.71 -65.30 -44.55
CA SER B 30 25.35 -66.51 -45.02
C SER B 30 26.42 -66.25 -46.06
N GLU B 31 26.38 -65.10 -46.73
CA GLU B 31 27.33 -64.85 -47.81
C GLU B 31 28.69 -64.43 -47.28
N PHE B 32 28.75 -63.85 -46.07
CA PHE B 32 30.02 -63.56 -45.42
C PHE B 32 29.79 -63.46 -43.92
N ARG B 33 30.88 -63.60 -43.17
CA ARG B 33 30.82 -63.52 -41.71
C ARG B 33 31.97 -62.64 -41.23
N LEU B 34 32.05 -62.43 -39.92
CA LEU B 34 32.99 -61.47 -39.34
C LEU B 34 33.75 -62.12 -38.20
N THR B 35 35.09 -61.97 -38.22
CA THR B 35 35.95 -62.56 -37.20
C THR B 35 36.31 -61.52 -36.17
N PRO B 36 35.87 -61.66 -34.91
CA PRO B 36 36.01 -60.57 -33.93
C PRO B 36 37.42 -60.22 -33.48
N HIS B 37 38.17 -61.19 -32.94
CA HIS B 37 39.52 -61.01 -32.37
C HIS B 37 39.56 -59.86 -31.35
N ILE B 38 38.86 -60.09 -30.24
CA ILE B 38 38.58 -59.05 -29.26
C ILE B 38 39.57 -59.16 -28.11
N ASP B 39 40.09 -58.01 -27.65
CA ASP B 39 40.95 -57.93 -26.48
C ASP B 39 40.40 -56.91 -25.49
N ASN B 40 40.69 -57.13 -24.21
CA ASN B 40 40.27 -56.27 -23.12
C ASN B 40 41.44 -55.40 -22.67
N LEU B 41 41.13 -54.22 -22.14
CA LEU B 41 42.12 -53.20 -21.85
C LEU B 41 41.55 -52.17 -20.89
N GLU B 42 42.37 -51.15 -20.60
CA GLU B 42 41.93 -49.95 -19.90
C GLU B 42 41.91 -48.80 -20.89
N VAL B 43 40.89 -47.96 -20.80
CA VAL B 43 40.74 -46.91 -21.81
C VAL B 43 41.53 -45.65 -21.47
N ALA B 44 41.94 -45.50 -20.21
CA ALA B 44 42.70 -44.30 -19.84
C ALA B 44 44.17 -44.39 -20.21
N ASN B 45 44.74 -45.60 -20.23
CA ASN B 45 46.15 -45.79 -20.52
C ASN B 45 46.34 -45.89 -22.02
N SER B 46 47.13 -44.97 -22.57
CA SER B 46 47.41 -45.02 -24.00
C SER B 46 48.46 -46.06 -24.37
N PHE B 47 49.24 -46.53 -23.40
CA PHE B 47 50.23 -47.57 -23.68
C PHE B 47 49.56 -48.88 -24.07
N ALA B 48 48.48 -49.25 -23.36
CA ALA B 48 47.73 -50.43 -23.75
C ALA B 48 47.01 -50.20 -25.07
N VAL B 49 46.62 -48.96 -25.34
CA VAL B 49 46.11 -48.61 -26.66
C VAL B 49 47.22 -48.70 -27.69
N THR B 50 48.42 -48.27 -27.32
CA THR B 50 49.59 -48.43 -28.19
C THR B 50 49.93 -49.90 -28.37
N ASN B 51 49.74 -50.69 -27.32
CA ASN B 51 49.97 -52.12 -27.41
C ASN B 51 48.94 -52.79 -28.30
N ALA B 52 47.66 -52.52 -28.05
CA ALA B 52 46.60 -53.27 -28.74
C ALA B 52 46.45 -52.84 -30.19
N PHE B 53 46.69 -51.56 -30.51
CA PHE B 53 46.48 -51.12 -31.88
C PHE B 53 47.60 -51.64 -32.78
N CYS B 54 48.82 -51.72 -32.27
CA CYS B 54 49.88 -52.34 -33.05
C CYS B 54 49.87 -53.86 -32.93
N SER B 55 49.07 -54.40 -32.01
CA SER B 55 48.86 -55.84 -32.00
C SER B 55 47.98 -56.26 -33.18
N GLN B 56 46.84 -55.60 -33.34
CA GLN B 56 45.91 -55.96 -34.40
C GLN B 56 46.41 -55.55 -35.77
N PHE B 57 47.16 -54.46 -35.86
CA PHE B 57 47.73 -54.07 -37.15
C PHE B 57 48.86 -55.01 -37.55
N SER B 58 49.49 -55.66 -36.58
CA SER B 58 50.49 -56.67 -36.91
C SER B 58 49.85 -57.89 -37.57
N ARG B 59 48.65 -58.26 -37.13
CA ARG B 59 47.90 -59.28 -37.86
C ARG B 59 47.33 -58.72 -39.15
N GLY B 60 46.77 -57.51 -39.12
CA GLY B 60 46.25 -56.89 -40.31
C GLY B 60 44.77 -57.16 -40.49
N VAL B 61 43.96 -56.13 -40.30
CA VAL B 61 42.51 -56.24 -40.43
C VAL B 61 42.04 -55.19 -41.42
N TYR B 62 40.72 -55.13 -41.63
CA TYR B 62 40.15 -54.18 -42.56
C TYR B 62 39.43 -53.04 -41.83
N ALA B 63 39.01 -53.27 -40.60
CA ALA B 63 38.40 -52.25 -39.75
C ALA B 63 38.57 -52.67 -38.30
N ILE B 64 38.40 -51.70 -37.40
CA ILE B 64 38.55 -51.91 -35.96
C ILE B 64 37.42 -51.19 -35.25
N PHE B 65 36.76 -51.89 -34.33
CA PHE B 65 35.76 -51.30 -33.46
C PHE B 65 36.29 -51.25 -32.03
N GLY B 66 36.02 -50.14 -31.35
CA GLY B 66 36.48 -50.01 -29.98
C GLY B 66 35.96 -48.73 -29.35
N PHE B 67 36.41 -48.51 -28.11
CA PHE B 67 36.07 -47.32 -27.35
C PHE B 67 37.33 -46.51 -27.07
N TYR B 68 37.18 -45.19 -26.98
CA TYR B 68 38.28 -44.33 -26.60
C TYR B 68 37.84 -43.37 -25.52
N ASP B 69 38.82 -42.77 -24.86
CA ASP B 69 38.63 -41.81 -23.79
C ASP B 69 39.32 -40.51 -24.18
N LYS B 70 39.09 -39.46 -23.38
CA LYS B 70 39.80 -38.20 -23.57
C LYS B 70 41.30 -38.37 -23.39
N LYS B 71 41.71 -39.26 -22.50
CA LYS B 71 43.13 -39.49 -22.26
C LYS B 71 43.79 -40.29 -23.37
N SER B 72 43.03 -40.75 -24.37
CA SER B 72 43.61 -41.57 -25.43
C SER B 72 43.05 -41.22 -26.81
N VAL B 73 42.32 -40.10 -26.94
CA VAL B 73 41.68 -39.80 -28.23
C VAL B 73 42.71 -39.45 -29.30
N ASN B 74 43.73 -38.67 -28.95
CA ASN B 74 44.70 -38.26 -29.95
C ASN B 74 45.67 -39.38 -30.29
N THR B 75 45.74 -40.40 -29.43
CA THR B 75 46.42 -41.64 -29.81
C THR B 75 45.69 -42.30 -30.97
N ILE B 76 44.37 -42.21 -30.98
CA ILE B 76 43.58 -42.87 -32.02
C ILE B 76 43.59 -42.08 -33.31
N THR B 77 43.30 -40.78 -33.22
CA THR B 77 43.19 -39.97 -34.42
C THR B 77 44.52 -39.74 -35.13
N SER B 78 45.64 -39.96 -34.43
CA SER B 78 46.94 -39.91 -35.12
C SER B 78 47.23 -41.21 -35.84
N PHE B 79 46.89 -42.34 -35.21
CA PHE B 79 47.21 -43.64 -35.81
C PHE B 79 46.32 -43.92 -37.02
N CYS B 80 45.02 -43.68 -36.87
CA CYS B 80 44.12 -43.92 -37.99
C CYS B 80 44.23 -42.84 -39.04
N GLY B 81 44.71 -41.66 -38.67
CA GLY B 81 45.04 -40.66 -39.67
C GLY B 81 46.25 -41.04 -40.50
N THR B 82 47.25 -41.65 -39.87
CA THR B 82 48.45 -42.05 -40.59
C THR B 82 48.27 -43.41 -41.27
N LEU B 83 47.98 -44.45 -40.50
CA LEU B 83 48.04 -45.82 -41.01
C LEU B 83 46.83 -46.20 -41.86
N HIS B 84 45.89 -45.27 -42.08
CA HIS B 84 44.81 -45.39 -43.07
C HIS B 84 43.89 -46.58 -42.77
N VAL B 85 43.76 -46.90 -41.49
CA VAL B 85 42.84 -47.92 -41.01
C VAL B 85 41.61 -47.21 -40.48
N SER B 86 40.46 -47.44 -41.10
CA SER B 86 39.22 -46.79 -40.67
C SER B 86 38.80 -47.30 -39.30
N PHE B 87 38.03 -46.47 -38.59
CA PHE B 87 37.70 -46.77 -37.20
C PHE B 87 36.28 -46.34 -36.91
N ILE B 88 35.57 -47.16 -36.12
CA ILE B 88 34.17 -46.96 -35.80
C ILE B 88 34.04 -46.98 -34.29
N THR B 89 33.30 -46.01 -33.74
CA THR B 89 33.16 -45.89 -32.29
C THR B 89 31.91 -45.10 -31.92
N PRO B 90 31.29 -45.43 -30.79
CA PRO B 90 30.14 -44.66 -30.29
C PRO B 90 30.47 -43.63 -29.21
N SER B 91 31.74 -43.32 -28.97
CA SER B 91 32.11 -42.44 -27.86
C SER B 91 31.84 -40.98 -28.22
N PHE B 92 32.36 -40.07 -27.41
CA PHE B 92 32.06 -38.67 -27.58
C PHE B 92 32.71 -38.11 -28.83
N PRO B 93 31.99 -37.29 -29.60
CA PRO B 93 32.47 -36.90 -30.93
C PRO B 93 33.63 -35.93 -30.85
N THR B 94 34.64 -36.18 -31.66
CA THR B 94 35.81 -35.31 -31.68
C THR B 94 35.48 -34.01 -32.40
N ASP B 95 36.40 -33.05 -32.27
CA ASP B 95 36.27 -31.77 -32.94
C ASP B 95 37.44 -31.63 -33.90
N GLY B 96 37.12 -31.53 -35.19
CA GLY B 96 38.07 -31.51 -36.27
C GLY B 96 37.77 -32.61 -37.24
N THR B 97 38.11 -32.39 -38.49
CA THR B 97 37.70 -33.27 -39.58
C THR B 97 38.73 -34.38 -39.65
N HIS B 98 38.56 -35.37 -38.83
CA HIS B 98 39.50 -36.47 -38.74
C HIS B 98 39.09 -37.54 -39.74
N PRO B 99 39.97 -37.91 -40.66
CA PRO B 99 39.67 -39.03 -41.57
C PRO B 99 39.73 -40.35 -40.82
N PHE B 100 39.11 -41.37 -41.45
CA PHE B 100 39.13 -42.77 -41.01
C PHE B 100 38.46 -42.98 -39.65
N VAL B 101 37.57 -42.08 -39.24
CA VAL B 101 36.92 -42.15 -37.95
C VAL B 101 35.41 -42.07 -38.15
N ILE B 102 34.69 -43.02 -37.58
CA ILE B 102 33.23 -43.04 -37.61
C ILE B 102 32.72 -42.75 -36.21
N GLN B 103 32.03 -41.61 -36.07
CA GLN B 103 31.34 -41.27 -34.83
C GLN B 103 29.94 -41.85 -34.89
N MET B 104 29.67 -42.85 -34.07
CA MET B 104 28.34 -43.43 -34.00
C MET B 104 27.43 -42.66 -33.05
N ARG B 105 27.98 -41.84 -32.19
CA ARG B 105 27.19 -41.01 -31.31
C ARG B 105 26.78 -39.75 -32.04
N PRO B 106 25.53 -39.31 -31.92
CA PRO B 106 25.15 -38.03 -32.52
C PRO B 106 25.70 -36.88 -31.71
N ASP B 107 25.66 -35.70 -32.31
CA ASP B 107 25.97 -34.50 -31.56
C ASP B 107 24.81 -34.17 -30.63
N LEU B 108 25.13 -33.47 -29.55
CA LEU B 108 24.17 -33.16 -28.52
C LEU B 108 24.02 -31.67 -28.28
N LYS B 109 24.98 -30.87 -28.75
CA LYS B 109 25.11 -29.49 -28.33
C LYS B 109 23.97 -28.63 -28.86
N GLY B 110 23.67 -28.73 -30.15
CA GLY B 110 22.62 -27.91 -30.72
C GLY B 110 21.24 -28.25 -30.20
N ALA B 111 21.01 -29.54 -29.94
CA ALA B 111 19.81 -29.96 -29.24
C ALA B 111 19.80 -29.42 -27.82
N LEU B 112 20.96 -29.43 -27.17
CA LEU B 112 21.05 -28.90 -25.81
C LEU B 112 20.84 -27.40 -25.80
N LEU B 113 21.39 -26.69 -26.77
CA LEU B 113 21.17 -25.25 -26.87
C LEU B 113 19.71 -24.92 -27.14
N SER B 114 19.05 -25.74 -27.97
CA SER B 114 17.67 -25.49 -28.36
C SER B 114 16.71 -25.56 -27.19
N LEU B 115 16.99 -26.43 -26.22
CA LEU B 115 16.10 -26.59 -25.08
C LEU B 115 16.14 -25.38 -24.16
N ILE B 116 17.25 -24.65 -24.16
CA ILE B 116 17.48 -23.64 -23.15
C ILE B 116 16.63 -22.41 -23.41
N GLU B 117 16.53 -21.98 -24.66
CA GLU B 117 15.67 -20.85 -24.98
C GLU B 117 14.20 -21.24 -24.90
N TYR B 118 13.89 -22.53 -24.97
CA TYR B 118 12.51 -22.99 -24.89
C TYR B 118 11.92 -22.69 -23.52
N TYR B 119 12.68 -22.95 -22.46
CA TYR B 119 12.26 -22.55 -21.13
C TYR B 119 12.47 -21.07 -20.86
N GLN B 120 13.17 -20.38 -21.75
CA GLN B 120 13.49 -18.94 -21.65
C GLN B 120 14.27 -18.64 -20.37
N TRP B 121 15.42 -19.31 -20.23
CA TRP B 121 16.27 -19.10 -19.08
C TRP B 121 17.20 -17.92 -19.31
N ASP B 122 17.66 -17.34 -18.19
CA ASP B 122 18.65 -16.27 -18.22
C ASP B 122 19.85 -16.53 -17.34
N LYS B 123 19.65 -17.16 -16.19
CA LYS B 123 20.74 -17.38 -15.23
C LYS B 123 20.59 -18.78 -14.64
N PHE B 124 21.68 -19.53 -14.66
CA PHE B 124 21.68 -20.90 -14.19
C PHE B 124 23.10 -21.31 -13.87
N ALA B 125 23.24 -22.49 -13.27
CA ALA B 125 24.53 -23.09 -13.00
C ALA B 125 24.73 -24.26 -13.95
N TYR B 126 25.97 -24.74 -14.03
CA TYR B 126 26.33 -25.78 -14.98
C TYR B 126 27.43 -26.62 -14.39
N LEU B 127 27.07 -27.74 -13.78
CA LEU B 127 28.05 -28.68 -13.23
C LEU B 127 28.47 -29.60 -14.36
N TYR B 128 29.78 -29.79 -14.52
CA TYR B 128 30.28 -30.57 -15.63
C TYR B 128 31.38 -31.51 -15.17
N ASP B 129 31.64 -32.50 -16.00
CA ASP B 129 32.74 -33.43 -15.80
C ASP B 129 33.80 -33.13 -16.84
N SER B 130 35.03 -33.45 -16.51
CA SER B 130 36.16 -33.20 -17.40
C SER B 130 36.52 -34.41 -18.24
N ASP B 131 35.61 -35.37 -18.41
CA ASP B 131 36.02 -36.61 -19.04
C ASP B 131 35.58 -36.70 -20.49
N ARG B 132 34.44 -36.12 -20.83
CA ARG B 132 33.97 -36.17 -22.21
C ARG B 132 34.45 -34.99 -23.04
N GLY B 133 35.59 -34.42 -22.69
CA GLY B 133 36.02 -33.18 -23.31
C GLY B 133 35.29 -31.99 -22.72
N LEU B 134 35.65 -30.82 -23.22
CA LEU B 134 35.03 -29.58 -22.77
C LEU B 134 34.34 -28.86 -23.93
N SER B 135 33.95 -29.61 -24.95
CA SER B 135 33.34 -29.04 -26.15
C SER B 135 31.99 -28.41 -25.84
N THR B 136 31.23 -29.02 -24.92
CA THR B 136 29.93 -28.48 -24.57
C THR B 136 30.08 -27.20 -23.76
N LEU B 137 31.04 -27.17 -22.84
CA LEU B 137 31.29 -25.97 -22.04
C LEU B 137 31.78 -24.83 -22.90
N GLN B 138 32.61 -25.11 -23.89
CA GLN B 138 32.98 -24.10 -24.86
C GLN B 138 31.81 -23.70 -25.73
N ALA B 139 30.90 -24.63 -26.02
CA ALA B 139 29.77 -24.31 -26.88
C ALA B 139 28.79 -23.37 -26.17
N VAL B 140 28.55 -23.60 -24.89
CA VAL B 140 27.54 -22.79 -24.21
C VAL B 140 28.08 -21.42 -23.85
N LEU B 141 29.37 -21.31 -23.53
CA LEU B 141 29.92 -20.01 -23.13
C LEU B 141 30.12 -19.10 -24.33
N ASP B 142 30.34 -19.68 -25.50
CA ASP B 142 30.31 -18.89 -26.72
C ASP B 142 28.91 -18.38 -27.01
N SER B 143 27.91 -19.21 -26.79
CA SER B 143 26.54 -18.77 -26.98
C SER B 143 26.03 -17.94 -25.81
N ALA B 144 26.72 -17.98 -24.67
CA ALA B 144 26.29 -17.20 -23.52
C ALA B 144 26.50 -15.71 -23.73
N ALA B 145 27.62 -15.33 -24.35
CA ALA B 145 27.89 -13.92 -24.57
C ALA B 145 26.96 -13.32 -25.62
N GLU B 146 26.77 -14.04 -26.74
CA GLU B 146 26.02 -13.48 -27.84
C GLU B 146 24.51 -13.50 -27.60
N LYS B 147 24.05 -14.15 -26.53
CA LYS B 147 22.63 -14.11 -26.16
C LYS B 147 22.44 -13.77 -24.69
N LYS B 148 23.50 -13.30 -24.02
CA LYS B 148 23.43 -12.54 -22.77
C LYS B 148 22.83 -13.36 -21.62
N TRP B 149 23.51 -14.44 -21.28
CA TRP B 149 23.19 -15.28 -20.13
C TRP B 149 24.07 -14.91 -18.96
N GLN B 150 23.84 -15.61 -17.84
CA GLN B 150 24.69 -15.49 -16.65
C GLN B 150 24.93 -16.90 -16.13
N VAL B 151 26.07 -17.47 -16.50
CA VAL B 151 26.36 -18.88 -16.27
C VAL B 151 27.41 -19.00 -15.19
N THR B 152 27.15 -19.85 -14.20
CA THR B 152 28.14 -20.19 -13.18
C THR B 152 28.51 -21.65 -13.38
N ALA B 153 29.60 -21.89 -14.12
CA ALA B 153 30.04 -23.23 -14.44
C ALA B 153 31.06 -23.67 -13.41
N ILE B 154 30.85 -24.85 -12.82
CA ILE B 154 31.70 -25.37 -11.78
C ILE B 154 32.07 -26.81 -12.14
N ASN B 155 33.36 -27.11 -12.16
CA ASN B 155 33.80 -28.48 -12.41
C ASN B 155 33.53 -29.31 -11.16
N VAL B 156 33.36 -30.61 -11.35
CA VAL B 156 33.06 -31.53 -10.27
C VAL B 156 33.91 -32.79 -10.34
N GLY B 157 34.56 -33.05 -11.47
CA GLY B 157 35.18 -34.32 -11.75
C GLY B 157 36.38 -34.70 -10.93
N ASN B 158 37.08 -33.72 -10.39
CA ASN B 158 38.32 -33.98 -9.65
C ASN B 158 38.08 -34.27 -8.17
N ILE B 159 36.86 -34.58 -7.77
CA ILE B 159 36.59 -34.81 -6.35
C ILE B 159 36.91 -36.25 -6.00
N ASN B 160 37.69 -36.41 -4.93
CA ASN B 160 38.06 -37.73 -4.44
C ASN B 160 36.86 -38.48 -3.89
N ASN B 161 37.02 -39.79 -3.76
CA ASN B 161 35.92 -40.64 -3.32
C ASN B 161 35.66 -40.52 -1.82
N ASP B 162 36.68 -40.19 -1.04
CA ASP B 162 36.53 -40.21 0.41
C ASP B 162 35.78 -38.99 0.94
N LYS B 163 35.96 -37.83 0.32
CA LYS B 163 35.41 -36.58 0.79
C LYS B 163 34.32 -36.07 -0.14
N LYS B 164 33.47 -36.97 -0.63
CA LYS B 164 32.35 -36.56 -1.47
C LYS B 164 31.38 -35.68 -0.71
N ASP B 165 30.94 -36.16 0.45
CA ASP B 165 29.76 -35.60 1.12
C ASP B 165 29.99 -34.18 1.62
N GLU B 166 31.21 -33.85 2.03
CA GLU B 166 31.48 -32.47 2.42
C GLU B 166 31.54 -31.55 1.21
N THR B 167 32.06 -32.04 0.09
CA THR B 167 32.25 -31.17 -1.06
C THR B 167 30.94 -30.81 -1.75
N TYR B 168 30.01 -31.76 -1.87
CA TYR B 168 28.73 -31.43 -2.48
C TYR B 168 27.91 -30.50 -1.59
N ARG B 169 27.98 -30.70 -0.28
CA ARG B 169 27.35 -29.76 0.63
C ARG B 169 28.06 -28.42 0.62
N SER B 170 29.36 -28.42 0.35
CA SER B 170 30.02 -27.15 0.07
C SER B 170 29.62 -26.62 -1.28
N LEU B 171 29.25 -27.50 -2.22
CA LEU B 171 28.96 -27.06 -3.57
C LEU B 171 27.62 -26.37 -3.67
N PHE B 172 26.55 -27.02 -3.21
CA PHE B 172 25.22 -26.48 -3.44
C PHE B 172 24.88 -25.32 -2.52
N GLN B 173 25.48 -25.26 -1.32
CA GLN B 173 25.27 -24.09 -0.46
C GLN B 173 25.90 -22.85 -1.08
N ASP B 174 26.99 -23.03 -1.84
CA ASP B 174 27.51 -21.94 -2.64
C ASP B 174 26.53 -21.55 -3.73
N LEU B 175 25.85 -22.53 -4.32
CA LEU B 175 24.84 -22.23 -5.32
C LEU B 175 23.59 -21.62 -4.70
N GLU B 176 23.33 -21.91 -3.43
CA GLU B 176 22.11 -21.43 -2.81
C GLU B 176 22.16 -19.93 -2.52
N LEU B 177 23.34 -19.42 -2.15
CA LEU B 177 23.48 -18.00 -1.85
C LEU B 177 23.30 -17.14 -3.10
N LYS B 178 23.56 -17.70 -4.27
CA LYS B 178 23.30 -17.00 -5.52
C LYS B 178 21.87 -17.20 -6.00
N LYS B 179 21.05 -17.93 -5.24
CA LYS B 179 19.67 -18.28 -5.60
C LYS B 179 19.60 -19.00 -6.95
N GLU B 180 20.35 -20.09 -7.05
CA GLU B 180 20.43 -20.83 -8.31
C GLU B 180 19.33 -21.88 -8.34
N ARG B 181 18.16 -21.50 -8.82
CA ARG B 181 17.03 -22.41 -8.95
C ARG B 181 17.14 -23.32 -10.16
N ARG B 182 18.10 -23.07 -11.05
CA ARG B 182 18.20 -23.79 -12.31
C ARG B 182 19.58 -24.40 -12.41
N VAL B 183 19.63 -25.70 -12.63
CA VAL B 183 20.88 -26.45 -12.67
C VAL B 183 20.87 -27.29 -13.94
N ILE B 184 21.98 -27.29 -14.67
CA ILE B 184 22.16 -28.19 -15.80
C ILE B 184 23.32 -29.11 -15.48
N LEU B 185 23.06 -30.40 -15.43
CA LEU B 185 24.08 -31.39 -15.15
C LEU B 185 24.57 -31.94 -16.47
N ASP B 186 25.78 -32.49 -16.47
CA ASP B 186 26.40 -33.07 -17.65
C ASP B 186 27.44 -34.07 -17.16
N CYS B 187 27.04 -35.33 -17.05
CA CYS B 187 27.95 -36.34 -16.54
C CYS B 187 27.71 -37.66 -17.26
N GLU B 188 28.37 -38.70 -16.76
CA GLU B 188 28.02 -40.08 -17.07
C GLU B 188 26.90 -40.54 -16.15
N ARG B 189 26.65 -41.84 -16.11
CA ARG B 189 25.63 -42.38 -15.22
C ARG B 189 26.06 -42.25 -13.77
N ASP B 190 27.29 -42.67 -13.47
CA ASP B 190 27.68 -42.93 -12.09
C ASP B 190 27.85 -41.63 -11.30
N LYS B 191 28.20 -40.54 -11.98
CA LYS B 191 28.23 -39.26 -11.30
C LYS B 191 26.83 -38.73 -11.07
N VAL B 192 25.93 -38.93 -12.04
CA VAL B 192 24.57 -38.43 -11.91
C VAL B 192 23.83 -39.12 -10.78
N ASN B 193 24.04 -40.43 -10.62
CA ASN B 193 23.48 -41.13 -9.47
C ASN B 193 24.08 -40.64 -8.16
N ASP B 194 25.34 -40.21 -8.17
CA ASP B 194 25.93 -39.67 -6.96
C ASP B 194 25.45 -38.26 -6.66
N ILE B 195 25.30 -37.43 -7.68
CA ILE B 195 24.90 -36.05 -7.46
C ILE B 195 23.46 -35.97 -7.00
N VAL B 196 22.58 -36.76 -7.62
CA VAL B 196 21.15 -36.71 -7.31
C VAL B 196 20.89 -37.19 -5.88
N ASP B 197 21.66 -38.17 -5.42
CA ASP B 197 21.53 -38.63 -4.03
C ASP B 197 21.92 -37.56 -3.04
N GLN B 198 22.86 -36.69 -3.39
CA GLN B 198 23.19 -35.60 -2.49
C GLN B 198 22.23 -34.44 -2.61
N VAL B 199 21.53 -34.30 -3.75
CA VAL B 199 20.48 -33.30 -3.85
C VAL B 199 19.33 -33.64 -2.91
N ILE B 200 18.99 -34.93 -2.84
CA ILE B 200 17.92 -35.38 -1.98
C ILE B 200 18.27 -35.20 -0.52
N THR B 201 19.50 -35.51 -0.15
CA THR B 201 19.88 -35.53 1.26
C THR B 201 19.92 -34.12 1.84
N ILE B 202 20.35 -33.13 1.05
CA ILE B 202 20.22 -31.76 1.50
C ILE B 202 18.84 -31.19 1.24
N GLY B 203 17.99 -31.93 0.53
CA GLY B 203 16.62 -31.50 0.33
C GLY B 203 16.50 -30.34 -0.64
N LYS B 204 16.83 -30.57 -1.90
CA LYS B 204 16.76 -29.52 -2.91
C LYS B 204 16.12 -30.06 -4.18
N HIS B 205 15.01 -30.78 -4.04
CA HIS B 205 14.23 -31.24 -5.19
C HIS B 205 12.74 -31.00 -5.00
N VAL B 206 12.37 -29.99 -4.22
CA VAL B 206 10.99 -29.57 -4.05
C VAL B 206 10.51 -28.86 -5.30
N LYS B 207 9.22 -28.55 -5.35
CA LYS B 207 8.70 -27.60 -6.32
C LYS B 207 9.44 -26.28 -6.23
N GLY B 208 10.07 -25.89 -7.34
CA GLY B 208 10.83 -24.67 -7.42
C GLY B 208 12.16 -24.78 -8.14
N TYR B 209 12.68 -25.98 -8.34
CA TYR B 209 13.96 -26.17 -9.00
C TYR B 209 13.75 -26.83 -10.36
N HIS B 210 14.81 -26.87 -11.13
CA HIS B 210 14.76 -27.50 -12.44
C HIS B 210 16.11 -28.12 -12.75
N TYR B 211 16.08 -29.30 -13.35
CA TYR B 211 17.27 -30.09 -13.60
C TYR B 211 17.24 -30.59 -15.03
N ILE B 212 18.41 -30.70 -15.65
CA ILE B 212 18.56 -31.21 -17.01
C ILE B 212 19.78 -32.11 -17.02
N ILE B 213 19.58 -33.39 -17.30
CA ILE B 213 20.69 -34.35 -17.34
C ILE B 213 21.07 -34.53 -18.80
N ALA B 214 22.07 -33.78 -19.25
CA ALA B 214 22.37 -33.66 -20.67
C ALA B 214 23.29 -34.80 -21.12
N ASN B 215 22.64 -35.93 -21.39
CA ASN B 215 23.30 -37.06 -22.04
C ASN B 215 22.22 -37.89 -22.72
N LEU B 216 22.66 -38.89 -23.48
CA LEU B 216 21.74 -39.60 -24.34
C LEU B 216 20.88 -40.61 -23.58
N GLY B 217 21.21 -40.91 -22.32
CA GLY B 217 20.33 -41.74 -21.55
C GLY B 217 19.63 -40.99 -20.42
N PHE B 218 18.37 -40.63 -20.61
CA PHE B 218 17.66 -39.94 -19.55
C PHE B 218 17.03 -40.91 -18.57
N THR B 219 16.36 -41.94 -19.08
CA THR B 219 15.82 -43.01 -18.25
C THR B 219 16.85 -44.10 -18.02
N ASP B 220 18.09 -43.88 -18.42
CA ASP B 220 19.14 -44.87 -18.24
C ASP B 220 19.48 -45.07 -16.78
N GLY B 221 19.85 -43.99 -16.09
CA GLY B 221 20.08 -44.04 -14.66
C GLY B 221 18.79 -44.10 -13.89
N ASP B 222 18.92 -44.18 -12.57
CA ASP B 222 17.76 -44.21 -11.70
C ASP B 222 17.12 -42.83 -11.67
N LEU B 223 15.79 -42.81 -11.69
CA LEU B 223 15.04 -41.57 -11.76
C LEU B 223 13.86 -41.55 -10.80
N LEU B 224 13.49 -42.71 -10.25
CA LEU B 224 12.30 -42.82 -9.43
C LEU B 224 12.40 -42.03 -8.13
N LYS B 225 13.61 -41.89 -7.60
CA LYS B 225 13.78 -41.25 -6.31
C LYS B 225 13.59 -39.75 -6.36
N ILE B 226 13.65 -39.14 -7.55
CA ILE B 226 13.26 -37.75 -7.68
C ILE B 226 12.00 -37.57 -8.52
N GLN B 227 11.20 -38.62 -8.66
CA GLN B 227 9.94 -38.48 -9.39
C GLN B 227 8.95 -37.64 -8.61
N PHE B 228 8.95 -37.76 -7.28
CA PHE B 228 7.84 -37.26 -6.49
C PHE B 228 8.20 -36.05 -5.64
N GLY B 229 9.32 -35.39 -5.94
CA GLY B 229 9.68 -34.20 -5.20
C GLY B 229 8.84 -32.99 -5.57
N GLY B 230 8.94 -32.56 -6.81
CA GLY B 230 8.25 -31.37 -7.26
C GLY B 230 9.10 -30.58 -8.23
N ALA B 231 10.38 -30.93 -8.31
CA ALA B 231 11.31 -30.27 -9.21
C ALA B 231 11.17 -30.83 -10.61
N GLU B 232 10.96 -29.92 -11.57
CA GLU B 232 10.76 -30.32 -12.95
C GLU B 232 12.07 -30.79 -13.57
N VAL B 233 12.09 -32.03 -14.02
CA VAL B 233 13.30 -32.63 -14.56
C VAL B 233 13.06 -32.94 -16.03
N SER B 234 13.97 -32.51 -16.89
CA SER B 234 13.93 -32.85 -18.29
C SER B 234 15.17 -33.67 -18.65
N GLY B 235 15.26 -34.06 -19.90
CA GLY B 235 16.41 -34.85 -20.33
C GLY B 235 16.30 -35.26 -21.78
N PHE B 236 17.32 -35.98 -22.22
CA PHE B 236 17.50 -36.33 -23.62
C PHE B 236 17.60 -37.84 -23.76
N GLN B 237 16.91 -38.39 -24.75
CA GLN B 237 17.10 -39.79 -25.14
C GLN B 237 16.78 -39.92 -26.62
N ILE B 238 17.52 -40.79 -27.31
CA ILE B 238 17.22 -41.10 -28.70
C ILE B 238 16.41 -42.38 -28.86
N VAL B 239 16.59 -43.37 -27.97
CA VAL B 239 16.00 -44.69 -28.17
C VAL B 239 14.58 -44.69 -27.61
N ASP B 240 13.60 -44.40 -28.47
CA ASP B 240 12.22 -44.48 -28.05
C ASP B 240 11.74 -45.93 -28.11
N TYR B 241 11.09 -46.37 -27.04
CA TYR B 241 10.63 -47.75 -26.96
C TYR B 241 9.34 -48.00 -27.72
N ASP B 242 8.66 -46.94 -28.16
CA ASP B 242 7.38 -47.09 -28.86
C ASP B 242 7.55 -47.63 -30.26
N ASP B 243 8.76 -47.62 -30.81
CA ASP B 243 9.01 -48.22 -32.11
C ASP B 243 8.94 -49.74 -32.02
N SER B 244 8.35 -50.36 -33.05
CA SER B 244 8.13 -51.80 -33.04
C SER B 244 9.44 -52.57 -33.15
N LEU B 245 10.37 -52.11 -33.99
CA LEU B 245 11.68 -52.76 -34.09
C LEU B 245 12.45 -52.62 -32.78
N VAL B 246 12.27 -51.51 -32.08
CA VAL B 246 12.77 -51.42 -30.71
C VAL B 246 12.01 -52.36 -29.81
N SER B 247 10.68 -52.41 -29.95
CA SER B 247 9.85 -53.29 -29.14
C SER B 247 10.13 -54.75 -29.45
N LYS B 248 10.46 -55.04 -30.71
CA LYS B 248 10.96 -56.37 -31.07
C LYS B 248 12.26 -56.66 -30.36
N PHE B 249 13.14 -55.65 -30.31
CA PHE B 249 14.45 -55.83 -29.69
C PHE B 249 14.31 -56.03 -28.18
N ILE B 250 13.50 -55.21 -27.52
CA ILE B 250 13.27 -55.31 -26.08
C ILE B 250 12.65 -56.64 -25.72
N GLU B 251 11.70 -57.12 -26.54
CA GLU B 251 11.17 -58.45 -26.37
C GLU B 251 12.24 -59.52 -26.54
N ARG B 252 13.17 -59.32 -27.47
CA ARG B 252 14.29 -60.24 -27.61
C ARG B 252 15.31 -60.06 -26.50
N TRP B 253 15.53 -58.81 -26.07
CA TRP B 253 16.58 -58.52 -25.11
C TRP B 253 16.21 -59.02 -23.72
N SER B 254 14.92 -58.98 -23.38
CA SER B 254 14.50 -59.25 -22.01
C SER B 254 14.64 -60.72 -21.62
N THR B 255 14.48 -61.62 -22.57
CA THR B 255 14.37 -63.04 -22.26
C THR B 255 15.72 -63.75 -22.15
N LEU B 256 16.82 -63.02 -22.08
CA LEU B 256 18.11 -63.66 -22.28
C LEU B 256 18.73 -64.12 -20.97
N GLU B 257 19.87 -64.80 -21.08
CA GLU B 257 20.54 -65.43 -19.96
C GLU B 257 21.49 -64.44 -19.28
N GLU B 258 21.52 -64.50 -17.94
CA GLU B 258 22.41 -63.63 -17.18
C GLU B 258 23.88 -64.04 -17.34
N LYS B 259 24.19 -65.32 -17.11
CA LYS B 259 25.60 -65.71 -17.09
C LYS B 259 26.16 -65.83 -18.50
N GLU B 260 25.31 -65.96 -19.50
CA GLU B 260 25.80 -65.92 -20.87
C GLU B 260 25.89 -64.50 -21.38
N TYR B 261 24.89 -63.68 -21.08
CA TYR B 261 24.84 -62.28 -21.51
C TYR B 261 24.64 -61.40 -20.29
N PRO B 262 25.74 -60.97 -19.63
CA PRO B 262 25.61 -60.15 -18.41
C PRO B 262 24.98 -58.79 -18.64
N GLY B 263 23.86 -58.55 -17.96
CA GLY B 263 23.10 -57.33 -18.13
C GLY B 263 22.09 -57.35 -19.25
N ALA B 264 21.70 -58.53 -19.73
CA ALA B 264 20.73 -58.57 -20.81
C ALA B 264 19.31 -58.71 -20.30
N HIS B 265 19.07 -59.55 -19.29
CA HIS B 265 17.72 -59.84 -18.81
C HIS B 265 17.22 -58.64 -18.02
N THR B 266 16.85 -57.59 -18.75
CA THR B 266 16.38 -56.34 -18.18
C THR B 266 15.14 -55.91 -18.95
N ALA B 267 14.69 -54.68 -18.68
CA ALA B 267 13.66 -54.05 -19.48
C ALA B 267 14.21 -52.95 -20.38
N THR B 268 15.26 -52.26 -19.94
CA THR B 268 15.84 -51.16 -20.68
C THR B 268 17.31 -51.45 -20.97
N ILE B 269 17.83 -50.75 -21.97
CA ILE B 269 19.22 -50.87 -22.38
C ILE B 269 19.82 -49.47 -22.49
N LYS B 270 21.08 -49.34 -22.09
CA LYS B 270 21.76 -48.06 -22.11
C LYS B 270 22.19 -47.74 -23.53
N TYR B 271 22.29 -46.43 -23.82
CA TYR B 271 22.55 -45.97 -25.19
C TYR B 271 23.92 -46.37 -25.69
N THR B 272 24.88 -46.53 -24.77
CA THR B 272 26.21 -47.01 -25.17
C THR B 272 26.14 -48.44 -25.68
N SER B 273 25.30 -49.26 -25.07
CA SER B 273 25.07 -50.59 -25.62
C SER B 273 24.18 -50.54 -26.85
N ALA B 274 23.34 -49.51 -26.96
CA ALA B 274 22.39 -49.44 -28.06
C ALA B 274 23.09 -49.14 -29.38
N LEU B 275 24.12 -48.30 -29.35
CA LEU B 275 24.89 -48.06 -30.55
C LEU B 275 25.82 -49.22 -30.86
N THR B 276 26.21 -49.98 -29.84
CA THR B 276 27.07 -51.14 -30.05
C THR B 276 26.36 -52.20 -30.89
N TYR B 277 25.08 -52.42 -30.61
CA TYR B 277 24.26 -53.26 -31.49
C TYR B 277 24.10 -52.62 -32.87
N ASP B 278 23.89 -51.30 -32.91
CA ASP B 278 23.64 -50.64 -34.19
C ASP B 278 24.89 -50.52 -35.04
N ALA B 279 26.08 -50.66 -34.43
CA ALA B 279 27.31 -50.56 -35.21
C ALA B 279 27.57 -51.80 -36.04
N VAL B 280 27.15 -52.96 -35.54
CA VAL B 280 27.42 -54.22 -36.23
C VAL B 280 26.61 -54.32 -37.51
N GLN B 281 25.42 -53.72 -37.52
CA GLN B 281 24.65 -53.57 -38.76
C GLN B 281 25.38 -52.71 -39.78
N VAL B 282 26.11 -51.69 -39.30
CA VAL B 282 26.82 -50.80 -40.21
C VAL B 282 28.07 -51.47 -40.77
N MET B 283 28.78 -52.22 -39.93
CA MET B 283 29.94 -53.00 -40.38
C MET B 283 29.55 -54.03 -41.42
N THR B 284 28.42 -54.72 -41.19
CA THR B 284 27.99 -55.75 -42.11
C THR B 284 27.42 -55.13 -43.39
N GLU B 285 26.91 -53.90 -43.29
CA GLU B 285 26.46 -53.16 -44.48
C GLU B 285 27.61 -52.88 -45.43
N ALA B 286 28.81 -52.68 -44.89
CA ALA B 286 29.97 -52.33 -45.72
C ALA B 286 30.37 -53.48 -46.63
N PHE B 287 30.67 -54.64 -46.04
CA PHE B 287 31.19 -55.74 -46.83
C PHE B 287 30.12 -56.40 -47.68
N ARG B 288 28.85 -56.17 -47.36
CA ARG B 288 27.78 -56.53 -48.27
C ARG B 288 27.74 -55.58 -49.46
N ASN B 289 27.90 -54.28 -49.21
CA ASN B 289 27.93 -53.33 -50.32
C ASN B 289 29.27 -53.37 -51.05
N LEU B 290 30.32 -53.84 -50.38
CA LEU B 290 31.63 -54.00 -51.01
C LEU B 290 31.61 -55.05 -52.11
N ARG B 291 31.02 -56.21 -51.83
CA ARG B 291 30.99 -57.30 -52.80
C ARG B 291 29.93 -57.10 -53.86
N LYS B 292 29.12 -56.05 -53.73
CA LYS B 292 28.06 -55.80 -54.71
C LYS B 292 28.61 -55.19 -55.99
N GLN B 293 29.55 -54.25 -55.90
CA GLN B 293 30.21 -53.71 -57.08
C GLN B 293 31.49 -54.46 -57.43
N ARG B 294 31.62 -55.70 -56.96
CA ARG B 294 32.71 -56.62 -57.30
C ARG B 294 34.08 -56.06 -56.94
N ILE B 295 34.17 -55.41 -55.78
CA ILE B 295 35.40 -54.73 -55.39
C ILE B 295 36.19 -55.61 -54.43
N GLU B 296 37.18 -56.32 -54.96
CA GLU B 296 38.02 -57.15 -54.11
C GLU B 296 39.19 -56.33 -53.59
N ILE B 297 39.31 -56.28 -52.27
CA ILE B 297 40.34 -55.49 -51.60
C ILE B 297 41.19 -56.41 -50.75
N SER B 298 41.24 -57.68 -51.13
CA SER B 298 41.81 -58.73 -50.30
C SER B 298 43.32 -58.60 -50.27
N ARG B 299 43.83 -57.79 -49.35
CA ARG B 299 45.28 -57.68 -49.12
C ARG B 299 45.75 -58.83 -48.22
N ARG B 300 45.86 -60.01 -48.84
CA ARG B 300 46.31 -61.20 -48.14
C ARG B 300 47.79 -61.16 -47.79
N GLY B 301 48.54 -60.21 -48.35
CA GLY B 301 49.95 -60.09 -48.01
C GLY B 301 50.16 -59.66 -46.58
N ASN B 302 51.37 -59.88 -46.08
CA ASN B 302 51.69 -59.64 -44.68
C ASN B 302 51.66 -58.15 -44.36
N ALA B 303 50.88 -57.80 -43.34
CA ALA B 303 50.76 -56.40 -42.93
C ALA B 303 52.06 -55.88 -42.34
N GLY B 304 52.78 -56.73 -41.61
CA GLY B 304 53.96 -56.30 -40.90
C GLY B 304 53.62 -55.51 -39.66
N ASP B 305 54.66 -54.99 -39.02
CA ASP B 305 54.47 -54.21 -37.80
C ASP B 305 53.98 -52.80 -38.14
N CYS B 306 53.69 -52.03 -37.09
CA CYS B 306 53.21 -50.67 -37.26
C CYS B 306 54.33 -49.65 -37.32
N LEU B 307 55.50 -49.98 -36.77
CA LEU B 307 56.62 -49.04 -36.73
C LEU B 307 57.44 -49.21 -38.00
N ALA B 308 56.91 -48.67 -39.09
CA ALA B 308 57.58 -48.65 -40.38
C ALA B 308 58.19 -47.28 -40.61
N ASN B 309 59.43 -47.26 -41.08
CA ASN B 309 60.16 -46.02 -41.29
C ASN B 309 60.56 -45.92 -42.76
N PRO B 310 59.84 -45.16 -43.59
CA PRO B 310 58.58 -44.44 -43.29
C PRO B 310 57.38 -45.38 -43.32
N ALA B 311 56.30 -44.96 -42.68
CA ALA B 311 55.08 -45.75 -42.71
C ALA B 311 54.40 -45.64 -44.06
N VAL B 312 53.79 -46.73 -44.50
CA VAL B 312 53.14 -46.82 -45.80
C VAL B 312 51.67 -47.17 -45.59
N PRO B 313 50.74 -46.52 -46.27
CA PRO B 313 49.35 -46.98 -46.25
C PRO B 313 49.14 -48.10 -47.26
N TRP B 314 47.88 -48.51 -47.39
CA TRP B 314 47.44 -49.36 -48.48
C TRP B 314 46.09 -48.83 -48.96
N GLY B 315 46.04 -48.48 -50.25
CA GLY B 315 45.00 -47.63 -50.82
C GLY B 315 43.65 -48.27 -50.94
N GLN B 316 43.53 -49.57 -50.67
CA GLN B 316 42.21 -50.18 -50.64
C GLN B 316 41.44 -49.78 -49.38
N GLY B 317 42.12 -49.25 -48.36
CA GLY B 317 41.42 -48.73 -47.20
C GLY B 317 40.68 -47.45 -47.48
N VAL B 318 41.09 -46.72 -48.53
CA VAL B 318 40.35 -45.53 -48.93
C VAL B 318 38.96 -45.92 -49.45
N GLU B 319 38.87 -47.07 -50.11
CA GLU B 319 37.59 -47.58 -50.55
C GLU B 319 36.75 -48.06 -49.39
N ILE B 320 37.39 -48.48 -48.29
CA ILE B 320 36.66 -48.93 -47.11
C ILE B 320 35.91 -47.76 -46.48
N GLU B 321 36.60 -46.66 -46.20
CA GLU B 321 35.92 -45.47 -45.70
C GLU B 321 35.05 -44.83 -46.77
N ARG B 322 35.31 -45.08 -48.05
CA ARG B 322 34.33 -44.72 -49.07
C ARG B 322 33.06 -45.54 -48.91
N ALA B 323 33.20 -46.80 -48.52
CA ALA B 323 32.04 -47.65 -48.30
C ALA B 323 31.36 -47.37 -46.97
N LEU B 324 32.15 -47.09 -45.93
CA LEU B 324 31.58 -46.92 -44.59
C LEU B 324 30.78 -45.62 -44.48
N LYS B 325 31.27 -44.54 -45.07
CA LYS B 325 30.56 -43.27 -44.99
C LYS B 325 29.32 -43.26 -45.87
N GLN B 326 29.28 -44.10 -46.89
CA GLN B 326 28.12 -44.22 -47.75
C GLN B 326 27.21 -45.36 -47.28
N VAL B 327 26.83 -45.27 -46.00
CA VAL B 327 25.94 -46.25 -45.37
C VAL B 327 24.73 -45.51 -44.85
N GLN B 328 23.55 -45.91 -45.32
CA GLN B 328 22.29 -45.42 -44.77
C GLN B 328 21.39 -46.62 -44.53
N VAL B 329 21.38 -47.11 -43.28
CA VAL B 329 20.50 -48.18 -42.84
C VAL B 329 19.71 -47.68 -41.65
N GLU B 330 18.91 -48.56 -41.06
CA GLU B 330 18.05 -48.21 -39.95
C GLU B 330 18.36 -49.10 -38.76
N GLY B 331 18.46 -48.50 -37.58
CA GLY B 331 18.78 -49.24 -36.37
C GLY B 331 17.92 -48.81 -35.21
N LEU B 332 18.41 -49.01 -33.99
CA LEU B 332 17.63 -48.68 -32.80
C LEU B 332 17.49 -47.17 -32.64
N SER B 333 18.50 -46.41 -33.03
CA SER B 333 18.41 -44.95 -32.93
C SER B 333 17.55 -44.38 -34.04
N GLY B 334 17.61 -44.95 -35.24
CA GLY B 334 16.81 -44.46 -36.34
C GLY B 334 17.59 -44.23 -37.63
N ASN B 335 17.44 -43.04 -38.20
CA ASN B 335 18.03 -42.76 -39.51
C ASN B 335 19.52 -42.49 -39.37
N ILE B 336 20.33 -43.44 -39.82
CA ILE B 336 21.78 -43.33 -39.79
C ILE B 336 22.22 -42.72 -41.11
N LYS B 337 22.69 -41.48 -41.07
CA LYS B 337 23.20 -40.78 -42.24
C LYS B 337 24.45 -40.04 -41.86
N PHE B 338 25.45 -40.06 -42.74
CA PHE B 338 26.80 -39.62 -42.41
C PHE B 338 27.21 -38.40 -43.22
N ASP B 339 28.37 -37.87 -42.87
CA ASP B 339 29.03 -36.78 -43.58
C ASP B 339 30.24 -37.35 -44.32
N GLN B 340 30.93 -36.50 -45.08
CA GLN B 340 32.21 -36.89 -45.65
C GLN B 340 33.27 -37.03 -44.57
N ASN B 341 33.07 -36.36 -43.44
CA ASN B 341 34.06 -36.38 -42.37
C ASN B 341 33.95 -37.64 -41.53
N GLY B 342 32.74 -38.15 -41.33
CA GLY B 342 32.49 -39.26 -40.45
C GLY B 342 31.45 -39.02 -39.39
N LYS B 343 30.90 -37.80 -39.32
CA LYS B 343 29.90 -37.43 -38.34
C LYS B 343 28.54 -38.02 -38.70
N ARG B 344 27.51 -37.60 -37.97
CA ARG B 344 26.16 -38.05 -38.24
C ARG B 344 25.25 -36.87 -38.54
N ILE B 345 24.54 -36.95 -39.66
CA ILE B 345 23.54 -35.97 -40.04
C ILE B 345 22.21 -36.69 -40.15
N ASN B 346 21.14 -35.90 -40.17
CA ASN B 346 19.75 -36.35 -40.29
C ASN B 346 19.40 -37.37 -39.21
N TYR B 347 19.50 -36.92 -37.96
CA TYR B 347 19.08 -37.72 -36.82
C TYR B 347 18.04 -36.95 -36.01
N THR B 348 17.40 -37.68 -35.10
CA THR B 348 16.32 -37.15 -34.26
C THR B 348 16.56 -37.57 -32.82
N ILE B 349 16.41 -36.62 -31.91
CA ILE B 349 16.54 -36.87 -30.47
C ILE B 349 15.21 -36.56 -29.82
N ASN B 350 14.76 -37.45 -28.94
CA ASN B 350 13.46 -37.28 -28.29
C ASN B 350 13.65 -36.52 -26.99
N ILE B 351 13.09 -35.31 -26.93
CA ILE B 351 13.12 -34.50 -25.72
C ILE B 351 12.14 -35.08 -24.72
N MET B 352 12.66 -35.57 -23.60
CA MET B 352 11.83 -36.22 -22.61
C MET B 352 11.79 -35.39 -21.34
N GLU B 353 10.62 -35.36 -20.72
CA GLU B 353 10.37 -34.57 -19.52
C GLU B 353 9.66 -35.44 -18.50
N LEU B 354 9.96 -35.21 -17.23
CA LEU B 354 9.54 -36.09 -16.14
C LEU B 354 8.32 -35.54 -15.43
N LYS B 355 7.27 -36.36 -15.33
CA LYS B 355 6.07 -36.04 -14.59
C LYS B 355 5.84 -37.11 -13.54
N THR B 356 4.74 -36.94 -12.78
CA THR B 356 4.43 -37.85 -11.68
C THR B 356 4.11 -39.26 -12.16
N ASN B 357 3.60 -39.38 -13.39
CA ASN B 357 3.39 -40.70 -13.96
C ASN B 357 4.71 -41.37 -14.34
N GLY B 358 5.71 -40.57 -14.68
CA GLY B 358 6.99 -41.08 -15.09
C GLY B 358 7.54 -40.31 -16.28
N PRO B 359 8.43 -40.93 -17.05
CA PRO B 359 8.99 -40.26 -18.21
C PRO B 359 7.96 -40.11 -19.33
N ARG B 360 8.06 -38.99 -20.04
CA ARG B 360 7.16 -38.69 -21.15
C ARG B 360 7.94 -38.30 -22.40
N LYS B 361 7.22 -37.82 -23.41
CA LYS B 361 7.86 -37.25 -24.60
C LYS B 361 7.11 -35.98 -24.97
N ILE B 362 7.84 -34.89 -25.16
CA ILE B 362 7.21 -33.63 -25.54
C ILE B 362 7.69 -33.12 -26.89
N GLY B 363 8.40 -33.94 -27.65
CA GLY B 363 8.76 -33.57 -29.00
C GLY B 363 10.10 -34.15 -29.41
N TYR B 364 10.56 -33.69 -30.58
CA TYR B 364 11.81 -34.16 -31.17
C TYR B 364 12.57 -32.98 -31.77
N TRP B 365 13.77 -33.28 -32.27
CA TRP B 365 14.72 -32.29 -32.74
C TRP B 365 15.39 -32.78 -34.01
N SER B 366 15.79 -31.85 -34.88
CA SER B 366 16.50 -32.20 -36.10
C SER B 366 17.58 -31.17 -36.38
N GLU B 367 18.33 -31.41 -37.46
CA GLU B 367 19.24 -30.38 -37.97
C GLU B 367 18.46 -29.35 -38.76
N VAL B 368 17.58 -29.82 -39.65
CA VAL B 368 16.91 -28.96 -40.62
C VAL B 368 15.95 -28.02 -39.91
N ASP B 369 15.18 -28.56 -38.97
CA ASP B 369 14.32 -27.76 -38.11
C ASP B 369 14.78 -27.97 -36.69
N LYS B 370 14.54 -26.97 -35.84
CA LYS B 370 14.96 -26.98 -34.44
C LYS B 370 14.03 -27.84 -33.59
N MET B 371 14.03 -27.60 -32.28
CA MET B 371 13.19 -28.31 -31.32
C MET B 371 11.71 -28.21 -31.73
N VAL B 372 11.15 -29.34 -32.16
CA VAL B 372 9.76 -29.39 -32.60
C VAL B 372 8.94 -29.96 -31.45
N LEU B 373 8.07 -29.12 -30.88
CA LEU B 373 7.40 -29.41 -29.61
C LEU B 373 6.10 -30.20 -29.80
N THR B 374 6.21 -31.30 -30.54
CA THR B 374 5.09 -32.20 -30.78
C THR B 374 4.76 -32.95 -29.50
N GLU B 375 3.62 -32.59 -28.89
CA GLU B 375 3.15 -33.33 -27.73
C GLU B 375 2.65 -34.73 -28.09
N ASP B 376 2.34 -34.96 -29.37
CA ASP B 376 1.97 -36.26 -29.94
C ASP B 376 0.75 -36.89 -29.26
N THR B 385 -8.33 -21.84 -23.33
CA THR B 385 -8.98 -21.45 -24.58
C THR B 385 -10.40 -20.95 -24.31
N VAL B 386 -10.53 -19.63 -24.20
CA VAL B 386 -11.87 -19.04 -24.22
C VAL B 386 -11.97 -17.99 -25.32
N VAL B 387 -13.20 -17.77 -25.77
CA VAL B 387 -13.53 -16.75 -26.76
C VAL B 387 -14.36 -15.69 -26.04
N VAL B 388 -13.75 -14.54 -25.78
CA VAL B 388 -14.36 -13.50 -24.97
C VAL B 388 -15.26 -12.63 -25.83
N THR B 389 -16.53 -12.55 -25.44
CA THR B 389 -17.45 -11.57 -26.01
C THR B 389 -17.69 -10.45 -25.00
N THR B 390 -17.78 -9.23 -25.54
CA THR B 390 -18.02 -8.01 -24.76
C THR B 390 -18.40 -6.89 -25.71
N ILE B 391 -18.52 -5.66 -25.19
CA ILE B 391 -18.83 -4.49 -25.98
C ILE B 391 -17.85 -3.39 -25.59
N LEU B 392 -17.52 -2.53 -26.54
CA LEU B 392 -16.57 -1.45 -26.31
C LEU B 392 -17.27 -0.27 -25.65
N GLU B 393 -17.04 -0.10 -24.35
CA GLU B 393 -17.57 1.03 -23.60
C GLU B 393 -16.48 1.53 -22.66
N SER B 394 -16.43 2.84 -22.46
CA SER B 394 -15.49 3.40 -21.53
C SER B 394 -16.10 3.42 -20.12
N PRO B 395 -15.29 3.22 -19.07
CA PRO B 395 -13.86 2.89 -19.02
C PRO B 395 -13.60 1.40 -19.10
N TYR B 396 -14.60 0.65 -19.57
CA TYR B 396 -14.51 -0.80 -19.56
C TYR B 396 -13.61 -1.32 -20.67
N VAL B 397 -14.02 -1.08 -21.92
CA VAL B 397 -13.32 -1.57 -23.11
C VAL B 397 -13.20 -0.40 -24.07
N MET B 398 -11.96 0.01 -24.37
CA MET B 398 -11.72 1.28 -25.06
C MET B 398 -10.76 1.10 -26.22
N MET B 399 -11.17 1.57 -27.41
CA MET B 399 -10.26 1.72 -28.52
C MET B 399 -9.22 2.81 -28.24
N LYS B 400 -8.00 2.58 -28.69
CA LYS B 400 -6.95 3.58 -28.58
C LYS B 400 -6.79 4.31 -29.91
N LYS B 401 -5.74 5.14 -30.01
CA LYS B 401 -5.49 5.86 -31.25
C LYS B 401 -4.89 4.94 -32.30
N ASN B 402 -3.74 4.34 -32.00
CA ASN B 402 -3.08 3.44 -32.94
C ASN B 402 -3.59 2.01 -32.80
N HIS B 403 -4.90 1.85 -32.87
CA HIS B 403 -5.50 0.52 -32.89
C HIS B 403 -5.23 -0.18 -34.22
N GLU B 404 -5.10 0.59 -35.30
CA GLU B 404 -4.83 -0.01 -36.61
C GLU B 404 -3.35 -0.24 -36.81
N MET B 405 -2.49 0.54 -36.14
CA MET B 405 -1.06 0.35 -36.24
C MET B 405 -0.62 -0.91 -35.51
N LEU B 406 -0.94 -1.00 -34.22
CA LEU B 406 -0.66 -2.19 -33.41
C LEU B 406 -1.99 -2.79 -32.98
N GLU B 407 -2.15 -4.09 -33.21
CA GLU B 407 -3.35 -4.78 -32.76
C GLU B 407 -3.07 -5.76 -31.64
N GLY B 408 -2.26 -6.79 -31.88
CA GLY B 408 -1.91 -7.84 -30.92
C GLY B 408 -3.06 -8.43 -30.14
N ASN B 409 -3.06 -8.14 -28.84
CA ASN B 409 -4.25 -8.22 -28.00
C ASN B 409 -4.60 -6.85 -27.42
N GLU B 410 -3.94 -5.79 -27.89
CA GLU B 410 -4.09 -4.44 -27.35
C GLU B 410 -4.81 -3.53 -28.36
N ARG B 411 -5.85 -4.07 -29.01
CA ARG B 411 -6.78 -3.20 -29.71
C ARG B 411 -7.67 -2.46 -28.73
N TYR B 412 -7.87 -3.03 -27.55
CA TYR B 412 -8.82 -2.53 -26.57
C TYR B 412 -8.16 -2.51 -25.20
N GLU B 413 -8.49 -1.51 -24.39
CA GLU B 413 -7.96 -1.38 -23.05
C GLU B 413 -9.04 -0.87 -22.10
N GLY B 414 -8.76 -0.93 -20.81
CA GLY B 414 -9.67 -0.43 -19.81
C GLY B 414 -9.71 -1.34 -18.60
N TYR B 415 -10.70 -1.07 -17.74
CA TYR B 415 -10.90 -1.91 -16.56
C TYR B 415 -11.36 -3.31 -16.95
N CYS B 416 -12.35 -3.40 -17.83
CA CYS B 416 -12.90 -4.69 -18.23
C CYS B 416 -11.92 -5.53 -19.04
N VAL B 417 -11.02 -4.86 -19.78
CA VAL B 417 -10.03 -5.58 -20.57
C VAL B 417 -9.00 -6.25 -19.65
N ASP B 418 -8.51 -5.51 -18.65
CA ASP B 418 -7.51 -6.07 -17.76
C ASP B 418 -8.15 -6.87 -16.62
N LEU B 419 -9.48 -6.83 -16.50
CA LEU B 419 -10.16 -7.80 -15.64
C LEU B 419 -10.34 -9.12 -16.37
N ALA B 420 -10.54 -9.08 -17.69
CA ALA B 420 -10.63 -10.30 -18.48
C ALA B 420 -9.31 -11.07 -18.51
N ALA B 421 -8.18 -10.36 -18.38
CA ALA B 421 -6.90 -11.06 -18.23
C ALA B 421 -6.76 -11.67 -16.85
N GLU B 422 -7.37 -11.05 -15.83
CA GLU B 422 -7.40 -11.66 -14.50
C GLU B 422 -8.25 -12.92 -14.49
N ILE B 423 -9.42 -12.86 -15.13
CA ILE B 423 -10.33 -14.00 -15.08
C ILE B 423 -9.89 -15.11 -16.03
N ALA B 424 -8.98 -14.83 -16.97
CA ALA B 424 -8.41 -15.89 -17.79
C ALA B 424 -7.18 -16.50 -17.13
N LYS B 425 -6.49 -15.73 -16.29
CA LYS B 425 -5.34 -16.25 -15.57
C LYS B 425 -5.77 -17.24 -14.49
N HIS B 426 -6.76 -16.85 -13.67
CA HIS B 426 -7.25 -17.71 -12.60
C HIS B 426 -7.96 -18.94 -13.14
N CYS B 427 -8.67 -18.81 -14.26
CA CYS B 427 -9.29 -19.98 -14.88
C CYS B 427 -8.29 -20.77 -15.72
N GLY B 428 -7.16 -20.16 -16.07
CA GLY B 428 -6.12 -20.83 -16.84
C GLY B 428 -6.31 -20.78 -18.34
N PHE B 429 -7.50 -20.40 -18.79
CA PHE B 429 -7.78 -20.39 -20.22
C PHE B 429 -7.15 -19.18 -20.88
N LYS B 430 -7.05 -19.24 -22.21
CA LYS B 430 -6.55 -18.13 -22.99
C LYS B 430 -7.69 -17.46 -23.75
N TYR B 431 -7.64 -16.14 -23.80
CA TYR B 431 -8.75 -15.30 -24.21
C TYR B 431 -8.63 -14.91 -25.68
N LYS B 432 -9.77 -14.54 -26.25
CA LYS B 432 -9.84 -13.88 -27.56
C LYS B 432 -11.02 -12.92 -27.52
N LEU B 433 -10.73 -11.62 -27.45
CA LEU B 433 -11.79 -10.62 -27.43
C LEU B 433 -12.46 -10.53 -28.80
N THR B 434 -13.66 -11.10 -28.90
CA THR B 434 -14.47 -11.02 -30.12
C THR B 434 -15.67 -10.14 -29.79
N ILE B 435 -15.50 -8.83 -29.94
CA ILE B 435 -16.57 -7.88 -29.69
C ILE B 435 -17.59 -7.99 -30.80
N VAL B 436 -18.88 -7.94 -30.43
CA VAL B 436 -19.97 -8.24 -31.34
C VAL B 436 -20.05 -7.21 -32.46
N GLY B 437 -20.54 -7.63 -33.61
CA GLY B 437 -20.55 -6.76 -34.78
C GLY B 437 -21.61 -5.69 -34.71
N ASP B 438 -22.81 -6.05 -34.25
CA ASP B 438 -23.90 -5.09 -34.15
C ASP B 438 -23.65 -4.04 -33.07
N GLY B 439 -22.87 -4.41 -32.04
CA GLY B 439 -22.49 -3.46 -31.00
C GLY B 439 -23.64 -3.06 -30.13
N LYS B 440 -24.31 -4.03 -29.51
CA LYS B 440 -25.47 -3.78 -28.69
C LYS B 440 -25.38 -4.60 -27.41
N TYR B 441 -26.06 -4.13 -26.37
CA TYR B 441 -26.31 -4.96 -25.20
C TYR B 441 -27.23 -6.11 -25.55
N GLY B 442 -28.42 -5.79 -26.03
CA GLY B 442 -29.29 -6.77 -26.63
C GLY B 442 -30.12 -7.56 -25.63
N ALA B 443 -31.26 -8.02 -26.10
CA ALA B 443 -32.16 -8.88 -25.35
C ALA B 443 -33.01 -9.65 -26.35
N ARG B 444 -33.93 -10.46 -25.83
CA ARG B 444 -34.89 -11.12 -26.70
C ARG B 444 -35.96 -10.11 -27.12
N ASP B 445 -36.31 -10.16 -28.40
CA ASP B 445 -37.15 -9.12 -29.00
C ASP B 445 -38.61 -9.35 -28.64
N ALA B 446 -39.38 -8.27 -28.66
CA ALA B 446 -40.80 -8.34 -28.34
C ALA B 446 -41.55 -9.05 -29.46
N ASP B 447 -42.28 -10.11 -29.10
CA ASP B 447 -43.06 -11.01 -29.96
C ASP B 447 -42.18 -11.78 -30.93
N THR B 448 -40.85 -11.74 -30.77
CA THR B 448 -39.94 -12.40 -31.68
C THR B 448 -38.92 -13.29 -30.96
N LYS B 449 -38.53 -12.95 -29.73
CA LYS B 449 -37.79 -13.81 -28.79
C LYS B 449 -36.41 -14.18 -29.34
N ILE B 450 -35.71 -13.17 -29.85
CA ILE B 450 -34.40 -13.35 -30.47
C ILE B 450 -33.39 -12.48 -29.73
N TRP B 451 -32.41 -13.11 -29.11
CA TRP B 451 -31.39 -12.41 -28.35
C TRP B 451 -30.44 -11.68 -29.31
N ASN B 452 -30.37 -10.35 -29.18
CA ASN B 452 -29.83 -9.52 -30.26
C ASN B 452 -28.33 -9.25 -30.15
N GLY B 453 -27.90 -8.57 -29.09
CA GLY B 453 -26.62 -7.87 -29.16
C GLY B 453 -25.38 -8.60 -28.69
N MET B 454 -25.34 -9.04 -27.43
CA MET B 454 -24.27 -9.87 -26.91
C MET B 454 -24.78 -11.18 -26.36
N VAL B 455 -26.01 -11.18 -25.86
CA VAL B 455 -26.72 -12.40 -25.50
C VAL B 455 -26.94 -13.32 -26.68
N GLY B 456 -26.99 -12.79 -27.91
CA GLY B 456 -27.04 -13.62 -29.09
C GLY B 456 -25.78 -14.43 -29.29
N GLU B 457 -24.65 -13.92 -28.80
CA GLU B 457 -23.44 -14.73 -28.72
C GLU B 457 -23.47 -15.69 -27.55
N LEU B 458 -24.34 -15.45 -26.57
CA LEU B 458 -24.26 -16.20 -25.32
C LEU B 458 -25.41 -17.20 -25.21
N VAL B 459 -26.61 -16.83 -25.65
CA VAL B 459 -27.72 -17.78 -25.67
C VAL B 459 -27.49 -18.82 -26.77
N TYR B 460 -27.18 -18.37 -27.98
CA TYR B 460 -27.02 -19.25 -29.13
C TYR B 460 -25.69 -20.01 -29.14
N GLY B 461 -24.88 -19.91 -28.09
CA GLY B 461 -23.69 -20.70 -27.97
C GLY B 461 -22.51 -20.24 -28.80
N LYS B 462 -22.64 -19.14 -29.55
CA LYS B 462 -21.54 -18.65 -30.38
C LYS B 462 -20.44 -17.97 -29.58
N ALA B 463 -20.59 -17.86 -28.26
CA ALA B 463 -19.52 -17.48 -27.35
C ALA B 463 -19.81 -18.07 -25.98
N ASP B 464 -18.77 -18.24 -25.16
CA ASP B 464 -18.90 -18.94 -23.90
C ASP B 464 -18.78 -18.00 -22.70
N ILE B 465 -17.70 -17.24 -22.61
CA ILE B 465 -17.50 -16.33 -21.48
C ILE B 465 -17.83 -14.92 -21.93
N ALA B 466 -18.41 -14.14 -21.02
CA ALA B 466 -18.82 -12.76 -21.32
C ALA B 466 -18.43 -11.87 -20.14
N ILE B 467 -17.21 -11.33 -20.20
CA ILE B 467 -16.80 -10.29 -19.26
C ILE B 467 -17.41 -9.01 -19.82
N ALA B 468 -18.60 -8.66 -19.33
CA ALA B 468 -19.37 -7.64 -20.01
C ALA B 468 -20.09 -6.73 -19.03
N PRO B 469 -20.19 -5.44 -19.32
CA PRO B 469 -21.00 -4.55 -18.47
C PRO B 469 -22.48 -4.67 -18.77
N LEU B 470 -23.09 -5.78 -18.36
CA LEU B 470 -24.49 -6.04 -18.65
C LEU B 470 -25.22 -6.39 -17.36
N THR B 471 -26.46 -5.91 -17.26
CA THR B 471 -27.24 -6.01 -16.04
C THR B 471 -27.76 -7.42 -15.82
N ILE B 472 -27.51 -7.97 -14.64
CA ILE B 472 -28.22 -9.17 -14.18
C ILE B 472 -29.68 -8.79 -13.98
N THR B 473 -30.56 -9.42 -14.73
CA THR B 473 -32.00 -9.22 -14.61
C THR B 473 -32.64 -10.60 -14.49
N LEU B 474 -33.87 -10.64 -13.98
CA LEU B 474 -34.60 -11.90 -13.81
C LEU B 474 -34.84 -12.60 -15.14
N VAL B 475 -35.28 -11.85 -16.15
CA VAL B 475 -35.47 -12.42 -17.48
C VAL B 475 -34.15 -12.75 -18.16
N ARG B 476 -33.07 -12.06 -17.79
CA ARG B 476 -31.76 -12.41 -18.31
C ARG B 476 -31.19 -13.63 -17.59
N GLU B 477 -31.52 -13.77 -16.30
CA GLU B 477 -31.20 -14.98 -15.55
C GLU B 477 -32.05 -16.17 -16.00
N GLU B 478 -33.16 -15.90 -16.69
CA GLU B 478 -34.15 -16.93 -16.99
C GLU B 478 -33.62 -17.96 -17.98
N VAL B 479 -32.70 -17.57 -18.86
CA VAL B 479 -32.22 -18.49 -19.88
C VAL B 479 -30.77 -18.91 -19.63
N ILE B 480 -29.99 -18.04 -18.97
CA ILE B 480 -28.55 -18.23 -18.84
C ILE B 480 -28.12 -17.82 -17.43
N ASP B 481 -26.93 -18.27 -17.05
CA ASP B 481 -26.41 -18.06 -15.71
C ASP B 481 -25.47 -16.86 -15.64
N PHE B 482 -25.57 -16.11 -14.54
CA PHE B 482 -24.68 -14.99 -14.26
C PHE B 482 -23.76 -15.35 -13.11
N SER B 483 -22.70 -14.57 -12.97
CA SER B 483 -21.76 -14.72 -11.89
C SER B 483 -22.16 -13.80 -10.74
N LYS B 484 -21.26 -13.66 -9.77
CA LYS B 484 -21.42 -12.67 -8.72
C LYS B 484 -21.31 -11.27 -9.33
N PRO B 485 -22.00 -10.28 -8.73
CA PRO B 485 -21.97 -8.93 -9.33
C PRO B 485 -20.61 -8.27 -9.22
N PHE B 486 -20.25 -7.52 -10.26
CA PHE B 486 -18.97 -6.83 -10.31
C PHE B 486 -18.93 -5.72 -9.27
N MET B 487 -20.01 -4.97 -9.14
CA MET B 487 -20.07 -3.79 -8.30
C MET B 487 -21.53 -3.46 -8.06
N SER B 488 -21.78 -2.71 -7.00
CA SER B 488 -23.13 -2.32 -6.61
C SER B 488 -23.44 -0.97 -7.26
N LEU B 489 -24.12 -1.00 -8.39
CA LEU B 489 -24.49 0.19 -9.13
C LEU B 489 -25.99 0.27 -9.25
N GLY B 490 -26.46 1.35 -9.86
CA GLY B 490 -27.88 1.53 -10.06
C GLY B 490 -28.16 2.63 -11.05
N ILE B 491 -29.44 2.98 -11.14
CA ILE B 491 -29.88 3.98 -12.10
C ILE B 491 -29.62 5.36 -11.54
N SER B 492 -28.85 6.16 -12.26
CA SER B 492 -28.53 7.53 -11.87
C SER B 492 -28.99 8.50 -12.95
N ILE B 493 -29.11 9.76 -12.56
CA ILE B 493 -29.59 10.81 -13.45
C ILE B 493 -28.40 11.68 -13.85
N MET B 494 -28.23 11.89 -15.15
CA MET B 494 -27.21 12.78 -15.68
C MET B 494 -27.87 14.02 -16.24
N ILE B 495 -27.67 15.15 -15.56
CA ILE B 495 -28.13 16.43 -16.06
C ILE B 495 -26.91 17.21 -16.53
N LYS B 496 -27.17 18.20 -17.39
CA LYS B 496 -26.12 19.12 -17.79
C LYS B 496 -25.75 19.99 -16.60
N LYS B 497 -24.46 20.02 -16.28
CA LYS B 497 -23.98 20.85 -15.17
C LYS B 497 -24.18 22.32 -15.52
N PRO B 498 -24.92 23.08 -14.73
CA PRO B 498 -25.33 24.42 -15.17
C PRO B 498 -24.18 25.40 -15.11
N GLN B 499 -24.21 26.34 -16.05
CA GLN B 499 -23.39 27.53 -15.99
C GLN B 499 -24.21 28.63 -15.32
N LYS B 500 -23.79 29.89 -15.43
CA LYS B 500 -24.52 30.99 -14.83
C LYS B 500 -25.87 31.17 -15.51
N SER B 501 -26.95 31.01 -14.74
CA SER B 501 -28.28 31.17 -15.28
C SER B 501 -28.55 32.63 -15.60
N LYS B 502 -29.48 32.86 -16.53
CA LYS B 502 -29.78 34.21 -16.97
C LYS B 502 -30.65 34.92 -15.93
N PRO B 503 -30.23 36.09 -15.44
CA PRO B 503 -31.10 36.85 -14.55
C PRO B 503 -32.27 37.47 -15.30
N GLY B 504 -33.37 37.63 -14.57
CA GLY B 504 -34.55 38.26 -15.13
C GLY B 504 -34.41 39.76 -15.19
N VAL B 505 -35.46 40.39 -15.73
CA VAL B 505 -35.44 41.85 -15.82
C VAL B 505 -35.67 42.49 -14.47
N PHE B 506 -36.29 41.76 -13.53
CA PHE B 506 -36.49 42.29 -12.19
C PHE B 506 -35.53 41.67 -11.19
N SER B 507 -34.32 41.36 -11.65
CA SER B 507 -33.29 40.75 -10.81
C SER B 507 -32.49 41.76 -10.00
N PHE B 508 -32.76 43.06 -10.15
CA PHE B 508 -31.97 44.04 -9.42
C PHE B 508 -32.37 44.09 -7.95
N LEU B 509 -33.63 43.83 -7.65
CA LEU B 509 -34.14 43.80 -6.28
C LEU B 509 -33.99 42.43 -5.63
N ASP B 510 -33.05 41.63 -6.12
CA ASP B 510 -32.81 40.30 -5.58
C ASP B 510 -32.39 40.25 -4.10
N PRO B 511 -31.45 41.07 -3.58
CA PRO B 511 -31.00 40.84 -2.19
C PRO B 511 -32.00 41.22 -1.11
N LEU B 512 -33.24 41.58 -1.42
CA LEU B 512 -34.27 41.78 -0.41
C LEU B 512 -35.50 40.99 -0.79
N ALA B 513 -36.20 40.48 0.22
CA ALA B 513 -37.45 39.76 -0.01
C ALA B 513 -38.56 40.72 -0.42
N TYR B 514 -39.63 40.14 -0.96
CA TYR B 514 -40.76 40.95 -1.42
C TYR B 514 -41.48 41.61 -0.26
N GLU B 515 -41.42 40.99 0.92
CA GLU B 515 -42.08 41.57 2.08
C GLU B 515 -41.38 42.82 2.56
N ILE B 516 -40.05 42.89 2.41
CA ILE B 516 -39.33 44.05 2.90
C ILE B 516 -39.58 45.25 2.02
N TRP B 517 -39.53 45.06 0.68
CA TRP B 517 -39.91 46.11 -0.26
C TRP B 517 -41.34 46.56 -0.04
N MET B 518 -42.21 45.63 0.32
CA MET B 518 -43.60 45.98 0.63
C MET B 518 -43.67 46.79 1.92
N CYS B 519 -42.93 46.38 2.95
CA CYS B 519 -42.97 47.10 4.22
C CYS B 519 -42.27 48.44 4.14
N ILE B 520 -41.38 48.62 3.15
CA ILE B 520 -40.82 49.95 2.91
C ILE B 520 -41.89 50.92 2.44
N VAL B 521 -42.75 50.47 1.52
CA VAL B 521 -43.75 51.35 0.92
C VAL B 521 -44.80 51.75 1.94
N PHE B 522 -45.26 50.78 2.75
CA PHE B 522 -46.21 51.11 3.80
C PHE B 522 -45.56 51.92 4.92
N ALA B 523 -44.25 51.81 5.10
CA ALA B 523 -43.56 52.76 5.97
C ALA B 523 -43.49 54.13 5.32
N TYR B 524 -43.33 54.17 4.00
CA TYR B 524 -43.21 55.44 3.30
C TYR B 524 -44.50 56.23 3.35
N ILE B 525 -45.64 55.54 3.32
CA ILE B 525 -46.93 56.22 3.32
C ILE B 525 -47.22 56.83 4.68
N GLY B 526 -47.18 55.99 5.74
CA GLY B 526 -47.64 56.44 7.04
C GLY B 526 -46.77 57.50 7.67
N VAL B 527 -45.45 57.45 7.42
CA VAL B 527 -44.56 58.49 7.92
C VAL B 527 -44.90 59.84 7.29
N SER B 528 -45.22 59.83 5.98
CA SER B 528 -45.68 61.05 5.33
C SER B 528 -47.02 61.51 5.89
N VAL B 529 -47.88 60.58 6.29
CA VAL B 529 -49.14 60.94 6.92
C VAL B 529 -48.88 61.57 8.28
N VAL B 530 -47.91 61.02 9.03
CA VAL B 530 -47.55 61.58 10.34
C VAL B 530 -46.99 62.99 10.18
N LEU B 531 -46.11 63.19 9.18
CA LEU B 531 -45.59 64.52 8.88
C LEU B 531 -46.69 65.49 8.49
N PHE B 532 -47.67 65.02 7.73
CA PHE B 532 -48.81 65.87 7.39
C PHE B 532 -49.64 66.18 8.63
N LEU B 533 -49.84 65.19 9.49
CA LEU B 533 -50.70 65.39 10.65
C LEU B 533 -50.02 66.16 11.76
N VAL B 534 -48.69 66.05 11.89
CA VAL B 534 -47.96 66.91 12.81
C VAL B 534 -47.99 68.35 12.32
N SER B 535 -47.86 68.54 11.00
CA SER B 535 -47.96 69.86 10.42
C SER B 535 -49.37 70.45 10.51
N ARG B 536 -50.39 69.61 10.66
CA ARG B 536 -51.75 70.12 10.85
C ARG B 536 -51.90 70.77 12.22
N PHE B 537 -51.48 70.08 13.27
CA PHE B 537 -51.68 70.52 14.65
C PHE B 537 -50.53 71.39 15.16
N SER B 538 -49.82 72.07 14.26
CA SER B 538 -48.72 72.92 14.69
C SER B 538 -48.50 74.06 13.69
N PRO B 539 -48.32 75.30 14.17
CA PRO B 539 -47.97 76.43 13.32
C PRO B 539 -46.58 76.29 12.70
N ASN B 560 -47.66 77.54 6.29
CA ASN B 560 -47.41 76.12 6.48
C ASN B 560 -47.04 75.49 5.15
N GLU B 561 -45.83 74.92 5.08
CA GLU B 561 -45.28 74.47 3.82
C GLU B 561 -45.40 72.96 3.60
N PHE B 562 -45.78 72.20 4.63
CA PHE B 562 -45.83 70.74 4.52
C PHE B 562 -47.26 70.31 4.17
N GLY B 563 -47.61 70.48 2.90
CA GLY B 563 -48.83 69.92 2.40
C GLY B 563 -48.73 68.42 2.22
N ILE B 564 -49.88 67.80 1.93
CA ILE B 564 -49.91 66.37 1.68
C ILE B 564 -49.18 66.02 0.38
N PHE B 565 -49.14 66.96 -0.56
CA PHE B 565 -48.34 66.77 -1.74
C PHE B 565 -46.89 67.15 -1.49
N ASN B 566 -46.63 67.96 -0.46
CA ASN B 566 -45.25 68.30 -0.11
C ASN B 566 -44.61 67.21 0.73
N SER B 567 -45.36 66.62 1.66
CA SER B 567 -44.78 65.71 2.64
C SER B 567 -44.36 64.38 2.03
N LEU B 568 -44.95 63.98 0.91
CA LEU B 568 -44.45 62.83 0.18
C LEU B 568 -43.09 63.11 -0.43
N TRP B 569 -42.88 64.35 -0.87
CA TRP B 569 -41.65 64.72 -1.54
C TRP B 569 -40.48 64.82 -0.56
N PHE B 570 -40.72 65.36 0.62
CA PHE B 570 -39.67 65.45 1.64
C PHE B 570 -39.24 64.07 2.10
N SER B 571 -40.22 63.18 2.30
CA SER B 571 -39.91 61.81 2.70
C SER B 571 -39.23 61.02 1.58
N LEU B 572 -39.44 61.40 0.32
CA LEU B 572 -38.87 60.62 -0.78
C LEU B 572 -37.38 60.86 -0.89
N GLY B 573 -36.95 62.13 -0.91
CA GLY B 573 -35.54 62.43 -1.05
C GLY B 573 -34.72 62.00 0.15
N ALA B 574 -35.35 61.98 1.33
CA ALA B 574 -34.71 61.39 2.50
C ALA B 574 -34.51 59.89 2.32
N PHE B 575 -35.45 59.24 1.62
CA PHE B 575 -35.24 57.84 1.31
C PHE B 575 -34.26 57.65 0.17
N MET B 576 -34.21 58.61 -0.75
CA MET B 576 -33.39 58.49 -1.94
C MET B 576 -32.05 59.20 -1.81
N GLN B 577 -31.58 59.44 -0.58
CA GLN B 577 -30.26 60.00 -0.27
C GLN B 577 -30.07 61.42 -0.82
N GLN B 578 -31.15 62.14 -1.09
CA GLN B 578 -31.06 63.47 -1.66
C GLN B 578 -31.51 64.50 -0.64
N GLY B 579 -30.69 65.53 -0.46
CA GLY B 579 -31.03 66.58 0.48
C GLY B 579 -32.19 67.43 0.00
N CYS B 580 -33.21 67.54 0.85
CA CYS B 580 -34.41 68.28 0.52
C CYS B 580 -34.31 69.69 1.09
N ASP B 581 -34.89 70.63 0.34
CA ASP B 581 -34.74 72.04 0.66
C ASP B 581 -35.53 72.44 1.90
N ILE B 582 -36.72 71.88 2.08
CA ILE B 582 -37.65 72.32 3.11
C ILE B 582 -37.48 71.42 4.33
N SER B 583 -37.05 72.00 5.43
CA SER B 583 -36.86 71.26 6.67
C SER B 583 -38.03 71.53 7.62
N PRO B 584 -38.33 70.60 8.52
CA PRO B 584 -39.30 70.89 9.58
C PRO B 584 -38.71 71.88 10.57
N ARG B 585 -39.57 72.71 11.16
CA ARG B 585 -39.13 73.74 12.09
C ARG B 585 -39.80 73.57 13.45
N SER B 586 -40.14 72.34 13.81
CA SER B 586 -40.75 72.06 15.09
C SER B 586 -40.08 70.85 15.71
N LEU B 587 -40.02 70.84 17.05
CA LEU B 587 -39.52 69.66 17.76
C LEU B 587 -40.47 68.47 17.57
N SER B 588 -41.75 68.74 17.36
CA SER B 588 -42.68 67.67 17.01
C SER B 588 -42.42 67.14 15.62
N GLY B 589 -42.02 68.00 14.68
CA GLY B 589 -41.83 67.53 13.32
C GLY B 589 -40.47 66.91 13.08
N ARG B 590 -39.42 67.50 13.67
CA ARG B 590 -38.05 67.11 13.34
C ARG B 590 -37.67 65.74 13.88
N ILE B 591 -38.42 65.20 14.83
CA ILE B 591 -38.14 63.85 15.33
C ILE B 591 -38.44 62.82 14.24
N VAL B 592 -39.55 63.01 13.52
CA VAL B 592 -40.00 62.00 12.56
C VAL B 592 -39.08 61.95 11.35
N GLY B 593 -38.72 63.13 10.81
CA GLY B 593 -37.73 63.15 9.74
C GLY B 593 -36.36 62.74 10.20
N GLY B 594 -36.06 62.91 11.49
CA GLY B 594 -34.82 62.42 12.03
C GLY B 594 -34.73 60.91 12.02
N VAL B 595 -35.74 60.22 12.55
CA VAL B 595 -35.68 58.77 12.61
C VAL B 595 -35.93 58.16 11.24
N TRP B 596 -36.57 58.90 10.33
CA TRP B 596 -36.68 58.42 8.96
C TRP B 596 -35.34 58.42 8.26
N TRP B 597 -34.47 59.38 8.62
CA TRP B 597 -33.11 59.36 8.13
C TRP B 597 -32.36 58.14 8.62
N PHE B 598 -32.46 57.85 9.92
CA PHE B 598 -31.79 56.70 10.49
C PHE B 598 -32.41 55.39 10.02
N PHE B 599 -33.66 55.43 9.56
CA PHE B 599 -34.25 54.27 8.92
C PHE B 599 -33.53 53.93 7.63
N THR B 600 -33.40 54.90 6.74
CA THR B 600 -32.83 54.65 5.43
C THR B 600 -31.34 54.38 5.49
N LEU B 601 -30.66 54.93 6.50
CA LEU B 601 -29.21 54.81 6.59
C LEU B 601 -28.78 53.37 6.83
N ILE B 602 -29.67 52.55 7.40
CA ILE B 602 -29.40 51.14 7.49
C ILE B 602 -29.73 50.44 6.18
N ILE B 603 -30.90 50.74 5.60
CA ILE B 603 -31.46 49.91 4.54
C ILE B 603 -30.70 50.12 3.25
N ILE B 604 -30.29 51.36 2.97
CA ILE B 604 -29.43 51.65 1.83
C ILE B 604 -28.10 50.92 1.97
N SER B 605 -27.54 50.93 3.18
CA SER B 605 -26.31 50.20 3.42
C SER B 605 -26.54 48.69 3.38
N SER B 606 -27.70 48.23 3.86
CA SER B 606 -27.96 46.80 3.87
C SER B 606 -28.18 46.27 2.45
N TYR B 607 -28.73 47.10 1.57
CA TYR B 607 -28.85 46.71 0.18
C TYR B 607 -27.49 46.62 -0.47
N THR B 608 -26.57 47.48 -0.07
CA THR B 608 -25.22 47.46 -0.64
C THR B 608 -24.45 46.23 -0.19
N ALA B 609 -24.56 45.91 1.11
CA ALA B 609 -23.76 44.82 1.67
C ALA B 609 -24.22 43.46 1.16
N ASN B 610 -25.52 43.25 1.05
CA ASN B 610 -26.02 41.98 0.57
C ASN B 610 -25.75 41.79 -0.92
N LEU B 611 -25.82 42.86 -1.70
CA LEU B 611 -25.61 42.72 -3.14
C LEU B 611 -24.15 42.42 -3.45
N ALA B 612 -23.24 42.83 -2.57
CA ALA B 612 -21.86 42.40 -2.69
C ALA B 612 -21.74 40.90 -2.48
N ALA B 613 -22.55 40.33 -1.61
CA ALA B 613 -22.41 38.92 -1.26
C ALA B 613 -22.89 38.02 -2.39
N PHE B 614 -23.90 38.44 -3.15
CA PHE B 614 -24.28 37.70 -4.34
C PHE B 614 -23.19 37.79 -5.40
N LEU B 615 -22.50 38.93 -5.46
CA LEU B 615 -21.46 39.08 -6.46
C LEU B 615 -20.16 38.42 -6.03
N THR B 616 -19.88 38.39 -4.73
CA THR B 616 -18.68 37.73 -4.26
C THR B 616 -18.86 36.21 -4.28
N VAL B 617 -19.80 35.71 -3.50
CA VAL B 617 -20.10 34.28 -3.47
C VAL B 617 -21.23 34.00 -4.45
N GLU B 618 -20.97 33.12 -5.40
CA GLU B 618 -21.99 32.66 -6.33
C GLU B 618 -22.52 31.30 -5.89
N ARG B 619 -23.81 31.08 -6.13
CA ARG B 619 -24.44 29.80 -5.88
C ARG B 619 -25.02 29.24 -7.17
N MET B 620 -25.25 27.93 -7.18
CA MET B 620 -25.79 27.26 -8.34
C MET B 620 -27.21 26.80 -8.04
N VAL B 621 -28.10 27.03 -8.99
CA VAL B 621 -29.51 26.71 -8.84
C VAL B 621 -29.79 25.42 -9.60
N SER B 622 -30.06 24.35 -8.85
CA SER B 622 -30.44 23.07 -9.44
C SER B 622 -31.38 22.35 -8.48
N PRO B 623 -32.68 22.66 -8.55
CA PRO B 623 -33.65 21.92 -7.73
C PRO B 623 -33.99 20.54 -8.26
N ILE B 624 -33.33 20.08 -9.31
CA ILE B 624 -33.66 18.83 -9.97
C ILE B 624 -32.78 17.72 -9.42
N GLU B 625 -33.25 17.04 -8.37
CA GLU B 625 -32.53 15.89 -7.83
C GLU B 625 -33.50 14.97 -7.10
N SER B 626 -32.96 13.81 -6.70
CA SER B 626 -33.54 12.85 -5.75
C SER B 626 -34.80 12.17 -6.27
N ALA B 627 -35.13 12.35 -7.55
CA ALA B 627 -36.15 11.64 -8.33
C ALA B 627 -37.59 11.96 -7.91
N GLU B 628 -37.78 12.71 -6.83
CA GLU B 628 -39.08 13.27 -6.50
C GLU B 628 -39.33 14.54 -7.28
N ASP B 629 -38.31 15.39 -7.37
CA ASP B 629 -38.40 16.62 -8.15
C ASP B 629 -38.43 16.34 -9.63
N LEU B 630 -37.89 15.19 -10.07
CA LEU B 630 -38.14 14.73 -11.42
C LEU B 630 -39.62 14.44 -11.63
N SER B 631 -40.28 13.91 -10.60
CA SER B 631 -41.66 13.46 -10.76
C SER B 631 -42.65 14.60 -10.71
N LYS B 632 -42.31 15.71 -10.07
CA LYS B 632 -43.22 16.86 -10.06
C LYS B 632 -43.08 17.73 -11.30
N GLN B 633 -41.85 18.04 -11.68
CA GLN B 633 -41.60 18.85 -12.88
C GLN B 633 -41.81 18.00 -14.13
N THR B 634 -42.61 18.52 -15.05
CA THR B 634 -42.98 17.82 -16.26
C THR B 634 -42.50 18.65 -17.47
N GLU B 635 -41.51 19.51 -17.22
CA GLU B 635 -40.84 20.25 -18.27
C GLU B 635 -39.66 19.48 -18.86
N ILE B 636 -39.17 18.48 -18.16
CA ILE B 636 -38.00 17.73 -18.57
C ILE B 636 -38.43 16.41 -19.20
N ALA B 637 -37.64 15.93 -20.16
CA ALA B 637 -37.91 14.67 -20.85
C ALA B 637 -36.83 13.68 -20.46
N TYR B 638 -37.23 12.48 -20.05
CA TYR B 638 -36.28 11.50 -19.55
C TYR B 638 -35.63 10.75 -20.70
N GLY B 639 -34.44 10.20 -20.44
CA GLY B 639 -33.75 9.42 -21.44
C GLY B 639 -33.11 8.16 -20.89
N THR B 640 -33.43 7.02 -21.49
CA THR B 640 -32.83 5.74 -21.12
C THR B 640 -32.50 4.98 -22.40
N LEU B 641 -31.97 3.77 -22.24
CA LEU B 641 -31.52 2.97 -23.36
C LEU B 641 -32.48 1.81 -23.60
N ASP B 642 -32.92 1.65 -24.84
CA ASP B 642 -33.77 0.54 -25.22
C ASP B 642 -32.94 -0.74 -25.37
N SER B 643 -33.65 -1.86 -25.50
CA SER B 643 -33.07 -3.22 -25.62
C SER B 643 -32.12 -3.52 -24.46
N GLY B 644 -32.60 -3.28 -23.25
CA GLY B 644 -31.77 -3.47 -22.08
C GLY B 644 -32.60 -3.54 -20.82
N SER B 645 -31.94 -3.27 -19.69
CA SER B 645 -32.60 -3.37 -18.39
C SER B 645 -33.58 -2.22 -18.18
N THR B 646 -33.13 -0.99 -18.47
CA THR B 646 -33.94 0.20 -18.19
C THR B 646 -35.17 0.28 -19.07
N LYS B 647 -35.16 -0.38 -20.23
CA LYS B 647 -36.37 -0.48 -21.04
C LYS B 647 -37.42 -1.31 -20.33
N GLU B 648 -36.99 -2.34 -19.61
CA GLU B 648 -37.92 -3.26 -18.97
C GLU B 648 -38.13 -2.93 -17.49
N PHE B 649 -37.10 -2.41 -16.81
CA PHE B 649 -37.21 -2.14 -15.38
C PHE B 649 -38.23 -1.03 -15.11
N PHE B 650 -38.34 -0.07 -16.02
CA PHE B 650 -39.43 0.89 -15.93
C PHE B 650 -40.71 0.38 -16.57
N ARG B 651 -40.61 -0.61 -17.47
CA ARG B 651 -41.82 -1.26 -17.96
C ARG B 651 -42.46 -2.12 -16.86
N ARG B 652 -41.65 -2.53 -15.88
CA ARG B 652 -42.13 -3.20 -14.68
C ARG B 652 -42.36 -2.22 -13.54
N SER B 653 -42.80 -0.99 -13.86
CA SER B 653 -43.09 0.01 -12.84
C SER B 653 -44.26 -0.43 -11.98
N LYS B 654 -43.99 -0.64 -10.70
CA LYS B 654 -45.03 -1.02 -9.75
C LYS B 654 -45.17 0.08 -8.72
N ILE B 655 -44.07 0.78 -8.44
CA ILE B 655 -44.11 1.90 -7.50
C ILE B 655 -44.83 3.06 -8.17
N ALA B 656 -45.66 3.75 -7.38
CA ALA B 656 -46.53 4.80 -7.92
C ALA B 656 -45.73 5.99 -8.45
N VAL B 657 -44.58 6.28 -7.86
CA VAL B 657 -43.73 7.32 -8.42
C VAL B 657 -43.09 6.84 -9.72
N PHE B 658 -42.85 5.53 -9.85
CA PHE B 658 -42.34 4.98 -11.09
C PHE B 658 -43.45 4.79 -12.12
N ASP B 659 -44.70 4.73 -11.68
CA ASP B 659 -45.80 4.69 -12.63
C ASP B 659 -45.91 6.00 -13.38
N LYS B 660 -45.70 7.11 -12.69
CA LYS B 660 -45.71 8.42 -13.34
C LYS B 660 -44.52 8.59 -14.26
N MET B 661 -43.43 7.88 -13.99
CA MET B 661 -42.29 7.84 -14.91
C MET B 661 -42.69 7.21 -16.23
N TRP B 662 -43.06 5.92 -16.18
CA TRP B 662 -43.20 5.10 -17.38
C TRP B 662 -44.39 5.52 -18.23
N THR B 663 -45.45 6.05 -17.63
CA THR B 663 -46.52 6.66 -18.41
C THR B 663 -46.02 7.88 -19.16
N TYR B 664 -45.30 8.76 -18.48
CA TYR B 664 -44.68 9.90 -19.14
C TYR B 664 -43.45 9.47 -19.96
N MET B 665 -42.84 8.33 -19.65
CA MET B 665 -41.81 7.81 -20.54
C MET B 665 -42.41 7.22 -21.81
N ARG B 666 -43.61 6.64 -21.72
CA ARG B 666 -44.32 6.27 -22.94
C ARG B 666 -44.91 7.50 -23.63
N SER B 667 -45.26 8.52 -22.85
CA SER B 667 -45.72 9.79 -23.41
C SER B 667 -44.51 10.72 -23.57
N ALA B 668 -43.59 10.29 -24.42
CA ALA B 668 -42.38 11.05 -24.70
C ALA B 668 -42.21 11.14 -26.21
N GLU B 669 -41.61 12.22 -26.66
CA GLU B 669 -41.50 12.48 -28.08
C GLU B 669 -40.34 13.40 -28.38
N PRO B 670 -39.43 13.03 -29.30
CA PRO B 670 -39.41 11.75 -30.03
C PRO B 670 -38.62 10.66 -29.31
N SER B 671 -37.78 11.06 -28.37
CA SER B 671 -36.87 10.13 -27.71
C SER B 671 -37.58 9.49 -26.50
N VAL B 672 -38.34 8.44 -26.79
CA VAL B 672 -38.75 7.52 -25.74
C VAL B 672 -37.52 6.81 -25.18
N PHE B 673 -36.55 6.50 -26.05
CA PHE B 673 -35.26 5.99 -25.67
C PHE B 673 -34.21 6.63 -26.56
N VAL B 674 -32.96 6.22 -26.36
CA VAL B 674 -31.91 6.46 -27.35
C VAL B 674 -31.33 5.11 -27.71
N ARG B 675 -30.40 5.08 -28.65
CA ARG B 675 -29.74 3.84 -29.04
C ARG B 675 -28.24 3.84 -28.79
N THR B 676 -27.63 4.99 -28.56
CA THR B 676 -26.21 5.11 -28.34
C THR B 676 -25.97 5.83 -27.02
N THR B 677 -25.11 5.25 -26.18
CA THR B 677 -24.78 5.86 -24.89
C THR B 677 -24.04 7.17 -25.08
N ALA B 678 -23.16 7.25 -26.07
CA ALA B 678 -22.43 8.47 -26.35
C ALA B 678 -23.30 9.54 -27.00
N GLU B 679 -24.47 9.17 -27.53
CA GLU B 679 -25.36 10.15 -28.14
C GLU B 679 -26.25 10.82 -27.10
N GLY B 680 -26.70 10.07 -26.09
CA GLY B 680 -27.38 10.68 -24.96
C GLY B 680 -26.48 11.60 -24.17
N VAL B 681 -25.16 11.35 -24.21
CA VAL B 681 -24.19 12.32 -23.73
C VAL B 681 -24.29 13.61 -24.56
N ALA B 682 -24.31 13.46 -25.89
CA ALA B 682 -24.32 14.62 -26.78
C ALA B 682 -25.65 15.35 -26.74
N ARG B 683 -26.76 14.63 -26.49
CA ARG B 683 -28.08 15.26 -26.54
C ARG B 683 -28.31 16.14 -25.32
N VAL B 684 -27.85 15.71 -24.14
CA VAL B 684 -28.05 16.48 -22.91
C VAL B 684 -27.21 17.75 -22.94
N ARG B 685 -26.03 17.69 -23.56
CA ARG B 685 -25.18 18.86 -23.73
C ARG B 685 -25.88 19.93 -24.58
N LYS B 686 -26.63 19.49 -25.59
CA LYS B 686 -27.43 20.41 -26.38
C LYS B 686 -28.82 20.65 -25.80
N SER B 687 -29.21 19.92 -24.76
CA SER B 687 -30.57 20.02 -24.24
C SER B 687 -30.77 21.30 -23.44
N LYS B 688 -29.78 21.64 -22.60
CA LYS B 688 -29.69 22.84 -21.75
C LYS B 688 -30.99 23.14 -20.98
N GLY B 689 -31.52 22.09 -20.36
CA GLY B 689 -32.67 22.24 -19.47
C GLY B 689 -33.99 21.75 -20.01
N LYS B 690 -33.98 20.95 -21.07
CA LYS B 690 -35.21 20.42 -21.65
C LYS B 690 -35.31 18.91 -21.58
N TYR B 691 -34.18 18.22 -21.44
CA TYR B 691 -34.11 16.78 -21.61
C TYR B 691 -33.15 16.20 -20.60
N ALA B 692 -33.52 15.05 -20.04
CA ALA B 692 -32.73 14.37 -19.02
C ALA B 692 -32.38 12.97 -19.51
N TYR B 693 -31.40 12.35 -18.86
CA TYR B 693 -30.89 11.06 -19.28
C TYR B 693 -30.59 10.20 -18.05
N LEU B 694 -31.38 9.15 -17.87
CA LEU B 694 -31.14 8.21 -16.78
C LEU B 694 -30.33 7.03 -17.29
N LEU B 695 -29.36 6.59 -16.49
CA LEU B 695 -28.33 5.68 -16.97
C LEU B 695 -27.66 5.01 -15.78
N GLU B 696 -26.64 4.20 -16.08
CA GLU B 696 -25.84 3.56 -15.06
C GLU B 696 -25.10 4.60 -14.22
N SER B 697 -24.90 4.27 -12.95
CA SER B 697 -24.32 5.23 -12.00
C SER B 697 -22.86 5.49 -12.30
N THR B 698 -22.05 4.43 -12.39
CA THR B 698 -20.64 4.59 -12.71
C THR B 698 -20.40 5.03 -14.15
N MET B 699 -21.40 4.90 -15.02
CA MET B 699 -21.31 5.51 -16.34
C MET B 699 -21.46 7.02 -16.23
N ASN B 700 -22.42 7.47 -15.42
CA ASN B 700 -22.58 8.90 -15.16
C ASN B 700 -21.37 9.47 -14.42
N GLU B 701 -20.83 8.70 -13.47
CA GLU B 701 -19.67 9.13 -12.71
C GLU B 701 -18.44 9.28 -13.59
N TYR B 702 -18.22 8.32 -14.50
CA TYR B 702 -17.02 8.32 -15.32
C TYR B 702 -17.01 9.49 -16.30
N ILE B 703 -18.16 9.79 -16.89
CA ILE B 703 -18.26 10.94 -17.79
C ILE B 703 -18.08 12.24 -17.01
N GLU B 704 -18.44 12.24 -15.72
CA GLU B 704 -18.15 13.40 -14.89
C GLU B 704 -16.68 13.46 -14.51
N GLN B 705 -15.96 12.34 -14.61
CA GLN B 705 -14.51 12.35 -14.44
C GLN B 705 -13.77 12.69 -15.72
N ARG B 706 -14.32 12.34 -16.87
CA ARG B 706 -13.85 12.89 -18.13
C ARG B 706 -14.18 14.38 -18.17
N LYS B 707 -13.32 15.17 -18.81
CA LYS B 707 -13.52 16.61 -18.64
C LYS B 707 -13.96 17.38 -19.89
N PRO B 708 -15.22 17.23 -20.32
CA PRO B 708 -15.90 18.38 -20.91
C PRO B 708 -16.52 19.20 -19.79
N CYS B 709 -16.71 18.55 -18.63
CA CYS B 709 -17.15 19.11 -17.36
C CYS B 709 -18.50 19.82 -17.41
N ASP B 710 -19.31 19.57 -18.43
CA ASP B 710 -20.67 20.06 -18.46
C ASP B 710 -21.68 19.01 -18.01
N THR B 711 -21.28 18.11 -17.14
CA THR B 711 -22.05 16.95 -16.72
C THR B 711 -22.26 17.01 -15.21
N MET B 712 -23.39 16.45 -14.76
CA MET B 712 -23.67 16.47 -13.32
C MET B 712 -24.54 15.27 -12.95
N LYS B 713 -24.12 14.56 -11.90
CA LYS B 713 -24.93 13.52 -11.27
C LYS B 713 -25.76 14.11 -10.15
N VAL B 714 -27.06 13.81 -10.14
CA VAL B 714 -27.95 14.29 -9.09
C VAL B 714 -28.68 13.11 -8.48
N GLY B 715 -29.14 13.31 -7.24
CA GLY B 715 -29.94 12.29 -6.58
C GLY B 715 -29.10 11.13 -6.14
N GLY B 716 -29.64 9.93 -6.32
CA GLY B 716 -28.95 8.73 -5.90
C GLY B 716 -29.35 7.55 -6.74
N ASN B 717 -28.93 6.37 -6.28
CA ASN B 717 -29.20 5.13 -7.00
C ASN B 717 -30.67 4.75 -6.87
N LEU B 718 -31.36 4.69 -8.01
CA LEU B 718 -32.76 4.29 -8.05
C LEU B 718 -32.94 2.80 -7.87
N ASP B 719 -31.88 2.00 -8.04
CA ASP B 719 -31.99 0.56 -7.96
C ASP B 719 -30.65 0.03 -7.44
N SER B 720 -30.69 -1.21 -6.95
CA SER B 720 -29.50 -1.97 -6.65
C SER B 720 -29.28 -2.97 -7.78
N LYS B 721 -28.17 -2.81 -8.50
CA LYS B 721 -27.87 -3.67 -9.64
C LYS B 721 -26.40 -4.08 -9.60
N GLY B 722 -26.07 -5.06 -10.43
CA GLY B 722 -24.71 -5.55 -10.53
C GLY B 722 -24.51 -6.28 -11.84
N TYR B 723 -23.26 -6.34 -12.27
CA TYR B 723 -22.89 -6.94 -13.56
C TYR B 723 -22.33 -8.33 -13.30
N GLY B 724 -22.93 -9.34 -13.93
CA GLY B 724 -22.42 -10.69 -13.80
C GLY B 724 -21.91 -11.23 -15.12
N ILE B 725 -20.94 -12.15 -15.06
CA ILE B 725 -20.46 -12.79 -16.27
C ILE B 725 -21.52 -13.75 -16.77
N ALA B 726 -22.06 -13.45 -17.94
CA ALA B 726 -23.11 -14.28 -18.52
C ALA B 726 -22.52 -15.58 -19.04
N THR B 727 -22.94 -16.69 -18.46
CA THR B 727 -22.53 -18.01 -18.88
C THR B 727 -23.80 -18.76 -19.29
N PRO B 728 -23.73 -19.60 -20.32
CA PRO B 728 -24.89 -20.42 -20.67
C PRO B 728 -25.21 -21.41 -19.56
N LYS B 729 -26.49 -21.76 -19.46
CA LYS B 729 -26.95 -22.62 -18.37
C LYS B 729 -26.42 -24.03 -18.55
N GLY B 730 -25.65 -24.51 -17.58
CA GLY B 730 -24.89 -25.72 -17.75
C GLY B 730 -23.58 -25.42 -18.47
N SER B 731 -22.88 -24.39 -18.00
CA SER B 731 -21.64 -23.98 -18.64
C SER B 731 -20.52 -24.97 -18.33
N SER B 732 -19.61 -25.12 -19.29
CA SER B 732 -18.43 -25.95 -19.09
C SER B 732 -17.50 -25.35 -18.05
N LEU B 733 -17.48 -24.01 -17.95
CA LEU B 733 -16.54 -23.30 -17.09
C LEU B 733 -17.21 -22.22 -16.25
N GLY B 734 -18.53 -22.28 -16.08
CA GLY B 734 -19.25 -21.29 -15.32
C GLY B 734 -18.92 -21.27 -13.84
N THR B 735 -19.01 -22.44 -13.21
CA THR B 735 -18.59 -22.55 -11.80
C THR B 735 -17.08 -22.38 -11.59
N PRO B 736 -16.16 -22.81 -12.48
CA PRO B 736 -14.77 -22.33 -12.35
C PRO B 736 -14.61 -20.83 -12.49
N VAL B 737 -15.44 -20.16 -13.31
CA VAL B 737 -15.45 -18.70 -13.32
C VAL B 737 -15.95 -18.16 -12.00
N ASN B 738 -17.04 -18.72 -11.48
CA ASN B 738 -17.67 -18.22 -10.25
C ASN B 738 -16.75 -18.35 -9.04
N LEU B 739 -15.95 -19.42 -8.99
CA LEU B 739 -14.95 -19.52 -7.94
C LEU B 739 -13.80 -18.55 -8.19
N ALA B 740 -13.45 -18.34 -9.47
CA ALA B 740 -12.42 -17.36 -9.80
C ALA B 740 -12.88 -15.94 -9.56
N VAL B 741 -14.19 -15.68 -9.68
CA VAL B 741 -14.73 -14.41 -9.19
C VAL B 741 -14.52 -14.29 -7.69
N LEU B 742 -14.74 -15.39 -6.95
CA LEU B 742 -14.49 -15.37 -5.52
C LEU B 742 -13.00 -15.35 -5.20
N LYS B 743 -12.14 -15.79 -6.13
CA LYS B 743 -10.71 -15.57 -5.96
C LYS B 743 -10.35 -14.12 -6.19
N LEU B 744 -11.09 -13.43 -7.06
CA LEU B 744 -10.88 -11.99 -7.23
C LEU B 744 -11.41 -11.20 -6.05
N SER B 745 -12.63 -11.52 -5.60
CA SER B 745 -13.31 -10.73 -4.59
C SER B 745 -12.76 -10.92 -3.19
N GLU B 746 -12.04 -12.01 -2.93
CA GLU B 746 -11.57 -12.29 -1.57
C GLU B 746 -10.48 -11.31 -1.14
N GLN B 747 -9.68 -10.82 -2.07
CA GLN B 747 -8.68 -9.80 -1.78
C GLN B 747 -8.95 -8.49 -2.48
N GLY B 748 -9.80 -8.48 -3.51
CA GLY B 748 -10.18 -7.24 -4.13
C GLY B 748 -9.43 -6.88 -5.39
N VAL B 749 -9.16 -7.86 -6.27
CA VAL B 749 -8.66 -7.55 -7.60
C VAL B 749 -9.73 -6.84 -8.41
N LEU B 750 -10.99 -7.23 -8.20
CA LEU B 750 -12.12 -6.41 -8.62
C LEU B 750 -12.05 -5.02 -8.00
N ASP B 751 -11.73 -4.96 -6.70
CA ASP B 751 -11.85 -3.74 -5.92
C ASP B 751 -10.70 -2.77 -6.18
N LYS B 752 -9.46 -3.26 -6.06
CA LYS B 752 -8.29 -2.39 -6.13
C LYS B 752 -8.06 -1.86 -7.54
N LEU B 753 -8.41 -2.65 -8.56
CA LEU B 753 -8.35 -2.15 -9.92
C LEU B 753 -9.46 -1.15 -10.20
N LYS B 754 -10.59 -1.25 -9.48
CA LYS B 754 -11.63 -0.24 -9.62
C LYS B 754 -11.23 1.07 -8.92
N ASN B 755 -10.27 1.02 -8.00
CA ASN B 755 -9.68 2.25 -7.49
C ASN B 755 -8.89 2.96 -8.58
N LYS B 756 -8.15 2.20 -9.38
CA LYS B 756 -7.17 2.80 -10.28
C LYS B 756 -7.82 3.38 -11.54
N TRP B 757 -8.65 2.58 -12.23
CA TRP B 757 -9.24 3.01 -13.50
C TRP B 757 -10.25 4.14 -13.34
N TRP B 758 -10.82 4.31 -12.14
CA TRP B 758 -11.71 5.42 -11.84
C TRP B 758 -10.97 6.64 -11.32
N TYR B 759 -9.69 6.48 -10.99
CA TYR B 759 -8.81 7.59 -10.64
C TYR B 759 -7.95 8.03 -11.82
N ASP B 760 -7.87 7.23 -12.87
CA ASP B 760 -6.83 7.36 -13.88
C ASP B 760 -7.07 8.48 -14.88
N LYS B 761 -8.31 8.75 -15.25
CA LYS B 761 -8.61 9.51 -16.46
C LYS B 761 -8.68 11.02 -16.23
N GLY B 762 -8.16 11.50 -15.12
CA GLY B 762 -8.30 12.89 -14.77
C GLY B 762 -9.47 13.14 -13.85
N GLU B 763 -9.55 14.37 -13.35
CA GLU B 763 -10.56 14.75 -12.37
C GLU B 763 -11.21 16.06 -12.76
N CYS B 764 -12.48 16.19 -12.40
CA CYS B 764 -13.24 17.42 -12.58
C CYS B 764 -14.10 17.60 -11.33
N GLY B 765 -13.55 18.25 -10.31
CA GLY B 765 -14.15 18.29 -9.00
C GLY B 765 -14.05 19.66 -8.36
N ALA B 766 -13.48 19.71 -7.15
CA ALA B 766 -13.26 20.97 -6.45
C ALA B 766 -12.04 21.74 -6.96
N LYS B 767 -11.36 21.24 -8.01
CA LYS B 767 -10.21 21.95 -8.56
C LYS B 767 -10.63 23.23 -9.27
N ASP B 768 -11.81 23.24 -9.88
CA ASP B 768 -12.25 24.40 -10.66
C ASP B 768 -13.46 25.11 -10.08
N SER B 769 -13.91 24.73 -8.88
CA SER B 769 -14.94 25.51 -8.20
C SER B 769 -14.33 26.70 -7.46
N GLY B 770 -13.08 26.59 -7.04
CA GLY B 770 -12.49 27.58 -6.17
C GLY B 770 -11.84 28.78 -6.85
N SER B 771 -10.86 28.53 -7.73
CA SER B 771 -10.04 29.62 -8.25
C SER B 771 -9.96 29.60 -9.77
N LYS B 772 -10.89 28.91 -10.44
CA LYS B 772 -11.04 29.03 -11.88
C LYS B 772 -12.17 29.99 -12.23
N GLU B 773 -12.44 30.95 -11.35
CA GLU B 773 -13.37 32.01 -11.67
C GLU B 773 -12.76 33.33 -11.24
N LYS B 774 -13.05 34.35 -12.03
CA LYS B 774 -12.91 35.74 -11.65
C LYS B 774 -14.24 36.37 -12.00
N THR B 775 -14.72 37.27 -11.14
CA THR B 775 -15.99 37.89 -11.44
C THR B 775 -15.81 38.89 -12.57
N SER B 776 -16.87 39.10 -13.33
CA SER B 776 -16.79 39.96 -14.49
C SER B 776 -17.40 41.30 -14.17
N ALA B 777 -17.37 42.19 -15.16
CA ALA B 777 -18.19 43.37 -15.12
C ALA B 777 -19.65 42.97 -15.18
N LEU B 778 -20.52 43.83 -14.65
CA LEU B 778 -21.94 43.61 -14.77
C LEU B 778 -22.37 43.69 -16.23
N SER B 779 -23.30 42.83 -16.61
CA SER B 779 -23.97 43.06 -17.87
C SER B 779 -24.94 44.22 -17.72
N LEU B 780 -25.38 44.74 -18.86
CA LEU B 780 -26.56 45.59 -18.83
C LEU B 780 -27.78 44.81 -18.36
N SER B 781 -27.84 43.52 -18.72
CA SER B 781 -28.98 42.67 -18.36
C SER B 781 -29.09 42.44 -16.86
N ASN B 782 -28.02 42.65 -16.11
CA ASN B 782 -28.12 42.66 -14.66
C ASN B 782 -28.97 43.82 -14.16
N VAL B 783 -28.92 44.96 -14.87
CA VAL B 783 -29.59 46.18 -14.44
C VAL B 783 -30.51 46.73 -15.54
N ALA B 784 -30.93 45.87 -16.47
CA ALA B 784 -31.72 46.35 -17.61
C ALA B 784 -33.10 46.82 -17.19
N GLY B 785 -33.72 46.11 -16.24
CA GLY B 785 -35.08 46.42 -15.82
C GLY B 785 -35.23 47.75 -15.13
N VAL B 786 -34.14 48.33 -14.64
CA VAL B 786 -34.21 49.68 -14.10
C VAL B 786 -34.51 50.67 -15.20
N PHE B 787 -33.92 50.47 -16.38
CA PHE B 787 -34.20 51.31 -17.54
C PHE B 787 -35.64 51.17 -18.00
N TYR B 788 -36.20 49.95 -17.92
CA TYR B 788 -37.62 49.77 -18.19
C TYR B 788 -38.47 50.50 -17.17
N ILE B 789 -38.04 50.49 -15.91
CA ILE B 789 -38.70 51.32 -14.90
C ILE B 789 -38.40 52.79 -15.17
N LEU B 790 -37.20 53.10 -15.66
CA LEU B 790 -36.84 54.49 -15.93
C LEU B 790 -37.63 55.05 -17.10
N VAL B 791 -37.53 54.42 -18.27
CA VAL B 791 -38.19 54.94 -19.46
C VAL B 791 -39.70 54.73 -19.35
N GLY B 792 -40.13 53.68 -18.67
CA GLY B 792 -41.54 53.54 -18.34
C GLY B 792 -42.02 54.63 -17.40
N GLY B 793 -41.15 55.11 -16.52
CA GLY B 793 -41.48 56.29 -15.74
C GLY B 793 -41.44 57.55 -16.55
N LEU B 794 -40.66 57.57 -17.64
CA LEU B 794 -40.55 58.77 -18.47
C LEU B 794 -41.83 59.03 -19.24
N GLY B 795 -42.42 57.98 -19.83
CA GLY B 795 -43.60 58.19 -20.64
C GLY B 795 -44.83 58.53 -19.83
N LEU B 796 -44.95 57.95 -18.64
CA LEU B 796 -46.13 58.22 -17.82
C LEU B 796 -46.08 59.61 -17.20
N ALA B 797 -44.89 60.19 -17.10
CA ALA B 797 -44.80 61.61 -16.73
C ALA B 797 -45.43 62.50 -17.79
N MET B 798 -45.21 62.16 -19.07
CA MET B 798 -45.82 62.92 -20.15
C MET B 798 -47.33 62.71 -20.20
N LEU B 799 -47.83 61.58 -19.69
CA LEU B 799 -49.26 61.36 -19.61
C LEU B 799 -49.91 62.31 -18.61
N VAL B 800 -49.26 62.51 -17.46
CA VAL B 800 -49.80 63.43 -16.47
C VAL B 800 -49.58 64.88 -16.93
N ALA B 801 -48.55 65.12 -17.73
CA ALA B 801 -48.34 66.42 -18.36
C ALA B 801 -49.49 66.76 -19.30
N LEU B 802 -50.03 65.75 -19.99
CA LEU B 802 -51.18 65.97 -20.85
C LEU B 802 -52.45 66.15 -20.04
N ILE B 803 -52.58 65.44 -18.91
CA ILE B 803 -53.82 65.54 -18.14
C ILE B 803 -53.82 66.77 -17.25
N GLU B 804 -52.67 67.43 -17.10
CA GLU B 804 -52.64 68.73 -16.43
C GLU B 804 -53.37 69.78 -17.24
N PHE B 805 -53.05 69.87 -18.54
CA PHE B 805 -53.65 70.89 -19.42
C PHE B 805 -55.14 70.66 -19.63
N CYS B 806 -55.60 69.41 -19.50
CA CYS B 806 -57.03 69.13 -19.54
C CYS B 806 -57.73 69.76 -18.34
N TYR B 807 -57.12 69.67 -17.16
CA TYR B 807 -57.69 70.32 -15.99
C TYR B 807 -57.34 71.80 -15.95
N LYS B 808 -56.24 72.19 -16.59
CA LYS B 808 -55.88 73.61 -16.66
C LYS B 808 -56.86 74.37 -17.55
N SER B 809 -57.33 73.75 -18.63
CA SER B 809 -58.35 74.35 -19.48
C SER B 809 -59.73 74.35 -18.84
N ARG B 810 -59.93 73.62 -17.75
CA ARG B 810 -61.20 73.57 -17.05
C ARG B 810 -61.42 74.81 -16.17
N ALA B 811 -60.37 75.62 -15.96
CA ALA B 811 -60.29 76.79 -15.08
C ALA B 811 -61.48 77.75 -15.12
N GLU B 812 -62.13 77.83 -16.28
CA GLU B 812 -63.45 78.46 -16.55
C GLU B 812 -64.42 78.61 -15.38
N ASN C 1 -30.60 -88.10 18.42
CA ASN C 1 -29.43 -87.87 19.26
C ASN C 1 -29.41 -86.48 19.88
N SER C 2 -28.44 -86.26 20.78
CA SER C 2 -28.34 -85.00 21.51
C SER C 2 -26.95 -84.43 21.30
N ILE C 3 -26.88 -83.14 20.98
CA ILE C 3 -25.60 -82.48 20.72
C ILE C 3 -25.26 -81.53 21.85
N GLN C 4 -23.98 -81.20 21.99
CA GLN C 4 -23.44 -80.58 23.18
C GLN C 4 -22.75 -79.26 22.87
N ILE C 5 -23.23 -78.17 23.47
CA ILE C 5 -22.61 -76.86 23.38
C ILE C 5 -22.41 -76.31 24.79
N GLY C 6 -21.71 -75.18 24.86
CA GLY C 6 -21.39 -74.57 26.13
C GLY C 6 -21.74 -73.10 26.16
N GLY C 7 -22.09 -72.61 27.35
CA GLY C 7 -22.46 -71.22 27.53
C GLY C 7 -21.62 -70.49 28.54
N LEU C 8 -20.95 -69.42 28.11
CA LEU C 8 -20.14 -68.58 28.98
C LEU C 8 -20.89 -67.28 29.19
N PHE C 9 -21.54 -67.14 30.34
CA PHE C 9 -22.45 -66.02 30.50
C PHE C 9 -21.99 -65.09 31.60
N PRO C 10 -22.11 -63.79 31.39
CA PRO C 10 -21.75 -62.83 32.43
C PRO C 10 -22.79 -62.80 33.52
N ARG C 11 -22.31 -62.64 34.74
CA ARG C 11 -23.20 -62.59 35.89
C ARG C 11 -23.87 -61.22 35.93
N GLY C 12 -25.20 -61.22 35.97
CA GLY C 12 -25.97 -60.02 35.76
C GLY C 12 -26.57 -59.90 34.38
N ALA C 13 -26.35 -60.87 33.50
CA ALA C 13 -26.99 -60.89 32.18
C ALA C 13 -28.21 -61.81 32.23
N ASP C 14 -29.18 -61.39 33.05
CA ASP C 14 -30.28 -62.27 33.41
C ASP C 14 -31.29 -62.41 32.27
N GLN C 15 -31.55 -61.32 31.55
CA GLN C 15 -32.55 -61.36 30.49
C GLN C 15 -32.10 -62.22 29.32
N GLU C 16 -30.80 -62.25 29.03
CA GLU C 16 -30.30 -63.02 27.91
C GLU C 16 -30.39 -64.51 28.18
N TYR C 17 -29.96 -64.94 29.36
CA TYR C 17 -30.09 -66.33 29.75
C TYR C 17 -31.55 -66.74 29.89
N SER C 18 -32.41 -65.80 30.28
CA SER C 18 -33.84 -66.03 30.19
C SER C 18 -34.27 -66.20 28.74
N ALA C 19 -33.85 -65.29 27.86
CA ALA C 19 -34.20 -65.40 26.45
C ALA C 19 -33.45 -66.53 25.76
N PHE C 20 -32.38 -67.04 26.37
CA PHE C 20 -31.72 -68.21 25.79
C PHE C 20 -32.54 -69.47 25.97
N ARG C 21 -33.20 -69.61 27.12
CA ARG C 21 -33.99 -70.80 27.37
C ARG C 21 -35.26 -70.82 26.55
N VAL C 22 -35.81 -69.65 26.24
CA VAL C 22 -37.00 -69.56 25.41
C VAL C 22 -36.67 -70.00 23.99
N GLY C 23 -35.45 -69.71 23.53
CA GLY C 23 -35.03 -70.14 22.22
C GLY C 23 -34.89 -71.65 22.09
N MET C 24 -34.51 -72.33 23.18
CA MET C 24 -34.41 -73.78 23.13
C MET C 24 -35.79 -74.42 23.04
N VAL C 25 -36.76 -73.87 23.79
CA VAL C 25 -38.11 -74.43 23.81
C VAL C 25 -38.80 -74.19 22.47
N GLN C 26 -38.67 -72.97 21.94
CA GLN C 26 -39.37 -72.64 20.70
C GLN C 26 -38.73 -73.31 19.50
N PHE C 27 -37.40 -73.34 19.44
CA PHE C 27 -36.71 -74.02 18.34
C PHE C 27 -36.38 -75.47 18.66
N SER C 28 -37.15 -76.11 19.53
CA SER C 28 -36.95 -77.52 19.80
C SER C 28 -37.35 -78.37 18.60
N THR C 29 -36.53 -79.37 18.30
CA THR C 29 -36.80 -80.32 17.24
C THR C 29 -36.88 -81.72 17.82
N SER C 30 -37.74 -82.54 17.22
CA SER C 30 -37.93 -83.90 17.72
C SER C 30 -36.77 -84.80 17.34
N GLU C 31 -36.15 -84.56 16.18
CA GLU C 31 -35.04 -85.39 15.72
C GLU C 31 -33.80 -85.17 16.58
N PHE C 32 -33.30 -83.94 16.59
CA PHE C 32 -32.06 -83.61 17.30
C PHE C 32 -32.37 -82.63 18.42
N ARG C 33 -31.64 -82.75 19.51
CA ARG C 33 -31.76 -81.85 20.64
C ARG C 33 -30.38 -81.31 20.98
N LEU C 34 -30.32 -80.10 21.50
CA LEU C 34 -29.06 -79.51 21.94
C LEU C 34 -28.99 -79.57 23.45
N THR C 35 -27.87 -80.06 23.97
CA THR C 35 -27.63 -80.08 25.40
C THR C 35 -26.65 -78.96 25.74
N PRO C 36 -27.05 -77.90 26.42
CA PRO C 36 -26.10 -76.86 26.78
C PRO C 36 -25.50 -77.07 28.16
N HIS C 37 -24.30 -76.54 28.39
CA HIS C 37 -23.74 -76.43 29.73
C HIS C 37 -23.45 -74.97 30.00
N ILE C 38 -24.18 -74.39 30.95
CA ILE C 38 -24.14 -72.97 31.23
C ILE C 38 -23.07 -72.72 32.27
N ASP C 39 -22.29 -71.66 32.08
CA ASP C 39 -21.40 -71.17 33.12
C ASP C 39 -21.66 -69.69 33.35
N ASN C 40 -21.60 -69.29 34.62
CA ASN C 40 -21.69 -67.90 35.01
C ASN C 40 -20.33 -67.47 35.54
N LEU C 41 -19.87 -66.31 35.08
CA LEU C 41 -18.55 -65.80 35.40
C LEU C 41 -18.48 -64.32 35.09
N GLU C 42 -17.43 -63.67 35.57
CA GLU C 42 -17.13 -62.33 35.11
C GLU C 42 -16.29 -62.43 33.84
N VAL C 43 -16.20 -61.34 33.09
CA VAL C 43 -15.62 -61.43 31.76
C VAL C 43 -14.25 -60.74 31.68
N ALA C 44 -13.97 -59.77 32.55
CA ALA C 44 -12.65 -59.13 32.53
C ALA C 44 -11.55 -60.06 33.01
N ASN C 45 -11.89 -61.01 33.87
CA ASN C 45 -10.94 -62.02 34.30
C ASN C 45 -10.74 -63.04 33.20
N SER C 46 -9.66 -62.90 32.43
CA SER C 46 -9.39 -63.83 31.36
C SER C 46 -8.94 -65.19 31.86
N PHE C 47 -8.48 -65.28 33.11
CA PHE C 47 -8.20 -66.57 33.72
C PHE C 47 -9.47 -67.38 33.88
N ALA C 48 -10.55 -66.75 34.35
CA ALA C 48 -11.82 -67.44 34.45
C ALA C 48 -12.38 -67.78 33.07
N VAL C 49 -12.10 -66.93 32.09
CA VAL C 49 -12.40 -67.26 30.70
C VAL C 49 -11.60 -68.47 30.26
N THR C 50 -10.34 -68.55 30.71
CA THR C 50 -9.50 -69.68 30.35
C THR C 50 -9.95 -70.94 31.07
N ASN C 51 -10.49 -70.78 32.29
CA ASN C 51 -10.99 -71.93 33.04
C ASN C 51 -12.20 -72.54 32.35
N ALA C 52 -13.19 -71.71 32.04
CA ALA C 52 -14.42 -72.18 31.41
C ALA C 52 -14.19 -72.70 30.01
N PHE C 53 -13.15 -72.21 29.34
CA PHE C 53 -12.88 -72.68 27.97
C PHE C 53 -12.35 -74.09 27.98
N CYS C 54 -11.30 -74.36 28.76
CA CYS C 54 -10.72 -75.69 28.78
C CYS C 54 -11.63 -76.71 29.44
N SER C 55 -12.44 -76.28 30.42
CA SER C 55 -13.39 -77.20 31.04
C SER C 55 -14.46 -77.62 30.04
N GLN C 56 -14.92 -76.69 29.22
CA GLN C 56 -15.86 -77.07 28.16
C GLN C 56 -15.16 -77.76 27.01
N PHE C 57 -13.87 -77.53 26.84
CA PHE C 57 -13.12 -78.29 25.85
C PHE C 57 -12.90 -79.72 26.32
N SER C 58 -12.82 -79.93 27.64
CA SER C 58 -12.74 -81.28 28.19
C SER C 58 -14.02 -82.07 27.94
N ARG C 59 -15.17 -81.38 27.93
CA ARG C 59 -16.44 -82.02 27.68
C ARG C 59 -16.60 -82.49 26.24
N GLY C 60 -15.83 -81.93 25.32
CA GLY C 60 -15.99 -82.25 23.91
C GLY C 60 -17.26 -81.65 23.34
N VAL C 61 -17.34 -80.33 23.34
CA VAL C 61 -18.53 -79.64 22.85
C VAL C 61 -18.35 -79.35 21.37
N TYR C 62 -19.46 -79.07 20.70
CA TYR C 62 -19.41 -78.81 19.26
C TYR C 62 -19.12 -77.35 18.99
N ALA C 63 -19.93 -76.46 19.56
CA ALA C 63 -19.69 -75.03 19.46
C ALA C 63 -19.81 -74.41 20.83
N ILE C 64 -19.34 -73.17 20.94
CA ILE C 64 -19.38 -72.42 22.19
C ILE C 64 -20.12 -71.12 21.93
N PHE C 65 -21.12 -70.84 22.75
CA PHE C 65 -21.80 -69.56 22.75
C PHE C 65 -21.41 -68.80 24.01
N GLY C 66 -21.21 -67.50 23.88
CA GLY C 66 -20.87 -66.72 25.04
C GLY C 66 -20.66 -65.27 24.69
N PHE C 67 -20.36 -64.49 25.71
CA PHE C 67 -20.06 -63.08 25.56
C PHE C 67 -18.57 -62.86 25.81
N TYR C 68 -18.05 -61.75 25.31
CA TYR C 68 -16.72 -61.30 25.64
C TYR C 68 -16.70 -59.79 25.75
N ASP C 69 -15.71 -59.28 26.45
CA ASP C 69 -15.45 -57.85 26.56
C ASP C 69 -14.12 -57.56 25.87
N LYS C 70 -13.67 -56.31 25.95
CA LYS C 70 -12.39 -55.92 25.38
C LYS C 70 -11.21 -56.54 26.10
N LYS C 71 -11.41 -57.11 27.29
CA LYS C 71 -10.30 -57.72 28.00
C LYS C 71 -10.06 -59.13 27.53
N SER C 72 -11.11 -59.87 27.20
CA SER C 72 -11.02 -61.27 26.85
C SER C 72 -11.12 -61.51 25.36
N VAL C 73 -11.20 -60.45 24.57
CA VAL C 73 -11.43 -60.60 23.14
C VAL C 73 -10.23 -61.26 22.45
N ASN C 74 -9.04 -61.01 22.94
CA ASN C 74 -7.87 -61.65 22.37
C ASN C 74 -7.77 -63.10 22.79
N THR C 75 -8.38 -63.45 23.93
CA THR C 75 -8.26 -64.80 24.46
C THR C 75 -9.06 -65.80 23.64
N ILE C 76 -10.29 -65.43 23.26
CA ILE C 76 -11.13 -66.34 22.49
C ILE C 76 -10.59 -66.48 21.07
N THR C 77 -10.16 -65.36 20.48
CA THR C 77 -9.66 -65.37 19.12
C THR C 77 -8.33 -66.11 19.00
N SER C 78 -7.54 -66.13 20.06
CA SER C 78 -6.31 -66.90 20.03
C SER C 78 -6.59 -68.40 20.13
N PHE C 79 -7.66 -68.79 20.82
CA PHE C 79 -7.89 -70.20 21.06
C PHE C 79 -8.67 -70.84 19.93
N CYS C 80 -9.74 -70.17 19.48
CA CYS C 80 -10.60 -70.74 18.45
C CYS C 80 -9.90 -70.83 17.11
N GLY C 81 -8.95 -69.94 16.85
CA GLY C 81 -8.08 -70.12 15.71
C GLY C 81 -7.12 -71.28 15.90
N THR C 82 -6.64 -71.46 17.13
CA THR C 82 -5.70 -72.54 17.42
C THR C 82 -6.40 -73.89 17.47
N LEU C 83 -7.38 -74.03 18.36
CA LEU C 83 -7.99 -75.32 18.59
C LEU C 83 -9.09 -75.66 17.60
N HIS C 84 -9.38 -74.74 16.66
CA HIS C 84 -10.21 -74.99 15.49
C HIS C 84 -11.65 -75.38 15.88
N VAL C 85 -12.18 -74.70 16.87
CA VAL C 85 -13.57 -74.85 17.27
C VAL C 85 -14.28 -73.52 17.06
N SER C 86 -15.58 -73.58 16.82
CA SER C 86 -16.32 -72.38 16.43
C SER C 86 -16.86 -71.66 17.66
N PHE C 87 -17.07 -70.36 17.51
CA PHE C 87 -17.57 -69.52 18.59
C PHE C 87 -18.54 -68.51 17.99
N ILE C 88 -19.67 -68.32 18.65
CA ILE C 88 -20.74 -67.47 18.16
C ILE C 88 -21.08 -66.48 19.26
N THR C 89 -21.16 -65.20 18.91
CA THR C 89 -21.25 -64.17 19.92
C THR C 89 -22.10 -62.97 19.52
N PRO C 90 -22.83 -62.40 20.47
CA PRO C 90 -23.54 -61.13 20.22
C PRO C 90 -22.77 -59.89 20.63
N SER C 91 -21.50 -60.02 21.01
CA SER C 91 -20.73 -58.87 21.47
C SER C 91 -20.29 -58.03 20.27
N PHE C 92 -19.47 -57.02 20.53
CA PHE C 92 -18.98 -56.17 19.46
C PHE C 92 -17.97 -56.92 18.61
N PRO C 93 -17.98 -56.73 17.30
CA PRO C 93 -17.10 -57.49 16.43
C PRO C 93 -15.67 -56.98 16.50
N THR C 94 -14.73 -57.87 16.21
CA THR C 94 -13.33 -57.52 16.23
C THR C 94 -12.96 -56.75 14.98
N ASP C 95 -12.07 -55.79 15.13
CA ASP C 95 -11.37 -55.22 13.99
C ASP C 95 -10.48 -56.28 13.35
N GLY C 96 -10.41 -56.28 12.03
CA GLY C 96 -9.69 -57.32 11.34
C GLY C 96 -10.46 -58.62 11.31
N THR C 97 -9.86 -59.60 10.63
CA THR C 97 -10.51 -60.88 10.41
C THR C 97 -9.95 -61.91 11.38
N HIS C 98 -10.80 -62.85 11.77
CA HIS C 98 -10.42 -63.96 12.63
C HIS C 98 -11.23 -65.18 12.20
N PRO C 99 -10.61 -66.31 11.95
CA PRO C 99 -11.37 -67.53 11.67
C PRO C 99 -12.07 -68.03 12.93
N PHE C 100 -13.05 -68.90 12.72
CA PHE C 100 -13.76 -69.66 13.76
C PHE C 100 -14.55 -68.77 14.71
N VAL C 101 -14.82 -67.52 14.34
CA VAL C 101 -15.60 -66.60 15.18
C VAL C 101 -16.74 -66.07 14.34
N ILE C 102 -17.96 -66.28 14.80
CA ILE C 102 -19.16 -65.81 14.13
C ILE C 102 -19.74 -64.68 14.96
N GLN C 103 -19.75 -63.49 14.38
CA GLN C 103 -20.31 -62.32 15.04
C GLN C 103 -21.78 -62.23 14.71
N MET C 104 -22.59 -61.91 15.72
CA MET C 104 -24.02 -61.73 15.49
C MET C 104 -24.41 -60.26 15.40
N ARG C 105 -23.80 -59.41 16.20
CA ARG C 105 -24.00 -57.97 16.17
C ARG C 105 -23.41 -57.39 14.90
N PRO C 106 -24.19 -56.65 14.11
CA PRO C 106 -23.64 -56.03 12.91
C PRO C 106 -22.80 -54.81 13.23
N ASP C 107 -22.21 -54.24 12.19
CA ASP C 107 -21.38 -53.06 12.34
C ASP C 107 -22.25 -51.82 12.51
N LEU C 108 -21.62 -50.71 12.90
CA LEU C 108 -22.32 -49.45 13.08
C LEU C 108 -21.61 -48.30 12.39
N LYS C 109 -20.46 -48.55 11.74
CA LYS C 109 -19.61 -47.47 11.23
C LYS C 109 -20.28 -46.71 10.09
N GLY C 110 -20.71 -47.44 9.05
CA GLY C 110 -21.24 -46.79 7.87
C GLY C 110 -22.56 -46.08 8.11
N ALA C 111 -23.38 -46.61 9.03
CA ALA C 111 -24.59 -45.90 9.41
C ALA C 111 -24.27 -44.62 10.15
N LEU C 112 -23.22 -44.63 10.96
CA LEU C 112 -22.76 -43.39 11.60
C LEU C 112 -22.23 -42.41 10.58
N LEU C 113 -21.43 -42.90 9.63
CA LEU C 113 -20.89 -42.01 8.62
C LEU C 113 -21.96 -41.56 7.64
N SER C 114 -23.03 -42.34 7.48
CA SER C 114 -24.15 -41.85 6.69
C SER C 114 -24.91 -40.77 7.44
N LEU C 115 -25.16 -40.99 8.74
CA LEU C 115 -26.01 -40.10 9.50
C LEU C 115 -25.38 -38.73 9.70
N ILE C 116 -24.07 -38.68 9.91
CA ILE C 116 -23.38 -37.40 9.98
C ILE C 116 -23.39 -36.71 8.62
N GLU C 117 -23.23 -37.49 7.55
CA GLU C 117 -23.29 -36.93 6.21
C GLU C 117 -24.69 -36.52 5.84
N TYR C 118 -25.70 -37.30 6.25
CA TYR C 118 -27.08 -36.93 5.97
C TYR C 118 -27.50 -35.70 6.75
N TYR C 119 -26.98 -35.53 7.97
CA TYR C 119 -27.29 -34.33 8.71
C TYR C 119 -26.38 -33.17 8.38
N GLN C 120 -25.36 -33.40 7.54
CA GLN C 120 -24.45 -32.38 7.02
C GLN C 120 -23.72 -31.64 8.13
N TRP C 121 -22.90 -32.37 8.86
CA TRP C 121 -22.21 -31.81 10.00
C TRP C 121 -20.73 -31.62 9.70
N ASP C 122 -20.15 -30.60 10.33
CA ASP C 122 -18.72 -30.32 10.23
C ASP C 122 -18.06 -30.08 11.58
N LYS C 123 -18.82 -29.68 12.58
CA LYS C 123 -18.29 -29.47 13.91
C LYS C 123 -19.23 -30.17 14.88
N PHE C 124 -18.66 -30.98 15.77
CA PHE C 124 -19.42 -31.60 16.84
C PHE C 124 -18.45 -32.04 17.92
N ALA C 125 -19.00 -32.73 18.91
CA ALA C 125 -18.23 -33.33 19.99
C ALA C 125 -18.56 -34.81 20.04
N TYR C 126 -17.69 -35.58 20.70
CA TYR C 126 -17.81 -37.03 20.69
C TYR C 126 -17.46 -37.54 22.07
N LEU C 127 -18.35 -38.30 22.67
CA LEU C 127 -18.15 -38.87 23.99
C LEU C 127 -18.13 -40.38 23.88
N TYR C 128 -17.12 -41.00 24.46
CA TYR C 128 -16.93 -42.43 24.25
C TYR C 128 -16.61 -43.12 25.57
N ASP C 129 -16.97 -44.39 25.63
CA ASP C 129 -16.55 -45.29 26.70
C ASP C 129 -15.50 -46.24 26.12
N SER C 130 -14.53 -46.58 26.96
CA SER C 130 -13.42 -47.41 26.53
C SER C 130 -13.80 -48.88 26.39
N ASP C 131 -14.91 -49.30 27.01
CA ASP C 131 -15.16 -50.72 27.26
C ASP C 131 -15.42 -51.52 26.01
N ARG C 132 -15.92 -50.91 24.95
CA ARG C 132 -16.20 -51.61 23.71
C ARG C 132 -15.13 -51.38 22.66
N GLY C 133 -13.89 -51.18 23.10
CA GLY C 133 -12.82 -50.86 22.18
C GLY C 133 -12.89 -49.41 21.73
N LEU C 134 -12.05 -49.10 20.76
CA LEU C 134 -11.94 -47.75 20.25
C LEU C 134 -12.11 -47.69 18.73
N SER C 135 -12.63 -48.78 18.14
CA SER C 135 -12.67 -48.90 16.70
C SER C 135 -13.63 -47.92 16.06
N THR C 136 -14.68 -47.54 16.77
CA THR C 136 -15.58 -46.52 16.27
C THR C 136 -14.89 -45.16 16.27
N LEU C 137 -14.11 -44.89 17.31
CA LEU C 137 -13.37 -43.64 17.41
C LEU C 137 -12.33 -43.52 16.30
N GLN C 138 -11.63 -44.61 16.01
CA GLN C 138 -10.63 -44.58 14.96
C GLN C 138 -11.25 -44.41 13.58
N ALA C 139 -12.48 -44.88 13.39
CA ALA C 139 -13.13 -44.70 12.10
C ALA C 139 -13.54 -43.26 11.88
N VAL C 140 -14.13 -42.63 12.91
CA VAL C 140 -14.64 -41.28 12.73
C VAL C 140 -13.53 -40.24 12.75
N LEU C 141 -12.37 -40.57 13.29
CA LEU C 141 -11.26 -39.63 13.20
C LEU C 141 -10.57 -39.68 11.85
N ASP C 142 -10.64 -40.83 11.17
CA ASP C 142 -10.13 -40.89 9.81
C ASP C 142 -11.02 -40.11 8.86
N SER C 143 -12.34 -40.28 8.98
CA SER C 143 -13.26 -39.50 8.17
C SER C 143 -13.35 -38.04 8.60
N ALA C 144 -12.81 -37.72 9.78
CA ALA C 144 -12.69 -36.31 10.15
C ALA C 144 -11.68 -35.60 9.27
N ALA C 145 -10.60 -36.30 8.89
CA ALA C 145 -9.55 -35.66 8.10
C ALA C 145 -10.00 -35.45 6.66
N GLU C 146 -10.70 -36.45 6.09
CA GLU C 146 -10.98 -36.42 4.66
C GLU C 146 -12.07 -35.42 4.32
N LYS C 147 -12.99 -35.17 5.25
CA LYS C 147 -14.19 -34.41 4.94
C LYS C 147 -14.29 -33.12 5.75
N LYS C 148 -13.17 -32.62 6.27
CA LYS C 148 -13.04 -31.32 6.95
C LYS C 148 -13.99 -31.23 8.15
N TRP C 149 -13.68 -32.03 9.16
CA TRP C 149 -14.46 -32.05 10.38
C TRP C 149 -13.63 -31.55 11.55
N GLN C 150 -14.31 -30.98 12.54
CA GLN C 150 -13.68 -30.47 13.74
C GLN C 150 -14.23 -31.24 14.92
N VAL C 151 -13.60 -32.37 15.23
CA VAL C 151 -14.16 -33.36 16.13
C VAL C 151 -13.41 -33.33 17.45
N THR C 152 -14.15 -33.21 18.54
CA THR C 152 -13.57 -33.24 19.87
C THR C 152 -13.98 -34.54 20.56
N ALA C 153 -13.02 -35.42 20.76
CA ALA C 153 -13.26 -36.69 21.44
C ALA C 153 -12.87 -36.53 22.90
N ILE C 154 -13.78 -36.92 23.80
CA ILE C 154 -13.56 -36.83 25.24
C ILE C 154 -13.97 -38.14 25.87
N ASN C 155 -13.07 -38.75 26.62
CA ASN C 155 -13.36 -40.00 27.31
C ASN C 155 -14.29 -39.71 28.47
N VAL C 156 -15.21 -40.64 28.73
CA VAL C 156 -16.11 -40.54 29.87
C VAL C 156 -16.05 -41.79 30.74
N GLY C 157 -15.44 -42.87 30.24
CA GLY C 157 -15.57 -44.16 30.89
C GLY C 157 -14.77 -44.33 32.16
N ASN C 158 -13.89 -43.39 32.48
CA ASN C 158 -13.05 -43.50 33.65
C ASN C 158 -13.50 -42.61 34.80
N ILE C 159 -14.71 -42.05 34.71
CA ILE C 159 -15.22 -41.23 35.80
C ILE C 159 -15.68 -42.14 36.93
N ASN C 160 -15.23 -41.84 38.15
CA ASN C 160 -15.53 -42.63 39.32
C ASN C 160 -16.95 -42.35 39.82
N ASN C 161 -17.49 -43.33 40.57
CA ASN C 161 -18.89 -43.33 40.94
C ASN C 161 -19.22 -42.38 42.08
N ASP C 162 -18.21 -41.87 42.78
CA ASP C 162 -18.47 -40.98 43.91
C ASP C 162 -18.41 -39.52 43.53
N LYS C 163 -17.54 -39.14 42.58
CA LYS C 163 -17.41 -37.75 42.19
C LYS C 163 -18.01 -37.53 40.81
N LYS C 164 -19.16 -38.17 40.57
CA LYS C 164 -19.88 -38.10 39.31
C LYS C 164 -20.28 -36.67 38.96
N ASP C 165 -21.13 -36.07 39.78
CA ASP C 165 -21.80 -34.82 39.43
C ASP C 165 -20.83 -33.64 39.39
N GLU C 166 -19.67 -33.78 40.04
CA GLU C 166 -18.61 -32.79 39.84
C GLU C 166 -17.92 -32.98 38.50
N THR C 167 -17.60 -34.23 38.17
CA THR C 167 -16.77 -34.49 36.99
C THR C 167 -17.58 -34.34 35.70
N TYR C 168 -18.86 -34.74 35.72
CA TYR C 168 -19.73 -34.46 34.58
C TYR C 168 -19.92 -32.97 34.38
N ARG C 169 -19.98 -32.20 35.47
CA ARG C 169 -20.14 -30.77 35.36
C ARG C 169 -18.90 -30.12 34.76
N SER C 170 -17.74 -30.74 34.93
CA SER C 170 -16.48 -30.16 34.48
C SER C 170 -16.42 -30.05 32.96
N LEU C 171 -16.72 -31.14 32.25
CA LEU C 171 -16.62 -31.09 30.80
C LEU C 171 -17.85 -30.44 30.17
N PHE C 172 -18.99 -30.46 30.85
CA PHE C 172 -20.22 -29.97 30.24
C PHE C 172 -20.22 -28.45 30.14
N GLN C 173 -19.65 -27.76 31.12
CA GLN C 173 -19.46 -26.33 30.98
C GLN C 173 -18.42 -26.02 29.92
N ASP C 174 -17.42 -26.89 29.77
CA ASP C 174 -16.35 -26.66 28.82
C ASP C 174 -16.83 -26.74 27.38
N LEU C 175 -17.89 -27.50 27.14
CA LEU C 175 -18.49 -27.53 25.81
C LEU C 175 -19.19 -26.23 25.48
N GLU C 176 -19.69 -25.53 26.50
CA GLU C 176 -20.45 -24.31 26.26
C GLU C 176 -19.52 -23.12 26.03
N LEU C 177 -18.27 -23.18 26.51
CA LEU C 177 -17.31 -22.12 26.24
C LEU C 177 -16.98 -22.01 24.76
N LYS C 178 -16.94 -23.13 24.05
CA LYS C 178 -16.77 -23.10 22.61
C LYS C 178 -18.05 -23.40 21.85
N LYS C 179 -19.18 -23.46 22.56
CA LYS C 179 -20.53 -23.61 22.00
C LYS C 179 -20.67 -24.89 21.16
N GLU C 180 -20.52 -26.02 21.84
CA GLU C 180 -20.83 -27.31 21.23
C GLU C 180 -22.34 -27.46 21.13
N ARG C 181 -22.80 -28.05 20.03
CA ARG C 181 -24.22 -28.18 19.77
C ARG C 181 -24.65 -29.60 19.43
N ARG C 182 -23.72 -30.48 19.09
CA ARG C 182 -24.03 -31.78 18.53
C ARG C 182 -23.17 -32.81 19.23
N VAL C 183 -23.81 -33.75 19.93
CA VAL C 183 -23.10 -34.72 20.75
C VAL C 183 -23.46 -36.11 20.28
N ILE C 184 -22.45 -36.89 19.91
CA ILE C 184 -22.61 -38.31 19.68
C ILE C 184 -22.20 -39.05 20.94
N LEU C 185 -23.14 -39.77 21.52
CA LEU C 185 -22.87 -40.62 22.66
C LEU C 185 -22.59 -42.03 22.15
N ASP C 186 -21.57 -42.67 22.70
CA ASP C 186 -21.21 -44.03 22.33
C ASP C 186 -20.97 -44.79 23.63
N CYS C 187 -22.03 -45.36 24.19
CA CYS C 187 -21.94 -46.10 25.43
C CYS C 187 -22.93 -47.24 25.40
N GLU C 188 -22.95 -48.01 26.47
CA GLU C 188 -24.05 -48.94 26.69
C GLU C 188 -25.18 -48.25 27.43
N ARG C 189 -26.24 -49.01 27.72
CA ARG C 189 -27.46 -48.46 28.31
C ARG C 189 -27.22 -47.90 29.70
N ASP C 190 -26.18 -48.38 30.39
CA ASP C 190 -25.91 -47.96 31.75
C ASP C 190 -25.40 -46.53 31.79
N LYS C 191 -24.46 -46.18 30.93
CA LYS C 191 -23.87 -44.85 30.98
C LYS C 191 -24.77 -43.83 30.30
N VAL C 192 -25.56 -44.25 29.31
CA VAL C 192 -26.47 -43.35 28.61
C VAL C 192 -27.52 -42.82 29.56
N ASN C 193 -28.13 -43.71 30.34
CA ASN C 193 -29.05 -43.31 31.39
C ASN C 193 -28.37 -42.45 32.44
N ASP C 194 -27.08 -42.66 32.67
CA ASP C 194 -26.33 -41.79 33.56
C ASP C 194 -26.09 -40.42 32.94
N ILE C 195 -25.81 -40.39 31.63
CA ILE C 195 -25.52 -39.11 30.97
C ILE C 195 -26.79 -38.28 30.83
N VAL C 196 -27.89 -38.90 30.38
CA VAL C 196 -29.15 -38.20 30.18
C VAL C 196 -29.68 -37.63 31.50
N ASP C 197 -29.40 -38.31 32.61
CA ASP C 197 -29.70 -37.75 33.92
C ASP C 197 -28.89 -36.48 34.19
N GLN C 198 -27.65 -36.42 33.69
CA GLN C 198 -26.86 -35.22 33.88
C GLN C 198 -27.21 -34.12 32.88
N VAL C 199 -27.89 -34.45 31.79
CA VAL C 199 -28.22 -33.45 30.77
C VAL C 199 -29.30 -32.52 31.28
N ILE C 200 -30.43 -33.07 31.72
CA ILE C 200 -31.58 -32.26 32.10
C ILE C 200 -31.34 -31.59 33.45
N THR C 201 -30.49 -32.21 34.29
CA THR C 201 -30.23 -31.67 35.62
C THR C 201 -29.49 -30.34 35.56
N ILE C 202 -28.58 -30.18 34.62
CA ILE C 202 -27.96 -28.88 34.41
C ILE C 202 -28.62 -28.19 33.22
N GLY C 203 -29.61 -28.86 32.64
CA GLY C 203 -30.46 -28.24 31.63
C GLY C 203 -29.81 -28.00 30.29
N LYS C 204 -29.20 -29.04 29.71
CA LYS C 204 -28.67 -28.98 28.36
C LYS C 204 -29.58 -29.75 27.40
N HIS C 205 -30.89 -29.62 27.61
CA HIS C 205 -31.89 -30.37 26.85
C HIS C 205 -32.86 -29.46 26.11
N VAL C 206 -32.53 -28.19 25.98
CA VAL C 206 -33.42 -27.20 25.36
C VAL C 206 -33.42 -27.37 23.85
N LYS C 207 -34.31 -26.64 23.18
CA LYS C 207 -34.36 -26.62 21.73
C LYS C 207 -33.05 -26.11 21.13
N GLY C 208 -32.53 -26.85 20.15
CA GLY C 208 -31.30 -26.49 19.47
C GLY C 208 -30.14 -27.44 19.71
N TYR C 209 -30.17 -28.23 20.78
CA TYR C 209 -29.14 -29.21 21.07
C TYR C 209 -29.55 -30.55 20.48
N HIS C 210 -28.70 -31.11 19.63
CA HIS C 210 -29.01 -32.37 18.97
C HIS C 210 -28.17 -33.45 19.62
N TYR C 211 -28.69 -34.67 19.67
CA TYR C 211 -28.02 -35.78 20.33
C TYR C 211 -28.19 -37.04 19.50
N ILE C 212 -27.20 -37.92 19.54
CA ILE C 212 -27.25 -39.22 18.90
C ILE C 212 -26.74 -40.26 19.88
N ILE C 213 -27.54 -41.29 20.12
CA ILE C 213 -27.11 -42.42 20.94
C ILE C 213 -26.71 -43.52 19.97
N ALA C 214 -25.40 -43.74 19.85
CA ALA C 214 -24.87 -44.60 18.80
C ALA C 214 -24.67 -46.02 19.30
N ASN C 215 -25.80 -46.71 19.47
CA ASN C 215 -25.79 -48.15 19.66
C ASN C 215 -27.13 -48.69 19.18
N LEU C 216 -27.24 -50.01 19.15
CA LEU C 216 -28.39 -50.67 18.55
C LEU C 216 -29.59 -50.77 19.48
N GLY C 217 -29.58 -50.05 20.60
CA GLY C 217 -30.61 -50.18 21.61
C GLY C 217 -31.30 -48.89 21.99
N PHE C 218 -31.65 -48.08 20.99
CA PHE C 218 -32.18 -46.74 21.25
C PHE C 218 -33.48 -46.77 22.04
N THR C 219 -34.35 -47.74 21.78
CA THR C 219 -35.59 -47.81 22.51
C THR C 219 -35.44 -48.40 23.91
N ASP C 220 -34.28 -48.97 24.23
CA ASP C 220 -34.13 -49.64 25.52
C ASP C 220 -33.93 -48.65 26.66
N GLY C 221 -33.50 -47.43 26.35
CA GLY C 221 -33.23 -46.46 27.39
C GLY C 221 -34.44 -45.61 27.74
N ASP C 222 -34.30 -44.90 28.87
CA ASP C 222 -35.32 -43.95 29.32
C ASP C 222 -35.28 -42.74 28.38
N LEU C 223 -36.20 -42.71 27.43
CA LEU C 223 -36.29 -41.61 26.49
C LEU C 223 -37.47 -40.70 26.76
N LEU C 224 -38.26 -41.00 27.80
CA LEU C 224 -39.39 -40.15 28.16
C LEU C 224 -38.93 -38.80 28.69
N LYS C 225 -37.76 -38.75 29.31
CA LYS C 225 -37.35 -37.55 30.06
C LYS C 225 -36.97 -36.42 29.12
N ILE C 226 -36.20 -36.73 28.08
CA ILE C 226 -35.76 -35.69 27.16
C ILE C 226 -36.80 -35.38 26.11
N GLN C 227 -37.88 -36.17 26.05
CA GLN C 227 -38.94 -36.00 25.09
C GLN C 227 -39.65 -34.65 25.25
N PHE C 228 -39.75 -34.16 26.49
CA PHE C 228 -40.50 -32.96 26.80
C PHE C 228 -39.60 -31.77 27.07
N GLY C 229 -38.47 -31.68 26.38
CA GLY C 229 -37.53 -30.60 26.65
C GLY C 229 -37.24 -29.68 25.48
N GLY C 230 -37.35 -30.18 24.26
CA GLY C 230 -37.05 -29.40 23.08
C GLY C 230 -35.86 -29.88 22.28
N ALA C 231 -34.97 -30.65 22.89
CA ALA C 231 -33.84 -31.23 22.18
C ALA C 231 -34.32 -32.29 21.18
N GLU C 232 -33.47 -32.57 20.20
CA GLU C 232 -33.77 -33.57 19.18
C GLU C 232 -32.79 -34.73 19.34
N VAL C 233 -33.33 -35.93 19.54
CA VAL C 233 -32.52 -37.12 19.76
C VAL C 233 -32.85 -38.14 18.69
N SER C 234 -31.82 -38.56 17.97
CA SER C 234 -31.95 -39.66 17.02
C SER C 234 -31.47 -40.94 17.68
N GLY C 235 -31.44 -42.02 16.92
CA GLY C 235 -30.98 -43.28 17.49
C GLY C 235 -31.03 -44.39 16.46
N PHE C 236 -30.58 -45.56 16.89
CA PHE C 236 -30.40 -46.71 16.01
C PHE C 236 -31.14 -47.92 16.56
N GLN C 237 -31.73 -48.70 15.65
CA GLN C 237 -32.60 -49.80 16.03
C GLN C 237 -32.53 -50.89 14.99
N ILE C 238 -32.49 -52.15 15.45
CA ILE C 238 -32.42 -53.27 14.55
C ILE C 238 -33.64 -54.20 14.66
N VAL C 239 -34.30 -54.24 15.80
CA VAL C 239 -35.49 -55.06 15.97
C VAL C 239 -36.74 -54.17 15.98
N ASP C 240 -37.40 -54.09 14.84
CA ASP C 240 -38.58 -53.25 14.67
C ASP C 240 -39.78 -54.01 15.23
N TYR C 241 -40.58 -53.32 16.04
CA TYR C 241 -41.73 -53.95 16.67
C TYR C 241 -42.92 -54.04 15.72
N ASP C 242 -42.81 -53.47 14.52
CA ASP C 242 -43.92 -53.42 13.58
C ASP C 242 -44.22 -54.76 12.95
N ASP C 243 -43.21 -55.61 12.78
CA ASP C 243 -43.37 -56.81 11.98
C ASP C 243 -44.15 -57.89 12.73
N SER C 244 -44.59 -58.89 11.96
CA SER C 244 -45.43 -59.96 12.49
C SER C 244 -44.65 -60.90 13.39
N LEU C 245 -43.57 -61.49 12.86
CA LEU C 245 -42.77 -62.47 13.59
C LEU C 245 -42.13 -61.85 14.83
N VAL C 246 -41.84 -60.55 14.78
CA VAL C 246 -41.48 -59.83 16.00
C VAL C 246 -42.66 -59.80 16.96
N SER C 247 -43.82 -59.33 16.50
CA SER C 247 -44.99 -59.25 17.37
C SER C 247 -45.54 -60.62 17.74
N LYS C 248 -45.24 -61.66 16.97
CA LYS C 248 -45.50 -63.02 17.43
C LYS C 248 -44.63 -63.36 18.63
N PHE C 249 -43.39 -62.88 18.63
CA PHE C 249 -42.52 -63.14 19.77
C PHE C 249 -42.91 -62.29 20.96
N ILE C 250 -43.29 -61.02 20.71
CA ILE C 250 -43.61 -60.08 21.79
C ILE C 250 -44.86 -60.51 22.55
N GLU C 251 -45.86 -61.03 21.84
CA GLU C 251 -47.03 -61.58 22.51
C GLU C 251 -46.66 -62.80 23.34
N ARG C 252 -45.74 -63.63 22.83
CA ARG C 252 -45.23 -64.74 23.62
C ARG C 252 -44.34 -64.24 24.75
N TRP C 253 -43.67 -63.10 24.53
CA TRP C 253 -42.81 -62.52 25.55
C TRP C 253 -43.61 -62.00 26.73
N SER C 254 -44.77 -61.41 26.47
CA SER C 254 -45.61 -60.92 27.55
C SER C 254 -46.29 -62.04 28.33
N THR C 255 -46.42 -63.23 27.73
CA THR C 255 -47.02 -64.36 28.44
C THR C 255 -46.12 -64.96 29.48
N LEU C 256 -44.87 -64.55 29.57
CA LEU C 256 -43.95 -65.15 30.52
C LEU C 256 -43.96 -64.35 31.82
N GLU C 257 -43.32 -64.91 32.85
CA GLU C 257 -43.47 -64.42 34.21
C GLU C 257 -42.10 -64.11 34.81
N GLU C 258 -42.07 -63.14 35.71
CA GLU C 258 -40.82 -62.63 36.27
C GLU C 258 -40.18 -63.64 37.21
N LYS C 259 -40.96 -64.53 37.81
CA LYS C 259 -40.42 -65.46 38.78
C LYS C 259 -39.66 -66.58 38.08
N GLU C 260 -40.27 -67.19 37.07
CA GLU C 260 -39.63 -68.32 36.40
C GLU C 260 -38.55 -67.84 35.45
N TYR C 261 -38.88 -66.91 34.57
CA TYR C 261 -37.93 -66.37 33.60
C TYR C 261 -37.68 -64.91 33.96
N PRO C 262 -36.61 -64.60 34.68
CA PRO C 262 -36.44 -63.24 35.23
C PRO C 262 -36.16 -62.21 34.16
N GLY C 263 -36.81 -61.05 34.31
CA GLY C 263 -36.70 -59.96 33.36
C GLY C 263 -37.27 -60.27 31.99
N ALA C 264 -38.48 -60.86 31.93
CA ALA C 264 -39.05 -61.25 30.66
C ALA C 264 -40.46 -60.75 30.41
N HIS C 265 -41.13 -60.19 31.41
CA HIS C 265 -42.53 -59.78 31.24
C HIS C 265 -42.60 -58.28 30.94
N THR C 266 -42.12 -57.94 29.75
CA THR C 266 -42.17 -56.57 29.25
C THR C 266 -42.77 -56.58 27.86
N ALA C 267 -42.78 -55.40 27.24
CA ALA C 267 -43.10 -55.25 25.83
C ALA C 267 -41.89 -54.89 25.00
N THR C 268 -40.80 -54.47 25.64
CA THR C 268 -39.55 -54.20 24.96
C THR C 268 -38.51 -55.22 25.39
N ILE C 269 -37.39 -55.23 24.67
CA ILE C 269 -36.39 -56.27 24.81
C ILE C 269 -35.06 -55.72 24.31
N LYS C 270 -33.97 -56.13 24.95
CA LYS C 270 -32.66 -55.66 24.56
C LYS C 270 -32.20 -56.34 23.28
N TYR C 271 -31.40 -55.60 22.50
CA TYR C 271 -30.84 -56.19 21.29
C TYR C 271 -29.82 -57.26 21.62
N THR C 272 -29.12 -57.12 22.74
CA THR C 272 -28.30 -58.20 23.25
C THR C 272 -29.15 -59.41 23.62
N SER C 273 -30.32 -59.16 24.20
CA SER C 273 -31.25 -60.24 24.48
C SER C 273 -31.84 -60.80 23.20
N ALA C 274 -32.12 -59.93 22.22
CA ALA C 274 -32.85 -60.37 21.04
C ALA C 274 -31.98 -61.21 20.11
N LEU C 275 -30.69 -60.87 20.00
CA LEU C 275 -29.81 -61.66 19.14
C LEU C 275 -29.54 -63.03 19.72
N THR C 276 -29.69 -63.17 21.04
CA THR C 276 -29.53 -64.47 21.69
C THR C 276 -30.58 -65.45 21.21
N TYR C 277 -31.84 -65.00 21.15
CA TYR C 277 -32.90 -65.80 20.54
C TYR C 277 -32.63 -66.04 19.06
N ASP C 278 -31.98 -65.08 18.40
CA ASP C 278 -31.61 -65.28 17.02
C ASP C 278 -30.36 -66.15 16.90
N ALA C 279 -29.56 -66.24 17.96
CA ALA C 279 -28.35 -67.05 17.89
C ALA C 279 -28.66 -68.53 17.87
N VAL C 280 -29.69 -68.95 18.60
CA VAL C 280 -30.04 -70.36 18.68
C VAL C 280 -30.59 -70.85 17.35
N GLN C 281 -31.36 -69.98 16.68
CA GLN C 281 -31.88 -70.28 15.34
C GLN C 281 -30.76 -70.50 14.33
N VAL C 282 -29.63 -69.81 14.51
CA VAL C 282 -28.47 -70.06 13.66
C VAL C 282 -27.89 -71.45 13.95
N MET C 283 -27.76 -71.79 15.23
CA MET C 283 -27.19 -73.09 15.58
C MET C 283 -28.13 -74.23 15.24
N THR C 284 -29.43 -74.00 15.34
CA THR C 284 -30.41 -75.03 15.03
C THR C 284 -30.42 -75.36 13.55
N GLU C 285 -30.33 -74.33 12.70
CA GLU C 285 -30.35 -74.55 11.25
C GLU C 285 -29.07 -75.21 10.77
N ALA C 286 -27.97 -75.00 11.50
CA ALA C 286 -26.68 -75.55 11.06
C ALA C 286 -26.65 -77.06 11.20
N PHE C 287 -26.97 -77.58 12.39
CA PHE C 287 -26.89 -79.02 12.60
C PHE C 287 -28.08 -79.75 11.98
N ARG C 288 -29.15 -79.01 11.66
CA ARG C 288 -30.19 -79.58 10.82
C ARG C 288 -29.66 -79.84 9.41
N ASN C 289 -28.94 -78.87 8.86
CA ASN C 289 -28.39 -79.04 7.52
C ASN C 289 -27.19 -79.95 7.51
N LEU C 290 -26.46 -80.04 8.62
CA LEU C 290 -25.22 -80.81 8.64
C LEU C 290 -25.50 -82.31 8.61
N ARG C 291 -26.52 -82.76 9.34
CA ARG C 291 -26.90 -84.17 9.30
C ARG C 291 -27.61 -84.50 7.99
N LYS C 292 -28.23 -83.49 7.36
CA LYS C 292 -29.02 -83.70 6.16
C LYS C 292 -28.17 -84.01 4.93
N GLN C 293 -26.99 -83.43 4.81
CA GLN C 293 -26.07 -83.82 3.75
C GLN C 293 -25.33 -85.11 4.07
N ARG C 294 -25.45 -85.62 5.30
CA ARG C 294 -24.73 -86.76 5.85
C ARG C 294 -23.23 -86.60 5.79
N ILE C 295 -22.74 -85.36 5.85
CA ILE C 295 -21.34 -85.04 6.08
C ILE C 295 -21.18 -84.73 7.56
N GLU C 296 -22.17 -85.17 8.34
CA GLU C 296 -22.30 -84.90 9.77
C GLU C 296 -21.07 -85.36 10.55
N ILE C 297 -20.74 -84.59 11.59
CA ILE C 297 -19.59 -84.91 12.41
C ILE C 297 -19.89 -86.11 13.31
N SER C 298 -18.98 -87.06 13.32
CA SER C 298 -18.99 -88.12 14.32
C SER C 298 -18.18 -87.63 15.51
N ARG C 299 -18.74 -87.80 16.72
CA ARG C 299 -18.02 -87.38 17.91
C ARG C 299 -16.80 -88.23 18.14
N ARG C 300 -15.65 -87.59 18.31
CA ARG C 300 -14.38 -88.29 18.40
C ARG C 300 -14.27 -89.07 19.71
N GLY C 301 -14.97 -88.64 20.75
CA GLY C 301 -14.84 -89.31 22.02
C GLY C 301 -13.98 -88.50 22.97
N ASN C 302 -12.72 -88.92 23.13
CA ASN C 302 -11.79 -88.17 23.94
C ASN C 302 -11.40 -86.87 23.23
N ALA C 303 -11.18 -85.83 24.03
CA ALA C 303 -10.72 -84.54 23.52
C ALA C 303 -9.33 -84.18 24.00
N GLY C 304 -8.92 -84.68 25.15
CA GLY C 304 -7.60 -84.37 25.67
C GLY C 304 -7.62 -83.16 26.57
N ASP C 305 -6.44 -82.55 26.71
CA ASP C 305 -6.29 -81.31 27.45
C ASP C 305 -6.00 -80.18 26.48
N CYS C 306 -6.44 -78.97 26.86
CA CYS C 306 -6.25 -77.80 26.01
C CYS C 306 -4.81 -77.34 25.95
N LEU C 307 -4.04 -77.55 27.02
CA LEU C 307 -2.65 -77.14 27.09
C LEU C 307 -1.68 -78.23 26.67
N ALA C 308 -2.10 -79.14 25.80
CA ALA C 308 -1.18 -80.13 25.25
C ALA C 308 -0.14 -79.43 24.38
N ASN C 309 1.12 -79.83 24.56
CA ASN C 309 2.24 -79.11 23.95
C ASN C 309 3.00 -80.04 23.00
N PRO C 310 2.83 -79.89 21.67
CA PRO C 310 1.80 -79.07 21.04
C PRO C 310 0.49 -79.85 20.89
N ALA C 311 -0.63 -79.18 21.09
CA ALA C 311 -1.90 -79.83 20.86
C ALA C 311 -2.17 -79.94 19.36
N VAL C 312 -3.10 -80.83 19.01
CA VAL C 312 -3.45 -81.10 17.62
C VAL C 312 -4.93 -80.78 17.42
N PRO C 313 -5.30 -80.03 16.40
CA PRO C 313 -6.72 -79.81 16.11
C PRO C 313 -7.36 -81.06 15.53
N TRP C 314 -8.64 -81.21 15.78
CA TRP C 314 -9.42 -82.29 15.19
C TRP C 314 -10.20 -81.71 14.00
N GLY C 315 -9.86 -82.20 12.80
CA GLY C 315 -10.24 -81.53 11.57
C GLY C 315 -11.66 -81.75 11.09
N GLN C 316 -12.61 -81.78 12.01
CA GLN C 316 -14.02 -81.74 11.65
C GLN C 316 -14.64 -80.38 11.93
N GLY C 317 -13.95 -79.49 12.64
CA GLY C 317 -14.48 -78.16 12.90
C GLY C 317 -14.49 -77.28 11.67
N VAL C 318 -13.70 -77.63 10.65
CA VAL C 318 -13.76 -76.92 9.38
C VAL C 318 -15.12 -77.11 8.72
N GLU C 319 -15.68 -78.32 8.82
CA GLU C 319 -17.00 -78.59 8.28
C GLU C 319 -18.09 -78.01 9.17
N ILE C 320 -17.79 -77.77 10.45
CA ILE C 320 -18.78 -77.18 11.34
C ILE C 320 -19.01 -75.72 11.00
N GLU C 321 -17.93 -74.94 10.94
CA GLU C 321 -18.06 -73.50 10.69
C GLU C 321 -18.51 -73.21 9.26
N ARG C 322 -18.23 -74.11 8.32
CA ARG C 322 -18.54 -73.83 6.93
C ARG C 322 -20.05 -73.86 6.69
N ALA C 323 -20.74 -74.78 7.37
CA ALA C 323 -22.20 -74.75 7.36
C ALA C 323 -22.71 -73.56 8.16
N LEU C 324 -21.99 -73.16 9.20
CA LEU C 324 -22.36 -71.99 9.98
C LEU C 324 -22.24 -70.71 9.16
N LYS C 325 -21.23 -70.61 8.31
CA LYS C 325 -21.07 -69.44 7.46
C LYS C 325 -22.12 -69.36 6.36
N GLN C 326 -22.78 -70.46 6.05
CA GLN C 326 -23.73 -70.52 4.95
C GLN C 326 -25.18 -70.49 5.42
N VAL C 327 -25.44 -70.06 6.65
CA VAL C 327 -26.82 -69.99 7.14
C VAL C 327 -27.51 -68.79 6.51
N GLN C 328 -28.71 -69.01 5.98
CA GLN C 328 -29.51 -67.95 5.39
C GLN C 328 -30.94 -68.10 5.92
N VAL C 329 -31.21 -67.46 7.06
CA VAL C 329 -32.50 -67.55 7.73
C VAL C 329 -32.96 -66.14 8.08
N GLU C 330 -34.09 -66.07 8.77
CA GLU C 330 -34.65 -64.82 9.24
C GLU C 330 -34.82 -64.86 10.75
N GLY C 331 -34.53 -63.75 11.39
CA GLY C 331 -34.65 -63.65 12.83
C GLY C 331 -35.36 -62.39 13.24
N LEU C 332 -35.18 -61.98 14.50
CA LEU C 332 -35.83 -60.77 14.98
C LEU C 332 -35.19 -59.53 14.40
N SER C 333 -33.87 -59.57 14.16
CA SER C 333 -33.18 -58.41 13.64
C SER C 333 -33.46 -58.19 12.16
N GLY C 334 -33.65 -59.27 11.40
CA GLY C 334 -33.89 -59.15 9.97
C GLY C 334 -33.27 -60.30 9.20
N ASN C 335 -32.72 -60.00 8.02
CA ASN C 335 -32.06 -61.05 7.24
C ASN C 335 -30.69 -61.32 7.82
N ILE C 336 -30.30 -62.59 7.84
CA ILE C 336 -29.04 -63.03 8.41
C ILE C 336 -28.22 -63.67 7.30
N LYS C 337 -27.19 -62.97 6.85
CA LYS C 337 -26.29 -63.48 5.83
C LYS C 337 -24.86 -63.27 6.29
N PHE C 338 -24.01 -64.27 6.08
CA PHE C 338 -22.67 -64.28 6.64
C PHE C 338 -21.61 -64.27 5.55
N ASP C 339 -20.54 -63.53 5.81
CA ASP C 339 -19.34 -63.56 4.99
C ASP C 339 -18.52 -64.79 5.37
N GLN C 340 -17.57 -65.15 4.51
CA GLN C 340 -16.63 -66.22 4.85
C GLN C 340 -15.66 -65.81 5.97
N ASN C 341 -15.49 -64.51 6.21
CA ASN C 341 -14.85 -64.10 7.45
C ASN C 341 -15.71 -64.38 8.67
N GLY C 342 -17.03 -64.31 8.52
CA GLY C 342 -17.94 -64.46 9.64
C GLY C 342 -18.66 -63.19 10.03
N LYS C 343 -18.34 -62.07 9.40
CA LYS C 343 -19.07 -60.84 9.67
C LYS C 343 -20.44 -60.88 9.01
N ARG C 344 -21.43 -60.35 9.73
CA ARG C 344 -22.81 -60.38 9.24
C ARG C 344 -23.00 -59.37 8.12
N ILE C 345 -23.41 -59.87 6.95
CA ILE C 345 -23.56 -59.04 5.76
C ILE C 345 -25.03 -59.03 5.35
N ASN C 346 -25.37 -58.07 4.50
CA ASN C 346 -26.69 -57.88 3.90
C ASN C 346 -27.76 -57.73 4.98
N TYR C 347 -27.65 -56.64 5.73
CA TYR C 347 -28.52 -56.37 6.86
C TYR C 347 -29.13 -54.98 6.71
N THR C 348 -30.03 -54.66 7.63
CA THR C 348 -30.81 -53.43 7.54
C THR C 348 -30.98 -52.85 8.92
N ILE C 349 -30.69 -51.56 9.07
CA ILE C 349 -30.82 -50.87 10.34
C ILE C 349 -31.92 -49.82 10.20
N ASN C 350 -32.76 -49.71 11.22
CA ASN C 350 -33.87 -48.77 11.23
C ASN C 350 -33.45 -47.53 11.99
N ILE C 351 -33.14 -46.47 11.25
CA ILE C 351 -32.80 -45.19 11.86
C ILE C 351 -34.03 -44.62 12.53
N MET C 352 -33.91 -44.26 13.79
CA MET C 352 -35.06 -43.75 14.51
C MET C 352 -34.82 -42.33 14.97
N GLU C 353 -35.87 -41.76 15.57
CA GLU C 353 -35.91 -40.37 15.97
C GLU C 353 -37.04 -40.20 16.99
N LEU C 354 -36.77 -39.42 18.02
CA LEU C 354 -37.75 -39.18 19.06
C LEU C 354 -38.52 -37.90 18.76
N LYS C 355 -39.84 -37.98 18.79
CA LYS C 355 -40.73 -36.82 18.74
C LYS C 355 -41.58 -36.78 20.00
N THR C 356 -42.47 -35.80 20.05
CA THR C 356 -43.33 -35.63 21.23
C THR C 356 -44.34 -36.76 21.37
N ASN C 357 -44.68 -37.44 20.28
CA ASN C 357 -45.51 -38.64 20.41
C ASN C 357 -44.70 -39.83 20.91
N GLY C 358 -43.42 -39.90 20.53
CA GLY C 358 -42.57 -41.00 20.92
C GLY C 358 -41.60 -41.37 19.83
N PRO C 359 -40.99 -42.55 19.94
CA PRO C 359 -40.03 -42.98 18.92
C PRO C 359 -40.72 -43.43 17.65
N ARG C 360 -40.05 -43.19 16.53
CA ARG C 360 -40.61 -43.44 15.20
C ARG C 360 -39.49 -43.76 14.23
N LYS C 361 -39.85 -44.42 13.14
CA LYS C 361 -38.91 -44.75 12.08
C LYS C 361 -38.86 -43.60 11.08
N ILE C 362 -37.65 -43.28 10.60
CA ILE C 362 -37.48 -42.20 9.62
C ILE C 362 -36.65 -42.65 8.43
N GLY C 363 -36.53 -43.96 8.23
CA GLY C 363 -35.77 -44.46 7.11
C GLY C 363 -35.08 -45.76 7.47
N TYR C 364 -34.19 -46.19 6.57
CA TYR C 364 -33.55 -47.49 6.70
C TYR C 364 -32.16 -47.46 6.07
N TRP C 365 -31.22 -48.14 6.71
CA TRP C 365 -29.84 -48.17 6.25
C TRP C 365 -29.55 -49.53 5.64
N SER C 366 -28.64 -49.54 4.67
CA SER C 366 -28.13 -50.80 4.13
C SER C 366 -26.70 -50.59 3.67
N GLU C 367 -26.07 -51.69 3.27
CA GLU C 367 -24.68 -51.62 2.83
C GLU C 367 -24.56 -51.12 1.40
N VAL C 368 -25.13 -51.85 0.44
CA VAL C 368 -24.99 -51.48 -0.96
C VAL C 368 -25.95 -50.35 -1.30
N ASP C 369 -26.91 -50.09 -0.43
CA ASP C 369 -28.02 -49.19 -0.67
C ASP C 369 -27.93 -47.92 0.16
N LYS C 370 -26.77 -47.26 0.16
CA LYS C 370 -26.08 -46.58 1.28
C LYS C 370 -27.04 -45.94 2.28
N MET C 371 -27.88 -44.99 1.89
CA MET C 371 -28.74 -44.30 2.82
C MET C 371 -30.01 -43.83 2.13
N VAL C 372 -31.13 -44.46 2.50
CA VAL C 372 -32.44 -44.18 1.90
C VAL C 372 -33.43 -43.94 3.04
N LEU C 373 -34.34 -43.00 2.84
CA LEU C 373 -35.40 -42.77 3.80
C LEU C 373 -36.65 -43.53 3.38
N THR C 374 -37.63 -43.57 4.26
CA THR C 374 -39.01 -43.88 3.90
C THR C 374 -39.69 -42.59 3.46
N GLU C 375 -40.99 -42.69 3.11
CA GLU C 375 -41.70 -41.50 2.67
C GLU C 375 -41.87 -40.49 3.80
N ASP C 376 -42.77 -40.78 4.76
CA ASP C 376 -42.77 -40.48 6.21
C ASP C 376 -44.08 -40.92 6.83
N ASP C 377 -44.16 -40.83 8.15
CA ASP C 377 -45.47 -40.75 8.79
C ASP C 377 -46.12 -39.41 8.41
N THR C 378 -47.45 -39.40 8.37
CA THR C 378 -48.18 -38.22 7.93
C THR C 378 -48.98 -37.56 9.04
N SER C 379 -49.80 -38.33 9.76
CA SER C 379 -50.64 -37.75 10.81
C SER C 379 -49.82 -37.37 12.02
N GLY C 380 -48.74 -38.11 12.29
CA GLY C 380 -47.82 -37.70 13.33
C GLY C 380 -47.03 -36.46 12.96
N LEU C 381 -46.86 -36.22 11.67
CA LEU C 381 -46.20 -35.00 11.19
C LEU C 381 -47.23 -33.87 11.25
N GLU C 382 -47.17 -33.09 12.32
CA GLU C 382 -47.96 -31.88 12.47
C GLU C 382 -47.01 -30.70 12.35
N GLN C 383 -47.46 -29.66 11.65
CA GLN C 383 -46.60 -28.50 11.41
C GLN C 383 -46.38 -27.72 12.70
N LYS C 384 -45.17 -27.83 13.24
CA LYS C 384 -44.83 -27.19 14.49
C LYS C 384 -44.64 -25.69 14.25
N THR C 385 -44.97 -24.90 15.28
CA THR C 385 -44.80 -23.45 15.25
C THR C 385 -43.31 -23.12 15.17
N VAL C 386 -42.88 -22.62 14.00
CA VAL C 386 -41.49 -22.25 13.83
C VAL C 386 -41.16 -21.01 14.64
N VAL C 387 -39.93 -20.94 15.12
CA VAL C 387 -39.48 -19.83 15.94
C VAL C 387 -38.85 -18.78 15.03
N VAL C 388 -39.43 -17.59 15.03
CA VAL C 388 -38.92 -16.47 14.23
C VAL C 388 -38.39 -15.42 15.20
N THR C 389 -37.12 -15.09 15.06
CA THR C 389 -36.51 -14.06 15.89
C THR C 389 -36.61 -12.70 15.21
N THR C 390 -36.81 -11.67 16.03
CA THR C 390 -36.96 -10.30 15.56
C THR C 390 -36.26 -9.35 16.53
N ILE C 391 -36.02 -8.13 16.06
CA ILE C 391 -35.48 -7.06 16.89
C ILE C 391 -36.42 -5.87 16.78
N LEU C 392 -36.58 -5.15 17.89
CA LEU C 392 -37.46 -3.98 17.95
C LEU C 392 -36.88 -2.87 17.07
N GLU C 393 -37.47 -2.66 15.91
CA GLU C 393 -36.93 -1.68 14.97
C GLU C 393 -38.03 -1.12 14.11
N SER C 394 -38.24 0.15 14.22
CA SER C 394 -39.21 0.86 13.41
C SER C 394 -38.73 0.92 11.96
N PRO C 395 -39.63 0.76 10.98
CA PRO C 395 -41.04 0.38 11.15
C PRO C 395 -41.23 -1.11 10.93
N TYR C 396 -40.15 -1.87 10.97
CA TYR C 396 -40.23 -3.30 10.71
C TYR C 396 -40.89 -4.04 11.87
N VAL C 397 -40.50 -3.68 13.09
CA VAL C 397 -41.14 -4.19 14.31
C VAL C 397 -41.49 -2.99 15.17
N MET C 398 -42.77 -2.86 15.50
CA MET C 398 -43.26 -1.71 16.25
C MET C 398 -43.81 -2.17 17.58
N MET C 399 -44.09 -1.20 18.45
CA MET C 399 -44.80 -1.46 19.69
C MET C 399 -46.30 -1.52 19.42
N LYS C 400 -47.10 -1.44 20.48
CA LYS C 400 -48.53 -1.58 20.36
C LYS C 400 -49.21 -0.79 21.47
N LYS C 401 -50.37 -0.21 21.13
CA LYS C 401 -51.20 0.46 22.13
C LYS C 401 -51.67 -0.50 23.22
N ASN C 402 -51.94 -1.75 22.87
CA ASN C 402 -52.19 -2.80 23.85
C ASN C 402 -50.90 -3.59 24.05
N HIS C 403 -49.97 -2.96 24.76
CA HIS C 403 -48.67 -3.59 24.98
C HIS C 403 -48.76 -4.71 26.01
N GLU C 404 -49.67 -4.60 26.98
CA GLU C 404 -49.82 -5.61 28.01
C GLU C 404 -51.11 -6.40 27.91
N MET C 405 -52.21 -5.78 27.48
CA MET C 405 -53.50 -6.45 27.47
C MET C 405 -53.62 -7.46 26.34
N LEU C 406 -52.83 -7.32 25.30
CA LEU C 406 -52.91 -8.16 24.12
C LEU C 406 -51.89 -9.29 24.21
N GLU C 407 -52.23 -10.42 23.59
CA GLU C 407 -51.41 -11.63 23.69
C GLU C 407 -51.13 -12.22 22.32
N GLY C 408 -50.01 -12.95 22.23
CA GLY C 408 -49.67 -13.73 21.05
C GLY C 408 -48.77 -13.02 20.05
N ASN C 409 -48.91 -13.39 18.78
CA ASN C 409 -48.17 -12.72 17.72
C ASN C 409 -48.69 -11.32 17.45
N GLU C 410 -49.90 -11.02 17.92
CA GLU C 410 -50.52 -9.71 17.70
C GLU C 410 -49.95 -8.63 18.61
N ARG C 411 -49.10 -9.01 19.58
CA ARG C 411 -48.55 -8.08 20.56
C ARG C 411 -47.68 -6.98 19.96
N TYR C 412 -47.24 -7.15 18.72
CA TYR C 412 -46.44 -6.12 18.06
C TYR C 412 -46.97 -5.88 16.66
N GLU C 413 -46.24 -5.05 15.91
CA GLU C 413 -46.75 -4.46 14.69
C GLU C 413 -45.55 -4.19 13.79
N GLY C 414 -45.80 -4.10 12.49
CA GLY C 414 -44.78 -3.56 11.61
C GLY C 414 -44.81 -4.20 10.25
N TYR C 415 -43.79 -3.84 9.47
CA TYR C 415 -43.62 -4.36 8.12
C TYR C 415 -43.39 -5.87 8.13
N CYS C 416 -42.35 -6.30 8.84
CA CYS C 416 -41.99 -7.71 8.88
C CYS C 416 -43.02 -8.56 9.63
N VAL C 417 -43.74 -7.96 10.58
CA VAL C 417 -44.81 -8.68 11.28
C VAL C 417 -45.90 -9.09 10.32
N ASP C 418 -46.33 -8.15 9.48
CA ASP C 418 -47.34 -8.48 8.47
C ASP C 418 -46.73 -9.30 7.35
N LEU C 419 -45.44 -9.09 7.05
CA LEU C 419 -44.77 -9.88 6.04
C LEU C 419 -44.59 -11.32 6.48
N ALA C 420 -44.49 -11.54 7.79
CA ALA C 420 -44.46 -12.90 8.32
C ALA C 420 -45.76 -13.64 8.02
N ALA C 421 -46.89 -12.94 8.11
CA ALA C 421 -48.16 -13.54 7.73
C ALA C 421 -48.24 -13.75 6.23
N GLU C 422 -47.59 -12.89 5.44
CA GLU C 422 -47.55 -13.06 3.99
C GLU C 422 -46.78 -14.31 3.60
N ILE C 423 -45.74 -14.65 4.35
CA ILE C 423 -45.05 -15.91 4.13
C ILE C 423 -45.86 -17.06 4.69
N ALA C 424 -46.49 -16.85 5.85
CA ALA C 424 -47.27 -17.92 6.49
C ALA C 424 -48.51 -18.27 5.70
N LYS C 425 -49.06 -17.30 4.96
CA LYS C 425 -50.18 -17.61 4.08
C LYS C 425 -49.71 -18.41 2.87
N HIS C 426 -48.62 -17.97 2.25
CA HIS C 426 -48.17 -18.62 1.01
C HIS C 426 -47.51 -19.96 1.28
N CYS C 427 -46.65 -20.04 2.29
CA CYS C 427 -45.95 -21.28 2.55
C CYS C 427 -46.75 -22.25 3.41
N GLY C 428 -47.74 -21.76 4.14
CA GLY C 428 -48.68 -22.60 4.82
C GLY C 428 -48.21 -23.19 6.14
N PHE C 429 -47.61 -22.39 7.00
CA PHE C 429 -47.08 -22.88 8.27
C PHE C 429 -47.63 -22.05 9.42
N LYS C 430 -47.22 -22.43 10.63
CA LYS C 430 -47.52 -21.69 11.84
C LYS C 430 -46.22 -21.17 12.43
N TYR C 431 -46.26 -19.96 12.96
CA TYR C 431 -45.06 -19.31 13.46
C TYR C 431 -45.30 -18.73 14.85
N LYS C 432 -44.24 -18.74 15.65
CA LYS C 432 -44.22 -18.05 16.93
C LYS C 432 -43.11 -17.00 16.88
N LEU C 433 -43.46 -15.76 17.19
CA LEU C 433 -42.50 -14.67 17.10
C LEU C 433 -41.75 -14.50 18.41
N THR C 434 -40.44 -14.30 18.29
CA THR C 434 -39.59 -14.10 19.45
C THR C 434 -38.75 -12.85 19.24
N ILE C 435 -38.19 -12.36 20.34
CA ILE C 435 -37.31 -11.20 20.35
C ILE C 435 -35.89 -11.69 20.60
N VAL C 436 -34.92 -11.08 19.94
CA VAL C 436 -33.52 -11.36 20.22
C VAL C 436 -33.19 -10.98 21.66
N GLY C 437 -32.55 -11.89 22.38
CA GLY C 437 -32.22 -11.64 23.77
C GLY C 437 -31.13 -10.61 23.97
N ASP C 438 -30.32 -10.37 22.95
CA ASP C 438 -29.21 -9.42 23.07
C ASP C 438 -29.69 -7.99 22.90
N GLY C 439 -30.36 -7.72 21.77
CA GLY C 439 -30.64 -6.36 21.36
C GLY C 439 -29.72 -5.84 20.28
N LYS C 440 -29.09 -6.73 19.51
CA LYS C 440 -28.14 -6.35 18.48
C LYS C 440 -28.23 -7.35 17.33
N TYR C 441 -27.77 -6.91 16.16
CA TYR C 441 -27.91 -7.72 14.96
C TYR C 441 -26.91 -8.86 14.93
N GLY C 442 -25.62 -8.55 14.86
CA GLY C 442 -24.61 -9.59 14.83
C GLY C 442 -23.19 -9.09 14.86
N ALA C 443 -22.39 -9.63 15.77
CA ALA C 443 -20.97 -9.32 15.85
C ALA C 443 -20.19 -10.58 15.53
N ARG C 444 -18.88 -10.42 15.31
CA ARG C 444 -17.99 -11.57 15.08
C ARG C 444 -16.59 -11.15 15.47
N ASP C 445 -16.16 -11.54 16.66
CA ASP C 445 -14.96 -10.98 17.29
C ASP C 445 -13.71 -11.72 16.84
N ALA C 446 -12.56 -11.10 17.14
CA ALA C 446 -11.27 -11.76 17.00
C ALA C 446 -11.07 -12.72 18.16
N ASP C 447 -11.78 -13.83 18.11
CA ASP C 447 -12.14 -14.64 19.26
C ASP C 447 -12.69 -15.94 18.69
N THR C 448 -13.45 -16.67 19.49
CA THR C 448 -14.22 -17.86 19.12
C THR C 448 -15.36 -17.58 18.09
N LYS C 449 -15.49 -16.36 17.55
CA LYS C 449 -16.42 -15.90 16.51
C LYS C 449 -17.87 -16.33 16.76
N ILE C 450 -18.26 -16.36 18.04
CA ILE C 450 -19.66 -16.54 18.41
C ILE C 450 -20.41 -15.27 18.04
N TRP C 451 -21.49 -15.40 17.29
CA TRP C 451 -22.19 -14.24 16.79
C TRP C 451 -23.10 -13.65 17.86
N ASN C 452 -22.59 -12.67 18.58
CA ASN C 452 -23.35 -11.96 19.60
C ASN C 452 -24.40 -11.13 18.88
N GLY C 453 -25.62 -11.62 18.85
CA GLY C 453 -26.69 -10.96 18.14
C GLY C 453 -27.65 -11.98 17.55
N MET C 454 -28.43 -11.52 16.57
CA MET C 454 -29.47 -12.35 15.98
C MET C 454 -28.92 -13.50 15.16
N VAL C 455 -27.68 -13.39 14.68
CA VAL C 455 -27.11 -14.45 13.86
C VAL C 455 -26.82 -15.69 14.70
N GLY C 456 -26.19 -15.49 15.85
CA GLY C 456 -25.92 -16.61 16.75
C GLY C 456 -27.17 -17.23 17.33
N GLU C 457 -28.25 -16.45 17.45
CA GLU C 457 -29.56 -17.02 17.77
C GLU C 457 -30.03 -17.94 16.64
N LEU C 458 -29.68 -17.59 15.40
CA LEU C 458 -30.09 -18.37 14.24
C LEU C 458 -29.06 -19.44 13.88
N VAL C 459 -27.79 -19.24 14.20
CA VAL C 459 -26.78 -20.27 13.97
C VAL C 459 -26.97 -21.42 14.94
N TYR C 460 -27.15 -21.11 16.22
CA TYR C 460 -27.14 -22.13 17.27
C TYR C 460 -28.48 -22.80 17.48
N GLY C 461 -29.40 -22.70 16.52
CA GLY C 461 -30.61 -23.47 16.53
C GLY C 461 -31.70 -22.97 17.46
N LYS C 462 -31.54 -21.80 18.07
CA LYS C 462 -32.61 -21.27 18.91
C LYS C 462 -33.75 -20.75 18.06
N ALA C 463 -33.45 -20.06 16.97
CA ALA C 463 -34.45 -19.67 16.00
C ALA C 463 -34.49 -20.69 14.87
N ASP C 464 -35.47 -20.53 13.99
CA ASP C 464 -35.60 -21.38 12.82
C ASP C 464 -35.52 -20.59 11.51
N ILE C 465 -36.27 -19.50 11.40
CA ILE C 465 -36.17 -18.59 10.26
C ILE C 465 -36.15 -17.16 10.81
N ALA C 466 -35.11 -16.42 10.49
CA ALA C 466 -34.94 -15.06 10.98
C ALA C 466 -35.51 -14.09 9.98
N ILE C 467 -36.37 -13.18 10.46
CA ILE C 467 -36.94 -12.11 9.64
C ILE C 467 -36.48 -10.81 10.29
N ALA C 468 -35.65 -10.05 9.58
CA ALA C 468 -35.06 -8.85 10.14
C ALA C 468 -34.54 -7.99 8.99
N PRO C 469 -34.43 -6.68 9.20
CA PRO C 469 -33.66 -5.86 8.26
C PRO C 469 -32.17 -6.14 8.40
N LEU C 470 -31.72 -7.24 7.81
CA LEU C 470 -30.37 -7.75 8.03
C LEU C 470 -29.57 -7.67 6.73
N THR C 471 -28.34 -7.18 6.85
CA THR C 471 -27.51 -6.91 5.69
C THR C 471 -26.96 -8.20 5.09
N ILE C 472 -27.15 -8.37 3.79
CA ILE C 472 -26.58 -9.50 3.06
C ILE C 472 -25.12 -9.18 2.78
N THR C 473 -24.22 -9.86 3.49
CA THR C 473 -22.79 -9.70 3.28
C THR C 473 -22.15 -11.07 3.15
N LEU C 474 -20.89 -11.06 2.68
CA LEU C 474 -20.19 -12.32 2.41
C LEU C 474 -19.82 -13.04 3.70
N VAL C 475 -19.56 -12.28 4.78
CA VAL C 475 -19.22 -12.90 6.06
C VAL C 475 -20.42 -13.63 6.64
N ARG C 476 -21.61 -13.04 6.50
CA ARG C 476 -22.81 -13.77 6.85
C ARG C 476 -23.17 -14.85 5.84
N GLU C 477 -22.71 -14.72 4.60
CA GLU C 477 -23.10 -15.66 3.54
C GLU C 477 -22.50 -17.04 3.77
N GLU C 478 -21.27 -17.10 4.28
CA GLU C 478 -20.62 -18.37 4.47
C GLU C 478 -21.16 -19.15 5.66
N VAL C 479 -21.93 -18.51 6.55
CA VAL C 479 -22.34 -19.15 7.78
C VAL C 479 -23.84 -19.38 7.87
N ILE C 480 -24.67 -18.60 7.19
CA ILE C 480 -26.10 -18.84 7.08
C ILE C 480 -26.51 -18.68 5.63
N ASP C 481 -27.80 -18.87 5.36
CA ASP C 481 -28.32 -18.80 4.00
C ASP C 481 -29.27 -17.62 3.86
N PHE C 482 -29.31 -17.04 2.67
CA PHE C 482 -30.13 -15.87 2.40
C PHE C 482 -31.07 -16.12 1.24
N SER C 483 -32.17 -15.39 1.24
CA SER C 483 -33.11 -15.39 0.12
C SER C 483 -32.70 -14.28 -0.85
N LYS C 484 -33.54 -13.99 -1.84
CA LYS C 484 -33.29 -12.89 -2.73
C LYS C 484 -33.53 -11.56 -2.01
N PRO C 485 -32.78 -10.51 -2.35
CA PRO C 485 -33.00 -9.20 -1.73
C PRO C 485 -34.36 -8.62 -2.11
N PHE C 486 -35.15 -8.30 -1.09
CA PHE C 486 -36.48 -7.74 -1.30
C PHE C 486 -36.53 -6.23 -1.20
N MET C 487 -35.42 -5.59 -0.82
CA MET C 487 -35.42 -4.14 -0.63
C MET C 487 -34.03 -3.61 -0.93
N SER C 488 -33.99 -2.49 -1.65
CA SER C 488 -32.76 -1.82 -2.01
C SER C 488 -32.45 -0.75 -0.96
N LEU C 489 -31.15 -0.52 -0.73
CA LEU C 489 -30.71 0.24 0.42
C LEU C 489 -29.25 0.62 0.26
N GLY C 490 -28.80 1.51 1.15
CA GLY C 490 -27.41 1.92 1.16
C GLY C 490 -27.09 2.63 2.46
N ILE C 491 -25.79 2.81 2.68
CA ILE C 491 -25.33 3.58 3.84
C ILE C 491 -25.65 5.05 3.59
N SER C 492 -26.24 5.70 4.59
CA SER C 492 -26.64 7.10 4.49
C SER C 492 -26.32 7.83 5.78
N ILE C 493 -26.36 9.16 5.71
CA ILE C 493 -25.91 10.00 6.82
C ILE C 493 -27.11 10.68 7.45
N MET C 494 -27.20 10.63 8.77
CA MET C 494 -28.18 11.41 9.53
C MET C 494 -27.43 12.44 10.37
N ILE C 495 -27.84 13.70 10.24
CA ILE C 495 -27.27 14.80 11.01
C ILE C 495 -28.40 15.58 11.66
N LYS C 496 -28.01 16.50 12.54
CA LYS C 496 -28.91 17.54 12.98
C LYS C 496 -29.24 18.44 11.79
N LYS C 497 -30.52 18.64 11.55
CA LYS C 497 -30.93 19.48 10.43
C LYS C 497 -30.59 20.93 10.75
N PRO C 498 -29.84 21.61 9.87
CA PRO C 498 -29.54 23.03 10.14
C PRO C 498 -30.78 23.89 9.98
N GLN C 499 -31.34 24.30 11.11
CA GLN C 499 -32.61 25.01 11.10
C GLN C 499 -32.36 26.51 11.01
N LYS C 500 -33.47 27.25 10.98
CA LYS C 500 -33.43 28.71 11.08
C LYS C 500 -32.86 29.09 12.44
N SER C 501 -31.65 29.64 12.45
CA SER C 501 -31.03 30.10 13.68
C SER C 501 -31.75 31.37 14.14
N LYS C 502 -31.69 31.62 15.44
CA LYS C 502 -32.43 32.74 16.01
C LYS C 502 -31.71 34.05 15.68
N PRO C 503 -32.36 35.00 15.02
CA PRO C 503 -31.75 36.30 14.82
C PRO C 503 -31.95 37.18 16.04
N GLY C 504 -31.42 38.40 16.01
CA GLY C 504 -31.62 39.34 17.10
C GLY C 504 -32.60 40.43 16.72
N VAL C 505 -33.33 40.93 17.71
CA VAL C 505 -34.21 42.07 17.47
C VAL C 505 -33.42 43.37 17.31
N PHE C 506 -32.14 43.36 17.67
CA PHE C 506 -31.25 44.46 17.32
C PHE C 506 -30.00 43.90 16.67
N SER C 507 -30.19 42.98 15.73
CA SER C 507 -29.06 42.32 15.10
C SER C 507 -28.43 43.16 14.00
N PHE C 508 -29.05 44.27 13.62
CA PHE C 508 -28.53 45.10 12.56
C PHE C 508 -27.24 45.80 12.94
N LEU C 509 -27.08 46.14 14.22
CA LEU C 509 -25.89 46.84 14.67
C LEU C 509 -24.80 45.90 15.15
N ASP C 510 -24.94 44.59 14.91
CA ASP C 510 -23.92 43.63 15.31
C ASP C 510 -22.53 43.81 14.68
N PRO C 511 -22.34 44.27 13.44
CA PRO C 511 -20.95 44.50 12.99
C PRO C 511 -20.24 45.62 13.70
N LEU C 512 -20.95 46.47 14.42
CA LEU C 512 -20.31 47.39 15.35
C LEU C 512 -20.45 46.85 16.77
N ALA C 513 -19.62 47.36 17.66
CA ALA C 513 -19.70 47.00 19.06
C ALA C 513 -20.53 48.03 19.81
N TYR C 514 -21.11 47.59 20.94
CA TYR C 514 -21.88 48.51 21.76
C TYR C 514 -20.98 49.54 22.45
N GLU C 515 -19.69 49.26 22.57
CA GLU C 515 -18.75 50.28 22.99
C GLU C 515 -18.65 51.40 21.96
N ILE C 516 -18.74 51.06 20.68
CA ILE C 516 -18.64 52.07 19.63
C ILE C 516 -19.87 52.97 19.64
N TRP C 517 -21.07 52.36 19.65
CA TRP C 517 -22.32 53.12 19.70
C TRP C 517 -22.42 53.99 20.94
N MET C 518 -21.83 53.53 22.05
CA MET C 518 -21.78 54.35 23.25
C MET C 518 -20.90 55.58 23.02
N CYS C 519 -19.82 55.43 22.26
CA CYS C 519 -18.96 56.57 21.96
C CYS C 519 -19.57 57.48 20.91
N ILE C 520 -20.33 56.91 19.97
CA ILE C 520 -21.00 57.71 18.94
C ILE C 520 -22.01 58.64 19.57
N VAL C 521 -22.78 58.12 20.54
CA VAL C 521 -23.73 58.94 21.28
C VAL C 521 -23.02 60.05 22.04
N PHE C 522 -21.93 59.71 22.71
CA PHE C 522 -21.24 60.69 23.53
C PHE C 522 -20.51 61.73 22.69
N ALA C 523 -20.02 61.33 21.51
CA ALA C 523 -19.46 62.30 20.58
C ALA C 523 -20.54 63.20 20.00
N TYR C 524 -21.74 62.66 19.82
CA TYR C 524 -22.86 63.46 19.33
C TYR C 524 -23.27 64.52 20.34
N ILE C 525 -23.05 64.27 21.63
CA ILE C 525 -23.39 65.26 22.64
C ILE C 525 -22.46 66.46 22.55
N GLY C 526 -21.16 66.22 22.72
CA GLY C 526 -20.22 67.30 22.95
C GLY C 526 -20.00 68.20 21.74
N VAL C 527 -20.09 67.64 20.53
CA VAL C 527 -19.88 68.41 19.31
C VAL C 527 -20.94 69.48 19.16
N SER C 528 -22.19 69.14 19.49
CA SER C 528 -23.24 70.16 19.52
C SER C 528 -23.00 71.17 20.62
N VAL C 529 -22.44 70.74 21.75
CA VAL C 529 -22.17 71.64 22.86
C VAL C 529 -21.01 72.58 22.52
N VAL C 530 -19.96 72.03 21.88
CA VAL C 530 -18.80 72.84 21.50
C VAL C 530 -19.20 73.87 20.45
N LEU C 531 -20.00 73.46 19.47
CA LEU C 531 -20.43 74.37 18.41
C LEU C 531 -21.29 75.49 18.96
N PHE C 532 -22.15 75.18 19.93
CA PHE C 532 -23.02 76.18 20.55
C PHE C 532 -22.19 77.21 21.30
N LEU C 533 -21.17 76.76 22.03
CA LEU C 533 -20.24 77.68 22.68
C LEU C 533 -19.50 78.52 21.66
N VAL C 534 -19.13 77.91 20.53
CA VAL C 534 -18.53 78.67 19.43
C VAL C 534 -19.55 79.62 18.83
N SER C 535 -20.79 79.17 18.71
CA SER C 535 -21.82 79.98 18.05
C SER C 535 -22.19 81.20 18.88
N ARG C 536 -22.67 80.97 20.10
CA ARG C 536 -23.16 82.08 20.93
C ARG C 536 -22.00 82.69 21.70
N PHE C 537 -21.21 83.47 20.98
CA PHE C 537 -20.27 84.43 21.57
C PHE C 537 -20.61 85.77 20.94
N SER C 538 -21.59 86.45 21.55
CA SER C 538 -22.15 87.66 20.94
C SER C 538 -21.21 88.88 20.93
N PRO C 539 -20.25 89.07 21.88
CA PRO C 539 -19.32 90.15 21.53
C PRO C 539 -18.34 89.78 20.42
N ASN C 560 -25.97 84.96 13.32
CA ASN C 560 -25.92 83.79 14.19
C ASN C 560 -27.32 83.27 14.45
N GLU C 561 -27.58 82.06 13.99
CA GLU C 561 -28.83 81.37 14.28
C GLU C 561 -28.62 79.96 14.81
N PHE C 562 -27.39 79.60 15.17
CA PHE C 562 -27.11 78.28 15.71
C PHE C 562 -27.37 78.28 17.21
N GLY C 563 -28.63 78.11 17.56
CA GLY C 563 -28.99 77.88 18.95
C GLY C 563 -28.78 76.43 19.34
N ILE C 564 -29.19 76.11 20.57
CA ILE C 564 -29.02 74.75 21.08
C ILE C 564 -29.94 73.79 20.35
N PHE C 565 -31.09 74.25 19.88
CA PHE C 565 -31.96 73.38 19.11
C PHE C 565 -31.46 73.25 17.68
N ASN C 566 -30.78 74.28 17.18
CA ASN C 566 -30.21 74.22 15.83
C ASN C 566 -28.94 73.39 15.82
N SER C 567 -28.10 73.52 16.85
CA SER C 567 -26.81 72.84 16.85
C SER C 567 -26.98 71.34 17.03
N LEU C 568 -28.03 70.91 17.72
CA LEU C 568 -28.36 69.48 17.73
C LEU C 568 -28.89 69.05 16.38
N TRP C 569 -29.74 69.87 15.76
CA TRP C 569 -30.38 69.49 14.51
C TRP C 569 -29.40 69.52 13.34
N PHE C 570 -28.48 70.49 13.34
CA PHE C 570 -27.44 70.51 12.31
C PHE C 570 -26.51 69.32 12.43
N SER C 571 -26.15 68.95 13.66
CA SER C 571 -25.28 67.81 13.86
C SER C 571 -26.01 66.51 13.56
N LEU C 572 -27.32 66.47 13.77
CA LEU C 572 -28.09 65.28 13.45
C LEU C 572 -28.16 65.08 11.95
N GLY C 573 -28.42 66.17 11.21
CA GLY C 573 -28.45 66.06 9.75
C GLY C 573 -27.08 65.83 9.15
N ALA C 574 -26.03 66.28 9.84
CA ALA C 574 -24.68 66.02 9.37
C ALA C 574 -24.33 64.55 9.48
N PHE C 575 -24.69 63.92 10.60
CA PHE C 575 -24.31 62.54 10.82
C PHE C 575 -25.09 61.59 9.94
N MET C 576 -26.33 61.92 9.61
CA MET C 576 -27.14 61.03 8.79
C MET C 576 -26.86 61.18 7.30
N GLN C 577 -25.97 62.11 6.91
CA GLN C 577 -25.63 62.43 5.53
C GLN C 577 -26.83 62.84 4.69
N GLN C 578 -27.87 63.39 5.31
CA GLN C 578 -29.07 63.80 4.59
C GLN C 578 -29.11 65.31 4.36
N GLY C 579 -27.96 65.91 4.10
CA GLY C 579 -27.90 67.33 3.88
C GLY C 579 -27.99 68.10 5.18
N CYS C 580 -28.13 69.41 5.02
CA CYS C 580 -28.20 70.32 6.15
C CYS C 580 -29.23 71.40 5.83
N ASP C 581 -29.57 72.19 6.85
CA ASP C 581 -30.47 73.30 6.62
C ASP C 581 -29.69 74.56 6.28
N ILE C 582 -28.72 74.94 7.13
CA ILE C 582 -27.82 76.04 6.87
C ILE C 582 -26.40 75.59 7.18
N SER C 583 -25.45 76.52 7.00
CA SER C 583 -24.05 76.25 7.24
C SER C 583 -23.48 77.26 8.25
N PRO C 584 -22.44 76.87 9.00
CA PRO C 584 -21.76 77.84 9.85
C PRO C 584 -20.93 78.81 9.01
N ARG C 585 -20.83 80.06 9.49
CA ARG C 585 -20.15 81.11 8.75
C ARG C 585 -18.91 81.65 9.43
N SER C 586 -18.81 81.54 10.76
CA SER C 586 -17.59 81.90 11.47
C SER C 586 -16.56 80.81 11.23
N LEU C 587 -15.28 81.17 11.38
CA LEU C 587 -14.21 80.23 11.08
C LEU C 587 -14.20 79.07 12.07
N SER C 588 -14.30 79.37 13.37
CA SER C 588 -14.31 78.31 14.37
C SER C 588 -15.57 77.45 14.29
N GLY C 589 -16.67 78.01 13.81
CA GLY C 589 -17.84 77.20 13.56
C GLY C 589 -17.67 76.25 12.40
N ARG C 590 -16.93 76.66 11.38
CA ARG C 590 -16.69 75.78 10.25
C ARG C 590 -15.70 74.67 10.60
N ILE C 591 -14.82 74.91 11.57
CA ILE C 591 -13.82 73.92 11.96
C ILE C 591 -14.49 72.69 12.56
N VAL C 592 -15.39 72.90 13.52
CA VAL C 592 -16.09 71.78 14.13
C VAL C 592 -17.06 71.15 13.14
N GLY C 593 -17.56 71.93 12.19
CA GLY C 593 -18.32 71.35 11.09
C GLY C 593 -17.45 70.53 10.15
N GLY C 594 -16.16 70.87 10.08
CA GLY C 594 -15.25 70.08 9.26
C GLY C 594 -14.96 68.73 9.85
N VAL C 595 -14.49 68.69 11.10
CA VAL C 595 -14.03 67.44 11.69
C VAL C 595 -15.17 66.49 12.00
N TRP C 596 -16.39 66.99 12.18
CA TRP C 596 -17.52 66.10 12.35
C TRP C 596 -17.87 65.38 11.06
N TRP C 597 -17.62 66.03 9.93
CA TRP C 597 -17.82 65.39 8.64
C TRP C 597 -16.81 64.28 8.41
N PHE C 598 -15.54 64.54 8.71
CA PHE C 598 -14.51 63.53 8.54
C PHE C 598 -14.65 62.42 9.59
N PHE C 599 -15.30 62.73 10.71
CA PHE C 599 -15.69 61.70 11.67
C PHE C 599 -16.68 60.74 11.04
N THR C 600 -17.84 61.25 10.63
CA THR C 600 -18.93 60.38 10.21
C THR C 600 -18.68 59.71 8.87
N LEU C 601 -17.72 60.23 8.08
CA LEU C 601 -17.41 59.63 6.80
C LEU C 601 -16.75 58.27 6.99
N ILE C 602 -15.94 58.13 8.03
CA ILE C 602 -15.32 56.85 8.32
C ILE C 602 -16.35 55.88 8.88
N ILE C 603 -17.16 56.35 9.83
CA ILE C 603 -17.96 55.47 10.67
C ILE C 603 -19.06 54.79 9.87
N ILE C 604 -19.69 55.53 8.97
CA ILE C 604 -20.71 54.96 8.10
C ILE C 604 -20.10 53.95 7.15
N SER C 605 -18.97 54.30 6.55
CA SER C 605 -18.31 53.40 5.62
C SER C 605 -17.72 52.20 6.35
N SER C 606 -17.31 52.38 7.60
CA SER C 606 -16.86 51.24 8.40
C SER C 606 -18.03 50.32 8.72
N TYR C 607 -19.20 50.90 8.96
CA TYR C 607 -20.38 50.08 9.25
C TYR C 607 -20.81 49.30 8.03
N THR C 608 -20.69 49.89 6.85
CA THR C 608 -21.14 49.23 5.63
C THR C 608 -20.24 48.06 5.29
N ALA C 609 -18.93 48.22 5.48
CA ALA C 609 -18.00 47.18 5.10
C ALA C 609 -18.07 45.99 6.05
N ASN C 610 -18.18 46.25 7.34
CA ASN C 610 -18.29 45.16 8.31
C ASN C 610 -19.65 44.49 8.23
N LEU C 611 -20.67 45.20 7.74
CA LEU C 611 -21.93 44.53 7.46
C LEU C 611 -21.80 43.60 6.27
N ALA C 612 -20.98 43.98 5.29
CA ALA C 612 -20.68 43.07 4.20
C ALA C 612 -19.80 41.92 4.66
N ALA C 613 -19.08 42.10 5.76
CA ALA C 613 -18.19 41.04 6.23
C ALA C 613 -18.99 39.86 6.76
N PHE C 614 -20.07 40.12 7.50
CA PHE C 614 -20.91 39.02 7.99
C PHE C 614 -21.57 38.26 6.85
N LEU C 615 -22.04 38.98 5.84
CA LEU C 615 -22.81 38.32 4.79
C LEU C 615 -21.91 37.53 3.85
N THR C 616 -20.66 37.96 3.67
CA THR C 616 -19.74 37.19 2.84
C THR C 616 -19.18 36.00 3.59
N VAL C 617 -19.01 36.11 4.91
CA VAL C 617 -18.61 34.95 5.69
C VAL C 617 -19.73 33.92 5.73
N GLU C 618 -20.97 34.38 5.83
CA GLU C 618 -22.12 33.48 5.95
C GLU C 618 -22.32 32.66 4.68
N ARG C 619 -22.12 33.26 3.52
CA ARG C 619 -22.22 32.50 2.29
C ARG C 619 -21.00 31.64 2.04
N MET C 620 -19.89 31.96 2.69
CA MET C 620 -18.68 31.14 2.53
C MET C 620 -18.83 29.80 3.24
N VAL C 621 -19.70 29.75 4.25
CA VAL C 621 -19.98 28.55 5.04
C VAL C 621 -20.54 27.44 4.15
N SER C 622 -19.87 26.30 4.14
CA SER C 622 -20.26 25.16 3.33
C SER C 622 -20.87 24.09 4.20
N PRO C 623 -22.17 23.79 4.05
CA PRO C 623 -22.75 22.62 4.74
C PRO C 623 -22.17 21.34 4.16
N ILE C 624 -21.47 20.59 5.01
CA ILE C 624 -20.73 19.41 4.54
C ILE C 624 -21.72 18.30 4.20
N GLU C 625 -21.59 17.75 3.00
CA GLU C 625 -22.47 16.67 2.57
C GLU C 625 -21.79 15.53 1.85
N SER C 626 -20.62 15.73 1.23
CA SER C 626 -20.02 14.72 0.37
C SER C 626 -19.40 13.57 1.14
N ALA C 627 -19.28 13.71 2.47
CA ALA C 627 -18.75 12.78 3.47
C ALA C 627 -17.23 12.63 3.38
N GLU C 628 -16.61 13.20 2.35
CA GLU C 628 -15.17 13.34 2.34
C GLU C 628 -14.77 14.59 3.11
N ASP C 629 -15.57 15.65 2.97
CA ASP C 629 -15.41 16.83 3.81
C ASP C 629 -15.70 16.50 5.27
N LEU C 630 -16.68 15.63 5.49
CA LEU C 630 -16.94 15.10 6.82
C LEU C 630 -15.74 14.33 7.36
N SER C 631 -15.03 13.62 6.48
CA SER C 631 -13.79 12.97 6.89
C SER C 631 -12.70 13.99 7.15
N LYS C 632 -12.76 15.14 6.50
CA LYS C 632 -11.76 16.17 6.73
C LYS C 632 -12.14 17.14 7.83
N GLN C 633 -13.35 17.02 8.39
CA GLN C 633 -13.80 17.90 9.46
C GLN C 633 -13.74 17.15 10.78
N THR C 634 -13.00 17.71 11.74
CA THR C 634 -12.81 17.08 13.03
C THR C 634 -13.79 17.59 14.09
N GLU C 635 -14.45 18.72 13.87
CA GLU C 635 -15.37 19.23 14.89
C GLU C 635 -16.64 18.39 14.93
N ILE C 636 -17.19 18.05 13.77
CA ILE C 636 -18.36 17.19 13.71
C ILE C 636 -17.89 15.75 13.88
N ALA C 637 -18.27 15.15 15.00
CA ALA C 637 -17.98 13.74 15.24
C ALA C 637 -18.99 12.89 14.49
N TYR C 638 -18.67 11.61 14.31
CA TYR C 638 -19.53 10.71 13.58
C TYR C 638 -19.32 9.28 14.07
N GLY C 639 -20.42 8.57 14.30
CA GLY C 639 -20.36 7.21 14.80
C GLY C 639 -21.39 6.34 14.11
N THR C 640 -21.28 5.04 14.37
CA THR C 640 -22.13 4.02 13.76
C THR C 640 -22.73 3.13 14.84
N LEU C 641 -23.74 2.36 14.43
CA LEU C 641 -24.27 1.31 15.28
C LEU C 641 -23.27 0.17 15.40
N ASP C 642 -23.05 -0.30 16.62
CA ASP C 642 -22.12 -1.40 16.80
C ASP C 642 -22.81 -2.74 16.51
N SER C 643 -21.98 -3.77 16.32
CA SER C 643 -22.40 -5.16 16.17
C SER C 643 -23.37 -5.36 15.00
N GLY C 644 -23.01 -4.79 13.86
CA GLY C 644 -23.80 -4.95 12.66
C GLY C 644 -22.89 -5.09 11.46
N SER C 645 -23.30 -4.46 10.37
CA SER C 645 -22.53 -4.45 9.14
C SER C 645 -21.83 -3.13 8.88
N THR C 646 -22.42 -2.02 9.29
CA THR C 646 -21.81 -0.71 9.06
C THR C 646 -20.52 -0.56 9.86
N LYS C 647 -20.50 -1.13 11.07
CA LYS C 647 -19.25 -1.22 11.82
C LYS C 647 -18.24 -2.10 11.10
N GLU C 648 -18.72 -3.10 10.36
CA GLU C 648 -17.83 -4.01 9.66
C GLU C 648 -17.53 -3.57 8.24
N PHE C 649 -18.42 -2.78 7.63
CA PHE C 649 -18.18 -2.30 6.27
C PHE C 649 -17.01 -1.33 6.24
N PHE C 650 -16.78 -0.60 7.33
CA PHE C 650 -15.61 0.24 7.40
C PHE C 650 -14.42 -0.46 8.02
N ARG C 651 -14.61 -1.65 8.60
CA ARG C 651 -13.48 -2.42 9.09
C ARG C 651 -12.61 -2.89 7.93
N ARG C 652 -13.18 -3.70 7.04
CA ARG C 652 -12.52 -4.06 5.79
C ARG C 652 -12.99 -3.08 4.72
N SER C 653 -12.03 -2.36 4.16
CA SER C 653 -12.32 -1.38 3.13
C SER C 653 -11.14 -1.25 2.18
N LYS C 654 -11.28 -0.36 1.21
CA LYS C 654 -10.23 -0.07 0.26
C LYS C 654 -10.00 1.41 0.03
N ILE C 655 -11.00 2.27 0.22
CA ILE C 655 -10.87 3.67 -0.16
C ILE C 655 -10.15 4.39 0.98
N ALA C 656 -9.27 5.32 0.62
CA ALA C 656 -8.51 6.07 1.62
C ALA C 656 -9.42 6.96 2.47
N VAL C 657 -10.53 7.43 1.92
CA VAL C 657 -11.47 8.18 2.75
C VAL C 657 -12.18 7.21 3.70
N PHE C 658 -12.41 5.96 3.28
CA PHE C 658 -13.02 4.99 4.18
C PHE C 658 -12.05 4.56 5.26
N ASP C 659 -10.78 4.37 4.89
CA ASP C 659 -9.77 3.96 5.86
C ASP C 659 -9.50 5.07 6.87
N LYS C 660 -9.55 6.33 6.42
CA LYS C 660 -9.34 7.44 7.33
C LYS C 660 -10.51 7.58 8.30
N MET C 661 -11.73 7.30 7.84
CA MET C 661 -12.86 7.16 8.74
C MET C 661 -12.59 6.07 9.76
N TRP C 662 -12.15 4.90 9.28
CA TRP C 662 -11.87 3.79 10.17
C TRP C 662 -10.67 4.06 11.06
N THR C 663 -9.70 4.83 10.56
CA THR C 663 -8.59 5.24 11.40
C THR C 663 -9.06 6.25 12.45
N TYR C 664 -10.00 7.11 12.07
CA TYR C 664 -10.58 8.03 13.03
C TYR C 664 -11.45 7.31 14.04
N MET C 665 -12.31 6.39 13.56
CA MET C 665 -13.26 5.73 14.45
C MET C 665 -12.62 4.68 15.34
N ARG C 666 -11.54 4.04 14.90
CA ARG C 666 -10.79 3.17 15.81
C ARG C 666 -10.12 3.99 16.90
N SER C 667 -9.43 5.05 16.51
CA SER C 667 -8.78 5.96 17.44
C SER C 667 -9.74 6.98 18.07
N ALA C 668 -11.04 6.79 17.93
CA ALA C 668 -12.00 7.72 18.49
C ALA C 668 -12.11 7.54 20.00
N GLU C 669 -12.25 8.67 20.69
CA GLU C 669 -12.54 8.68 22.11
C GLU C 669 -13.43 9.89 22.41
N PRO C 670 -14.54 9.71 23.13
CA PRO C 670 -15.09 8.45 23.66
C PRO C 670 -15.79 7.57 22.62
N SER C 671 -16.56 6.59 23.09
CA SER C 671 -17.13 5.56 22.24
C SER C 671 -18.16 6.10 21.26
N VAL C 672 -17.78 6.17 19.98
CA VAL C 672 -18.71 6.57 18.93
C VAL C 672 -19.66 5.46 18.54
N PHE C 673 -19.43 4.25 19.02
CA PHE C 673 -20.33 3.13 18.71
C PHE C 673 -21.44 3.09 19.74
N VAL C 674 -22.68 3.15 19.28
CA VAL C 674 -23.85 3.22 20.15
C VAL C 674 -24.58 1.89 20.08
N ARG C 675 -25.06 1.41 21.24
CA ARG C 675 -25.60 0.06 21.34
C ARG C 675 -26.92 -0.08 20.59
N THR C 676 -27.76 0.94 20.61
CA THR C 676 -29.03 0.89 19.89
C THR C 676 -29.14 2.06 18.93
N THR C 677 -30.14 2.01 18.06
CA THR C 677 -30.31 3.07 17.07
C THR C 677 -30.90 4.31 17.70
N ALA C 678 -31.79 4.13 18.68
CA ALA C 678 -32.51 5.27 19.26
C ALA C 678 -31.61 6.17 20.08
N GLU C 679 -30.69 5.60 20.85
CA GLU C 679 -29.69 6.42 21.52
C GLU C 679 -28.73 7.05 20.53
N GLY C 680 -28.50 6.38 19.39
CA GLY C 680 -27.74 7.00 18.32
C GLY C 680 -28.45 8.19 17.71
N VAL C 681 -29.78 8.15 17.66
CA VAL C 681 -30.55 9.32 17.30
C VAL C 681 -30.46 10.36 18.40
N ALA C 682 -30.44 9.91 19.66
CA ALA C 682 -30.52 10.82 20.81
C ALA C 682 -29.25 11.65 20.96
N ARG C 683 -28.09 11.06 20.64
CA ARG C 683 -26.85 11.82 20.68
C ARG C 683 -26.83 12.93 19.66
N VAL C 684 -27.47 12.73 18.51
CA VAL C 684 -27.46 13.74 17.45
C VAL C 684 -28.31 14.94 17.85
N ARG C 685 -29.48 14.71 18.46
CA ARG C 685 -30.36 15.79 18.88
C ARG C 685 -29.75 16.63 19.99
N LYS C 686 -29.00 16.01 20.90
CA LYS C 686 -28.38 16.78 21.97
C LYS C 686 -27.16 17.54 21.48
N SER C 687 -26.56 17.08 20.39
CA SER C 687 -25.28 17.64 19.95
C SER C 687 -25.42 18.94 19.18
N LYS C 688 -26.60 19.22 18.60
CA LYS C 688 -26.86 20.39 17.76
C LYS C 688 -25.91 20.44 16.56
N GLY C 689 -25.57 19.26 16.04
CA GLY C 689 -24.67 19.14 14.91
C GLY C 689 -23.26 18.72 15.25
N LYS C 690 -22.92 18.53 16.52
CA LYS C 690 -21.58 18.09 16.87
C LYS C 690 -21.36 16.63 16.53
N TYR C 691 -22.41 15.82 16.52
CA TYR C 691 -22.28 14.38 16.34
C TYR C 691 -23.13 13.91 15.17
N ALA C 692 -22.47 13.45 14.11
CA ALA C 692 -23.14 12.90 12.96
C ALA C 692 -23.33 11.40 13.18
N TYR C 693 -24.12 10.78 12.31
CA TYR C 693 -24.45 9.38 12.47
C TYR C 693 -24.61 8.72 11.11
N LEU C 694 -24.20 7.46 11.03
CA LEU C 694 -24.24 6.68 9.80
C LEU C 694 -25.21 5.52 9.99
N LEU C 695 -26.10 5.32 9.03
CA LEU C 695 -27.06 4.24 9.09
C LEU C 695 -27.56 3.93 7.69
N GLU C 696 -28.50 3.00 7.62
CA GLU C 696 -29.01 2.51 6.36
C GLU C 696 -29.93 3.54 5.70
N SER C 697 -30.23 3.29 4.44
CA SER C 697 -31.05 4.24 3.66
C SER C 697 -32.49 4.26 4.15
N THR C 698 -33.06 3.09 4.41
CA THR C 698 -34.47 3.04 4.78
C THR C 698 -34.69 3.51 6.21
N MET C 699 -33.77 3.15 7.11
CA MET C 699 -33.91 3.52 8.51
C MET C 699 -33.72 5.02 8.71
N ASN C 700 -32.83 5.65 7.92
CA ASN C 700 -32.69 7.09 7.97
C ASN C 700 -33.91 7.80 7.42
N GLU C 701 -34.58 7.19 6.42
CA GLU C 701 -35.72 7.84 5.80
C GLU C 701 -36.92 7.87 6.75
N TYR C 702 -37.10 6.83 7.55
CA TYR C 702 -38.28 6.74 8.39
C TYR C 702 -38.24 7.74 9.54
N ILE C 703 -37.04 8.08 10.01
CA ILE C 703 -36.91 9.06 11.09
C ILE C 703 -37.21 10.45 10.55
N GLU C 704 -36.98 10.67 9.26
CA GLU C 704 -37.27 11.96 8.64
C GLU C 704 -38.78 12.25 8.61
N GLN C 705 -39.59 11.21 8.38
CA GLN C 705 -41.03 11.43 8.28
C GLN C 705 -41.70 11.51 9.65
N ARG C 706 -40.99 11.19 10.73
CA ARG C 706 -41.55 11.37 12.06
C ARG C 706 -41.44 12.85 12.46
N LYS C 707 -42.00 13.17 13.61
CA LYS C 707 -42.20 14.59 13.88
C LYS C 707 -41.43 15.20 15.05
N PRO C 708 -40.10 15.04 15.12
CA PRO C 708 -39.28 16.18 15.56
C PRO C 708 -38.80 16.95 14.33
N CYS C 709 -38.72 16.23 13.21
CA CYS C 709 -38.39 16.77 11.88
C CYS C 709 -37.07 17.52 11.85
N ASP C 710 -36.12 17.11 12.68
CA ASP C 710 -34.83 17.76 12.78
C ASP C 710 -33.68 16.87 12.30
N THR C 711 -34.00 15.85 11.50
CA THR C 711 -33.00 14.96 10.93
C THR C 711 -33.18 14.95 9.41
N MET C 712 -32.07 15.03 8.69
CA MET C 712 -32.11 15.05 7.23
C MET C 712 -30.96 14.23 6.69
N LYS C 713 -31.12 13.82 5.42
CA LYS C 713 -30.13 13.01 4.74
C LYS C 713 -29.26 13.86 3.84
N VAL C 714 -27.96 13.81 4.07
CA VAL C 714 -27.01 14.52 3.23
C VAL C 714 -26.24 13.50 2.39
N GLY C 715 -25.77 13.97 1.25
CA GLY C 715 -24.96 13.16 0.36
C GLY C 715 -25.73 12.06 -0.35
N GLY C 716 -24.99 11.27 -1.12
CA GLY C 716 -25.52 10.13 -1.81
C GLY C 716 -25.23 8.85 -1.03
N ASN C 717 -25.90 7.78 -1.45
CA ASN C 717 -25.76 6.50 -0.78
C ASN C 717 -24.40 5.90 -1.12
N LEU C 718 -23.83 5.17 -0.16
CA LEU C 718 -22.47 4.68 -0.34
C LEU C 718 -22.42 3.47 -1.27
N ASP C 719 -23.08 2.38 -0.90
CA ASP C 719 -23.11 1.17 -1.71
C ASP C 719 -24.56 0.72 -1.84
N SER C 720 -24.76 -0.48 -2.41
CA SER C 720 -26.09 -1.03 -2.58
C SER C 720 -26.08 -2.46 -2.04
N LYS C 721 -26.30 -2.59 -0.74
CA LYS C 721 -26.42 -3.89 -0.09
C LYS C 721 -27.89 -4.30 -0.15
N GLY C 722 -28.25 -5.35 0.59
CA GLY C 722 -29.61 -5.84 0.55
C GLY C 722 -30.04 -6.50 1.85
N TYR C 723 -31.36 -6.56 2.02
CA TYR C 723 -31.99 -7.29 3.11
C TYR C 723 -32.49 -8.62 2.58
N GLY C 724 -32.22 -9.69 3.31
CA GLY C 724 -32.64 -11.02 2.90
C GLY C 724 -33.17 -11.80 4.07
N ILE C 725 -34.06 -12.74 3.76
CA ILE C 725 -34.59 -13.64 4.77
C ILE C 725 -33.54 -14.69 5.12
N ALA C 726 -33.23 -14.80 6.39
CA ALA C 726 -32.12 -15.63 6.86
C ALA C 726 -32.62 -16.99 7.33
N THR C 727 -31.98 -18.04 6.85
CA THR C 727 -32.19 -19.42 7.27
C THR C 727 -30.83 -20.04 7.57
N PRO C 728 -30.75 -20.97 8.52
CA PRO C 728 -29.46 -21.60 8.81
C PRO C 728 -29.09 -22.60 7.72
N LYS C 729 -27.84 -23.06 7.80
CA LYS C 729 -27.30 -24.01 6.84
C LYS C 729 -27.98 -25.36 6.97
N GLY C 730 -28.83 -25.69 6.01
CA GLY C 730 -29.55 -26.95 6.01
C GLY C 730 -31.02 -26.85 6.32
N SER C 731 -31.56 -25.65 6.54
CA SER C 731 -32.98 -25.48 6.77
C SER C 731 -33.74 -25.72 5.47
N SER C 732 -34.64 -26.71 5.49
CA SER C 732 -35.40 -27.06 4.30
C SER C 732 -36.41 -25.97 3.94
N LEU C 733 -36.83 -25.19 4.92
CA LEU C 733 -37.86 -24.17 4.70
C LEU C 733 -37.36 -22.96 3.93
N GLY C 734 -36.05 -22.85 3.70
CA GLY C 734 -35.52 -21.70 2.99
C GLY C 734 -35.85 -21.68 1.51
N THR C 735 -36.00 -22.85 0.90
CA THR C 735 -36.40 -22.89 -0.51
C THR C 735 -37.88 -22.56 -0.78
N PRO C 736 -38.87 -22.93 0.06
CA PRO C 736 -40.21 -22.33 -0.14
C PRO C 736 -40.25 -20.83 0.08
N VAL C 737 -39.35 -20.29 0.90
CA VAL C 737 -39.21 -18.83 0.98
C VAL C 737 -38.75 -18.28 -0.36
N ASN C 738 -37.84 -18.99 -1.02
CA ASN C 738 -37.34 -18.56 -2.33
C ASN C 738 -38.44 -18.62 -3.39
N LEU C 739 -39.48 -19.44 -3.19
CA LEU C 739 -40.68 -19.33 -4.01
C LEU C 739 -41.41 -18.02 -3.74
N ALA C 740 -41.78 -17.79 -2.48
CA ALA C 740 -42.68 -16.69 -2.13
C ALA C 740 -42.04 -15.32 -2.27
N VAL C 741 -40.72 -15.21 -2.05
CA VAL C 741 -40.03 -13.94 -2.24
C VAL C 741 -40.09 -13.53 -3.71
N LEU C 742 -39.98 -14.49 -4.62
CA LEU C 742 -40.11 -14.19 -6.04
C LEU C 742 -41.56 -13.87 -6.39
N LYS C 743 -42.52 -14.60 -5.81
CA LYS C 743 -43.92 -14.44 -6.20
C LYS C 743 -44.50 -13.12 -5.72
N LEU C 744 -44.21 -12.75 -4.47
CA LEU C 744 -44.73 -11.49 -3.95
C LEU C 744 -44.02 -10.28 -4.55
N SER C 745 -42.86 -10.49 -5.17
CA SER C 745 -42.23 -9.45 -5.97
C SER C 745 -42.89 -9.33 -7.34
N GLU C 746 -43.39 -10.45 -7.88
CA GLU C 746 -44.07 -10.42 -9.17
C GLU C 746 -45.40 -9.67 -9.07
N GLN C 747 -46.23 -10.03 -8.09
CA GLN C 747 -47.46 -9.30 -7.84
C GLN C 747 -47.19 -7.92 -7.24
N GLY C 748 -46.02 -7.72 -6.65
CA GLY C 748 -45.72 -6.46 -6.01
C GLY C 748 -46.21 -6.37 -4.58
N VAL C 749 -46.43 -7.52 -3.93
CA VAL C 749 -46.92 -7.53 -2.55
C VAL C 749 -45.84 -7.02 -1.60
N LEU C 750 -44.57 -7.20 -1.98
CA LEU C 750 -43.49 -6.44 -1.35
C LEU C 750 -43.74 -4.95 -1.47
N ASP C 751 -43.83 -4.46 -2.71
CA ASP C 751 -44.09 -3.05 -3.02
C ASP C 751 -45.44 -2.59 -2.49
N LYS C 752 -46.42 -3.49 -2.38
CA LYS C 752 -47.70 -3.14 -1.78
C LYS C 752 -47.53 -2.79 -0.31
N LEU C 753 -46.62 -3.49 0.36
CA LEU C 753 -46.27 -3.16 1.75
C LEU C 753 -45.14 -2.14 1.84
N LYS C 754 -44.17 -2.22 0.92
CA LYS C 754 -43.06 -1.27 0.91
C LYS C 754 -43.53 0.14 0.57
N ASN C 755 -44.65 0.28 -0.14
CA ASN C 755 -45.23 1.60 -0.24
C ASN C 755 -45.92 1.97 1.07
N LYS C 756 -46.64 1.01 1.66
CA LYS C 756 -47.75 1.31 2.56
C LYS C 756 -47.31 2.00 3.85
N TRP C 757 -46.22 1.53 4.45
CA TRP C 757 -45.84 2.10 5.74
C TRP C 757 -45.05 3.40 5.58
N TRP C 758 -44.69 3.78 4.35
CA TRP C 758 -43.79 4.91 4.14
C TRP C 758 -44.48 6.14 3.54
N TYR C 759 -45.63 5.99 2.89
CA TYR C 759 -46.43 7.20 2.65
C TYR C 759 -47.49 7.39 3.73
N ASP C 760 -47.62 6.42 4.64
CA ASP C 760 -48.47 6.60 5.81
C ASP C 760 -47.93 7.71 6.71
N LYS C 761 -46.61 7.71 6.93
CA LYS C 761 -45.96 8.76 7.70
C LYS C 761 -45.81 10.00 6.82
N GLY C 762 -46.89 10.76 6.74
CA GLY C 762 -46.84 12.09 6.18
C GLY C 762 -46.91 13.11 7.29
N GLU C 763 -46.70 12.65 8.52
CA GLU C 763 -46.96 13.44 9.72
C GLU C 763 -45.86 14.43 10.05
N CYS C 764 -44.74 14.40 9.34
CA CYS C 764 -43.76 15.47 9.49
C CYS C 764 -44.25 16.76 8.87
N GLY C 765 -45.22 16.68 7.95
CA GLY C 765 -45.76 17.86 7.30
C GLY C 765 -45.07 18.22 6.02
N ALA C 766 -44.07 17.44 5.60
CA ALA C 766 -43.19 17.70 4.45
C ALA C 766 -42.58 19.10 4.52
N LYS C 767 -41.87 19.34 5.63
CA LYS C 767 -41.31 20.67 5.88
C LYS C 767 -40.14 20.96 4.96
N ASP C 768 -39.47 19.93 4.45
CA ASP C 768 -38.38 20.15 3.51
C ASP C 768 -38.90 20.60 2.15
N SER C 769 -40.14 20.26 1.79
CA SER C 769 -40.69 20.67 0.50
C SER C 769 -41.03 22.15 0.47
N GLY C 770 -41.43 22.72 1.60
CA GLY C 770 -41.80 24.12 1.67
C GLY C 770 -40.84 25.04 2.39
N SER C 771 -39.59 24.62 2.59
CA SER C 771 -38.60 25.48 3.23
C SER C 771 -37.26 25.37 2.51
N LYS C 772 -37.29 25.21 1.20
CA LYS C 772 -36.08 25.22 0.38
C LYS C 772 -35.88 26.58 -0.29
N GLU C 773 -36.66 27.58 0.11
CA GLU C 773 -36.57 28.94 -0.42
C GLU C 773 -35.52 29.78 0.28
N LYS C 774 -34.53 29.15 0.91
CA LYS C 774 -33.50 29.89 1.63
C LYS C 774 -32.56 30.59 0.64
N THR C 775 -32.19 31.81 1.00
CA THR C 775 -31.30 32.64 0.20
C THR C 775 -30.69 33.69 1.11
N SER C 776 -29.64 34.34 0.62
CA SER C 776 -28.95 35.33 1.44
C SER C 776 -29.71 36.64 1.50
N ALA C 777 -30.72 36.80 0.64
CA ALA C 777 -31.65 37.92 0.74
C ALA C 777 -32.34 37.89 2.10
N LEU C 778 -32.31 39.01 2.81
CA LEU C 778 -32.64 39.04 4.24
C LEU C 778 -34.08 38.71 4.54
N SER C 779 -34.32 38.12 5.70
CA SER C 779 -35.64 38.07 6.29
C SER C 779 -35.93 39.41 6.94
N LEU C 780 -37.21 39.62 7.27
CA LEU C 780 -37.59 40.86 7.93
C LEU C 780 -37.06 40.90 9.35
N SER C 781 -36.85 39.74 9.97
CA SER C 781 -36.30 39.67 11.32
C SER C 781 -34.86 40.14 11.39
N ASN C 782 -34.14 40.15 10.26
CA ASN C 782 -32.81 40.74 10.22
C ASN C 782 -32.86 42.23 10.50
N VAL C 783 -33.91 42.91 10.01
CA VAL C 783 -34.01 44.36 10.10
C VAL C 783 -35.30 44.75 10.81
N ALA C 784 -35.78 43.88 11.70
CA ALA C 784 -37.07 44.08 12.35
C ALA C 784 -37.03 45.28 13.30
N GLY C 785 -36.04 45.33 14.18
CA GLY C 785 -36.00 46.34 15.22
C GLY C 785 -35.76 47.75 14.72
N VAL C 786 -35.31 47.89 13.47
CA VAL C 786 -35.27 49.20 12.84
C VAL C 786 -36.66 49.79 12.72
N PHE C 787 -37.63 48.95 12.36
CA PHE C 787 -39.02 49.39 12.35
C PHE C 787 -39.53 49.67 13.75
N TYR C 788 -39.03 48.92 14.75
CA TYR C 788 -39.43 49.15 16.13
C TYR C 788 -38.95 50.51 16.61
N ILE C 789 -37.73 50.89 16.26
CA ILE C 789 -37.24 52.23 16.58
C ILE C 789 -37.98 53.27 15.75
N LEU C 790 -38.37 52.90 14.53
CA LEU C 790 -39.11 53.82 13.67
C LEU C 790 -40.52 54.07 14.21
N VAL C 791 -41.27 53.00 14.46
CA VAL C 791 -42.61 53.14 15.03
C VAL C 791 -42.52 53.65 16.47
N GLY C 792 -41.47 53.25 17.19
CA GLY C 792 -41.21 53.85 18.49
C GLY C 792 -40.81 55.31 18.40
N GLY C 793 -40.20 55.71 17.28
CA GLY C 793 -39.95 57.11 17.05
C GLY C 793 -41.22 57.90 16.78
N LEU C 794 -42.26 57.22 16.28
CA LEU C 794 -43.52 57.89 16.00
C LEU C 794 -44.23 58.26 17.30
N GLY C 795 -44.25 57.33 18.26
CA GLY C 795 -45.03 57.53 19.47
C GLY C 795 -44.49 58.62 20.37
N LEU C 796 -43.18 58.88 20.30
CA LEU C 796 -42.62 59.99 21.07
C LEU C 796 -43.10 61.33 20.54
N ALA C 797 -42.98 61.54 19.23
CA ALA C 797 -43.37 62.81 18.62
C ALA C 797 -44.87 63.04 18.71
N MET C 798 -45.67 61.97 18.69
CA MET C 798 -47.08 62.10 18.99
C MET C 798 -47.29 62.60 20.40
N LEU C 799 -46.52 62.09 21.35
CA LEU C 799 -46.64 62.58 22.73
C LEU C 799 -46.07 63.99 22.86
N VAL C 800 -45.06 64.33 22.06
CA VAL C 800 -44.54 65.70 22.06
C VAL C 800 -45.57 66.65 21.44
N ALA C 801 -46.34 66.16 20.47
CA ALA C 801 -47.37 66.98 19.82
C ALA C 801 -48.48 67.38 20.77
N LEU C 802 -48.76 66.55 21.78
CA LEU C 802 -49.82 66.89 22.73
C LEU C 802 -49.30 67.79 23.84
N ILE C 803 -48.08 67.55 24.31
CA ILE C 803 -47.58 68.33 25.44
C ILE C 803 -47.17 69.74 25.01
N GLU C 804 -46.85 69.94 23.74
CA GLU C 804 -46.76 71.30 23.23
C GLU C 804 -48.14 71.94 23.18
N PHE C 805 -49.14 71.18 22.76
CA PHE C 805 -50.50 71.70 22.61
C PHE C 805 -51.11 72.05 23.96
N CYS C 806 -50.69 71.34 25.02
CA CYS C 806 -51.11 71.70 26.36
C CYS C 806 -50.36 72.92 26.88
N TYR C 807 -49.04 72.93 26.73
CA TYR C 807 -48.22 73.97 27.35
C TYR C 807 -48.33 75.31 26.62
N LYS C 808 -48.57 75.28 25.31
CA LYS C 808 -48.75 76.53 24.58
C LYS C 808 -50.10 77.15 24.91
N SER C 809 -51.12 76.32 25.10
CA SER C 809 -52.43 76.83 25.49
C SER C 809 -52.42 77.33 26.93
N ARG C 810 -51.68 76.66 27.80
CA ARG C 810 -51.57 77.07 29.20
C ARG C 810 -50.37 77.99 29.40
N ALA C 822 -39.07 85.98 33.83
CA ALA C 822 -39.39 86.44 35.17
C ALA C 822 -39.56 85.26 36.12
N CYS C 823 -40.68 84.55 35.99
CA CYS C 823 -40.95 83.41 36.86
C CYS C 823 -40.06 82.22 36.52
N GLY C 824 -39.75 82.03 35.24
CA GLY C 824 -38.94 80.89 34.84
C GLY C 824 -37.47 81.04 35.18
N ARG C 825 -37.01 82.28 35.34
CA ARG C 825 -35.58 82.56 35.49
C ARG C 825 -35.05 82.06 36.83
N LYS C 826 -35.75 82.40 37.91
CA LYS C 826 -35.26 82.07 39.25
C LYS C 826 -35.33 80.57 39.52
N ALA C 827 -36.22 79.86 38.83
CA ALA C 827 -36.20 78.39 38.89
C ALA C 827 -34.95 77.84 38.19
N LEU C 828 -34.72 78.25 36.94
CA LEU C 828 -33.67 77.64 36.13
C LEU C 828 -32.28 77.93 36.66
N THR C 829 -32.09 79.07 37.33
CA THR C 829 -30.81 79.35 37.96
C THR C 829 -30.58 78.41 39.15
N LEU C 830 -31.66 78.08 39.87
CA LEU C 830 -31.53 77.10 40.95
C LEU C 830 -31.56 75.67 40.39
N LEU C 831 -32.17 75.49 39.21
CA LEU C 831 -32.01 74.23 38.49
C LEU C 831 -30.57 74.04 38.02
N SER C 832 -29.87 75.13 37.75
CA SER C 832 -28.55 75.04 37.12
C SER C 832 -27.49 74.48 38.07
N SER C 833 -27.35 75.07 39.25
CA SER C 833 -26.26 74.70 40.14
C SER C 833 -26.51 73.35 40.83
N VAL C 834 -27.78 72.98 41.02
CA VAL C 834 -28.11 71.67 41.58
C VAL C 834 -27.78 70.55 40.59
N PHE C 835 -27.83 70.84 39.29
CA PHE C 835 -27.38 69.86 38.30
C PHE C 835 -25.87 69.62 38.41
N ALA C 836 -25.11 70.66 38.75
CA ALA C 836 -23.67 70.50 38.97
C ALA C 836 -23.38 69.71 40.23
N VAL C 837 -24.30 69.72 41.20
CA VAL C 837 -24.16 68.89 42.39
C VAL C 837 -24.22 67.41 42.01
N CYS C 838 -25.16 67.06 41.12
CA CYS C 838 -25.31 65.67 40.71
C CYS C 838 -24.16 65.21 39.83
N GLY C 839 -23.57 66.13 39.05
CA GLY C 839 -22.41 65.76 38.27
C GLY C 839 -21.16 65.59 39.11
N LEU C 840 -20.88 66.56 39.99
CA LEU C 840 -19.72 66.45 40.87
C LEU C 840 -19.89 65.36 41.91
N GLY C 841 -21.13 65.11 42.34
CA GLY C 841 -21.36 64.14 43.39
C GLY C 841 -21.18 62.71 42.94
N LEU C 842 -21.61 62.39 41.72
CA LEU C 842 -21.45 61.04 41.21
C LEU C 842 -20.00 60.70 40.87
N LEU C 843 -19.19 61.69 40.50
CA LEU C 843 -17.83 61.40 40.08
C LEU C 843 -16.94 61.02 41.24
N GLY C 844 -17.16 61.62 42.42
CA GLY C 844 -16.44 61.19 43.61
C GLY C 844 -16.77 59.76 44.01
N ILE C 845 -18.02 59.36 43.80
CA ILE C 845 -18.40 57.96 44.00
C ILE C 845 -17.81 57.10 42.89
N ALA C 846 -17.76 57.64 41.66
CA ALA C 846 -17.27 56.87 40.52
C ALA C 846 -15.77 56.58 40.62
N VAL C 847 -15.00 57.50 41.21
CA VAL C 847 -13.56 57.27 41.34
C VAL C 847 -13.27 56.33 42.51
N SER C 848 -13.94 56.53 43.64
CA SER C 848 -13.52 55.93 44.89
C SER C 848 -13.83 54.44 45.00
N THR C 849 -14.72 53.91 44.17
CA THR C 849 -15.09 52.51 44.32
C THR C 849 -14.15 51.60 43.53
N ASP C 850 -14.26 50.31 43.82
CA ASP C 850 -13.52 49.26 43.12
C ASP C 850 -14.45 48.44 42.25
N TYR C 851 -15.40 49.11 41.61
CA TYR C 851 -16.43 48.47 40.81
C TYR C 851 -16.56 49.16 39.46
N TRP C 852 -15.44 49.46 38.81
CA TRP C 852 -15.51 50.11 37.50
C TRP C 852 -15.76 49.10 36.40
N LEU C 853 -15.49 47.82 36.64
CA LEU C 853 -15.54 46.82 35.59
C LEU C 853 -15.78 45.45 36.23
N TYR C 854 -15.72 44.43 35.39
CA TYR C 854 -15.93 43.05 35.80
C TYR C 854 -14.97 42.16 35.03
N LEU C 855 -14.62 41.03 35.63
CA LEU C 855 -13.66 40.11 35.04
C LEU C 855 -14.03 38.71 35.45
N GLU C 856 -13.97 37.77 34.49
CA GLU C 856 -14.21 36.37 34.79
C GLU C 856 -13.42 35.50 33.83
N GLU C 857 -12.33 34.91 34.32
CA GLU C 857 -11.50 33.99 33.56
C GLU C 857 -11.65 32.60 34.12
N GLY C 858 -12.17 31.67 33.31
CA GLY C 858 -12.35 30.30 33.73
C GLY C 858 -12.17 29.37 32.55
N ILE C 859 -12.33 28.07 32.82
CA ILE C 859 -12.27 27.05 31.80
C ILE C 859 -13.62 26.33 31.76
N ILE C 860 -14.03 25.94 30.56
CA ILE C 860 -15.37 25.43 30.34
C ILE C 860 -15.30 23.91 30.29
N LEU C 861 -16.44 23.26 30.52
CA LEU C 861 -16.52 21.82 30.36
C LEU C 861 -17.53 21.50 29.28
N PRO C 862 -17.12 20.74 28.25
CA PRO C 862 -17.96 20.59 27.04
C PRO C 862 -19.28 19.85 27.23
N GLN C 863 -19.24 18.62 27.74
CA GLN C 863 -20.34 17.67 27.58
C GLN C 863 -21.38 17.91 28.68
N ASN C 864 -22.30 18.85 28.42
CA ASN C 864 -23.50 19.12 29.24
C ASN C 864 -23.15 19.44 30.69
N GLN C 865 -22.08 20.19 30.89
CA GLN C 865 -21.60 20.55 32.22
C GLN C 865 -21.43 22.05 32.30
N SER C 866 -21.80 22.61 33.45
CA SER C 866 -21.65 24.04 33.69
C SER C 866 -20.18 24.42 33.80
N THR C 867 -19.94 25.73 33.72
CA THR C 867 -18.58 26.24 33.64
C THR C 867 -17.86 26.15 34.98
N GLU C 868 -16.54 26.10 34.92
CA GLU C 868 -15.67 26.12 36.10
C GLU C 868 -14.89 27.42 36.07
N VAL C 869 -15.26 28.36 36.95
CA VAL C 869 -14.58 29.64 37.02
C VAL C 869 -13.22 29.45 37.70
N LYS C 870 -12.18 30.00 37.08
CA LYS C 870 -10.85 29.93 37.68
C LYS C 870 -10.51 31.22 38.40
N MET C 871 -10.84 32.36 37.81
CA MET C 871 -10.55 33.66 38.38
C MET C 871 -11.69 34.61 38.08
N SER C 872 -12.05 35.41 39.07
CA SER C 872 -13.10 36.41 38.93
C SER C 872 -12.89 37.49 39.98
N LEU C 873 -13.04 38.74 39.55
CA LEU C 873 -12.77 39.87 40.43
C LEU C 873 -13.41 41.12 39.84
N HIS C 874 -13.86 42.00 40.75
CA HIS C 874 -14.21 43.38 40.43
C HIS C 874 -13.06 44.28 40.83
N SER C 875 -12.89 45.38 40.11
CA SER C 875 -11.73 46.22 40.37
C SER C 875 -12.01 47.65 39.94
N GLY C 876 -11.10 48.54 40.35
CA GLY C 876 -11.14 49.94 39.97
C GLY C 876 -9.79 50.38 39.42
N LEU C 877 -9.31 51.55 39.83
CA LEU C 877 -7.98 52.00 39.45
C LEU C 877 -7.02 52.07 40.63
N TRP C 878 -7.53 52.41 41.81
CA TRP C 878 -6.65 52.51 42.97
C TRP C 878 -6.43 51.15 43.63
N ARG C 879 -7.50 50.52 44.11
CA ARG C 879 -7.43 49.21 44.73
C ARG C 879 -8.16 48.18 43.87
N VAL C 880 -7.84 46.92 44.11
CA VAL C 880 -8.46 45.78 43.44
C VAL C 880 -8.86 44.77 44.50
N CYS C 881 -10.15 44.50 44.62
CA CYS C 881 -10.67 43.57 45.62
C CYS C 881 -11.12 42.31 44.89
N PHE C 882 -10.40 41.21 45.09
CA PHE C 882 -10.67 39.96 44.39
C PHE C 882 -12.00 39.35 44.85
N LEU C 883 -12.57 38.51 43.98
CA LEU C 883 -13.83 37.86 44.28
C LEU C 883 -13.70 36.34 44.33
N ALA C 884 -13.11 35.71 43.31
CA ALA C 884 -13.07 34.26 43.23
C ALA C 884 -11.67 33.71 42.95
N GLY C 885 -10.62 34.51 43.11
CA GLY C 885 -9.27 33.99 42.99
C GLY C 885 -8.83 33.35 44.29
N GLU C 886 -8.92 32.03 44.36
CA GLU C 886 -8.66 31.19 45.53
C GLU C 886 -9.50 31.57 46.76
N GLU C 887 -10.61 32.28 46.57
CA GLU C 887 -11.40 32.93 47.62
C GLU C 887 -10.51 33.77 48.54
N ARG C 888 -9.93 34.82 47.97
CA ARG C 888 -9.00 35.68 48.67
C ARG C 888 -9.58 37.09 48.72
N GLY C 889 -9.60 37.67 49.93
CA GLY C 889 -10.22 38.97 50.11
C GLY C 889 -9.25 40.13 50.11
N ARG C 890 -8.20 40.05 49.30
CA ARG C 890 -7.24 41.14 49.20
C ARG C 890 -7.83 42.29 48.41
N CYS C 891 -8.14 43.39 49.10
CA CYS C 891 -8.32 44.69 48.44
C CYS C 891 -6.92 45.21 48.17
N PHE C 892 -6.44 44.89 46.97
CA PHE C 892 -5.03 44.76 46.66
C PHE C 892 -4.64 45.85 45.66
N THR C 893 -3.55 46.56 45.95
CA THR C 893 -3.11 47.60 45.05
C THR C 893 -2.38 47.00 43.84
N ILE C 894 -2.26 47.82 42.80
CA ILE C 894 -1.75 47.33 41.52
C ILE C 894 -0.23 47.44 41.46
N GLU C 895 0.35 48.37 42.24
CA GLU C 895 1.80 48.54 42.31
C GLU C 895 2.49 47.30 42.86
N TYR C 896 1.82 46.55 43.73
CA TYR C 896 2.27 45.22 44.11
C TYR C 896 1.72 44.22 43.09
N VAL C 897 2.55 43.27 42.66
CA VAL C 897 2.14 42.32 41.65
C VAL C 897 1.48 41.12 42.32
N MET C 898 0.45 40.56 41.66
CA MET C 898 -0.24 39.32 42.04
C MET C 898 -0.91 39.38 43.41
N GLU C 907 -2.03 36.16 35.55
CA GLU C 907 -0.79 36.43 34.84
C GLU C 907 -1.04 37.36 33.64
N SER C 908 -2.24 37.28 33.07
CA SER C 908 -2.65 38.20 32.02
C SER C 908 -3.43 39.38 32.55
N THR C 909 -4.26 39.16 33.57
CA THR C 909 -5.03 40.24 34.19
C THR C 909 -4.13 41.20 34.94
N VAL C 910 -2.93 40.76 35.33
CA VAL C 910 -1.91 41.66 35.87
C VAL C 910 -1.53 42.70 34.83
N ASN C 911 -1.21 42.26 33.60
CA ASN C 911 -0.89 43.17 32.52
C ASN C 911 -2.10 43.98 32.06
N VAL C 912 -3.31 43.45 32.26
CA VAL C 912 -4.52 44.27 32.10
C VAL C 912 -4.50 45.40 33.12
N LEU C 913 -4.16 45.07 34.37
CA LEU C 913 -4.14 46.06 35.44
C LEU C 913 -3.01 47.07 35.27
N LYS C 914 -1.94 46.70 34.56
CA LYS C 914 -0.88 47.65 34.28
C LYS C 914 -1.31 48.69 33.26
N MET C 915 -2.25 48.34 32.38
CA MET C 915 -2.73 49.29 31.38
C MET C 915 -3.76 50.25 31.93
N ILE C 916 -4.39 49.92 33.06
CA ILE C 916 -5.35 50.82 33.69
C ILE C 916 -4.61 51.99 34.33
N ARG C 917 -3.32 51.80 34.65
CA ARG C 917 -2.47 52.91 35.08
C ARG C 917 -2.30 53.95 33.99
N SER C 918 -2.41 53.54 32.72
CA SER C 918 -2.37 54.51 31.63
C SER C 918 -3.65 55.33 31.56
N ALA C 919 -4.75 54.82 32.10
CA ALA C 919 -6.03 55.51 32.14
C ALA C 919 -6.18 56.40 33.37
N THR C 920 -5.09 56.64 34.10
CA THR C 920 -5.16 57.42 35.34
C THR C 920 -5.49 58.90 35.16
N PRO C 921 -4.75 59.71 34.36
CA PRO C 921 -4.77 61.17 34.61
C PRO C 921 -6.07 61.88 34.29
N PHE C 922 -6.75 61.51 33.21
CA PHE C 922 -7.92 62.27 32.75
C PHE C 922 -9.16 62.22 33.67
N PRO C 923 -9.46 61.14 34.40
CA PRO C 923 -10.44 61.30 35.49
C PRO C 923 -9.98 62.19 36.63
N LEU C 924 -8.68 62.28 36.89
CA LEU C 924 -8.20 63.16 37.96
C LEU C 924 -8.27 64.62 37.54
N VAL C 925 -7.99 64.93 36.28
CA VAL C 925 -8.16 66.28 35.76
C VAL C 925 -9.64 66.65 35.71
N SER C 926 -10.50 65.64 35.53
CA SER C 926 -11.95 65.85 35.45
C SER C 926 -12.51 66.40 36.76
N LEU C 927 -11.96 65.98 37.90
CA LEU C 927 -12.44 66.46 39.18
C LEU C 927 -12.13 67.94 39.39
N PHE C 928 -10.95 68.39 38.97
CA PHE C 928 -10.51 69.74 39.30
C PHE C 928 -11.26 70.80 38.53
N PHE C 929 -11.65 70.50 37.28
CA PHE C 929 -12.34 71.49 36.47
C PHE C 929 -13.80 71.64 36.86
N MET C 930 -14.41 70.56 37.35
CA MET C 930 -15.77 70.68 37.88
C MET C 930 -15.78 71.46 39.18
N PHE C 931 -14.81 71.18 40.06
CA PHE C 931 -14.79 71.76 41.40
C PHE C 931 -14.50 73.26 41.34
N ILE C 932 -13.63 73.68 40.42
CA ILE C 932 -13.45 75.11 40.16
C ILE C 932 -14.72 75.70 39.57
N GLY C 933 -15.33 74.97 38.62
CA GLY C 933 -16.54 75.45 38.00
C GLY C 933 -17.74 75.44 38.93
N PHE C 934 -17.74 74.54 39.92
CA PHE C 934 -18.83 74.49 40.87
C PHE C 934 -18.79 75.66 41.84
N ILE C 935 -17.59 76.00 42.34
CA ILE C 935 -17.52 77.08 43.32
C ILE C 935 -17.64 78.45 42.65
N LEU C 936 -17.20 78.59 41.40
CA LEU C 936 -17.34 79.86 40.69
C LEU C 936 -18.77 80.14 40.29
N SER C 937 -19.61 79.10 40.19
CA SER C 937 -21.04 79.31 40.02
C SER C 937 -21.66 79.89 41.29
N ASN C 938 -21.06 79.60 42.45
CA ASN C 938 -21.54 80.17 43.69
C ASN C 938 -21.02 81.57 43.92
N ILE C 939 -19.80 81.87 43.47
CA ILE C 939 -19.24 83.22 43.62
C ILE C 939 -19.92 84.17 42.65
N GLY C 940 -20.36 83.67 41.49
CA GLY C 940 -21.16 84.49 40.59
C GLY C 940 -22.53 84.81 41.14
N HIS C 941 -23.04 83.97 42.03
CA HIS C 941 -24.28 84.28 42.75
C HIS C 941 -24.01 85.25 43.90
N ILE C 942 -22.77 85.30 44.38
CA ILE C 942 -22.39 86.20 45.46
C ILE C 942 -21.60 87.38 44.90
N THR C 947 -22.56 85.68 35.35
CA THR C 947 -21.58 86.66 34.91
C THR C 947 -20.33 85.98 34.35
N ILE C 948 -19.23 86.75 34.32
CA ILE C 948 -17.92 86.21 33.95
C ILE C 948 -17.48 85.15 34.94
N LEU C 949 -17.87 85.32 36.21
CA LEU C 949 -17.64 84.28 37.23
C LEU C 949 -18.41 83.01 36.90
N ALA C 950 -19.56 83.15 36.23
CA ALA C 950 -20.36 81.99 35.88
C ALA C 950 -20.09 81.49 34.46
N PHE C 951 -19.71 82.38 33.55
CA PHE C 951 -19.54 82.01 32.15
C PHE C 951 -18.32 81.10 31.96
N VAL C 952 -17.18 81.51 32.50
CA VAL C 952 -15.96 80.72 32.36
C VAL C 952 -16.06 79.41 33.15
N SER C 953 -16.80 79.41 34.26
CA SER C 953 -17.04 78.18 35.01
C SER C 953 -17.85 77.17 34.20
N GLY C 954 -18.73 77.65 33.32
CA GLY C 954 -19.39 76.75 32.39
C GLY C 954 -18.45 76.14 31.39
N ILE C 955 -17.40 76.88 31.00
CA ILE C 955 -16.39 76.33 30.10
C ILE C 955 -15.57 75.26 30.82
N PHE C 956 -15.33 75.44 32.12
CA PHE C 956 -14.67 74.39 32.89
C PHE C 956 -15.57 73.17 33.08
N PHE C 957 -16.88 73.34 32.94
CA PHE C 957 -17.75 72.18 32.83
C PHE C 957 -17.67 71.57 31.43
N ILE C 958 -17.41 72.39 30.42
CA ILE C 958 -17.26 71.90 29.06
C ILE C 958 -15.89 71.24 28.87
N LEU C 959 -14.83 71.88 29.37
CA LEU C 959 -13.49 71.31 29.29
C LEU C 959 -13.35 70.06 30.15
N SER C 960 -14.25 69.89 31.13
CA SER C 960 -14.28 68.66 31.92
C SER C 960 -14.67 67.48 31.06
N GLY C 961 -15.86 67.53 30.45
CA GLY C 961 -16.41 66.40 29.73
C GLY C 961 -15.65 66.03 28.47
N LEU C 962 -14.89 66.97 27.91
CA LEU C 962 -13.95 66.61 26.86
C LEU C 962 -12.89 65.65 27.37
N SER C 963 -12.43 65.87 28.62
CA SER C 963 -11.54 64.92 29.26
C SER C 963 -12.27 63.68 29.77
N LEU C 964 -13.59 63.75 29.96
CA LEU C 964 -14.34 62.55 30.29
C LEU C 964 -14.36 61.58 29.12
N VAL C 965 -14.53 62.09 27.91
CA VAL C 965 -14.56 61.26 26.71
C VAL C 965 -13.20 60.63 26.47
N VAL C 966 -12.15 61.46 26.47
CA VAL C 966 -10.77 60.98 26.32
C VAL C 966 -10.42 60.02 27.45
N GLY C 967 -10.94 60.28 28.65
CA GLY C 967 -10.83 59.33 29.73
C GLY C 967 -11.54 58.02 29.43
N LEU C 968 -12.74 58.09 28.85
CA LEU C 968 -13.41 56.87 28.45
C LEU C 968 -12.84 56.30 27.16
N VAL C 969 -12.20 57.14 26.34
CA VAL C 969 -11.50 56.61 25.17
C VAL C 969 -10.31 55.76 25.58
N LEU C 970 -9.46 56.29 26.47
CA LEU C 970 -8.28 55.55 26.92
C LEU C 970 -8.68 54.32 27.73
N TYR C 971 -9.78 54.41 28.47
CA TYR C 971 -10.18 53.31 29.34
C TYR C 971 -10.69 52.12 28.53
N ILE C 972 -11.62 52.38 27.61
CA ILE C 972 -12.30 51.29 26.92
C ILE C 972 -11.40 50.66 25.87
N SER C 973 -10.62 51.48 25.16
CA SER C 973 -9.76 50.97 24.10
C SER C 973 -8.60 50.12 24.65
N SER C 974 -8.06 50.50 25.81
CA SER C 974 -6.97 49.72 26.39
C SER C 974 -7.46 48.39 26.94
N ILE C 975 -8.70 48.35 27.43
CA ILE C 975 -9.31 47.08 27.79
C ILE C 975 -9.50 46.22 26.56
N ASN C 976 -9.92 46.83 25.45
CA ASN C 976 -10.12 46.10 24.21
C ASN C 976 -8.81 45.65 23.60
N ASP C 977 -7.69 46.29 23.95
CA ASP C 977 -6.37 45.82 23.58
C ASP C 977 -6.09 44.44 24.18
N GLU C 978 -6.10 44.37 25.51
CA GLU C 978 -5.83 43.11 26.20
C GLU C 978 -7.01 42.15 26.15
N MET C 979 -8.19 42.60 25.73
CA MET C 979 -9.29 41.69 25.41
C MET C 979 -8.89 40.73 24.29
N LEU C 980 -8.28 41.26 23.24
CA LEU C 980 -7.84 40.41 22.15
C LEU C 980 -6.46 39.85 22.43
N ASN C 981 -5.64 40.54 23.21
CA ASN C 981 -4.28 40.08 23.49
C ASN C 981 -4.25 38.91 24.46
N ARG C 982 -5.40 38.54 25.04
CA ARG C 982 -5.53 37.23 25.65
C ARG C 982 -5.28 36.15 24.62
N THR C 983 -4.45 35.17 24.99
CA THR C 983 -4.22 34.02 24.11
C THR C 983 -5.50 33.18 24.06
N LYS C 984 -6.06 33.05 22.86
CA LYS C 984 -7.40 32.50 22.70
C LYS C 984 -7.34 30.98 22.64
N ASP C 985 -7.95 30.32 23.62
CA ASP C 985 -8.05 28.87 23.68
C ASP C 985 -9.51 28.47 23.62
N ALA C 986 -9.77 27.21 23.24
CA ALA C 986 -11.15 26.75 23.14
C ALA C 986 -11.78 26.52 24.50
N GLU C 987 -11.03 25.97 25.45
CA GLU C 987 -11.57 25.66 26.77
C GLU C 987 -11.72 26.90 27.63
N THR C 988 -10.78 27.83 27.55
CA THR C 988 -10.80 29.02 28.40
C THR C 988 -11.86 29.99 27.88
N TYR C 989 -13.03 29.96 28.50
CA TYR C 989 -14.06 30.93 28.17
C TYR C 989 -13.75 32.25 28.87
N PHE C 990 -14.28 33.33 28.33
CA PHE C 990 -14.06 34.64 28.92
C PHE C 990 -15.37 35.40 29.01
N ASN C 991 -15.51 36.19 30.07
CA ASN C 991 -16.61 37.13 30.23
C ASN C 991 -16.09 38.37 30.94
N TYR C 992 -16.50 39.54 30.46
CA TYR C 992 -16.22 40.79 31.16
C TYR C 992 -17.45 41.66 31.07
N LYS C 993 -17.45 42.73 31.87
CA LYS C 993 -18.53 43.70 31.90
C LYS C 993 -17.96 44.97 32.53
N TYR C 994 -18.66 46.07 32.37
CA TYR C 994 -18.37 47.30 33.10
C TYR C 994 -19.30 47.40 34.30
N GLY C 995 -18.77 47.96 35.40
CA GLY C 995 -19.48 48.03 36.65
C GLY C 995 -20.39 49.24 36.74
N TRP C 996 -20.95 49.42 37.94
CA TRP C 996 -21.88 50.53 38.16
C TRP C 996 -21.17 51.87 38.17
N SER C 997 -19.91 51.90 38.62
CA SER C 997 -19.18 53.17 38.65
C SER C 997 -18.78 53.61 37.25
N PHE C 998 -18.70 52.67 36.31
CA PHE C 998 -18.59 53.03 34.90
C PHE C 998 -19.80 53.82 34.45
N ALA C 999 -21.00 53.31 34.75
CA ALA C 999 -22.22 54.04 34.45
C ALA C 999 -22.37 55.28 35.31
N PHE C 1000 -21.80 55.29 36.51
CA PHE C 1000 -21.80 56.50 37.32
C PHE C 1000 -20.91 57.57 36.70
N ALA C 1001 -19.86 57.16 35.99
CA ALA C 1001 -19.08 58.13 35.22
C ALA C 1001 -19.83 58.53 33.96
N ALA C 1002 -20.68 57.64 33.43
CA ALA C 1002 -21.41 57.95 32.21
C ALA C 1002 -22.52 58.96 32.46
N ILE C 1003 -23.29 58.78 33.54
CA ILE C 1003 -24.39 59.68 33.83
C ILE C 1003 -23.87 61.04 34.29
N SER C 1004 -22.76 61.05 35.04
CA SER C 1004 -22.16 62.29 35.50
C SER C 1004 -21.53 63.08 34.36
N PHE C 1005 -21.23 62.43 33.24
CA PHE C 1005 -20.80 63.15 32.05
C PHE C 1005 -21.89 64.08 31.52
N LEU C 1006 -23.15 63.67 31.67
CA LEU C 1006 -24.24 64.42 31.05
C LEU C 1006 -24.52 65.72 31.79
N LEU C 1007 -24.49 65.69 33.12
CA LEU C 1007 -24.92 66.85 33.90
C LEU C 1007 -23.93 68.00 33.81
N THR C 1008 -22.65 67.68 33.61
CA THR C 1008 -21.64 68.72 33.45
C THR C 1008 -21.83 69.49 32.15
N GLU C 1009 -22.17 68.80 31.07
CA GLU C 1009 -22.32 69.48 29.80
C GLU C 1009 -23.66 70.18 29.68
N SER C 1010 -24.67 69.70 30.43
CA SER C 1010 -25.97 70.35 30.42
C SER C 1010 -25.91 71.71 31.13
N ALA C 1011 -25.33 71.75 32.32
CA ALA C 1011 -25.28 72.98 33.09
C ALA C 1011 -24.34 74.02 32.49
N GLY C 1012 -23.34 73.58 31.71
CA GLY C 1012 -22.47 74.53 31.05
C GLY C 1012 -23.20 75.30 29.96
N VAL C 1013 -24.13 74.64 29.28
CA VAL C 1013 -25.05 75.36 28.39
C VAL C 1013 -25.96 76.27 29.21
N MET C 1014 -26.38 75.81 30.39
CA MET C 1014 -27.19 76.64 31.27
C MET C 1014 -26.40 77.80 31.85
N SER C 1015 -25.07 77.69 31.92
CA SER C 1015 -24.24 78.84 32.26
C SER C 1015 -24.35 79.91 31.18
N VAL C 1016 -24.28 79.50 29.91
CA VAL C 1016 -24.36 80.45 28.81
C VAL C 1016 -25.81 80.90 28.61
N TYR C 1017 -26.78 80.07 29.01
CA TYR C 1017 -28.15 80.55 29.19
C TYR C 1017 -28.17 81.70 30.20
N LEU C 1018 -27.60 81.47 31.38
CA LEU C 1018 -27.62 82.46 32.44
C LEU C 1018 -26.75 83.66 32.11
N PHE C 1019 -25.62 83.44 31.43
CA PHE C 1019 -24.72 84.55 31.12
C PHE C 1019 -25.33 85.49 30.08
N MET C 1020 -25.94 84.92 29.04
CA MET C 1020 -26.66 85.75 28.07
C MET C 1020 -27.87 86.43 28.71
N LYS C 1021 -28.49 85.77 29.69
CA LYS C 1021 -29.61 86.38 30.39
C LYS C 1021 -29.14 87.51 31.31
N ARG C 1022 -28.04 87.30 32.03
CA ARG C 1022 -27.54 88.34 32.91
C ARG C 1022 -26.76 89.42 32.16
N TYR C 1023 -26.34 89.17 30.93
CA TYR C 1023 -25.75 90.23 30.12
C TYR C 1023 -26.81 91.20 29.61
N THR C 1024 -28.06 90.75 29.54
CA THR C 1024 -29.17 91.64 29.19
C THR C 1024 -29.36 92.71 30.26
N ALA C 1025 -29.17 92.34 31.53
CA ALA C 1025 -29.34 93.30 32.61
C ALA C 1025 -28.14 94.22 32.77
N GLU C 1026 -26.96 93.80 32.30
CA GLU C 1026 -25.76 94.62 32.41
C GLU C 1026 -25.82 95.82 31.48
N ASN D 1 22.96 -70.92 46.78
CA ASN D 1 21.60 -70.41 46.74
C ASN D 1 21.24 -70.03 45.30
N SER D 2 20.82 -71.03 44.52
CA SER D 2 20.45 -70.82 43.11
C SER D 2 18.94 -70.59 43.02
N ILE D 3 18.56 -69.32 43.10
CA ILE D 3 17.17 -68.90 42.98
C ILE D 3 16.69 -69.16 41.55
N GLN D 4 15.60 -69.91 41.41
CA GLN D 4 15.09 -70.24 40.09
C GLN D 4 14.00 -69.26 39.69
N ILE D 5 14.16 -68.66 38.51
CA ILE D 5 13.18 -67.70 37.97
C ILE D 5 12.80 -68.16 36.57
N GLY D 6 12.01 -67.35 35.86
CA GLY D 6 11.58 -67.73 34.54
C GLY D 6 11.61 -66.63 33.49
N GLY D 7 11.90 -67.00 32.25
CA GLY D 7 11.99 -66.05 31.17
C GLY D 7 11.04 -66.33 30.02
N LEU D 8 10.30 -65.30 29.62
CA LEU D 8 9.35 -65.39 28.51
C LEU D 8 9.78 -64.39 27.45
N PHE D 9 10.53 -64.86 26.45
CA PHE D 9 11.11 -63.91 25.54
C PHE D 9 10.56 -64.06 24.14
N PRO D 10 10.33 -62.95 23.45
CA PRO D 10 9.81 -63.01 22.08
C PRO D 10 10.91 -63.41 21.10
N ARG D 11 10.47 -63.92 19.95
CA ARG D 11 11.39 -64.17 18.85
C ARG D 11 11.87 -62.83 18.30
N GLY D 12 13.07 -62.81 17.74
CA GLY D 12 13.61 -61.59 17.20
C GLY D 12 14.08 -60.58 18.21
N ALA D 13 14.10 -60.93 19.50
CA ALA D 13 14.63 -60.04 20.53
C ALA D 13 16.07 -60.40 20.85
N ASP D 14 16.92 -60.22 19.84
CA ASP D 14 18.30 -60.69 19.93
C ASP D 14 19.14 -59.77 20.80
N GLN D 15 18.99 -58.46 20.64
CA GLN D 15 19.81 -57.51 21.38
C GLN D 15 19.45 -57.50 22.86
N GLU D 16 18.19 -57.75 23.18
CA GLU D 16 17.78 -57.76 24.58
C GLU D 16 18.25 -59.02 25.30
N TYR D 17 18.28 -60.15 24.58
CA TYR D 17 18.67 -61.41 25.23
C TYR D 17 20.14 -61.43 25.57
N SER D 18 20.97 -60.77 24.77
CA SER D 18 22.37 -60.59 25.13
C SER D 18 22.51 -59.57 26.25
N ALA D 19 21.70 -58.51 26.22
CA ALA D 19 21.69 -57.53 27.30
C ALA D 19 21.12 -58.11 28.58
N PHE D 20 20.38 -59.20 28.50
CA PHE D 20 20.04 -59.96 29.69
C PHE D 20 21.26 -60.72 30.21
N ARG D 21 22.12 -61.20 29.31
CA ARG D 21 23.26 -62.02 29.72
C ARG D 21 24.31 -61.18 30.44
N VAL D 22 24.48 -59.93 30.02
CA VAL D 22 25.53 -59.07 30.56
C VAL D 22 25.26 -58.76 32.03
N GLY D 23 24.00 -58.53 32.37
CA GLY D 23 23.63 -58.40 33.78
C GLY D 23 23.76 -59.70 34.56
N MET D 24 23.49 -60.83 33.90
CA MET D 24 23.63 -62.12 34.58
C MET D 24 25.09 -62.45 34.85
N VAL D 25 26.00 -61.99 33.98
CA VAL D 25 27.42 -62.22 34.21
C VAL D 25 27.97 -61.23 35.22
N GLN D 26 27.70 -59.93 35.02
CA GLN D 26 28.33 -58.91 35.84
C GLN D 26 27.76 -58.87 37.25
N PHE D 27 26.44 -58.89 37.40
CA PHE D 27 25.84 -58.79 38.72
C PHE D 27 25.72 -60.12 39.43
N SER D 28 26.36 -61.17 38.92
CA SER D 28 26.37 -62.45 39.62
C SER D 28 27.25 -62.36 40.85
N THR D 29 26.63 -62.39 42.03
CA THR D 29 27.35 -62.35 43.28
C THR D 29 27.64 -63.76 43.75
N SER D 30 28.55 -63.87 44.72
CA SER D 30 28.96 -65.18 45.19
C SER D 30 28.00 -65.76 46.22
N GLU D 31 27.23 -64.91 46.90
CA GLU D 31 26.38 -65.40 47.99
C GLU D 31 25.11 -66.07 47.45
N PHE D 32 24.67 -65.70 46.26
CA PHE D 32 23.55 -66.38 45.60
C PHE D 32 23.64 -66.15 44.10
N ARG D 33 22.96 -67.01 43.35
CA ARG D 33 22.95 -66.91 41.89
C ARG D 33 21.52 -67.10 41.42
N LEU D 34 21.30 -67.00 40.11
CA LEU D 34 19.96 -66.98 39.54
C LEU D 34 19.87 -67.98 38.40
N THR D 35 18.81 -68.81 38.42
CA THR D 35 18.62 -69.84 37.40
C THR D 35 17.62 -69.34 36.36
N PRO D 36 18.02 -69.14 35.11
CA PRO D 36 17.16 -68.45 34.13
C PRO D 36 15.90 -69.20 33.68
N HIS D 37 16.05 -70.41 33.15
CA HIS D 37 14.98 -71.24 32.57
C HIS D 37 14.14 -70.44 31.56
N ILE D 38 14.79 -70.11 30.45
CA ILE D 38 14.25 -69.18 29.46
C ILE D 38 13.62 -69.96 28.31
N ASP D 39 12.44 -69.51 27.86
CA ASP D 39 11.77 -70.05 26.69
C ASP D 39 11.43 -68.93 25.71
N ASN D 40 11.38 -69.29 24.43
CA ASN D 40 11.06 -68.38 23.34
C ASN D 40 9.62 -68.59 22.89
N LEU D 41 9.02 -67.53 22.37
CA LEU D 41 7.59 -67.52 22.08
C LEU D 41 7.26 -66.37 21.13
N GLU D 42 5.97 -66.22 20.84
CA GLU D 42 5.43 -65.06 20.14
C GLU D 42 4.64 -64.24 21.14
N VAL D 43 4.76 -62.92 21.05
CA VAL D 43 4.15 -62.07 22.06
C VAL D 43 2.70 -61.73 21.72
N ALA D 44 2.28 -61.91 20.47
CA ALA D 44 0.91 -61.59 20.11
C ALA D 44 -0.07 -62.69 20.47
N ASN D 45 0.38 -63.95 20.49
CA ASN D 45 -0.49 -65.08 20.78
C ASN D 45 -0.56 -65.29 22.28
N SER D 46 -1.76 -65.19 22.84
CA SER D 46 -1.91 -65.42 24.27
C SER D 46 -1.92 -66.89 24.63
N PHE D 47 -2.15 -67.79 23.66
CA PHE D 47 -2.11 -69.22 23.94
C PHE D 47 -0.72 -69.67 24.33
N ALA D 48 0.30 -69.18 23.61
CA ALA D 48 1.66 -69.49 24.00
C ALA D 48 2.02 -68.83 25.31
N VAL D 49 1.43 -67.66 25.59
CA VAL D 49 1.55 -67.06 26.91
C VAL D 49 0.83 -67.92 27.94
N THR D 50 -0.34 -68.45 27.57
CA THR D 50 -1.05 -69.38 28.44
C THR D 50 -0.26 -70.67 28.62
N ASN D 51 0.43 -71.10 27.57
CA ASN D 51 1.27 -72.28 27.64
C ASN D 51 2.48 -72.03 28.53
N ALA D 52 3.21 -70.93 28.29
CA ALA D 52 4.47 -70.71 28.97
C ALA D 52 4.28 -70.32 30.43
N PHE D 53 3.23 -69.57 30.75
CA PHE D 53 3.06 -69.11 32.12
C PHE D 53 2.65 -70.26 33.03
N CYS D 54 1.83 -71.19 32.51
CA CYS D 54 1.51 -72.38 33.29
C CYS D 54 2.59 -73.44 33.16
N SER D 55 3.54 -73.27 32.24
CA SER D 55 4.70 -74.15 32.24
C SER D 55 5.62 -73.81 33.40
N GLN D 56 5.97 -72.54 33.57
CA GLN D 56 6.88 -72.16 34.63
C GLN D 56 6.25 -72.22 36.01
N PHE D 57 4.94 -71.97 36.09
CA PHE D 57 4.27 -72.10 37.38
C PHE D 57 4.12 -73.55 37.79
N SER D 58 4.13 -74.47 36.82
CA SER D 58 4.13 -75.89 37.13
C SER D 58 5.45 -76.30 37.79
N ARG D 59 6.57 -75.72 37.35
CA ARG D 59 7.82 -75.91 38.08
C ARG D 59 7.83 -75.12 39.38
N GLY D 60 7.38 -73.87 39.34
CA GLY D 60 7.31 -73.06 40.54
C GLY D 60 8.55 -72.21 40.71
N VAL D 61 8.41 -70.90 40.53
CA VAL D 61 9.52 -69.97 40.66
C VAL D 61 9.12 -68.89 41.65
N TYR D 62 10.01 -67.93 41.85
CA TYR D 62 9.75 -66.84 42.78
C TYR D 62 9.45 -65.53 42.06
N ALA D 63 9.92 -65.40 40.82
CA ALA D 63 9.63 -64.24 39.99
C ALA D 63 9.80 -64.65 38.53
N ILE D 64 9.23 -63.84 37.63
CA ILE D 64 9.26 -64.10 36.20
C ILE D 64 9.56 -62.79 35.49
N PHE D 65 10.52 -62.82 34.56
CA PHE D 65 10.81 -61.70 33.69
C PHE D 65 10.39 -62.03 32.27
N GLY D 66 9.81 -61.05 31.59
CA GLY D 66 9.38 -61.28 30.21
C GLY D 66 8.84 -60.01 29.59
N PHE D 67 8.38 -60.16 28.36
CA PHE D 67 7.76 -59.08 27.59
C PHE D 67 6.30 -59.38 27.31
N TYR D 68 5.48 -58.34 27.23
CA TYR D 68 4.08 -58.52 26.86
C TYR D 68 3.72 -57.52 25.78
N ASP D 69 2.60 -57.78 25.13
CA ASP D 69 2.06 -56.97 24.05
C ASP D 69 0.66 -56.52 24.45
N LYS D 70 0.08 -55.62 23.65
CA LYS D 70 -1.32 -55.22 23.86
C LYS D 70 -2.26 -56.40 23.68
N LYS D 71 -1.93 -57.32 22.77
CA LYS D 71 -2.78 -58.48 22.54
C LYS D 71 -2.67 -59.52 23.65
N SER D 72 -1.82 -59.31 24.64
CA SER D 72 -1.65 -60.29 25.71
C SER D 72 -1.48 -59.67 27.08
N VAL D 73 -1.76 -58.36 27.23
CA VAL D 73 -1.51 -57.69 28.50
C VAL D 73 -2.49 -58.15 29.58
N ASN D 74 -3.75 -58.32 29.23
CA ASN D 74 -4.73 -58.72 30.23
C ASN D 74 -4.62 -60.20 30.56
N THR D 75 -3.96 -60.98 29.72
CA THR D 75 -3.57 -62.33 30.09
C THR D 75 -2.58 -62.30 31.25
N ILE D 76 -1.71 -61.29 31.26
CA ILE D 76 -0.68 -61.23 32.28
C ILE D 76 -1.24 -60.66 33.58
N THR D 77 -1.96 -59.54 33.50
CA THR D 77 -2.45 -58.87 34.70
C THR D 77 -3.54 -59.67 35.41
N SER D 78 -4.19 -60.61 34.72
CA SER D 78 -5.14 -61.48 35.39
C SER D 78 -4.43 -62.61 36.11
N PHE D 79 -3.40 -63.18 35.49
CA PHE D 79 -2.71 -64.31 36.08
C PHE D 79 -1.88 -63.90 37.28
N CYS D 80 -1.12 -62.81 37.14
CA CYS D 80 -0.31 -62.35 38.25
C CYS D 80 -1.15 -61.66 39.31
N GLY D 81 -2.32 -61.16 38.94
CA GLY D 81 -3.25 -60.69 39.95
C GLY D 81 -3.83 -61.81 40.78
N THR D 82 -4.12 -62.95 40.15
CA THR D 82 -4.69 -64.08 40.87
C THR D 82 -3.60 -64.91 41.55
N LEU D 83 -2.67 -65.45 40.77
CA LEU D 83 -1.75 -66.46 41.27
C LEU D 83 -0.62 -65.88 42.12
N HIS D 84 -0.61 -64.56 42.35
CA HIS D 84 0.26 -63.89 43.32
C HIS D 84 1.75 -64.08 43.02
N VAL D 85 2.06 -64.21 41.75
CA VAL D 85 3.43 -64.29 41.26
C VAL D 85 3.80 -62.91 40.73
N SER D 86 4.78 -62.27 41.36
CA SER D 86 5.21 -60.94 40.92
C SER D 86 5.85 -61.00 39.55
N PHE D 87 5.82 -59.87 38.85
CA PHE D 87 6.26 -59.85 37.45
C PHE D 87 6.96 -58.55 37.16
N ILE D 88 8.04 -58.63 36.36
CA ILE D 88 8.90 -57.50 36.04
C ILE D 88 8.99 -57.41 34.53
N THR D 89 8.84 -56.21 33.98
CA THR D 89 8.85 -56.02 32.54
C THR D 89 9.17 -54.58 32.17
N PRO D 90 9.84 -54.37 31.03
CA PRO D 90 10.12 -53.02 30.53
C PRO D 90 9.15 -52.52 29.47
N SER D 91 8.02 -53.19 29.23
CA SER D 91 7.15 -52.83 28.11
C SER D 91 6.31 -51.61 28.48
N PHE D 92 5.30 -51.32 27.68
CA PHE D 92 4.53 -50.11 27.84
C PHE D 92 3.67 -50.18 29.10
N PRO D 93 3.61 -49.09 29.87
CA PRO D 93 3.00 -49.16 31.21
C PRO D 93 1.49 -49.28 31.13
N THR D 94 0.95 -50.17 31.95
CA THR D 94 -0.48 -50.37 31.96
C THR D 94 -1.17 -49.22 32.69
N ASP D 95 -2.49 -49.19 32.57
CA ASP D 95 -3.30 -48.18 33.24
C ASP D 95 -4.23 -48.90 34.21
N GLY D 96 -4.07 -48.61 35.48
CA GLY D 96 -4.77 -49.27 36.56
C GLY D 96 -3.76 -49.84 37.53
N THR D 97 -4.16 -49.93 38.79
CA THR D 97 -3.24 -50.26 39.87
C THR D 97 -3.19 -51.78 39.93
N HIS D 98 -2.37 -52.36 39.11
CA HIS D 98 -2.27 -53.80 39.03
C HIS D 98 -1.22 -54.29 40.03
N PRO D 99 -1.59 -55.17 40.95
CA PRO D 99 -0.58 -55.75 41.83
C PRO D 99 0.32 -56.73 41.09
N PHE D 100 1.46 -57.02 41.71
CA PHE D 100 2.44 -58.02 41.28
C PHE D 100 3.06 -57.71 39.92
N VAL D 101 3.05 -56.44 39.52
CA VAL D 101 3.56 -56.03 38.21
C VAL D 101 4.58 -54.91 38.41
N ILE D 102 5.76 -55.08 37.83
CA ILE D 102 6.80 -54.06 37.87
C ILE D 102 6.95 -53.48 36.47
N GLN D 103 6.64 -52.20 36.32
CA GLN D 103 6.89 -51.47 35.10
C GLN D 103 8.29 -50.88 35.15
N MET D 104 9.19 -51.42 34.33
CA MET D 104 10.54 -50.89 34.24
C MET D 104 10.65 -49.70 33.31
N ARG D 105 9.67 -49.50 32.44
CA ARG D 105 9.65 -48.36 31.56
C ARG D 105 9.06 -47.17 32.30
N PRO D 106 9.63 -45.98 32.18
CA PRO D 106 9.00 -44.81 32.78
C PRO D 106 7.80 -44.36 31.97
N ASP D 107 7.00 -43.50 32.59
CA ASP D 107 5.93 -42.88 31.83
C ASP D 107 6.52 -41.82 30.90
N LEU D 108 5.79 -41.55 29.83
CA LEU D 108 6.25 -40.65 28.80
C LEU D 108 5.31 -39.49 28.56
N LYS D 109 4.07 -39.60 29.03
CA LYS D 109 3.00 -38.70 28.63
C LYS D 109 3.20 -37.28 29.15
N GLY D 110 3.50 -37.14 30.44
CA GLY D 110 3.66 -35.82 31.01
C GLY D 110 4.88 -35.11 30.49
N ALA D 111 5.96 -35.86 30.23
CA ALA D 111 7.10 -35.29 29.52
C ALA D 111 6.73 -34.92 28.10
N LEU D 112 5.90 -35.74 27.45
CA LEU D 112 5.46 -35.42 26.10
C LEU D 112 4.55 -34.20 26.08
N LEU D 113 3.67 -34.09 27.07
CA LEU D 113 2.81 -32.91 27.17
C LEU D 113 3.62 -31.67 27.44
N SER D 114 4.66 -31.78 28.26
CA SER D 114 5.47 -30.62 28.66
C SER D 114 6.20 -30.00 27.48
N LEU D 115 6.61 -30.81 26.51
CA LEU D 115 7.35 -30.29 25.37
C LEU D 115 6.46 -29.47 24.45
N ILE D 116 5.16 -29.73 24.46
CA ILE D 116 4.28 -29.17 23.45
C ILE D 116 4.03 -27.69 23.71
N GLU D 117 3.79 -27.32 24.98
CA GLU D 117 3.62 -25.91 25.29
C GLU D 117 4.93 -25.15 25.20
N TYR D 118 6.06 -25.86 25.28
CA TYR D 118 7.37 -25.21 25.19
C TYR D 118 7.57 -24.58 23.82
N TYR D 119 7.21 -25.29 22.76
CA TYR D 119 7.21 -24.72 21.42
C TYR D 119 6.03 -23.81 21.17
N GLN D 120 5.03 -23.81 22.07
CA GLN D 120 3.81 -23.02 21.97
C GLN D 120 3.04 -23.35 20.69
N TRP D 121 2.70 -24.63 20.55
CA TRP D 121 1.93 -25.08 19.40
C TRP D 121 0.44 -24.90 19.62
N ASP D 122 -0.29 -24.82 18.52
CA ASP D 122 -1.74 -24.75 18.55
C ASP D 122 -2.42 -25.79 17.67
N LYS D 123 -1.85 -26.08 16.52
CA LYS D 123 -2.45 -27.00 15.55
C LYS D 123 -1.38 -27.89 14.96
N PHE D 124 -1.62 -29.20 14.98
CA PHE D 124 -0.64 -30.17 14.51
C PHE D 124 -1.37 -31.46 14.17
N ALA D 125 -0.64 -32.38 13.58
CA ALA D 125 -1.14 -33.73 13.32
C ALA D 125 -0.46 -34.70 14.27
N TYR D 126 -0.99 -35.91 14.33
CA TYR D 126 -0.52 -36.90 15.29
C TYR D 126 -0.71 -38.29 14.70
N LEU D 127 0.33 -38.82 14.07
CA LEU D 127 0.30 -40.17 13.54
C LEU D 127 0.65 -41.12 14.66
N TYR D 128 -0.14 -42.18 14.81
CA TYR D 128 0.04 -43.09 15.92
C TYR D 128 -0.07 -44.52 15.46
N ASP D 129 0.45 -45.42 16.29
CA ASP D 129 0.31 -46.85 16.09
C ASP D 129 -0.64 -47.38 17.14
N SER D 130 -1.31 -48.48 16.80
CA SER D 130 -2.27 -49.10 17.69
C SER D 130 -1.67 -50.22 18.53
N ASP D 131 -0.35 -50.25 18.70
CA ASP D 131 0.24 -51.43 19.31
C ASP D 131 0.62 -51.19 20.77
N ARG D 132 1.01 -49.96 21.11
CA ARG D 132 1.40 -49.67 22.49
C ARG D 132 0.23 -49.18 23.33
N GLY D 133 -0.99 -49.57 22.98
CA GLY D 133 -2.16 -49.00 23.59
C GLY D 133 -2.49 -47.64 23.02
N LEU D 134 -3.57 -47.06 23.52
CA LEU D 134 -3.99 -45.74 23.08
C LEU D 134 -4.01 -44.74 24.22
N SER D 135 -3.20 -45.01 25.26
CA SER D 135 -3.17 -44.16 26.44
C SER D 135 -2.65 -42.77 26.14
N THR D 136 -1.69 -42.68 25.23
CA THR D 136 -1.14 -41.37 24.87
C THR D 136 -2.15 -40.56 24.07
N LEU D 137 -2.86 -41.22 23.15
CA LEU D 137 -3.87 -40.55 22.36
C LEU D 137 -5.03 -40.07 23.21
N GLN D 138 -5.42 -40.87 24.21
CA GLN D 138 -6.39 -40.41 25.18
C GLN D 138 -5.84 -39.31 26.05
N ALA D 139 -4.54 -39.33 26.33
CA ALA D 139 -3.95 -38.30 27.19
C ALA D 139 -3.92 -36.95 26.49
N VAL D 140 -3.60 -36.93 25.20
CA VAL D 140 -3.45 -35.65 24.53
C VAL D 140 -4.81 -35.06 24.17
N LEU D 141 -5.80 -35.89 23.86
CA LEU D 141 -7.10 -35.34 23.46
C LEU D 141 -7.88 -34.84 24.66
N ASP D 142 -7.63 -35.42 25.84
CA ASP D 142 -8.17 -34.84 27.05
C ASP D 142 -7.53 -33.48 27.34
N SER D 143 -6.22 -33.37 27.13
CA SER D 143 -5.57 -32.09 27.30
C SER D 143 -5.79 -31.14 26.14
N ALA D 144 -6.26 -31.66 25.00
CA ALA D 144 -6.51 -30.80 23.85
C ALA D 144 -7.70 -29.89 24.07
N ALA D 145 -8.76 -30.40 24.70
CA ALA D 145 -9.95 -29.59 24.92
C ALA D 145 -9.71 -28.52 25.98
N GLU D 146 -9.07 -28.89 27.08
CA GLU D 146 -8.91 -27.96 28.19
C GLU D 146 -7.83 -26.93 27.95
N LYS D 147 -7.04 -27.06 26.88
CA LYS D 147 -6.08 -26.03 26.50
C LYS D 147 -6.18 -25.66 25.03
N LYS D 148 -7.26 -26.07 24.36
CA LYS D 148 -7.75 -25.48 23.12
C LYS D 148 -6.76 -25.63 21.96
N TRP D 149 -6.48 -26.88 21.62
CA TRP D 149 -5.66 -27.24 20.48
C TRP D 149 -6.54 -27.60 19.29
N GLN D 150 -5.90 -27.93 18.18
CA GLN D 150 -6.59 -28.45 16.99
C GLN D 150 -5.78 -29.61 16.47
N VAL D 151 -6.18 -30.83 16.83
CA VAL D 151 -5.38 -32.03 16.60
C VAL D 151 -6.06 -32.86 15.52
N THR D 152 -5.28 -33.27 14.53
CA THR D 152 -5.73 -34.20 13.51
C THR D 152 -4.98 -35.50 13.70
N ALA D 153 -5.59 -36.44 14.43
CA ALA D 153 -4.96 -37.71 14.76
C ALA D 153 -5.37 -38.74 13.73
N ILE D 154 -4.39 -39.41 13.14
CA ILE D 154 -4.62 -40.39 12.09
C ILE D 154 -3.88 -41.67 12.45
N ASN D 155 -4.58 -42.79 12.47
CA ASN D 155 -3.94 -44.08 12.71
C ASN D 155 -3.17 -44.48 11.46
N VAL D 156 -2.12 -45.29 11.65
CA VAL D 156 -1.27 -45.72 10.56
C VAL D 156 -0.98 -47.21 10.63
N GLY D 157 -1.26 -47.85 11.76
CA GLY D 157 -0.79 -49.20 12.05
C GLY D 157 -1.39 -50.32 11.21
N ASN D 158 -2.59 -50.11 10.67
CA ASN D 158 -3.27 -51.16 9.94
C ASN D 158 -2.91 -51.19 8.46
N ILE D 159 -1.82 -50.55 8.05
CA ILE D 159 -1.48 -50.52 6.65
C ILE D 159 -0.69 -51.77 6.27
N ASN D 160 -1.13 -52.44 5.21
CA ASN D 160 -0.47 -53.64 4.72
C ASN D 160 0.91 -53.31 4.16
N ASN D 161 1.73 -54.36 4.03
CA ASN D 161 3.09 -54.19 3.59
C ASN D 161 3.18 -53.92 2.09
N ASP D 162 2.23 -54.41 1.31
CA ASP D 162 2.34 -54.31 -0.14
C ASP D 162 2.01 -52.92 -0.66
N LYS D 163 1.07 -52.22 -0.04
CA LYS D 163 0.59 -50.94 -0.51
C LYS D 163 1.00 -49.81 0.43
N LYS D 164 2.25 -49.85 0.90
CA LYS D 164 2.75 -48.78 1.75
C LYS D 164 2.83 -47.47 0.98
N ASP D 165 3.46 -47.49 -0.18
CA ASP D 165 3.91 -46.28 -0.84
C ASP D 165 2.74 -45.43 -1.34
N GLU D 166 1.64 -46.05 -1.75
CA GLU D 166 0.47 -45.25 -2.13
C GLU D 166 -0.21 -44.65 -0.92
N THR D 167 -0.22 -45.36 0.21
CA THR D 167 -0.97 -44.88 1.36
C THR D 167 -0.30 -43.70 2.04
N TYR D 168 1.04 -43.72 2.16
CA TYR D 168 1.72 -42.59 2.77
C TYR D 168 1.63 -41.35 1.89
N ARG D 169 1.72 -41.54 0.57
CA ARG D 169 1.50 -40.42 -0.33
C ARG D 169 0.06 -39.97 -0.32
N SER D 170 -0.87 -40.89 -0.05
CA SER D 170 -2.22 -40.46 0.24
C SER D 170 -2.31 -39.79 1.59
N LEU D 171 -1.42 -40.15 2.51
CA LEU D 171 -1.53 -39.65 3.87
C LEU D 171 -1.05 -38.21 3.97
N PHE D 172 0.16 -37.93 3.51
CA PHE D 172 0.72 -36.60 3.73
C PHE D 172 0.14 -35.54 2.82
N GLN D 173 -0.32 -35.91 1.63
CA GLN D 173 -1.01 -34.94 0.78
C GLN D 173 -2.33 -34.50 1.39
N ASP D 174 -2.97 -35.39 2.15
CA ASP D 174 -4.10 -34.99 2.96
C ASP D 174 -3.68 -34.03 4.06
N LEU D 175 -2.49 -34.24 4.63
CA LEU D 175 -1.98 -33.33 5.64
C LEU D 175 -1.54 -32.01 5.01
N GLU D 176 -1.14 -32.03 3.75
CA GLU D 176 -0.62 -30.82 3.12
C GLU D 176 -1.71 -29.80 2.84
N LEU D 177 -2.91 -30.27 2.47
CA LEU D 177 -4.02 -29.35 2.18
C LEU D 177 -4.49 -28.62 3.43
N LYS D 178 -4.28 -29.20 4.60
CA LYS D 178 -4.58 -28.52 5.85
C LYS D 178 -3.43 -27.66 6.33
N LYS D 179 -2.32 -27.60 5.56
CA LYS D 179 -1.09 -26.88 5.92
C LYS D 179 -0.55 -27.34 7.26
N GLU D 180 -0.30 -28.65 7.37
CA GLU D 180 0.16 -29.23 8.62
C GLU D 180 1.68 -29.20 8.65
N ARG D 181 2.25 -28.10 9.14
CA ARG D 181 3.69 -27.96 9.25
C ARG D 181 4.25 -28.68 10.47
N ARG D 182 3.41 -29.17 11.36
CA ARG D 182 3.85 -29.76 12.62
C ARG D 182 3.29 -31.17 12.71
N VAL D 183 4.17 -32.13 12.93
CA VAL D 183 3.81 -33.54 12.96
C VAL D 183 4.42 -34.14 14.23
N ILE D 184 3.63 -34.91 14.96
CA ILE D 184 4.13 -35.68 16.10
C ILE D 184 3.95 -37.15 15.78
N LEU D 185 5.06 -37.88 15.72
CA LEU D 185 5.03 -39.30 15.43
C LEU D 185 5.07 -40.05 16.75
N ASP D 186 4.61 -41.29 16.75
CA ASP D 186 4.58 -42.14 17.93
C ASP D 186 4.54 -43.57 17.44
N CYS D 187 5.70 -44.20 17.33
CA CYS D 187 5.78 -45.55 16.80
C CYS D 187 6.87 -46.32 17.52
N GLU D 188 7.13 -47.52 17.02
CA GLU D 188 8.34 -48.25 17.33
C GLU D 188 9.47 -47.79 16.40
N ARG D 189 10.56 -48.54 16.37
CA ARG D 189 11.66 -48.21 15.47
C ARG D 189 11.26 -48.41 14.02
N ASP D 190 10.68 -49.57 13.72
CA ASP D 190 10.59 -50.03 12.34
C ASP D 190 9.55 -49.24 11.56
N LYS D 191 8.54 -48.71 12.24
CA LYS D 191 7.61 -47.81 11.56
C LYS D 191 8.23 -46.45 11.33
N VAL D 192 9.02 -45.95 12.30
CA VAL D 192 9.63 -44.63 12.17
C VAL D 192 10.64 -44.61 11.03
N ASN D 193 11.40 -45.69 10.88
CA ASN D 193 12.29 -45.79 9.72
C ASN D 193 11.51 -45.86 8.41
N ASP D 194 10.31 -46.45 8.43
CA ASP D 194 9.51 -46.48 7.22
C ASP D 194 8.86 -45.14 6.92
N ILE D 195 8.40 -44.44 7.95
CA ILE D 195 7.70 -43.18 7.73
C ILE D 195 8.67 -42.10 7.27
N VAL D 196 9.85 -42.05 7.88
CA VAL D 196 10.83 -41.01 7.57
C VAL D 196 11.34 -41.16 6.14
N ASP D 197 11.49 -42.41 5.67
CA ASP D 197 11.89 -42.63 4.29
C ASP D 197 10.86 -42.15 3.29
N GLN D 198 9.58 -42.19 3.65
CA GLN D 198 8.59 -41.65 2.76
C GLN D 198 8.45 -40.14 2.88
N VAL D 199 8.85 -39.56 4.01
CA VAL D 199 8.90 -38.12 4.13
C VAL D 199 9.95 -37.55 3.19
N ILE D 200 11.09 -38.22 3.11
CA ILE D 200 12.17 -37.78 2.24
C ILE D 200 11.80 -37.90 0.78
N THR D 201 11.12 -38.99 0.41
CA THR D 201 10.87 -39.26 -0.99
C THR D 201 9.85 -38.29 -1.57
N ILE D 202 8.85 -37.89 -0.78
CA ILE D 202 7.97 -36.83 -1.22
C ILE D 202 8.56 -35.45 -0.97
N GLY D 203 9.68 -35.38 -0.26
CA GLY D 203 10.35 -34.11 -0.05
C GLY D 203 9.62 -33.20 0.91
N LYS D 204 9.56 -33.60 2.18
CA LYS D 204 8.87 -32.81 3.18
C LYS D 204 9.71 -32.73 4.46
N HIS D 205 11.01 -32.47 4.31
CA HIS D 205 11.89 -32.24 5.45
C HIS D 205 12.77 -31.04 5.26
N VAL D 206 12.33 -30.05 4.49
CA VAL D 206 13.00 -28.78 4.33
C VAL D 206 12.84 -27.95 5.58
N LYS D 207 13.55 -26.82 5.62
CA LYS D 207 13.25 -25.77 6.59
C LYS D 207 11.79 -25.35 6.52
N GLY D 208 11.08 -25.52 7.62
CA GLY D 208 9.68 -25.19 7.71
C GLY D 208 8.82 -26.21 8.42
N TYR D 209 9.30 -27.43 8.63
CA TYR D 209 8.52 -28.47 9.29
C TYR D 209 9.14 -28.79 10.64
N HIS D 210 8.41 -29.57 11.43
CA HIS D 210 8.91 -29.99 12.72
C HIS D 210 8.38 -31.38 13.04
N TYR D 211 9.24 -32.18 13.64
CA TYR D 211 8.94 -33.58 13.89
C TYR D 211 9.33 -33.93 15.31
N ILE D 212 8.57 -34.82 15.93
CA ILE D 212 8.83 -35.30 17.28
C ILE D 212 8.59 -36.80 17.29
N ILE D 213 9.63 -37.57 17.57
CA ILE D 213 9.53 -39.02 17.61
C ILE D 213 9.39 -39.42 19.07
N ALA D 214 8.15 -39.60 19.52
CA ALA D 214 7.87 -39.72 20.95
C ALA D 214 8.01 -41.17 21.39
N ASN D 215 9.27 -41.54 21.66
CA ASN D 215 9.59 -42.79 22.31
C ASN D 215 10.94 -42.63 22.97
N LEU D 216 11.34 -43.65 23.74
CA LEU D 216 12.50 -43.50 24.59
C LEU D 216 13.81 -43.62 23.82
N GLY D 217 13.79 -44.07 22.58
CA GLY D 217 15.00 -44.02 21.78
C GLY D 217 14.96 -43.01 20.67
N PHE D 218 15.60 -41.85 20.86
CA PHE D 218 15.62 -40.87 19.80
C PHE D 218 16.75 -41.11 18.81
N THR D 219 17.95 -41.36 19.32
CA THR D 219 19.07 -41.75 18.49
C THR D 219 19.13 -43.25 18.24
N ASP D 220 18.09 -43.97 18.66
CA ASP D 220 18.04 -45.41 18.48
C ASP D 220 17.93 -45.79 17.01
N GLY D 221 16.91 -45.28 16.33
CA GLY D 221 16.77 -45.48 14.90
C GLY D 221 17.73 -44.59 14.12
N ASP D 222 17.68 -44.75 12.81
CA ASP D 222 18.52 -43.95 11.93
C ASP D 222 18.01 -42.52 11.91
N LEU D 223 18.94 -41.58 11.92
CA LEU D 223 18.60 -40.17 12.01
C LEU D 223 19.43 -39.33 11.04
N LEU D 224 20.50 -39.89 10.48
CA LEU D 224 21.43 -39.12 9.65
C LEU D 224 20.79 -38.63 8.37
N LYS D 225 19.83 -39.38 7.84
CA LYS D 225 19.26 -39.05 6.54
C LYS D 225 18.33 -37.84 6.60
N ILE D 226 17.87 -37.45 7.80
CA ILE D 226 17.17 -36.18 7.94
C ILE D 226 17.94 -35.18 8.77
N GLN D 227 19.25 -35.35 8.91
CA GLN D 227 20.04 -34.38 9.63
C GLN D 227 20.16 -33.08 8.85
N PHE D 228 20.23 -33.16 7.53
CA PHE D 228 20.67 -32.04 6.73
C PHE D 228 19.55 -31.43 5.89
N GLY D 229 18.30 -31.74 6.20
CA GLY D 229 17.20 -31.15 5.46
C GLY D 229 16.95 -29.70 5.82
N GLY D 230 16.57 -29.46 7.08
CA GLY D 230 16.23 -28.13 7.52
C GLY D 230 15.07 -28.18 8.50
N ALA D 231 14.42 -29.32 8.58
CA ALA D 231 13.29 -29.51 9.47
C ALA D 231 13.79 -29.80 10.89
N GLU D 232 13.30 -29.02 11.84
CA GLU D 232 13.73 -29.16 13.23
C GLU D 232 13.14 -30.42 13.84
N VAL D 233 13.99 -31.32 14.28
CA VAL D 233 13.56 -32.60 14.83
C VAL D 233 13.96 -32.66 16.30
N SER D 234 13.00 -32.98 17.16
CA SER D 234 13.27 -33.21 18.57
C SER D 234 12.98 -34.65 18.92
N GLY D 235 13.19 -35.00 20.17
CA GLY D 235 12.93 -36.37 20.59
C GLY D 235 13.29 -36.59 22.04
N PHE D 236 13.08 -37.82 22.49
CA PHE D 236 13.21 -38.19 23.89
C PHE D 236 14.20 -39.34 24.02
N GLN D 237 15.08 -39.25 25.01
CA GLN D 237 15.93 -40.37 25.39
C GLN D 237 16.25 -40.24 26.87
N ILE D 238 16.34 -41.37 27.55
CA ILE D 238 16.78 -41.39 28.94
C ILE D 238 18.25 -41.73 29.09
N VAL D 239 18.82 -42.55 28.21
CA VAL D 239 20.16 -43.08 28.41
C VAL D 239 21.17 -42.09 27.84
N ASP D 240 21.67 -41.20 28.69
CA ASP D 240 22.72 -40.27 28.27
C ASP D 240 24.07 -40.97 28.33
N TYR D 241 24.83 -40.81 27.26
CA TYR D 241 26.13 -41.48 27.17
C TYR D 241 27.23 -40.74 27.92
N ASP D 242 26.97 -39.51 28.38
CA ASP D 242 27.98 -38.73 29.06
C ASP D 242 28.26 -39.23 30.47
N ASP D 243 27.39 -40.07 31.02
CA ASP D 243 27.64 -40.67 32.32
C ASP D 243 28.75 -41.71 32.22
N SER D 244 29.61 -41.73 33.25
CA SER D 244 30.78 -42.60 33.23
C SER D 244 30.40 -44.07 33.35
N LEU D 245 29.41 -44.40 34.18
CA LEU D 245 28.94 -45.77 34.28
C LEU D 245 28.30 -46.23 32.99
N VAL D 246 27.63 -45.30 32.28
CA VAL D 246 27.21 -45.58 30.92
C VAL D 246 28.42 -45.73 30.00
N SER D 247 29.39 -44.83 30.15
CA SER D 247 30.59 -44.86 29.33
C SER D 247 31.42 -46.10 29.64
N LYS D 248 31.42 -46.54 30.90
CA LYS D 248 31.99 -47.83 31.25
C LYS D 248 31.26 -48.96 30.54
N PHE D 249 29.92 -48.86 30.50
CA PHE D 249 29.13 -49.91 29.88
C PHE D 249 29.35 -49.96 28.37
N ILE D 250 29.35 -48.79 27.72
CA ILE D 250 29.58 -48.70 26.27
C ILE D 250 30.96 -49.21 25.90
N GLU D 251 31.96 -48.89 26.72
CA GLU D 251 33.29 -49.46 26.54
C GLU D 251 33.28 -50.97 26.71
N ARG D 252 32.48 -51.48 27.65
CA ARG D 252 32.34 -52.93 27.78
C ARG D 252 31.47 -53.51 26.68
N TRP D 253 30.44 -52.78 26.26
CA TRP D 253 29.48 -53.30 25.29
C TRP D 253 30.10 -53.41 23.90
N SER D 254 30.99 -52.48 23.56
CA SER D 254 31.47 -52.36 22.18
C SER D 254 32.40 -53.50 21.79
N THR D 255 33.16 -54.03 22.74
CA THR D 255 34.22 -54.96 22.42
C THR D 255 33.77 -56.41 22.31
N LEU D 256 32.47 -56.67 22.24
CA LEU D 256 32.01 -58.04 22.45
C LEU D 256 31.89 -58.80 21.13
N GLU D 257 31.56 -60.07 21.26
CA GLU D 257 31.52 -60.99 20.13
C GLU D 257 30.16 -60.95 19.44
N GLU D 258 30.16 -61.03 18.11
CA GLU D 258 28.92 -61.04 17.35
C GLU D 258 28.17 -62.36 17.51
N LYS D 259 28.84 -63.49 17.28
CA LYS D 259 28.13 -64.75 17.26
C LYS D 259 27.80 -65.23 18.66
N GLU D 260 28.51 -64.73 19.66
CA GLU D 260 28.14 -65.06 21.04
C GLU D 260 27.07 -64.10 21.55
N TYR D 261 27.20 -62.82 21.25
CA TYR D 261 26.26 -61.79 21.68
C TYR D 261 25.77 -61.02 20.47
N PRO D 262 24.70 -61.48 19.81
CA PRO D 262 24.20 -60.82 18.59
C PRO D 262 23.69 -59.41 18.83
N GLY D 263 24.31 -58.45 18.15
CA GLY D 263 23.99 -57.05 18.32
C GLY D 263 24.73 -56.35 19.44
N ALA D 264 25.84 -56.91 19.91
CA ALA D 264 26.56 -56.26 21.00
C ALA D 264 27.67 -55.35 20.49
N HIS D 265 28.41 -55.79 19.48
CA HIS D 265 29.58 -55.04 18.99
C HIS D 265 29.09 -53.83 18.19
N THR D 266 28.61 -52.83 18.93
CA THR D 266 28.07 -51.60 18.37
C THR D 266 28.65 -50.42 19.14
N ALA D 267 28.11 -49.24 18.87
CA ALA D 267 28.40 -48.07 19.68
C ALA D 267 27.23 -47.68 20.58
N THR D 268 26.00 -47.93 20.14
CA THR D 268 24.81 -47.55 20.88
C THR D 268 23.97 -48.79 21.17
N ILE D 269 23.12 -48.66 22.18
CA ILE D 269 22.22 -49.73 22.59
C ILE D 269 20.82 -49.16 22.70
N LYS D 270 19.83 -49.96 22.31
CA LYS D 270 18.43 -49.52 22.34
C LYS D 270 17.90 -49.60 23.76
N TYR D 271 16.92 -48.74 24.06
CA TYR D 271 16.40 -48.60 25.42
C TYR D 271 15.72 -49.85 25.92
N THR D 272 15.15 -50.65 25.01
CA THR D 272 14.54 -51.91 25.40
C THR D 272 15.60 -52.88 25.92
N SER D 273 16.79 -52.88 25.30
CA SER D 273 17.88 -53.66 25.84
C SER D 273 18.47 -53.00 27.07
N ALA D 274 18.35 -51.67 27.18
CA ALA D 274 18.97 -50.95 28.29
C ALA D 274 18.28 -51.23 29.60
N LEU D 275 16.95 -51.36 29.58
CA LEU D 275 16.24 -51.74 30.78
C LEU D 275 16.39 -53.22 31.09
N THR D 276 16.66 -54.03 30.07
CA THR D 276 16.86 -55.47 30.28
C THR D 276 18.11 -55.72 31.10
N TYR D 277 19.17 -54.97 30.83
CA TYR D 277 20.34 -54.99 31.70
C TYR D 277 20.01 -54.42 33.07
N ASP D 278 19.24 -53.34 33.13
CA ASP D 278 18.95 -52.69 34.41
C ASP D 278 17.99 -53.50 35.26
N ALA D 279 17.24 -54.43 34.65
CA ALA D 279 16.30 -55.22 35.42
C ALA D 279 16.99 -56.29 36.25
N VAL D 280 18.11 -56.82 35.76
CA VAL D 280 18.80 -57.91 36.44
C VAL D 280 19.45 -57.41 37.72
N GLN D 281 19.87 -56.14 37.74
CA GLN D 281 20.31 -55.50 38.97
C GLN D 281 19.19 -55.40 39.99
N VAL D 282 17.96 -55.20 39.52
CA VAL D 282 16.83 -55.06 40.43
C VAL D 282 16.41 -56.42 40.99
N MET D 283 16.44 -57.46 40.14
CA MET D 283 16.15 -58.82 40.59
C MET D 283 17.17 -59.28 41.63
N THR D 284 18.44 -58.98 41.40
CA THR D 284 19.49 -59.40 42.32
C THR D 284 19.46 -58.56 43.59
N GLU D 285 18.96 -57.33 43.50
CA GLU D 285 18.77 -56.49 44.69
C GLU D 285 17.75 -57.10 45.65
N ALA D 286 16.75 -57.80 45.11
CA ALA D 286 15.69 -58.37 45.94
C ALA D 286 16.22 -59.48 46.84
N PHE D 287 16.82 -60.50 46.26
CA PHE D 287 17.22 -61.67 47.04
C PHE D 287 18.46 -61.37 47.88
N ARG D 288 19.19 -60.30 47.57
CA ARG D 288 20.21 -59.82 48.47
C ARG D 288 19.57 -59.12 49.67
N ASN D 289 18.54 -58.30 49.43
CA ASN D 289 17.85 -57.65 50.53
C ASN D 289 16.94 -58.63 51.26
N LEU D 290 16.51 -59.70 50.59
CA LEU D 290 15.70 -60.74 51.22
C LEU D 290 16.47 -61.47 52.32
N ARG D 291 17.70 -61.87 52.04
CA ARG D 291 18.48 -62.63 53.00
C ARG D 291 19.10 -61.75 54.07
N LYS D 292 18.95 -60.42 53.94
CA LYS D 292 19.51 -59.51 54.92
C LYS D 292 18.71 -59.47 56.21
N GLN D 293 17.37 -59.45 56.11
CA GLN D 293 16.52 -59.54 57.29
C GLN D 293 16.15 -60.97 57.65
N ARG D 294 16.93 -61.95 57.17
CA ARG D 294 16.80 -63.38 57.51
C ARG D 294 15.42 -63.93 57.15
N ILE D 295 14.90 -63.54 56.00
CA ILE D 295 13.55 -63.91 55.61
C ILE D 295 13.61 -65.10 54.64
N GLU D 296 13.40 -66.30 55.18
CA GLU D 296 13.39 -67.48 54.33
C GLU D 296 11.98 -67.72 53.80
N ILE D 297 11.85 -67.76 52.49
CA ILE D 297 10.56 -67.93 51.83
C ILE D 297 10.61 -69.17 50.97
N SER D 298 11.47 -70.11 51.35
CA SER D 298 11.80 -71.26 50.52
C SER D 298 10.64 -72.23 50.49
N ARG D 299 9.70 -72.01 49.57
CA ARG D 299 8.60 -72.96 49.34
C ARG D 299 9.07 -74.10 48.43
N ARG D 300 9.81 -75.02 49.05
CA ARG D 300 10.33 -76.19 48.35
C ARG D 300 9.25 -77.20 48.01
N GLY D 301 8.05 -77.04 48.56
CA GLY D 301 6.97 -77.94 48.23
C GLY D 301 6.52 -77.79 46.79
N ASN D 302 5.80 -78.80 46.30
CA ASN D 302 5.40 -78.85 44.89
C ASN D 302 4.38 -77.77 44.59
N ALA D 303 4.68 -76.97 43.56
CA ALA D 303 3.78 -75.89 43.16
C ALA D 303 2.49 -76.44 42.56
N GLY D 304 2.58 -77.55 41.84
CA GLY D 304 1.42 -78.07 41.14
C GLY D 304 1.12 -77.27 39.90
N ASP D 305 0.00 -77.63 39.25
CA ASP D 305 -0.42 -76.94 38.04
C ASP D 305 -1.05 -75.59 38.39
N CYS D 306 -1.40 -74.84 37.35
CA CYS D 306 -2.02 -73.53 37.51
C CYS D 306 -3.53 -73.60 37.58
N LEU D 307 -4.13 -74.66 37.03
CA LEU D 307 -5.58 -74.79 36.99
C LEU D 307 -6.05 -75.48 38.27
N ALA D 308 -6.05 -74.72 39.35
CA ALA D 308 -6.53 -75.18 40.65
C ALA D 308 -7.93 -74.65 40.88
N ASN D 309 -8.82 -75.51 41.35
CA ASN D 309 -10.22 -75.14 41.57
C ASN D 309 -10.56 -75.34 43.04
N PRO D 310 -10.58 -74.29 43.87
CA PRO D 310 -10.19 -72.92 43.57
C PRO D 310 -8.69 -72.72 43.60
N ALA D 311 -8.21 -71.67 42.95
CA ALA D 311 -6.78 -71.36 42.98
C ALA D 311 -6.38 -70.82 44.34
N VAL D 312 -5.17 -71.16 44.76
CA VAL D 312 -4.65 -70.77 46.07
C VAL D 312 -3.36 -69.99 45.84
N PRO D 313 -3.16 -68.86 46.53
CA PRO D 313 -1.85 -68.22 46.52
C PRO D 313 -0.90 -68.87 47.51
N TRP D 314 0.28 -68.27 47.64
CA TRP D 314 1.20 -68.56 48.73
C TRP D 314 1.78 -67.24 49.21
N GLY D 315 1.57 -66.95 50.50
CA GLY D 315 1.71 -65.63 51.07
C GLY D 315 3.13 -65.12 51.19
N GLN D 316 4.13 -65.96 50.92
CA GLN D 316 5.50 -65.47 50.88
C GLN D 316 5.76 -64.64 49.62
N GLY D 317 4.90 -64.75 48.60
CA GLY D 317 5.02 -63.89 47.45
C GLY D 317 4.64 -62.44 47.73
N VAL D 318 3.86 -62.21 48.78
CA VAL D 318 3.53 -60.86 49.19
C VAL D 318 4.79 -60.16 49.70
N GLU D 319 5.67 -60.91 50.36
CA GLU D 319 6.94 -60.36 50.80
C GLU D 319 7.88 -60.12 49.63
N ILE D 320 7.72 -60.87 48.53
CA ILE D 320 8.54 -60.67 47.35
C ILE D 320 8.26 -59.31 46.73
N GLU D 321 6.98 -59.01 46.46
CA GLU D 321 6.63 -57.69 45.96
C GLU D 321 6.81 -56.61 47.01
N ARG D 322 6.80 -56.98 48.29
CA ARG D 322 7.24 -56.04 49.31
C ARG D 322 8.72 -55.73 49.15
N ALA D 323 9.51 -56.73 48.76
CA ALA D 323 10.93 -56.51 48.54
C ALA D 323 11.21 -55.83 47.21
N LEU D 324 10.44 -56.18 46.17
CA LEU D 324 10.73 -55.66 44.83
C LEU D 324 10.38 -54.17 44.72
N LYS D 325 9.28 -53.76 45.32
CA LYS D 325 8.88 -52.35 45.24
C LYS D 325 9.75 -51.47 46.12
N GLN D 326 10.38 -52.05 47.13
CA GLN D 326 11.30 -51.31 48.00
C GLN D 326 12.74 -51.47 47.52
N VAL D 327 12.95 -51.15 46.24
CA VAL D 327 14.26 -51.22 45.61
C VAL D 327 14.61 -49.84 45.09
N GLN D 328 15.73 -49.29 45.55
CA GLN D 328 16.28 -48.06 45.00
C GLN D 328 17.76 -48.28 44.75
N VAL D 329 18.11 -48.62 43.51
CA VAL D 329 19.48 -48.74 43.07
C VAL D 329 19.69 -47.83 41.87
N GLU D 330 20.87 -47.90 41.28
CA GLU D 330 21.23 -47.04 40.16
C GLU D 330 21.63 -47.90 38.97
N GLY D 331 21.14 -47.54 37.80
CA GLY D 331 21.42 -48.28 36.60
C GLY D 331 21.74 -47.37 35.43
N LEU D 332 21.51 -47.86 34.21
CA LEU D 332 21.83 -47.08 33.02
C LEU D 332 20.88 -45.90 32.86
N SER D 333 19.62 -46.08 33.25
CA SER D 333 18.67 -44.98 33.16
C SER D 333 18.88 -43.96 34.27
N GLY D 334 19.24 -44.42 35.46
CA GLY D 334 19.45 -43.50 36.57
C GLY D 334 18.74 -43.89 37.86
N ASN D 335 18.01 -42.94 38.44
CA ASN D 335 17.41 -43.16 39.74
C ASN D 335 16.16 -44.02 39.62
N ILE D 336 16.25 -45.26 40.06
CA ILE D 336 15.15 -46.20 40.03
C ILE D 336 14.41 -46.09 41.36
N LYS D 337 13.20 -45.53 41.32
CA LYS D 337 12.36 -45.40 42.50
C LYS D 337 10.93 -45.75 42.12
N PHE D 338 10.25 -46.48 43.00
CA PHE D 338 8.98 -47.10 42.66
C PHE D 338 7.83 -46.53 43.49
N ASP D 339 6.63 -46.98 43.13
CA ASP D 339 5.40 -46.67 43.85
C ASP D 339 4.95 -47.92 44.59
N GLN D 340 3.86 -47.79 45.35
CA GLN D 340 3.23 -48.98 45.93
C GLN D 340 2.57 -49.82 44.85
N ASN D 341 2.22 -49.21 43.72
CA ASN D 341 1.54 -49.93 42.65
C ASN D 341 2.51 -50.74 41.80
N GLY D 342 3.72 -50.24 41.60
CA GLY D 342 4.68 -50.86 40.72
C GLY D 342 5.24 -49.95 39.65
N LYS D 343 4.77 -48.70 39.58
CA LYS D 343 5.22 -47.72 38.61
C LYS D 343 6.61 -47.19 38.97
N ARG D 344 7.04 -46.16 38.25
CA ARG D 344 8.32 -45.53 38.51
C ARG D 344 8.13 -44.05 38.81
N ILE D 345 8.69 -43.62 39.93
CA ILE D 345 8.72 -42.22 40.31
C ILE D 345 10.17 -41.80 40.42
N ASN D 346 10.37 -40.47 40.44
CA ASN D 346 11.68 -39.81 40.55
C ASN D 346 12.64 -40.30 39.46
N TYR D 347 12.24 -40.04 38.21
CA TYR D 347 13.10 -40.31 37.07
C TYR D 347 13.30 -39.03 36.27
N THR D 348 14.27 -39.09 35.36
CA THR D 348 14.65 -37.98 34.52
C THR D 348 14.79 -38.43 33.08
N ILE D 349 14.22 -37.64 32.16
CA ILE D 349 14.28 -37.91 30.73
C ILE D 349 15.02 -36.76 30.08
N ASN D 350 15.96 -37.06 29.19
CA ASN D 350 16.76 -36.04 28.55
C ASN D 350 16.09 -35.62 27.25
N ILE D 351 15.64 -34.37 27.19
CA ILE D 351 15.03 -33.81 25.99
C ILE D 351 16.14 -33.54 24.98
N MET D 352 16.11 -34.25 23.86
CA MET D 352 17.15 -34.13 22.86
C MET D 352 16.60 -33.51 21.59
N GLU D 353 17.41 -32.66 20.97
CA GLU D 353 17.03 -31.92 19.78
C GLU D 353 18.13 -32.04 18.75
N LEU D 354 17.75 -32.08 17.48
CA LEU D 354 18.67 -32.41 16.39
C LEU D 354 19.14 -31.16 15.68
N LYS D 355 20.46 -31.01 15.58
CA LYS D 355 21.09 -29.93 14.84
C LYS D 355 22.00 -30.52 13.77
N THR D 356 22.67 -29.62 13.02
CA THR D 356 23.52 -30.06 11.91
C THR D 356 24.73 -30.83 12.40
N ASN D 357 25.19 -30.57 13.62
CA ASN D 357 26.28 -31.35 14.19
C ASN D 357 25.81 -32.74 14.57
N GLY D 358 24.53 -32.89 14.91
CA GLY D 358 23.99 -34.15 15.33
C GLY D 358 23.06 -34.00 16.51
N PRO D 359 22.87 -35.07 17.28
CA PRO D 359 22.00 -34.99 18.45
C PRO D 359 22.63 -34.16 19.56
N ARG D 360 21.77 -33.43 20.28
CA ARG D 360 22.20 -32.60 21.39
C ARG D 360 21.38 -32.86 22.64
N LYS D 361 21.55 -32.01 23.66
CA LYS D 361 20.71 -32.06 24.84
C LYS D 361 20.35 -30.64 25.21
N ILE D 362 19.06 -30.37 25.41
CA ILE D 362 18.62 -29.04 25.79
C ILE D 362 17.93 -29.02 27.14
N GLY D 363 18.00 -30.10 27.90
CA GLY D 363 17.50 -30.09 29.26
C GLY D 363 16.94 -31.44 29.66
N TYR D 364 16.29 -31.44 30.84
CA TYR D 364 15.75 -32.66 31.43
C TYR D 364 14.38 -32.36 32.03
N TRP D 365 13.74 -33.42 32.53
CA TRP D 365 12.37 -33.38 33.01
C TRP D 365 12.24 -34.20 34.29
N SER D 366 11.30 -33.83 35.15
CA SER D 366 11.05 -34.58 36.37
C SER D 366 9.56 -34.61 36.66
N GLU D 367 9.20 -35.31 37.74
CA GLU D 367 7.84 -35.22 38.25
C GLU D 367 7.66 -33.94 39.05
N VAL D 368 8.62 -33.65 39.93
CA VAL D 368 8.49 -32.56 40.90
C VAL D 368 8.51 -31.22 40.19
N ASP D 369 9.43 -31.06 39.25
CA ASP D 369 9.48 -29.89 38.40
C ASP D 369 9.30 -30.36 36.96
N LYS D 370 8.76 -29.48 36.12
CA LYS D 370 8.47 -29.79 34.73
C LYS D 370 9.72 -29.75 33.87
N MET D 371 9.55 -29.56 32.57
CA MET D 371 10.65 -29.47 31.60
C MET D 371 11.62 -28.38 32.01
N VAL D 372 12.82 -28.77 32.43
CA VAL D 372 13.84 -27.83 32.87
C VAL D 372 14.82 -27.66 31.71
N LEU D 373 14.85 -26.45 31.14
CA LEU D 373 15.53 -26.18 29.87
C LEU D 373 17.00 -25.83 30.07
N THR D 374 17.71 -26.68 30.80
CA THR D 374 19.14 -26.53 31.04
C THR D 374 19.90 -26.83 29.76
N GLU D 375 20.45 -25.78 29.14
CA GLU D 375 21.31 -25.96 27.98
C GLU D 375 22.64 -26.62 28.33
N ASP D 376 23.03 -26.56 29.62
CA ASP D 376 24.22 -27.22 30.18
C ASP D 376 25.52 -26.82 29.50
N THR D 385 21.34 -9.72 23.62
CA THR D 385 21.55 -8.99 24.86
C THR D 385 22.19 -7.64 24.59
N VAL D 386 21.36 -6.60 24.49
CA VAL D 386 21.89 -5.24 24.50
C VAL D 386 21.23 -4.42 25.62
N VAL D 387 21.95 -3.40 26.05
CA VAL D 387 21.46 -2.45 27.05
C VAL D 387 21.31 -1.12 26.34
N VAL D 388 20.07 -0.73 26.08
CA VAL D 388 19.77 0.45 25.27
C VAL D 388 19.80 1.69 26.12
N THR D 389 20.64 2.65 25.74
CA THR D 389 20.61 3.98 26.31
C THR D 389 19.99 4.96 25.31
N THR D 390 19.19 5.88 25.84
CA THR D 390 18.49 6.92 25.08
C THR D 390 17.97 7.99 26.03
N ILE D 391 17.21 8.94 25.50
CA ILE D 391 16.60 9.99 26.31
C ILE D 391 15.13 10.09 25.92
N LEU D 392 14.29 10.47 26.88
CA LEU D 392 12.86 10.56 26.65
C LEU D 392 12.52 11.89 25.99
N GLU D 393 12.23 11.85 24.69
CA GLU D 393 11.81 13.02 23.94
C GLU D 393 10.68 12.62 23.02
N SER D 394 9.73 13.51 22.82
CA SER D 394 8.65 13.25 21.88
C SER D 394 9.07 13.69 20.48
N PRO D 395 8.64 12.99 19.42
CA PRO D 395 7.85 11.75 19.37
C PRO D 395 8.73 10.50 19.45
N TYR D 396 9.96 10.67 19.92
CA TYR D 396 10.92 9.58 19.90
C TYR D 396 10.64 8.58 21.01
N VAL D 397 10.76 9.03 22.26
CA VAL D 397 10.61 8.19 23.44
C VAL D 397 9.71 8.93 24.41
N MET D 398 8.54 8.36 24.72
CA MET D 398 7.49 9.09 25.41
C MET D 398 6.94 8.29 26.58
N MET D 399 6.90 8.91 27.76
CA MET D 399 6.15 8.35 28.88
C MET D 399 4.66 8.40 28.59
N LYS D 400 3.94 7.38 29.05
CA LYS D 400 2.49 7.36 28.94
C LYS D 400 1.86 7.75 30.28
N LYS D 401 0.54 7.61 30.39
CA LYS D 401 -0.15 7.94 31.63
C LYS D 401 0.09 6.87 32.68
N ASN D 402 -0.31 5.63 32.38
CA ASN D 402 -0.15 4.52 33.31
C ASN D 402 1.23 3.86 33.16
N HIS D 403 2.27 4.69 33.23
CA HIS D 403 3.63 4.16 33.26
C HIS D 403 3.94 3.47 34.58
N GLU D 404 3.31 3.92 35.66
CA GLU D 404 3.54 3.30 36.97
C GLU D 404 2.65 2.09 37.17
N MET D 405 1.50 2.04 36.51
CA MET D 405 0.61 0.90 36.61
C MET D 405 1.18 -0.30 35.86
N LEU D 406 1.47 -0.14 34.57
CA LEU D 406 2.10 -1.17 33.77
C LEU D 406 3.47 -0.68 33.32
N GLU D 407 4.50 -1.48 33.55
CA GLU D 407 5.83 -1.12 33.10
C GLU D 407 6.33 -2.02 31.97
N GLY D 408 6.48 -3.32 32.22
CA GLY D 408 6.96 -4.31 31.26
C GLY D 408 8.20 -3.92 30.47
N ASN D 409 7.98 -3.71 29.17
CA ASN D 409 8.87 -2.93 28.33
C ASN D 409 8.16 -1.71 27.75
N GLU D 410 6.95 -1.42 28.22
CA GLU D 410 6.10 -0.35 27.70
C GLU D 410 5.98 0.80 28.71
N ARG D 411 7.10 1.14 29.36
CA ARG D 411 7.15 2.42 30.05
C ARG D 411 7.26 3.58 29.07
N TYR D 412 7.80 3.31 27.89
CA TYR D 412 8.12 4.34 26.91
C TYR D 412 7.63 3.88 25.54
N GLU D 413 7.16 4.83 24.74
CA GLU D 413 6.69 4.54 23.38
C GLU D 413 7.09 5.68 22.45
N GLY D 414 6.93 5.43 21.16
CA GLY D 414 7.22 6.44 20.16
C GLY D 414 7.88 5.82 18.95
N TYR D 415 8.40 6.71 18.09
CA TYR D 415 9.13 6.27 16.90
C TYR D 415 10.43 5.58 17.28
N CYS D 416 11.21 6.22 18.17
CA CYS D 416 12.51 5.69 18.55
C CYS D 416 12.40 4.40 19.36
N VAL D 417 11.29 4.24 20.11
CA VAL D 417 11.10 3.02 20.90
C VAL D 417 10.84 1.84 19.97
N ASP D 418 9.97 2.01 18.99
CA ASP D 418 9.65 0.91 18.09
C ASP D 418 10.66 0.79 16.95
N LEU D 419 11.57 1.76 16.83
CA LEU D 419 12.73 1.55 15.97
C LEU D 419 13.80 0.74 16.69
N ALA D 420 13.92 0.90 18.01
CA ALA D 420 14.84 0.10 18.79
C ALA D 420 14.45 -1.37 18.83
N ALA D 421 13.16 -1.67 18.69
CA ALA D 421 12.72 -3.05 18.55
C ALA D 421 13.05 -3.59 17.17
N GLU D 422 13.05 -2.72 16.15
CA GLU D 422 13.49 -3.13 14.82
C GLU D 422 14.98 -3.43 14.81
N ILE D 423 15.78 -2.57 15.44
CA ILE D 423 17.22 -2.73 15.38
C ILE D 423 17.70 -3.83 16.32
N ALA D 424 16.86 -4.27 17.27
CA ALA D 424 17.19 -5.44 18.08
C ALA D 424 16.75 -6.72 17.42
N LYS D 425 15.71 -6.67 16.59
CA LYS D 425 15.27 -7.85 15.86
C LYS D 425 16.27 -8.23 14.79
N HIS D 426 16.70 -7.27 13.98
CA HIS D 426 17.64 -7.53 12.89
C HIS D 426 19.02 -7.91 13.42
N CYS D 427 19.43 -7.32 14.55
CA CYS D 427 20.69 -7.72 15.15
C CYS D 427 20.54 -8.98 15.99
N GLY D 428 19.32 -9.35 16.35
CA GLY D 428 19.04 -10.54 17.12
C GLY D 428 19.15 -10.38 18.61
N PHE D 429 19.73 -9.28 19.08
CA PHE D 429 19.93 -9.07 20.51
C PHE D 429 18.63 -8.66 21.17
N LYS D 430 18.61 -8.76 22.49
CA LYS D 430 17.47 -8.33 23.29
C LYS D 430 17.82 -7.06 24.04
N TYR D 431 16.86 -6.16 24.10
CA TYR D 431 17.05 -4.78 24.52
C TYR D 431 16.70 -4.59 25.99
N LYS D 432 17.25 -3.52 26.55
CA LYS D 432 16.84 -3.01 27.86
C LYS D 432 16.99 -1.49 27.83
N LEU D 433 15.88 -0.78 27.76
CA LEU D 433 15.93 0.68 27.75
C LEU D 433 16.34 1.22 29.10
N THR D 434 17.59 1.65 29.21
CA THR D 434 18.12 2.28 30.42
C THR D 434 18.34 3.75 30.09
N ILE D 435 17.30 4.55 30.25
CA ILE D 435 17.39 5.99 30.00
C ILE D 435 18.20 6.63 31.12
N VAL D 436 19.07 7.57 30.74
CA VAL D 436 20.07 8.12 31.66
C VAL D 436 19.40 8.91 32.77
N GLY D 437 20.06 8.94 33.93
CA GLY D 437 19.45 9.57 35.09
C GLY D 437 19.45 11.08 35.02
N ASP D 438 20.57 11.67 34.56
CA ASP D 438 20.66 13.12 34.46
C ASP D 438 19.73 13.69 33.39
N GLY D 439 19.43 12.89 32.36
CA GLY D 439 18.49 13.28 31.33
C GLY D 439 19.01 14.39 30.45
N LYS D 440 20.17 14.16 29.83
CA LYS D 440 20.81 15.17 29.00
C LYS D 440 21.33 14.51 27.73
N TYR D 441 21.48 15.34 26.69
CA TYR D 441 22.24 14.92 25.51
C TYR D 441 23.71 14.75 25.85
N GLY D 442 24.33 15.81 26.34
CA GLY D 442 25.64 15.74 26.93
C GLY D 442 26.78 15.76 25.93
N ALA D 443 27.92 16.24 26.39
CA ALA D 443 29.16 16.26 25.64
C ALA D 443 30.31 16.30 26.64
N ARG D 444 31.53 16.38 26.12
CA ARG D 444 32.68 16.59 26.98
C ARG D 444 32.72 18.05 27.41
N ASP D 445 33.02 18.27 28.69
CA ASP D 445 32.89 19.59 29.28
C ASP D 445 34.07 20.46 28.92
N ALA D 446 33.86 21.77 28.94
CA ALA D 446 34.93 22.72 28.62
C ALA D 446 35.95 22.75 29.74
N ASP D 447 37.22 22.51 29.37
CA ASP D 447 38.41 22.41 30.23
C ASP D 447 38.33 21.24 31.20
N THR D 448 37.36 20.34 31.04
CA THR D 448 37.18 19.22 31.95
C THR D 448 37.08 17.88 31.22
N LYS D 449 36.56 17.85 30.00
CA LYS D 449 36.64 16.71 29.06
C LYS D 449 35.92 15.49 29.61
N ILE D 450 34.71 15.70 30.11
CA ILE D 450 33.91 14.65 30.74
C ILE D 450 32.59 14.56 30.01
N TRP D 451 32.33 13.42 29.39
CA TRP D 451 31.10 13.20 28.63
C TRP D 451 29.92 13.05 29.59
N ASN D 452 28.94 13.93 29.46
CA ASN D 452 27.97 14.16 30.55
C ASN D 452 26.72 13.29 30.44
N GLY D 453 25.92 13.48 29.39
CA GLY D 453 24.52 13.06 29.46
C GLY D 453 24.15 11.68 28.99
N MET D 454 24.43 11.35 27.73
CA MET D 454 24.26 10.00 27.22
C MET D 454 25.54 9.42 26.65
N VAL D 455 26.42 10.29 26.15
CA VAL D 455 27.77 9.93 25.78
C VAL D 455 28.58 9.42 26.97
N GLY D 456 28.24 9.85 28.20
CA GLY D 456 28.87 9.27 29.37
C GLY D 456 28.54 7.81 29.57
N GLU D 457 27.37 7.38 29.08
CA GLU D 457 27.09 5.95 29.01
C GLU D 457 27.79 5.30 27.83
N LEU D 458 28.23 6.09 26.85
CA LEU D 458 28.70 5.50 25.60
C LEU D 458 30.23 5.60 25.48
N VAL D 459 30.81 6.70 25.93
CA VAL D 459 32.27 6.81 25.95
C VAL D 459 32.84 5.92 27.04
N TYR D 460 32.31 6.01 28.25
CA TYR D 460 32.82 5.27 29.40
C TYR D 460 32.41 3.80 29.40
N GLY D 461 31.76 3.30 28.35
CA GLY D 461 31.47 1.89 28.23
C GLY D 461 30.31 1.38 29.07
N LYS D 462 29.63 2.26 29.81
CA LYS D 462 28.51 1.84 30.65
C LYS D 462 27.25 1.54 29.85
N ALA D 463 27.26 1.73 28.54
CA ALA D 463 26.24 1.24 27.63
C ALA D 463 26.86 1.04 26.26
N ASP D 464 26.23 0.19 25.44
CA ASP D 464 26.81 -0.22 24.18
C ASP D 464 26.07 0.37 22.98
N ILE D 465 24.77 0.15 22.89
CA ILE D 465 23.98 0.64 21.76
C ILE D 465 23.22 1.89 22.22
N ALA D 466 23.07 2.86 21.31
CA ALA D 466 22.40 4.11 21.63
C ALA D 466 21.49 4.47 20.45
N ILE D 467 20.25 4.01 20.50
CA ILE D 467 19.22 4.44 19.57
C ILE D 467 18.76 5.79 20.13
N ALA D 468 19.35 6.87 19.64
CA ALA D 468 19.19 8.15 20.32
C ALA D 468 19.05 9.29 19.34
N PRO D 469 18.21 10.28 19.63
CA PRO D 469 18.16 11.48 18.79
C PRO D 469 19.30 12.44 19.09
N LEU D 470 20.51 12.08 18.67
CA LEU D 470 21.69 12.88 18.96
C LEU D 470 22.45 13.16 17.67
N THR D 471 22.99 14.36 17.57
CA THR D 471 23.61 14.84 16.35
C THR D 471 24.98 14.21 16.12
N ILE D 472 25.18 13.65 14.94
CA ILE D 472 26.52 13.30 14.47
C ILE D 472 27.29 14.59 14.27
N THR D 473 28.37 14.76 15.03
CA THR D 473 29.25 15.91 14.90
C THR D 473 30.67 15.39 14.78
N LEU D 474 31.58 16.23 14.26
CA LEU D 474 32.98 15.86 14.09
C LEU D 474 33.64 15.52 15.42
N VAL D 475 33.43 16.36 16.44
CA VAL D 475 33.98 16.09 17.75
C VAL D 475 33.26 14.93 18.44
N ARG D 476 32.01 14.65 18.07
CA ARG D 476 31.33 13.48 18.60
C ARG D 476 31.79 12.22 17.87
N GLU D 477 32.12 12.35 16.57
CA GLU D 477 32.74 11.26 15.82
C GLU D 477 34.18 11.02 16.27
N GLU D 478 34.78 11.99 16.96
CA GLU D 478 36.21 11.96 17.25
C GLU D 478 36.57 10.85 18.24
N VAL D 479 35.63 10.48 19.13
CA VAL D 479 35.95 9.48 20.14
C VAL D 479 35.21 8.17 19.90
N ILE D 480 34.04 8.23 19.24
CA ILE D 480 33.16 7.08 19.10
C ILE D 480 32.55 7.08 17.70
N ASP D 481 32.03 5.92 17.32
CA ASP D 481 31.50 5.70 15.98
C ASP D 481 29.99 5.90 15.91
N PHE D 482 29.54 6.49 14.82
CA PHE D 482 28.12 6.67 14.53
C PHE D 482 27.71 5.77 13.38
N SER D 483 26.41 5.56 13.26
CA SER D 483 25.83 4.81 12.18
C SER D 483 25.48 5.74 11.03
N LYS D 484 24.73 5.21 10.05
CA LYS D 484 24.15 6.02 9.01
C LYS D 484 23.08 6.94 9.62
N PRO D 485 22.86 8.13 9.04
CA PRO D 485 21.91 9.08 9.63
C PRO D 485 20.47 8.59 9.53
N PHE D 486 19.70 8.87 10.58
CA PHE D 486 18.30 8.45 10.62
C PHE D 486 17.48 9.21 9.59
N MET D 487 17.73 10.50 9.46
CA MET D 487 16.93 11.39 8.63
C MET D 487 17.74 12.65 8.39
N SER D 488 17.39 13.36 7.32
CA SER D 488 18.06 14.59 6.94
C SER D 488 17.34 15.76 7.59
N LEU D 489 17.85 16.21 8.72
CA LEU D 489 17.27 17.32 9.46
C LEU D 489 18.29 18.45 9.59
N GLY D 490 17.86 19.54 10.20
CA GLY D 490 18.74 20.67 10.38
C GLY D 490 18.16 21.65 11.38
N ILE D 491 18.83 22.78 11.48
CA ILE D 491 18.44 23.81 12.44
C ILE D 491 17.29 24.61 11.88
N SER D 492 16.17 24.63 12.60
CA SER D 492 14.99 25.38 12.22
C SER D 492 14.63 26.39 13.30
N ILE D 493 13.83 27.38 12.92
CA ILE D 493 13.43 28.45 13.82
C ILE D 493 11.97 28.24 14.22
N MET D 494 11.72 28.25 15.52
CA MET D 494 10.36 28.17 16.06
C MET D 494 9.96 29.52 16.61
N ILE D 495 9.02 30.17 15.94
CA ILE D 495 8.45 31.42 16.45
C ILE D 495 7.04 31.10 16.92
N LYS D 496 6.52 31.99 17.77
CA LYS D 496 5.14 31.90 18.18
C LYS D 496 4.25 32.26 17.00
N LYS D 497 3.31 31.37 16.67
CA LYS D 497 2.38 31.64 15.58
C LYS D 497 1.50 32.82 15.94
N PRO D 498 1.49 33.88 15.14
CA PRO D 498 0.83 35.11 15.58
C PRO D 498 -0.68 35.01 15.53
N GLN D 499 -1.31 35.68 16.47
CA GLN D 499 -2.74 35.96 16.41
C GLN D 499 -2.92 37.32 15.74
N LYS D 500 -4.12 37.91 15.87
CA LYS D 500 -4.36 39.21 15.27
C LYS D 500 -3.53 40.30 15.95
N SER D 501 -2.66 40.93 15.18
CA SER D 501 -1.82 41.99 15.71
C SER D 501 -2.66 43.22 16.04
N LYS D 502 -2.16 44.03 16.96
CA LYS D 502 -2.90 45.20 17.41
C LYS D 502 -2.79 46.31 16.38
N PRO D 503 -3.90 46.85 15.89
CA PRO D 503 -3.83 48.01 15.00
C PRO D 503 -3.43 49.27 15.75
N GLY D 504 -2.76 50.16 15.03
CA GLY D 504 -2.36 51.43 15.58
C GLY D 504 -3.52 52.40 15.66
N VAL D 505 -3.22 53.60 16.17
CA VAL D 505 -4.25 54.61 16.28
C VAL D 505 -4.54 55.23 14.92
N PHE D 506 -3.61 55.14 13.99
CA PHE D 506 -3.83 55.66 12.65
C PHE D 506 -4.09 54.55 11.65
N SER D 507 -4.72 53.47 12.11
CA SER D 507 -5.03 52.32 11.27
C SER D 507 -6.30 52.49 10.47
N PHE D 508 -7.04 53.59 10.62
CA PHE D 508 -8.29 53.73 9.89
C PHE D 508 -8.05 54.04 8.42
N LEU D 509 -6.96 54.76 8.12
CA LEU D 509 -6.58 55.09 6.75
C LEU D 509 -5.73 54.02 6.09
N ASP D 510 -5.83 52.79 6.58
CA ASP D 510 -5.07 51.67 6.04
C ASP D 510 -5.34 51.34 4.56
N PRO D 511 -6.58 51.27 4.04
CA PRO D 511 -6.73 50.79 2.65
C PRO D 511 -6.31 51.76 1.57
N LEU D 512 -5.68 52.89 1.88
CA LEU D 512 -5.09 53.75 0.87
C LEU D 512 -3.65 54.07 1.25
N ALA D 513 -2.80 54.20 0.24
CA ALA D 513 -1.40 54.56 0.46
C ALA D 513 -1.29 56.03 0.88
N TYR D 514 -0.12 56.37 1.42
CA TYR D 514 0.10 57.74 1.88
C TYR D 514 0.15 58.72 0.71
N GLU D 515 0.54 58.23 -0.47
CA GLU D 515 0.61 59.11 -1.63
C GLU D 515 -0.78 59.51 -2.10
N ILE D 516 -1.77 58.63 -1.95
CA ILE D 516 -3.10 58.93 -2.44
C ILE D 516 -3.78 59.97 -1.55
N TRP D 517 -3.67 59.79 -0.22
CA TRP D 517 -4.14 60.80 0.73
C TRP D 517 -3.44 62.13 0.51
N MET D 518 -2.16 62.09 0.14
CA MET D 518 -1.43 63.31 -0.16
C MET D 518 -1.94 63.94 -1.45
N CYS D 519 -2.19 63.13 -2.48
CA CYS D 519 -2.67 63.67 -3.75
C CYS D 519 -4.12 64.13 -3.66
N ILE D 520 -4.86 63.63 -2.67
CA ILE D 520 -6.20 64.17 -2.42
C ILE D 520 -6.12 65.62 -1.95
N VAL D 521 -5.19 65.90 -1.04
CA VAL D 521 -5.10 67.23 -0.44
C VAL D 521 -4.64 68.26 -1.46
N PHE D 522 -3.64 67.89 -2.27
CA PHE D 522 -3.19 68.80 -3.32
C PHE D 522 -4.22 68.92 -4.43
N ALA D 523 -5.08 67.92 -4.61
CA ALA D 523 -6.23 68.12 -5.48
C ALA D 523 -7.26 69.03 -4.83
N TYR D 524 -7.39 68.94 -3.50
CA TYR D 524 -8.37 69.76 -2.80
C TYR D 524 -8.01 71.23 -2.85
N ILE D 525 -6.71 71.54 -2.83
CA ILE D 525 -6.28 72.93 -2.82
C ILE D 525 -6.51 73.56 -4.19
N GLY D 526 -5.95 72.96 -5.24
CA GLY D 526 -5.93 73.59 -6.54
C GLY D 526 -7.31 73.74 -7.17
N VAL D 527 -8.20 72.78 -6.92
CA VAL D 527 -9.58 72.88 -7.41
C VAL D 527 -10.27 74.09 -6.78
N SER D 528 -10.04 74.30 -5.47
CA SER D 528 -10.57 75.48 -4.82
C SER D 528 -9.94 76.76 -5.37
N VAL D 529 -8.68 76.69 -5.79
CA VAL D 529 -8.04 77.85 -6.41
C VAL D 529 -8.67 78.11 -7.78
N VAL D 530 -8.98 77.05 -8.52
CA VAL D 530 -9.63 77.19 -9.82
C VAL D 530 -11.02 77.80 -9.66
N LEU D 531 -11.78 77.32 -8.66
CA LEU D 531 -13.09 77.89 -8.36
C LEU D 531 -12.99 79.35 -7.96
N PHE D 532 -11.96 79.71 -7.21
CA PHE D 532 -11.76 81.12 -6.87
C PHE D 532 -11.38 81.93 -8.10
N LEU D 533 -10.54 81.37 -8.97
CA LEU D 533 -10.07 82.11 -10.13
C LEU D 533 -11.11 82.18 -11.24
N VAL D 534 -11.97 81.17 -11.36
CA VAL D 534 -13.11 81.27 -12.28
C VAL D 534 -14.09 82.31 -11.78
N SER D 535 -14.32 82.35 -10.47
CA SER D 535 -15.17 83.37 -9.88
C SER D 535 -14.58 84.77 -9.96
N ARG D 536 -13.27 84.89 -10.13
CA ARG D 536 -12.66 86.20 -10.31
C ARG D 536 -13.01 86.79 -11.68
N PHE D 537 -12.83 86.00 -12.74
CA PHE D 537 -13.01 86.46 -14.10
C PHE D 537 -14.44 86.26 -14.61
N SER D 538 -15.42 86.24 -13.71
CA SER D 538 -16.80 86.07 -14.13
C SER D 538 -17.75 86.72 -13.14
N PRO D 539 -18.76 87.49 -13.61
CA PRO D 539 -19.80 88.05 -12.76
C PRO D 539 -20.69 86.96 -12.14
N ASN D 560 -20.78 88.60 -5.72
CA ASN D 560 -19.96 87.41 -5.92
C ASN D 560 -19.77 86.70 -4.59
N GLU D 561 -20.22 85.45 -4.53
CA GLU D 561 -20.30 84.73 -3.25
C GLU D 561 -19.15 83.75 -3.05
N PHE D 562 -18.34 83.48 -4.07
CA PHE D 562 -17.28 82.48 -3.97
C PHE D 562 -15.97 83.16 -3.63
N GLY D 563 -15.84 83.54 -2.36
CA GLY D 563 -14.56 84.00 -1.86
C GLY D 563 -13.59 82.86 -1.68
N ILE D 564 -12.33 83.23 -1.39
CA ILE D 564 -11.29 82.23 -1.16
C ILE D 564 -11.57 81.48 0.14
N PHE D 565 -12.25 82.12 1.08
CA PHE D 565 -12.69 81.41 2.28
C PHE D 565 -13.98 80.66 2.03
N ASN D 566 -14.74 81.05 1.00
CA ASN D 566 -15.96 80.33 0.65
C ASN D 566 -15.66 79.10 -0.20
N SER D 567 -14.71 79.22 -1.13
CA SER D 567 -14.47 78.16 -2.11
C SER D 567 -13.85 76.91 -1.50
N LEU D 568 -13.13 77.05 -0.38
CA LEU D 568 -12.67 75.87 0.34
C LEU D 568 -13.86 75.12 0.95
N TRP D 569 -14.87 75.86 1.40
CA TRP D 569 -16.00 75.24 2.07
C TRP D 569 -16.90 74.50 1.10
N PHE D 570 -17.11 75.05 -0.10
CA PHE D 570 -17.92 74.38 -1.10
C PHE D 570 -17.25 73.10 -1.57
N SER D 571 -15.94 73.15 -1.78
CA SER D 571 -15.19 71.97 -2.17
C SER D 571 -15.12 70.92 -1.06
N LEU D 572 -15.23 71.34 0.20
CA LEU D 572 -15.09 70.39 1.30
C LEU D 572 -16.31 69.50 1.42
N GLY D 573 -17.50 70.10 1.44
CA GLY D 573 -18.72 69.32 1.58
C GLY D 573 -19.00 68.45 0.38
N ALA D 574 -18.56 68.87 -0.80
CA ALA D 574 -18.59 68.01 -1.97
C ALA D 574 -17.67 66.81 -1.78
N PHE D 575 -16.54 66.99 -1.10
CA PHE D 575 -15.70 65.85 -0.79
C PHE D 575 -16.27 65.03 0.35
N MET D 576 -16.99 65.68 1.27
CA MET D 576 -17.48 65.01 2.46
C MET D 576 -18.93 64.56 2.34
N GLN D 577 -19.43 64.40 1.11
CA GLN D 577 -20.77 63.88 0.80
C GLN D 577 -21.89 64.75 1.35
N GLN D 578 -21.64 66.02 1.62
CA GLN D 578 -22.64 66.90 2.20
C GLN D 578 -23.05 67.95 1.18
N GLY D 579 -24.36 68.11 1.01
CA GLY D 579 -24.86 69.10 0.07
C GLY D 579 -24.62 70.51 0.55
N CYS D 580 -23.97 71.31 -0.30
CA CYS D 580 -23.65 72.68 0.03
C CYS D 580 -24.71 73.61 -0.53
N ASP D 581 -24.97 74.68 0.22
CA ASP D 581 -26.06 75.59 -0.09
C ASP D 581 -25.79 76.43 -1.34
N ILE D 582 -24.55 76.87 -1.51
CA ILE D 582 -24.21 77.83 -2.54
C ILE D 582 -23.69 77.08 -3.77
N SER D 583 -24.41 77.19 -4.87
CA SER D 583 -24.02 76.54 -6.11
C SER D 583 -23.40 77.54 -7.06
N PRO D 584 -22.52 77.10 -7.96
CA PRO D 584 -22.04 77.99 -9.02
C PRO D 584 -23.16 78.28 -10.01
N ARG D 585 -23.14 79.48 -10.59
CA ARG D 585 -24.17 79.91 -11.53
C ARG D 585 -23.59 80.25 -12.88
N SER D 586 -22.48 79.61 -13.25
CA SER D 586 -21.86 79.85 -14.54
C SER D 586 -21.48 78.52 -15.16
N LEU D 587 -21.51 78.47 -16.49
CA LEU D 587 -21.05 77.29 -17.20
C LEU D 587 -19.54 77.11 -17.02
N SER D 588 -18.82 78.20 -16.81
CA SER D 588 -17.41 78.10 -16.48
C SER D 588 -17.20 77.54 -15.08
N GLY D 589 -18.08 77.86 -14.14
CA GLY D 589 -17.90 77.39 -12.78
C GLY D 589 -18.43 75.99 -12.54
N ARG D 590 -19.58 75.67 -13.13
CA ARG D 590 -20.28 74.44 -12.80
C ARG D 590 -19.59 73.19 -13.34
N ILE D 591 -18.68 73.34 -14.29
CA ILE D 591 -17.93 72.19 -14.78
C ILE D 591 -16.98 71.67 -13.71
N VAL D 592 -16.33 72.57 -12.99
CA VAL D 592 -15.30 72.19 -12.04
C VAL D 592 -15.92 71.50 -10.83
N GLY D 593 -16.99 72.07 -10.28
CA GLY D 593 -17.70 71.40 -9.21
C GLY D 593 -18.40 70.13 -9.66
N GLY D 594 -18.72 70.05 -10.96
CA GLY D 594 -19.27 68.82 -11.50
C GLY D 594 -18.27 67.69 -11.49
N VAL D 595 -17.07 67.92 -12.02
CA VAL D 595 -16.10 66.84 -12.09
C VAL D 595 -15.49 66.58 -10.72
N TRP D 596 -15.55 67.55 -9.81
CA TRP D 596 -15.12 67.30 -8.45
C TRP D 596 -16.08 66.35 -7.75
N TRP D 597 -17.36 66.41 -8.10
CA TRP D 597 -18.32 65.44 -7.60
C TRP D 597 -18.00 64.04 -8.10
N PHE D 598 -17.72 63.92 -9.39
CA PHE D 598 -17.39 62.62 -9.97
C PHE D 598 -16.03 62.14 -9.51
N PHE D 599 -15.16 63.04 -9.05
CA PHE D 599 -13.92 62.63 -8.41
C PHE D 599 -14.19 61.88 -7.12
N THR D 600 -14.96 62.48 -6.23
CA THR D 600 -15.19 61.89 -4.91
C THR D 600 -16.06 60.66 -4.98
N LEU D 601 -16.94 60.57 -5.99
CA LEU D 601 -17.88 59.47 -6.08
C LEU D 601 -17.17 58.14 -6.31
N ILE D 602 -15.97 58.19 -6.89
CA ILE D 602 -15.15 56.99 -6.99
C ILE D 602 -14.43 56.72 -5.68
N ILE D 603 -13.81 57.76 -5.11
CA ILE D 603 -12.83 57.57 -4.05
C ILE D 603 -13.51 57.17 -2.75
N ILE D 604 -14.68 57.77 -2.48
CA ILE D 604 -15.48 57.35 -1.32
C ILE D 604 -15.91 55.92 -1.47
N SER D 605 -16.32 55.53 -2.68
CA SER D 605 -16.68 54.14 -2.92
C SER D 605 -15.46 53.23 -2.89
N SER D 606 -14.31 53.72 -3.37
CA SER D 606 -13.11 52.90 -3.38
C SER D 606 -12.58 52.67 -1.97
N TYR D 607 -12.78 53.65 -1.08
CA TYR D 607 -12.41 53.45 0.31
C TYR D 607 -13.31 52.43 0.97
N THR D 608 -14.57 52.38 0.56
CA THR D 608 -15.51 51.43 1.14
C THR D 608 -15.19 50.02 0.67
N ALA D 609 -14.90 49.86 -0.62
CA ALA D 609 -14.70 48.53 -1.19
C ALA D 609 -13.43 47.88 -0.67
N ASN D 610 -12.35 48.66 -0.57
CA ASN D 610 -11.09 48.10 -0.10
C ASN D 610 -11.14 47.76 1.39
N LEU D 611 -11.85 48.58 2.18
CA LEU D 611 -11.90 48.33 3.61
C LEU D 611 -12.72 47.09 3.93
N ALA D 612 -13.66 46.75 3.05
CA ALA D 612 -14.33 45.46 3.17
C ALA D 612 -13.37 44.31 2.96
N ALA D 613 -12.38 44.48 2.08
CA ALA D 613 -11.50 43.38 1.73
C ALA D 613 -10.51 43.07 2.85
N PHE D 614 -10.09 44.09 3.61
CA PHE D 614 -9.30 43.83 4.81
C PHE D 614 -10.14 43.12 5.86
N LEU D 615 -11.43 43.43 5.92
CA LEU D 615 -12.27 42.81 6.93
C LEU D 615 -12.73 41.43 6.50
N THR D 616 -12.91 41.22 5.20
CA THR D 616 -13.30 39.89 4.73
C THR D 616 -12.11 38.95 4.74
N VAL D 617 -11.08 39.26 3.97
CA VAL D 617 -9.86 38.46 3.93
C VAL D 617 -8.87 39.05 4.91
N GLU D 618 -8.42 38.24 5.85
CA GLU D 618 -7.37 38.63 6.78
C GLU D 618 -6.04 38.04 6.34
N ARG D 619 -4.98 38.79 6.58
CA ARG D 619 -3.62 38.32 6.31
C ARG D 619 -2.81 38.33 7.60
N MET D 620 -1.73 37.57 7.60
CA MET D 620 -0.86 37.46 8.76
C MET D 620 0.47 38.14 8.46
N VAL D 621 0.94 38.93 9.42
CA VAL D 621 2.16 39.70 9.26
C VAL D 621 3.26 38.98 10.01
N SER D 622 4.22 38.41 9.26
CA SER D 622 5.40 37.75 9.85
C SER D 622 6.56 37.91 8.89
N PRO D 623 7.27 39.05 8.95
CA PRO D 623 8.47 39.21 8.13
C PRO D 623 9.69 38.46 8.65
N ILE D 624 9.55 37.67 9.70
CA ILE D 624 10.67 37.02 10.36
C ILE D 624 10.82 35.61 9.80
N GLU D 625 11.62 35.46 8.75
CA GLU D 625 11.92 34.14 8.21
C GLU D 625 13.25 34.16 7.47
N SER D 626 13.69 32.96 7.07
CA SER D 626 14.78 32.69 6.13
C SER D 626 16.16 33.10 6.63
N ALA D 627 16.26 33.45 7.91
CA ALA D 627 17.49 33.67 8.68
C ALA D 627 18.28 34.91 8.27
N GLU D 628 17.89 35.57 7.18
CA GLU D 628 18.42 36.89 6.86
C GLU D 628 17.70 37.96 7.65
N ASP D 629 16.37 37.85 7.74
CA ASP D 629 15.58 38.79 8.52
C ASP D 629 15.81 38.61 10.01
N LEU D 630 16.23 37.42 10.44
CA LEU D 630 16.74 37.26 11.79
C LEU D 630 18.00 38.09 11.99
N SER D 631 18.83 38.18 10.96
CA SER D 631 20.12 38.83 11.11
C SER D 631 20.03 40.35 11.07
N LYS D 632 19.00 40.90 10.44
CA LYS D 632 18.85 42.35 10.42
C LYS D 632 18.14 42.86 11.66
N GLN D 633 17.04 42.21 12.06
CA GLN D 633 16.30 42.62 13.25
C GLN D 633 17.05 42.16 14.50
N THR D 634 17.25 43.09 15.42
CA THR D 634 18.01 42.85 16.64
C THR D 634 17.10 43.10 17.84
N GLU D 635 15.79 43.02 17.59
CA GLU D 635 14.79 43.06 18.66
C GLU D 635 14.50 41.69 19.25
N ILE D 636 14.85 40.64 18.53
CA ILE D 636 14.55 39.27 18.94
C ILE D 636 15.78 38.65 19.58
N ALA D 637 15.57 37.75 20.54
CA ALA D 637 16.64 37.04 21.21
C ALA D 637 16.57 35.57 20.82
N TYR D 638 17.70 35.00 20.41
CA TYR D 638 17.72 33.64 19.91
C TYR D 638 17.79 32.65 21.06
N GLY D 639 17.33 31.43 20.79
CA GLY D 639 17.39 30.38 21.79
C GLY D 639 17.82 29.03 21.24
N THR D 640 18.86 28.45 21.83
CA THR D 640 19.33 27.12 21.46
C THR D 640 19.64 26.35 22.74
N LEU D 641 20.11 25.11 22.57
CA LEU D 641 20.36 24.22 23.69
C LEU D 641 21.86 24.08 23.93
N ASP D 642 22.29 24.28 25.17
CA ASP D 642 23.67 24.08 25.54
C ASP D 642 23.97 22.59 25.68
N SER D 643 25.28 22.28 25.81
CA SER D 643 25.81 20.92 25.93
C SER D 643 25.36 20.04 24.77
N GLY D 644 25.52 20.55 23.56
CA GLY D 644 25.06 19.83 22.39
C GLY D 644 25.70 20.36 21.13
N SER D 645 25.04 20.09 20.01
CA SER D 645 25.57 20.49 18.70
C SER D 645 25.45 22.00 18.50
N THR D 646 24.27 22.56 18.78
CA THR D 646 24.01 23.97 18.51
C THR D 646 24.83 24.89 19.39
N LYS D 647 25.28 24.41 20.55
CA LYS D 647 26.21 25.20 21.36
C LYS D 647 27.55 25.35 20.64
N GLU D 648 27.97 24.30 19.93
CA GLU D 648 29.27 24.31 19.28
C GLU D 648 29.18 24.69 17.80
N PHE D 649 28.08 24.35 17.12
CA PHE D 649 27.97 24.62 15.69
C PHE D 649 27.91 26.12 15.42
N PHE D 650 27.31 26.88 16.33
CA PHE D 650 27.41 28.33 16.24
C PHE D 650 28.68 28.86 16.89
N ARG D 651 29.31 28.09 17.78
CA ARG D 651 30.63 28.48 18.27
C ARG D 651 31.68 28.32 17.16
N ARG D 652 31.40 27.46 16.19
CA ARG D 652 32.19 27.32 14.98
C ARG D 652 31.67 28.19 13.84
N SER D 653 31.12 29.36 14.17
CA SER D 653 30.61 30.28 13.15
C SER D 653 31.76 30.80 12.29
N LYS D 654 31.72 30.46 11.01
CA LYS D 654 32.71 30.92 10.06
C LYS D 654 32.03 31.82 9.03
N ILE D 655 30.76 31.52 8.75
CA ILE D 655 29.99 32.34 7.82
C ILE D 655 29.70 33.68 8.49
N ALA D 656 29.79 34.76 7.70
CA ALA D 656 29.68 36.11 8.24
C ALA D 656 28.28 36.41 8.78
N VAL D 657 27.25 35.79 8.19
CA VAL D 657 25.92 35.94 8.76
C VAL D 657 25.80 35.14 10.05
N PHE D 658 26.56 34.05 10.17
CA PHE D 658 26.58 33.29 11.41
C PHE D 658 27.50 33.92 12.44
N ASP D 659 28.44 34.77 12.00
CA ASP D 659 29.26 35.52 12.95
C ASP D 659 28.41 36.52 13.71
N LYS D 660 27.48 37.17 13.02
CA LYS D 660 26.57 38.10 13.67
C LYS D 660 25.60 37.38 14.60
N MET D 661 25.32 36.11 14.32
CA MET D 661 24.54 35.28 15.25
C MET D 661 25.28 35.11 16.57
N TRP D 662 26.45 34.46 16.51
CA TRP D 662 27.13 33.98 17.72
C TRP D 662 27.68 35.11 18.56
N THR D 663 28.06 36.24 17.96
CA THR D 663 28.40 37.41 18.74
C THR D 663 27.18 37.92 19.50
N TYR D 664 26.04 38.05 18.81
CA TYR D 664 24.80 38.41 19.49
C TYR D 664 24.24 37.25 20.30
N MET D 665 24.61 36.01 19.98
CA MET D 665 24.24 34.91 20.88
C MET D 665 25.10 34.90 22.13
N ARG D 666 26.35 35.35 22.05
CA ARG D 666 27.12 35.59 23.27
C ARG D 666 26.68 36.86 23.95
N SER D 667 26.20 37.85 23.18
CA SER D 667 25.64 39.08 23.75
C SER D 667 24.13 38.88 23.92
N ALA D 668 23.78 37.92 24.76
CA ALA D 668 22.39 37.61 25.05
C ALA D 668 22.21 37.55 26.56
N GLU D 669 21.02 37.89 27.01
CA GLU D 669 20.77 38.00 28.44
C GLU D 669 19.28 37.83 28.75
N PRO D 670 18.91 36.93 29.66
CA PRO D 670 19.80 36.01 30.38
C PRO D 670 20.00 34.68 29.66
N SER D 671 19.12 34.36 28.72
CA SER D 671 19.14 33.06 28.05
C SER D 671 20.07 33.11 26.85
N VAL D 672 21.36 32.91 27.13
CA VAL D 672 22.29 32.54 26.07
C VAL D 672 21.92 31.17 25.52
N PHE D 673 21.46 30.27 26.39
CA PHE D 673 20.89 29.00 26.01
C PHE D 673 19.69 28.71 26.91
N VAL D 674 19.09 27.55 26.71
CA VAL D 674 18.19 26.97 27.69
C VAL D 674 18.73 25.60 28.05
N ARG D 675 18.09 24.92 29.00
CA ARG D 675 18.50 23.59 29.38
C ARG D 675 17.43 22.52 29.14
N THR D 676 16.18 22.93 28.90
CA THR D 676 15.09 21.99 28.69
C THR D 676 14.41 22.35 27.36
N THR D 677 14.20 21.33 26.52
CA THR D 677 13.54 21.54 25.25
C THR D 677 12.09 21.94 25.44
N ALA D 678 11.42 21.37 26.43
CA ALA D 678 10.03 21.73 26.71
C ALA D 678 9.91 23.10 27.37
N GLU D 679 11.00 23.65 27.89
CA GLU D 679 10.94 24.98 28.50
C GLU D 679 11.10 26.08 27.47
N GLY D 680 11.94 25.86 26.46
CA GLY D 680 11.99 26.78 25.33
C GLY D 680 10.70 26.80 24.54
N VAL D 681 9.95 25.70 24.57
CA VAL D 681 8.56 25.71 24.12
C VAL D 681 7.74 26.70 24.94
N ALA D 682 7.85 26.60 26.27
CA ALA D 682 7.05 27.43 27.16
C ALA D 682 7.48 28.89 27.12
N ARG D 683 8.76 29.15 26.87
CA ARG D 683 9.26 30.52 26.91
C ARG D 683 8.81 31.32 25.70
N VAL D 684 8.79 30.69 24.52
CA VAL D 684 8.38 31.37 23.29
C VAL D 684 6.89 31.69 23.34
N ARG D 685 6.09 30.81 23.96
CA ARG D 685 4.65 31.06 24.13
C ARG D 685 4.41 32.30 24.98
N LYS D 686 5.26 32.51 25.99
CA LYS D 686 5.18 33.73 26.79
C LYS D 686 5.99 34.88 26.20
N SER D 687 6.78 34.63 25.15
CA SER D 687 7.67 35.67 24.63
C SER D 687 6.92 36.71 23.84
N LYS D 688 5.97 36.26 23.00
CA LYS D 688 5.06 37.06 22.14
C LYS D 688 5.77 38.18 21.38
N GLY D 689 6.89 37.83 20.75
CA GLY D 689 7.58 38.73 19.87
C GLY D 689 8.88 39.30 20.40
N LYS D 690 9.45 38.73 21.47
CA LYS D 690 10.69 39.23 22.03
C LYS D 690 11.82 38.22 21.97
N TYR D 691 11.50 36.93 21.82
CA TYR D 691 12.47 35.87 21.99
C TYR D 691 12.19 34.77 20.97
N ALA D 692 13.27 34.21 20.41
CA ALA D 692 13.17 33.18 19.40
C ALA D 692 13.91 31.94 19.88
N TYR D 693 13.65 30.81 19.23
CA TYR D 693 14.20 29.53 19.65
C TYR D 693 14.59 28.72 18.42
N LEU D 694 15.89 28.52 18.22
CA LEU D 694 16.37 27.68 17.13
C LEU D 694 16.63 26.27 17.64
N LEU D 695 16.24 25.29 16.84
CA LEU D 695 16.16 23.92 17.32
C LEU D 695 16.15 22.97 16.13
N GLU D 696 16.00 21.68 16.42
CA GLU D 696 15.87 20.66 15.40
C GLU D 696 14.61 20.87 14.57
N SER D 697 14.70 20.50 13.29
CA SER D 697 13.62 20.78 12.36
C SER D 697 12.39 19.93 12.66
N THR D 698 12.56 18.61 12.74
CA THR D 698 11.45 17.73 13.07
C THR D 698 10.98 17.88 14.50
N MET D 699 11.78 18.48 15.38
CA MET D 699 11.28 18.85 16.70
C MET D 699 10.34 20.04 16.59
N ASN D 700 10.69 21.03 15.78
CA ASN D 700 9.80 22.16 15.52
C ASN D 700 8.54 21.70 14.79
N GLU D 701 8.70 20.78 13.84
CA GLU D 701 7.56 20.27 13.08
C GLU D 701 6.59 19.51 13.96
N TYR D 702 7.11 18.67 14.86
CA TYR D 702 6.26 17.83 15.70
C TYR D 702 5.44 18.65 16.67
N ILE D 703 6.04 19.68 17.27
CA ILE D 703 5.30 20.56 18.17
C ILE D 703 4.26 21.35 17.39
N GLU D 704 4.51 21.61 16.10
CA GLU D 704 3.49 22.24 15.28
C GLU D 704 2.40 21.24 14.90
N GLN D 705 2.68 19.93 14.99
CA GLN D 705 1.65 18.92 14.82
C GLN D 705 0.88 18.65 16.11
N ARG D 706 1.53 18.78 17.26
CA ARG D 706 0.81 18.84 18.52
C ARG D 706 -0.01 20.12 18.56
N LYS D 707 -1.18 20.09 19.20
CA LYS D 707 -2.05 21.24 19.04
C LYS D 707 -2.28 22.10 20.29
N PRO D 708 -1.27 22.88 20.73
CA PRO D 708 -1.60 24.18 21.31
C PRO D 708 -1.74 25.20 20.20
N CYS D 709 -1.15 24.87 19.04
CA CYS D 709 -1.24 25.58 17.76
C CYS D 709 -0.77 27.03 17.81
N ASP D 710 -0.02 27.42 18.82
CA ASP D 710 0.60 28.74 18.87
C ASP D 710 2.06 28.71 18.42
N THR D 711 2.40 27.77 17.54
CA THR D 711 3.77 27.50 17.11
C THR D 711 3.87 27.68 15.60
N MET D 712 5.06 28.08 15.14
CA MET D 712 5.25 28.30 13.72
C MET D 712 6.71 28.06 13.34
N LYS D 713 6.91 27.27 12.29
CA LYS D 713 8.21 27.10 11.66
C LYS D 713 8.38 28.11 10.53
N VAL D 714 9.51 28.81 10.52
CA VAL D 714 9.80 29.77 9.47
C VAL D 714 11.15 29.45 8.85
N GLY D 715 11.33 29.92 7.62
CA GLY D 715 12.62 29.76 6.95
C GLY D 715 12.84 28.34 6.50
N GLY D 716 14.06 27.87 6.68
CA GLY D 716 14.41 26.54 6.25
C GLY D 716 15.53 25.97 7.09
N ASN D 717 16.07 24.85 6.63
CA ASN D 717 17.13 24.16 7.34
C ASN D 717 18.44 24.91 7.22
N LEU D 718 18.98 25.35 8.35
CA LEU D 718 20.25 26.06 8.39
C LEU D 718 21.43 25.12 8.20
N ASP D 719 21.24 23.83 8.38
CA ASP D 719 22.33 22.86 8.29
C ASP D 719 21.76 21.55 7.76
N SER D 720 22.65 20.70 7.27
CA SER D 720 22.34 19.32 6.97
C SER D 720 22.89 18.46 8.10
N LYS D 721 22.00 17.78 8.82
CA LYS D 721 22.39 16.97 9.96
C LYS D 721 21.64 15.64 9.91
N GLY D 722 22.09 14.72 10.74
CA GLY D 722 21.48 13.40 10.85
C GLY D 722 21.85 12.75 12.15
N TYR D 723 21.00 11.82 12.58
CA TYR D 723 21.17 11.14 13.86
C TYR D 723 21.75 9.75 13.60
N GLY D 724 22.88 9.46 14.24
CA GLY D 724 23.47 8.14 14.09
C GLY D 724 23.50 7.39 15.41
N ILE D 725 23.46 6.05 15.35
CA ILE D 725 23.57 5.25 16.56
C ILE D 725 25.00 5.32 17.06
N ALA D 726 25.18 5.91 18.23
CA ALA D 726 26.51 6.06 18.80
C ALA D 726 27.00 4.73 19.32
N THR D 727 28.08 4.23 18.73
CA THR D 727 28.73 3.00 19.16
C THR D 727 30.15 3.36 19.56
N PRO D 728 30.70 2.71 20.59
CA PRO D 728 32.10 2.96 20.93
C PRO D 728 33.03 2.47 19.82
N LYS D 729 34.18 3.12 19.71
CA LYS D 729 35.10 2.85 18.61
C LYS D 729 35.72 1.47 18.81
N GLY D 730 35.51 0.59 17.83
CA GLY D 730 35.82 -0.81 18.00
C GLY D 730 34.69 -1.52 18.71
N SER D 731 33.46 -1.28 18.25
CA SER D 731 32.29 -1.86 18.90
C SER D 731 32.20 -3.35 18.59
N SER D 732 31.65 -4.09 19.54
CA SER D 732 31.41 -5.52 19.34
C SER D 732 30.32 -5.74 18.31
N LEU D 733 29.36 -4.82 18.22
CA LEU D 733 28.19 -4.97 17.36
C LEU D 733 27.90 -3.74 16.52
N GLY D 734 28.88 -2.84 16.34
CA GLY D 734 28.68 -1.62 15.59
C GLY D 734 28.44 -1.85 14.11
N THR D 735 29.32 -2.62 13.46
CA THR D 735 29.10 -2.99 12.07
C THR D 735 27.90 -3.93 11.86
N PRO D 736 27.56 -4.88 12.75
CA PRO D 736 26.23 -5.51 12.61
C PRO D 736 25.06 -4.56 12.77
N VAL D 737 25.18 -3.51 13.59
CA VAL D 737 24.16 -2.47 13.61
C VAL D 737 24.13 -1.72 12.28
N ASN D 738 25.31 -1.36 11.75
CA ASN D 738 25.40 -0.56 10.53
C ASN D 738 24.83 -1.29 9.32
N LEU D 739 25.02 -2.61 9.26
CA LEU D 739 24.37 -3.39 8.22
C LEU D 739 22.87 -3.51 8.48
N ALA D 740 22.48 -3.61 9.75
CA ALA D 740 21.06 -3.64 10.09
C ALA D 740 20.39 -2.30 9.86
N VAL D 741 21.13 -1.19 9.96
CA VAL D 741 20.63 0.08 9.48
C VAL D 741 20.38 0.02 7.98
N LEU D 742 21.30 -0.60 7.25
CA LEU D 742 21.11 -0.76 5.81
C LEU D 742 20.04 -1.80 5.49
N LYS D 743 19.74 -2.71 6.43
CA LYS D 743 18.58 -3.56 6.25
C LYS D 743 17.29 -2.78 6.50
N LEU D 744 17.34 -1.76 7.36
CA LEU D 744 16.18 -0.90 7.55
C LEU D 744 15.99 0.04 6.36
N SER D 745 17.08 0.66 5.90
CA SER D 745 17.01 1.71 4.91
C SER D 745 16.75 1.19 3.49
N GLU D 746 16.99 -0.09 3.24
CA GLU D 746 16.85 -0.63 1.87
C GLU D 746 15.39 -0.69 1.45
N GLN D 747 14.47 -0.90 2.38
CA GLN D 747 13.05 -0.89 2.10
C GLN D 747 12.32 0.23 2.81
N GLY D 748 12.92 0.83 3.83
CA GLY D 748 12.33 1.99 4.46
C GLY D 748 11.54 1.71 5.73
N VAL D 749 12.04 0.82 6.59
CA VAL D 749 11.47 0.69 7.92
C VAL D 749 11.74 1.94 8.74
N LEU D 750 12.90 2.55 8.52
CA LEU D 750 13.13 3.93 8.95
C LEU D 750 12.09 4.87 8.32
N ASP D 751 11.83 4.69 7.04
CA ASP D 751 11.05 5.64 6.26
C ASP D 751 9.55 5.51 6.52
N LYS D 752 9.01 4.29 6.40
CA LYS D 752 7.57 4.09 6.48
C LYS D 752 7.04 4.30 7.89
N LEU D 753 7.85 3.98 8.90
CA LEU D 753 7.46 4.30 10.27
C LEU D 753 7.54 5.80 10.54
N LYS D 754 8.41 6.51 9.82
CA LYS D 754 8.44 7.96 9.97
C LYS D 754 7.23 8.61 9.28
N ASN D 755 6.59 7.90 8.35
CA ASN D 755 5.30 8.37 7.85
C ASN D 755 4.24 8.31 8.94
N LYS D 756 4.25 7.25 9.74
CA LYS D 756 3.14 6.98 10.65
C LYS D 756 3.20 7.85 11.90
N TRP D 757 4.34 7.86 12.59
CA TRP D 757 4.47 8.58 13.86
C TRP D 757 4.39 10.10 13.70
N TRP D 758 4.67 10.61 12.50
CA TRP D 758 4.53 12.04 12.21
C TRP D 758 3.14 12.38 11.68
N TYR D 759 2.33 11.37 11.36
CA TYR D 759 0.94 11.53 11.01
C TYR D 759 0.01 11.25 12.20
N ASP D 760 0.53 10.62 13.25
CA ASP D 760 -0.30 9.98 14.26
C ASP D 760 -0.93 10.94 15.26
N LYS D 761 -0.22 12.01 15.64
CA LYS D 761 -0.55 12.75 16.85
C LYS D 761 -1.56 13.88 16.63
N GLY D 762 -2.27 13.86 15.50
CA GLY D 762 -3.16 14.94 15.17
C GLY D 762 -2.50 15.94 14.24
N GLU D 763 -3.30 16.87 13.75
CA GLU D 763 -2.87 17.85 12.77
C GLU D 763 -3.32 19.24 13.17
N CYS D 764 -2.51 20.23 12.80
CA CYS D 764 -2.83 21.64 12.98
C CYS D 764 -2.36 22.38 11.73
N GLY D 765 -3.21 22.45 10.72
CA GLY D 765 -2.81 22.90 9.40
C GLY D 765 -3.85 23.80 8.76
N ALA D 766 -4.30 23.44 7.57
CA ALA D 766 -5.35 24.18 6.87
C ALA D 766 -6.75 23.87 7.39
N LYS D 767 -6.87 23.04 8.43
CA LYS D 767 -8.19 22.73 8.98
C LYS D 767 -8.80 23.94 9.69
N ASP D 768 -7.96 24.77 10.31
CA ASP D 768 -8.46 25.90 11.09
C ASP D 768 -8.11 27.26 10.50
N SER D 769 -7.52 27.31 9.31
CA SER D 769 -7.34 28.59 8.63
C SER D 769 -8.61 29.01 7.90
N GLY D 770 -9.43 28.05 7.47
CA GLY D 770 -10.55 28.33 6.61
C GLY D 770 -11.85 28.72 7.30
N SER D 771 -12.36 27.86 8.17
CA SER D 771 -13.70 28.05 8.69
C SER D 771 -13.75 27.98 10.21
N LYS D 772 -12.61 28.15 10.88
CA LYS D 772 -12.57 28.34 12.32
C LYS D 772 -12.44 29.81 12.68
N GLU D 773 -12.93 30.68 11.80
CA GLU D 773 -13.01 32.09 12.12
C GLU D 773 -14.39 32.60 11.70
N LYS D 774 -14.89 33.52 12.50
CA LYS D 774 -15.96 34.41 12.12
C LYS D 774 -15.48 35.80 12.47
N THR D 775 -15.76 36.77 11.61
CA THR D 775 -15.30 38.11 11.91
C THR D 775 -16.12 38.70 13.04
N SER D 776 -15.51 39.59 13.81
CA SER D 776 -16.18 40.14 14.96
C SER D 776 -16.69 41.53 14.65
N ALA D 777 -17.33 42.13 15.64
CA ALA D 777 -17.58 43.55 15.61
C ALA D 777 -16.25 44.30 15.66
N LEU D 778 -16.26 45.52 15.14
CA LEU D 778 -15.08 46.37 15.26
C LEU D 778 -14.83 46.70 16.71
N SER D 779 -13.57 46.76 17.09
CA SER D 779 -13.25 47.39 18.35
C SER D 779 -13.38 48.90 18.21
N LEU D 780 -13.42 49.58 19.35
CA LEU D 780 -13.18 51.01 19.32
C LEU D 780 -11.78 51.31 18.84
N SER D 781 -10.82 50.45 19.19
CA SER D 781 -9.41 50.64 18.83
C SER D 781 -9.18 50.56 17.34
N ASN D 782 -10.10 49.95 16.58
CA ASN D 782 -10.03 50.04 15.13
C ASN D 782 -10.25 51.46 14.65
N VAL D 783 -11.08 52.24 15.35
CA VAL D 783 -11.46 53.57 14.93
C VAL D 783 -11.19 54.60 16.02
N ALA D 784 -10.29 54.29 16.95
CA ALA D 784 -10.07 55.18 18.09
C ALA D 784 -9.41 56.49 17.68
N GLY D 785 -8.48 56.42 16.71
CA GLY D 785 -7.74 57.60 16.30
C GLY D 785 -8.56 58.65 15.61
N VAL D 786 -9.75 58.30 15.13
CA VAL D 786 -10.65 59.31 14.59
C VAL D 786 -11.13 60.23 15.70
N PHE D 787 -11.40 59.66 16.88
CA PHE D 787 -11.79 60.45 18.04
C PHE D 787 -10.66 61.37 18.49
N TYR D 788 -9.42 60.90 18.40
CA TYR D 788 -8.28 61.76 18.68
C TYR D 788 -8.19 62.88 17.66
N ILE D 789 -8.49 62.58 16.40
CA ILE D 789 -8.62 63.63 15.40
C ILE D 789 -9.85 64.47 15.66
N LEU D 790 -10.92 63.85 16.16
CA LEU D 790 -12.15 64.57 16.44
C LEU D 790 -11.98 65.53 17.60
N VAL D 791 -11.61 65.01 18.77
CA VAL D 791 -11.51 65.84 19.96
C VAL D 791 -10.29 66.76 19.86
N GLY D 792 -9.25 66.31 19.17
CA GLY D 792 -8.15 67.21 18.83
C GLY D 792 -8.57 68.32 17.89
N GLY D 793 -9.53 68.05 17.01
CA GLY D 793 -10.13 69.11 16.23
C GLY D 793 -11.04 69.99 17.06
N LEU D 794 -11.60 69.45 18.15
CA LEU D 794 -12.53 70.22 18.98
C LEU D 794 -11.81 71.31 19.76
N GLY D 795 -10.65 70.97 20.33
CA GLY D 795 -9.94 71.95 21.15
C GLY D 795 -9.32 73.06 20.34
N LEU D 796 -8.83 72.74 19.14
CA LEU D 796 -8.18 73.75 18.32
C LEU D 796 -9.19 74.71 17.71
N ALA D 797 -10.46 74.29 17.61
CA ALA D 797 -11.52 75.23 17.25
C ALA D 797 -11.69 76.30 18.31
N MET D 798 -11.60 75.91 19.59
CA MET D 798 -11.70 76.87 20.67
C MET D 798 -10.48 77.79 20.73
N LEU D 799 -9.33 77.34 20.22
CA LEU D 799 -8.16 78.19 20.12
C LEU D 799 -8.38 79.32 19.12
N VAL D 800 -8.99 79.01 17.98
CA VAL D 800 -9.26 80.05 16.99
C VAL D 800 -10.42 80.93 17.45
N ALA D 801 -11.32 80.35 18.26
CA ALA D 801 -12.38 81.15 18.89
C ALA D 801 -11.79 82.19 19.83
N LEU D 802 -10.71 81.85 20.52
CA LEU D 802 -10.05 82.82 21.38
C LEU D 802 -9.27 83.84 20.56
N ILE D 803 -8.68 83.43 19.44
CA ILE D 803 -7.87 84.37 18.67
C ILE D 803 -8.74 85.24 17.77
N GLU D 804 -10.02 84.91 17.62
CA GLU D 804 -10.96 85.81 16.96
C GLU D 804 -11.19 87.07 17.78
N PHE D 805 -11.46 86.91 19.08
CA PHE D 805 -11.76 88.04 19.95
C PHE D 805 -10.54 88.92 20.17
N CYS D 806 -9.33 88.37 20.03
CA CYS D 806 -8.13 89.18 20.07
C CYS D 806 -8.06 90.12 18.87
N TYR D 807 -8.44 89.62 17.69
CA TYR D 807 -8.50 90.49 16.52
C TYR D 807 -9.80 91.29 16.49
N LYS D 808 -10.85 90.80 17.14
CA LYS D 808 -12.09 91.56 17.21
C LYS D 808 -11.94 92.78 18.09
N SER D 809 -11.15 92.67 19.17
CA SER D 809 -10.85 93.81 20.02
C SER D 809 -9.88 94.79 19.39
N ARG D 810 -9.23 94.41 18.29
CA ARG D 810 -8.29 95.27 17.59
C ARG D 810 -9.01 96.30 16.71
N ALA D 811 -10.33 96.14 16.51
CA ALA D 811 -11.21 96.93 15.63
C ALA D 811 -11.04 98.44 15.67
N GLU D 812 -10.63 98.96 16.84
CA GLU D 812 -10.14 100.32 17.10
C GLU D 812 -9.55 101.11 15.93
C1 PCW E . -15.85 53.22 -27.39
C2 PCW E . -17.36 53.19 -27.50
C3 PCW E . -17.81 51.89 -28.19
C4 PCW E . -14.32 48.85 -25.14
C5 PCW E . -14.27 47.53 -25.96
C6 PCW E . -13.23 46.19 -27.64
C7 PCW E . -13.87 48.35 -28.39
C8 PCW E . -12.08 48.15 -26.84
C31 PCW E . -18.32 54.58 -25.82
C32 PCW E . -17.71 55.21 -24.54
C33 PCW E . -17.46 56.74 -24.69
C34 PCW E . -18.71 57.59 -24.29
C35 PCW E . -19.24 58.45 -25.48
C36 PCW E . -20.80 58.58 -25.47
C37 PCW E . -21.48 57.56 -26.45
N PCW E . -13.40 47.59 -27.20
O2 PCW E . -17.92 53.26 -26.21
O31 PCW E . -19.11 55.17 -26.47
O1P PCW E . -13.48 51.51 -25.57
O2P PCW E . -15.73 52.09 -24.72
O3P PCW E . -15.38 51.89 -27.29
O4P PCW E . -15.33 49.69 -25.66
P PCW E . -14.97 51.32 -25.78
N GLU F . 23.43 18.32 -9.27
CA GLU F . 22.50 17.34 -9.80
C GLU F . 23.19 16.01 -10.00
O GLU F . 24.35 15.98 -10.42
CB GLU F . 21.91 17.83 -11.14
CG GLU F . 20.90 16.89 -11.77
CD GLU F . 19.59 16.79 -11.00
OE1 GLU F . 19.23 17.77 -10.32
OE2 GLU F . 18.93 15.74 -11.08
OXT GLU F . 22.65 14.94 -9.73
N GLU G . -26.31 -3.17 -19.05
CA GLU G . -27.66 -2.83 -19.47
C GLU G . -28.37 -4.02 -20.09
O GLU G . -29.52 -4.31 -19.76
CB GLU G . -27.65 -1.65 -20.44
CG GLU G . -29.03 -1.24 -20.95
CD GLU G . -29.92 -0.66 -19.86
OE1 GLU G . -31.15 -0.75 -20.00
OE2 GLU G . -29.38 -0.09 -18.89
OXT GLU G . -27.81 -4.71 -20.94
C1 PCW H . -26.51 48.58 27.10
C2 PCW H . -25.40 49.61 27.27
C3 PCW H . -24.19 48.96 27.98
C4 PCW H . -24.68 44.33 24.87
C5 PCW H . -23.74 43.34 25.63
C6 PCW H . -23.42 41.73 27.35
C7 PCW H . -24.43 43.73 28.10
C8 PCW H . -25.67 42.28 26.66
C31 PCW H . -25.66 51.30 25.60
C32 PCW H . -26.56 51.30 24.33
C33 PCW H . -27.82 52.20 24.49
C34 PCW H . -27.55 53.68 24.07
C35 PCW H . -27.83 54.68 25.24
C36 PCW H . -26.84 55.89 25.24
C37 PCW H . -25.62 55.65 26.22
N PCW H . -24.31 42.82 26.93
O2 PCW H . -25.01 50.08 26.00
O31 PCW H . -25.50 52.28 26.23
O1P PCW H . -27.04 45.82 25.19
O2P PCW H . -25.71 47.74 24.43
O3P PCW H . -25.91 47.30 26.97
O4P PCW H . -24.47 45.65 25.35
P PCW H . -25.80 46.63 25.45
N GLU I . -29.36 -3.58 8.95
CA GLU I . -28.02 -3.62 9.51
C GLU I . -27.57 -5.07 9.68
O GLU I . -28.38 -5.91 10.09
CB GLU I . -27.96 -2.89 10.84
CG GLU I . -26.58 -2.85 11.50
CD GLU I . -25.58 -1.98 10.75
OE1 GLU I . -26.01 -1.01 10.08
OE2 GLU I . -24.37 -2.26 10.83
OXT GLU I . -26.43 -5.43 9.42
N GLU J . 20.96 16.21 19.38
CA GLU J . 21.68 17.40 19.78
C GLU J . 23.02 17.05 20.41
O GLU J . 24.05 17.65 20.07
CB GLU J . 20.85 18.22 20.77
CG GLU J . 21.53 19.48 21.27
CD GLU J . 21.75 20.53 20.19
OE1 GLU J . 22.70 21.33 20.31
OE2 GLU J . 20.97 20.56 19.22
OXT GLU J . 23.12 16.17 21.25
#